data_1IOK
#
_entry.id   1IOK
#
_cell.length_a   286.355
_cell.length_b   286.355
_cell.length_c   153.463
_cell.angle_alpha   90.00
_cell.angle_beta   90.00
_cell.angle_gamma   90.00
#
_symmetry.space_group_name_H-M   'P 42 21 2'
#
_entity_poly.entity_id   1
_entity_poly.type   'polypeptide(L)'
_entity_poly.pdbx_seq_one_letter_code
;MAAKEVKFNSDARDRMLKGVNILADAVKVTLGPKGRNVVIDKSFGAPRITKDGVSVAKEIELSDKFENMGAQMVREVASR
TNDEAGDGTTTATVLAQAIVREGLKAVAAGMNPMDLKRGIDVATAKVVEAIKSAARPVNDSSEVAQVGTISANGESFIGQ
QIAEAMQRVGNEGVITVEENKGMETEVEVVEGMQFDRGYLSPYFVTNADKMIAELEDAYILLHEKKLSSLQPMVPLLESV
IQSQKPLLIVAEDVEGEALATLVVNKLRGGLKIAAVKAPGFGDRRKAMLQDIAILTGGQVISEDLGMKLENVTIDMLGRA
KKVSINKDNTTIVDGAGEKAEIEARVSQIRQQIEETTSDYDREKLQERVAKLAGGVAVIRVGGMTEIEVKERKDRVDDAL
NATRAAVQEGIVVGGGVALVQGAKVLEGLSGANSDQDAGIAIIRRALEAPMRQIAENAGVDGAVVAGKVRESSDKAFGFN
AQTEEYGDMFKFGVIDPAKVVRTALEDAASVAGLLITTEAMIAEKPEPKAPAGGMPDMGGMGGMM
;
_entity_poly.pdbx_strand_id   A,B,C,D,E,F,G
#
# COMPACT_ATOMS: atom_id res chain seq x y z
N ALA A 2 20.89 4.32 13.93
CA ALA A 2 20.00 3.24 14.47
C ALA A 2 20.80 1.98 14.74
N ALA A 3 20.09 0.88 14.94
CA ALA A 3 20.72 -0.42 15.23
C ALA A 3 22.03 -0.54 14.47
N LYS A 4 23.02 -1.15 15.12
CA LYS A 4 24.33 -1.32 14.50
C LYS A 4 24.85 -2.73 14.67
N GLU A 5 25.63 -3.17 13.68
CA GLU A 5 26.22 -4.49 13.71
C GLU A 5 27.71 -4.22 13.93
N VAL A 6 28.24 -4.73 15.05
CA VAL A 6 29.65 -4.51 15.37
C VAL A 6 30.42 -5.78 15.15
N LYS A 7 31.37 -5.77 14.21
CA LYS A 7 32.20 -6.95 13.94
C LYS A 7 33.55 -6.70 14.61
N PHE A 8 34.10 -7.73 15.23
CA PHE A 8 35.39 -7.59 15.92
C PHE A 8 36.45 -8.47 15.29
N ASN A 9 37.67 -8.31 15.76
CA ASN A 9 38.81 -9.09 15.31
C ASN A 9 38.81 -9.56 13.85
N SER A 10 39.25 -10.80 13.68
CA SER A 10 39.34 -11.44 12.36
C SER A 10 38.06 -11.38 11.55
N ASP A 11 36.94 -11.63 12.21
CA ASP A 11 35.65 -11.58 11.54
C ASP A 11 35.47 -10.28 10.77
N ALA A 12 36.06 -9.19 11.28
CA ALA A 12 35.94 -7.90 10.62
C ALA A 12 37.01 -7.73 9.58
N ARG A 13 38.13 -8.42 9.77
CA ARG A 13 39.23 -8.33 8.83
C ARG A 13 38.98 -9.16 7.59
N ASP A 14 38.56 -10.40 7.76
CA ASP A 14 38.29 -11.28 6.62
C ASP A 14 37.31 -10.63 5.63
N ARG A 15 36.39 -9.83 6.16
CA ARG A 15 35.39 -9.15 5.35
C ARG A 15 35.97 -7.97 4.57
N MET A 16 36.86 -7.23 5.21
CA MET A 16 37.48 -6.10 4.55
C MET A 16 38.30 -6.65 3.40
N LEU A 17 39.07 -7.69 3.70
CA LEU A 17 39.91 -8.32 2.71
C LEU A 17 39.09 -8.75 1.50
N LYS A 18 37.83 -9.14 1.75
CA LYS A 18 36.92 -9.59 0.67
C LYS A 18 36.57 -8.42 -0.24
N GLY A 19 36.24 -7.28 0.37
CA GLY A 19 35.88 -6.11 -0.41
C GLY A 19 37.05 -5.51 -1.14
N VAL A 20 38.26 -5.70 -0.62
CA VAL A 20 39.45 -5.17 -1.25
C VAL A 20 39.82 -6.06 -2.43
N ASN A 21 39.81 -7.38 -2.22
CA ASN A 21 40.16 -8.31 -3.30
C ASN A 21 39.27 -8.18 -4.53
N ILE A 22 37.99 -7.87 -4.32
CA ILE A 22 37.04 -7.71 -5.42
C ILE A 22 37.46 -6.47 -6.19
N LEU A 23 37.66 -5.38 -5.45
CA LEU A 23 38.06 -4.12 -6.04
C LEU A 23 39.40 -4.22 -6.76
N ALA A 24 40.37 -4.90 -6.16
CA ALA A 24 41.69 -5.03 -6.78
C ALA A 24 41.67 -6.02 -7.93
N ASP A 25 40.85 -7.05 -7.85
CA ASP A 25 40.81 -8.05 -8.92
C ASP A 25 40.08 -7.57 -10.17
N ALA A 26 39.18 -6.61 -10.02
CA ALA A 26 38.42 -6.08 -11.16
C ALA A 26 39.24 -5.02 -11.89
N VAL A 27 40.00 -4.22 -11.14
CA VAL A 27 40.82 -3.15 -11.69
C VAL A 27 42.13 -3.64 -12.28
N LYS A 28 42.79 -4.55 -11.58
CA LYS A 28 44.07 -5.08 -12.04
C LYS A 28 44.07 -5.90 -13.36
N VAL A 29 42.90 -6.26 -13.87
CA VAL A 29 42.87 -7.01 -15.12
C VAL A 29 43.17 -6.01 -16.22
N THR A 30 43.00 -4.73 -15.93
CA THR A 30 43.22 -3.68 -16.91
C THR A 30 44.55 -2.99 -16.67
N LEU A 31 45.65 -3.75 -16.59
CA LEU A 31 46.95 -3.13 -16.33
C LEU A 31 48.02 -3.45 -17.36
N GLY A 32 48.69 -2.41 -17.84
CA GLY A 32 49.75 -2.60 -18.82
C GLY A 32 49.34 -2.50 -20.27
N PRO A 33 50.27 -2.77 -21.20
CA PRO A 33 50.00 -2.70 -22.64
C PRO A 33 49.08 -3.84 -23.13
N LYS A 34 48.99 -4.92 -22.36
CA LYS A 34 48.15 -6.06 -22.72
C LYS A 34 46.96 -6.22 -21.78
N GLY A 35 46.40 -5.09 -21.38
CA GLY A 35 45.27 -5.10 -20.48
C GLY A 35 44.07 -5.75 -21.12
N ARG A 36 43.21 -6.32 -20.29
CA ARG A 36 42.00 -6.96 -20.77
C ARG A 36 40.88 -5.98 -20.46
N ASN A 37 39.75 -6.12 -21.14
CA ASN A 37 38.65 -5.21 -20.92
C ASN A 37 37.79 -5.61 -19.74
N VAL A 38 36.97 -4.66 -19.30
CA VAL A 38 36.05 -4.86 -18.20
C VAL A 38 34.73 -4.30 -18.71
N VAL A 39 33.74 -5.16 -18.92
CA VAL A 39 32.44 -4.70 -19.40
C VAL A 39 31.62 -4.19 -18.21
N ILE A 40 31.06 -2.99 -18.35
CA ILE A 40 30.26 -2.37 -17.29
C ILE A 40 28.81 -2.12 -17.72
N ASP A 41 27.89 -2.76 -17.02
CA ASP A 41 26.47 -2.61 -17.33
C ASP A 41 26.01 -1.17 -17.23
N LYS A 42 25.46 -0.67 -18.33
CA LYS A 42 24.93 0.69 -18.42
C LYS A 42 23.42 0.56 -18.32
N SER A 43 22.84 1.33 -17.40
CA SER A 43 21.40 1.28 -17.17
C SER A 43 20.54 1.56 -18.39
N PHE A 44 21.16 1.91 -19.50
CA PHE A 44 20.44 2.21 -20.73
C PHE A 44 21.26 1.98 -21.99
N GLY A 45 20.83 1.03 -22.80
CA GLY A 45 21.55 0.75 -24.04
C GLY A 45 22.52 -0.42 -23.92
N ALA A 46 23.66 -0.30 -24.60
CA ALA A 46 24.67 -1.35 -24.57
C ALA A 46 25.65 -1.08 -23.44
N PRO A 47 26.33 -2.13 -22.95
CA PRO A 47 27.28 -1.97 -21.86
C PRO A 47 28.51 -1.19 -22.28
N ARG A 48 29.17 -0.58 -21.29
CA ARG A 48 30.38 0.20 -21.50
C ARG A 48 31.60 -0.73 -21.41
N ILE A 49 32.39 -0.78 -22.48
CA ILE A 49 33.59 -1.61 -22.48
C ILE A 49 34.78 -0.70 -22.18
N THR A 50 35.49 -0.97 -21.09
CA THR A 50 36.63 -0.14 -20.70
C THR A 50 37.86 -0.90 -20.27
N LYS A 51 38.99 -0.21 -20.30
CA LYS A 51 40.29 -0.75 -19.90
C LYS A 51 40.89 0.19 -18.88
N ASP A 52 40.23 1.34 -18.72
CA ASP A 52 40.66 2.37 -17.78
C ASP A 52 40.36 1.95 -16.34
N GLY A 53 41.39 1.47 -15.64
CA GLY A 53 41.22 1.04 -14.27
C GLY A 53 40.62 2.07 -13.31
N VAL A 54 40.46 3.31 -13.75
CA VAL A 54 39.90 4.31 -12.84
C VAL A 54 38.38 4.32 -12.92
N SER A 55 37.84 4.00 -14.10
CA SER A 55 36.41 3.97 -14.31
C SER A 55 35.80 2.72 -13.66
N VAL A 56 36.63 1.69 -13.52
CA VAL A 56 36.20 0.44 -12.92
C VAL A 56 36.07 0.66 -11.42
N ALA A 57 37.12 1.21 -10.83
CA ALA A 57 37.14 1.48 -9.39
C ALA A 57 35.90 2.24 -8.89
N LYS A 58 35.41 3.18 -9.70
CA LYS A 58 34.24 3.97 -9.33
C LYS A 58 32.95 3.14 -9.32
N GLU A 59 32.85 2.19 -10.25
CA GLU A 59 31.69 1.32 -10.38
C GLU A 59 31.57 0.31 -9.24
N ILE A 60 32.66 0.10 -8.50
CA ILE A 60 32.62 -0.89 -7.42
C ILE A 60 31.95 -0.43 -6.13
N GLU A 61 30.85 -1.10 -5.81
CA GLU A 61 30.06 -0.85 -4.61
C GLU A 61 29.41 -2.17 -4.24
N LEU A 62 30.06 -2.88 -3.32
CA LEU A 62 29.57 -4.17 -2.84
C LEU A 62 28.35 -3.98 -1.92
N SER A 63 27.47 -4.97 -1.89
CA SER A 63 26.25 -4.88 -1.08
C SER A 63 26.49 -5.05 0.42
N ASP A 64 27.33 -6.01 0.80
CA ASP A 64 27.61 -6.26 2.23
C ASP A 64 28.34 -5.10 2.89
N LYS A 65 27.65 -4.41 3.78
CA LYS A 65 28.19 -3.25 4.48
C LYS A 65 29.67 -3.32 4.82
N PHE A 66 30.10 -4.45 5.38
CA PHE A 66 31.51 -4.61 5.76
C PHE A 66 32.43 -4.77 4.56
N GLU A 67 32.12 -5.70 3.67
CA GLU A 67 32.96 -5.90 2.50
C GLU A 67 33.12 -4.59 1.76
N ASN A 68 32.05 -3.80 1.73
CA ASN A 68 32.07 -2.52 1.05
C ASN A 68 33.00 -1.51 1.70
N MET A 69 33.13 -1.55 3.03
CA MET A 69 33.99 -0.62 3.75
C MET A 69 35.43 -0.86 3.35
N GLY A 70 35.79 -2.13 3.22
CA GLY A 70 37.14 -2.47 2.81
C GLY A 70 37.43 -1.86 1.45
N ALA A 71 36.52 -2.06 0.51
CA ALA A 71 36.67 -1.52 -0.84
C ALA A 71 36.62 0.00 -0.83
N GLN A 72 35.59 0.57 -0.21
CA GLN A 72 35.44 2.02 -0.16
C GLN A 72 36.69 2.77 0.31
N MET A 73 37.36 2.23 1.33
CA MET A 73 38.58 2.84 1.86
C MET A 73 39.68 2.82 0.81
N VAL A 74 40.23 1.64 0.52
CA VAL A 74 41.29 1.51 -0.47
C VAL A 74 40.96 2.36 -1.68
N ARG A 75 39.76 2.19 -2.17
CA ARG A 75 39.33 2.90 -3.36
C ARG A 75 39.41 4.43 -3.21
N GLU A 76 39.22 4.90 -1.99
CA GLU A 76 39.27 6.33 -1.71
C GLU A 76 40.70 6.89 -1.75
N VAL A 77 41.58 6.28 -0.97
CA VAL A 77 42.97 6.69 -0.91
C VAL A 77 43.58 6.60 -2.30
N ALA A 78 43.60 5.40 -2.88
CA ALA A 78 44.18 5.22 -4.20
C ALA A 78 43.65 6.24 -5.21
N SER A 79 42.53 6.87 -4.89
CA SER A 79 41.92 7.85 -5.78
C SER A 79 42.61 9.20 -5.64
N ARG A 80 43.23 9.43 -4.48
CA ARG A 80 43.95 10.67 -4.24
C ARG A 80 45.26 10.61 -5.02
N THR A 81 45.70 9.41 -5.34
CA THR A 81 46.92 9.21 -6.11
C THR A 81 46.68 9.75 -7.51
N ASN A 82 45.42 10.08 -7.79
CA ASN A 82 45.03 10.62 -9.08
C ASN A 82 45.07 12.15 -8.99
N ASP A 83 45.75 12.65 -7.97
CA ASP A 83 45.89 14.09 -7.78
C ASP A 83 46.79 14.60 -8.90
N GLU A 84 47.65 13.71 -9.39
CA GLU A 84 48.57 14.02 -10.47
C GLU A 84 48.10 13.30 -11.72
N ALA A 85 46.87 12.77 -11.65
CA ALA A 85 46.26 12.05 -12.76
C ALA A 85 47.21 11.11 -13.47
N GLY A 86 47.20 9.84 -13.08
CA GLY A 86 48.08 8.86 -13.69
C GLY A 86 47.71 7.44 -13.29
N ASP A 87 48.46 6.46 -13.78
CA ASP A 87 48.20 5.07 -13.47
C ASP A 87 48.42 4.77 -11.98
N GLY A 88 48.50 5.83 -11.18
CA GLY A 88 48.71 5.67 -9.76
C GLY A 88 47.56 4.95 -9.09
N THR A 89 46.34 5.35 -9.41
CA THR A 89 45.15 4.75 -8.84
C THR A 89 45.20 3.22 -8.94
N THR A 90 45.33 2.73 -10.16
CA THR A 90 45.38 1.29 -10.36
C THR A 90 46.59 0.65 -9.65
N THR A 91 47.71 1.36 -9.58
CA THR A 91 48.88 0.81 -8.91
C THR A 91 48.73 0.86 -7.40
N ALA A 92 48.17 1.97 -6.90
CA ALA A 92 47.96 2.11 -5.47
C ALA A 92 47.13 0.92 -5.04
N THR A 93 46.09 0.63 -5.82
CA THR A 93 45.18 -0.48 -5.55
C THR A 93 45.86 -1.83 -5.62
N VAL A 94 46.51 -2.14 -6.74
CA VAL A 94 47.18 -3.41 -6.87
C VAL A 94 48.18 -3.59 -5.73
N LEU A 95 48.78 -2.49 -5.28
CA LEU A 95 49.77 -2.56 -4.20
C LEU A 95 49.09 -2.84 -2.87
N ALA A 96 48.10 -2.00 -2.52
CA ALA A 96 47.36 -2.16 -1.27
C ALA A 96 46.90 -3.60 -1.08
N GLN A 97 46.30 -4.15 -2.12
CA GLN A 97 45.81 -5.52 -2.06
C GLN A 97 46.92 -6.50 -1.66
N ALA A 98 48.13 -6.30 -2.18
CA ALA A 98 49.25 -7.19 -1.86
C ALA A 98 49.69 -7.07 -0.40
N ILE A 99 49.92 -5.84 0.04
CA ILE A 99 50.36 -5.60 1.41
C ILE A 99 49.34 -6.13 2.42
N VAL A 100 48.09 -5.70 2.26
CA VAL A 100 47.02 -6.12 3.17
C VAL A 100 46.91 -7.65 3.24
N ARG A 101 46.88 -8.28 2.07
CA ARG A 101 46.79 -9.73 1.98
C ARG A 101 47.83 -10.40 2.86
N GLU A 102 49.07 -9.94 2.77
CA GLU A 102 50.19 -10.49 3.55
C GLU A 102 50.16 -10.06 5.02
N GLY A 103 49.81 -8.80 5.26
CA GLY A 103 49.75 -8.31 6.63
C GLY A 103 48.81 -9.13 7.48
N LEU A 104 47.53 -9.19 7.10
CA LEU A 104 46.55 -9.96 7.85
C LEU A 104 47.04 -11.40 7.98
N LYS A 105 47.63 -11.95 6.92
CA LYS A 105 48.13 -13.32 7.01
C LYS A 105 49.02 -13.38 8.24
N ALA A 106 49.96 -12.44 8.31
CA ALA A 106 50.89 -12.40 9.44
C ALA A 106 50.14 -12.19 10.73
N VAL A 107 49.35 -11.13 10.80
CA VAL A 107 48.59 -10.83 12.02
C VAL A 107 47.98 -12.12 12.55
N ALA A 108 47.34 -12.85 11.66
CA ALA A 108 46.69 -14.10 12.01
C ALA A 108 47.66 -15.04 12.72
N ALA A 109 48.91 -15.07 12.23
CA ALA A 109 49.93 -15.93 12.82
C ALA A 109 50.42 -15.41 14.17
N GLY A 110 49.83 -14.31 14.64
CA GLY A 110 50.23 -13.78 15.92
C GLY A 110 51.09 -12.53 15.93
N MET A 111 51.77 -12.26 14.82
CA MET A 111 52.62 -11.07 14.76
C MET A 111 51.83 -9.84 15.20
N ASN A 112 52.50 -8.94 15.91
CA ASN A 112 51.83 -7.73 16.38
C ASN A 112 51.59 -6.78 15.22
N PRO A 113 50.34 -6.38 15.02
CA PRO A 113 50.00 -5.47 13.93
C PRO A 113 50.72 -4.12 13.99
N MET A 114 50.75 -3.50 15.16
CA MET A 114 51.42 -2.20 15.29
C MET A 114 52.86 -2.30 14.80
N ASP A 115 53.56 -3.38 15.15
CA ASP A 115 54.93 -3.54 14.70
C ASP A 115 54.98 -3.68 13.18
N LEU A 116 54.18 -4.59 12.64
CA LEU A 116 54.15 -4.80 11.19
C LEU A 116 53.92 -3.46 10.55
N LYS A 117 52.99 -2.70 11.10
CA LYS A 117 52.68 -1.39 10.55
C LYS A 117 53.92 -0.51 10.56
N ARG A 118 54.79 -0.73 11.53
CA ARG A 118 56.03 0.04 11.65
C ARG A 118 57.02 -0.40 10.59
N GLY A 119 57.33 -1.69 10.59
CA GLY A 119 58.25 -2.23 9.61
C GLY A 119 57.79 -1.90 8.20
N ILE A 120 56.49 -1.71 8.04
CA ILE A 120 55.92 -1.39 6.73
C ILE A 120 56.20 0.06 6.43
N ASP A 121 56.04 0.92 7.42
CA ASP A 121 56.27 2.35 7.24
C ASP A 121 57.73 2.69 6.95
N VAL A 122 58.63 2.02 7.67
CA VAL A 122 60.06 2.23 7.48
C VAL A 122 60.42 1.86 6.05
N ALA A 123 60.35 0.57 5.75
CA ALA A 123 60.68 0.04 4.43
C ALA A 123 60.14 0.90 3.31
N THR A 124 58.94 1.44 3.50
CA THR A 124 58.34 2.27 2.48
C THR A 124 59.11 3.56 2.28
N ALA A 125 59.46 4.24 3.38
CA ALA A 125 60.20 5.49 3.28
C ALA A 125 61.53 5.25 2.56
N LYS A 126 62.20 4.17 2.92
CA LYS A 126 63.48 3.82 2.30
C LYS A 126 63.38 3.68 0.79
N VAL A 127 62.23 3.21 0.30
CA VAL A 127 62.04 3.01 -1.12
C VAL A 127 61.54 4.29 -1.76
N VAL A 128 60.63 4.97 -1.09
CA VAL A 128 60.09 6.23 -1.62
C VAL A 128 61.24 7.19 -1.86
N GLU A 129 62.37 6.89 -1.22
CA GLU A 129 63.57 7.71 -1.32
C GLU A 129 64.48 7.18 -2.43
N ALA A 130 64.80 5.90 -2.34
CA ALA A 130 65.65 5.25 -3.32
C ALA A 130 65.11 5.43 -4.73
N ILE A 131 63.85 5.85 -4.83
CA ILE A 131 63.24 6.06 -6.14
C ILE A 131 63.67 7.44 -6.62
N LYS A 132 63.38 8.45 -5.81
CA LYS A 132 63.74 9.82 -6.16
C LYS A 132 65.22 9.87 -6.53
N SER A 133 66.06 9.27 -5.68
CA SER A 133 67.49 9.25 -5.91
C SER A 133 67.83 8.29 -7.03
N ALA A 134 67.08 8.37 -8.12
CA ALA A 134 67.30 7.51 -9.27
C ALA A 134 66.47 7.96 -10.45
N ALA A 135 65.78 9.08 -10.30
CA ALA A 135 64.94 9.62 -11.36
C ALA A 135 65.68 10.67 -12.17
N ARG A 136 65.73 10.48 -13.49
CA ARG A 136 66.38 11.43 -14.37
C ARG A 136 65.49 12.67 -14.39
N PRO A 137 66.09 13.86 -14.25
CA PRO A 137 65.34 15.13 -14.25
C PRO A 137 64.86 15.55 -15.64
N VAL A 138 63.91 16.47 -15.66
CA VAL A 138 63.38 16.98 -16.92
C VAL A 138 63.21 18.50 -16.83
N ASN A 139 64.21 19.21 -17.35
CA ASN A 139 64.21 20.68 -17.33
C ASN A 139 64.37 21.25 -18.74
N ASP A 140 65.33 20.71 -19.48
CA ASP A 140 65.60 21.15 -20.85
C ASP A 140 64.35 20.99 -21.71
N SER A 141 64.24 21.81 -22.76
CA SER A 141 63.09 21.74 -23.64
C SER A 141 63.20 20.56 -24.60
N SER A 142 64.36 19.93 -24.62
CA SER A 142 64.57 18.77 -25.49
C SER A 142 63.99 17.57 -24.74
N GLU A 143 64.05 17.64 -23.42
CA GLU A 143 63.53 16.58 -22.57
C GLU A 143 62.03 16.78 -22.38
N VAL A 144 61.65 17.97 -21.94
CA VAL A 144 60.24 18.28 -21.73
C VAL A 144 59.45 18.04 -23.00
N ALA A 145 60.14 17.94 -24.13
CA ALA A 145 59.47 17.71 -25.39
C ALA A 145 59.50 16.23 -25.74
N GLN A 146 60.38 15.49 -25.08
CA GLN A 146 60.50 14.05 -25.32
C GLN A 146 59.53 13.31 -24.40
N VAL A 147 59.30 13.89 -23.23
CA VAL A 147 58.39 13.33 -22.24
C VAL A 147 56.98 13.76 -22.65
N GLY A 148 56.90 14.83 -23.42
CA GLY A 148 55.61 15.32 -23.87
C GLY A 148 55.11 14.48 -25.04
N THR A 149 56.05 13.95 -25.81
CA THR A 149 55.71 13.13 -26.98
C THR A 149 55.34 11.72 -26.55
N ILE A 150 56.21 11.11 -25.74
CA ILE A 150 55.98 9.75 -25.26
C ILE A 150 54.62 9.67 -24.58
N SER A 151 54.33 10.66 -23.76
CA SER A 151 53.06 10.71 -23.04
C SER A 151 51.91 10.89 -24.03
N ALA A 152 52.23 11.02 -25.31
CA ALA A 152 51.22 11.18 -26.35
C ALA A 152 51.30 10.07 -27.39
N ASN A 153 51.83 8.93 -26.97
CA ASN A 153 51.99 7.77 -27.84
C ASN A 153 52.82 7.99 -29.09
N GLY A 154 53.63 9.05 -29.11
CA GLY A 154 54.48 9.31 -30.26
C GLY A 154 54.15 10.55 -31.05
N GLU A 155 53.19 11.34 -30.57
CA GLU A 155 52.80 12.57 -31.27
C GLU A 155 53.88 13.63 -31.07
N SER A 156 54.93 13.56 -31.87
CA SER A 156 56.04 14.51 -31.79
C SER A 156 55.53 15.94 -31.93
N PHE A 157 54.32 16.09 -32.47
CA PHE A 157 53.73 17.41 -32.65
C PHE A 157 53.28 18.01 -31.33
N ILE A 158 52.72 17.17 -30.46
CA ILE A 158 52.25 17.60 -29.15
C ILE A 158 53.42 17.71 -28.18
N GLY A 159 54.48 16.95 -28.43
CA GLY A 159 55.64 17.00 -27.56
C GLY A 159 56.29 18.37 -27.60
N GLN A 160 56.29 18.98 -28.79
CA GLN A 160 56.87 20.30 -28.98
C GLN A 160 55.87 21.37 -28.56
N GLN A 161 54.60 21.13 -28.86
CA GLN A 161 53.53 22.06 -28.51
C GLN A 161 53.56 22.40 -27.03
N ILE A 162 53.70 21.39 -26.20
CA ILE A 162 53.74 21.57 -24.76
C ILE A 162 55.06 22.21 -24.36
N ALA A 163 56.16 21.71 -24.92
CA ALA A 163 57.48 22.25 -24.63
C ALA A 163 57.49 23.76 -24.85
N GLU A 164 56.81 24.19 -25.90
CA GLU A 164 56.73 25.61 -26.24
C GLU A 164 56.06 26.37 -25.09
N ALA A 165 54.81 26.03 -24.83
CA ALA A 165 54.04 26.67 -23.76
C ALA A 165 54.83 26.70 -22.47
N MET A 166 55.58 25.65 -22.20
CA MET A 166 56.36 25.57 -20.98
C MET A 166 57.54 26.53 -21.05
N GLN A 167 58.16 26.61 -22.22
CA GLN A 167 59.30 27.51 -22.41
C GLN A 167 58.85 28.95 -22.60
N ARG A 168 57.60 29.22 -22.28
CA ARG A 168 57.05 30.56 -22.39
C ARG A 168 56.54 31.05 -21.04
N VAL A 169 56.25 30.09 -20.15
CA VAL A 169 55.76 30.44 -18.81
C VAL A 169 56.46 29.59 -17.75
N GLY A 170 57.67 29.15 -18.05
CA GLY A 170 58.43 28.35 -17.09
C GLY A 170 57.92 26.93 -16.94
N ASN A 171 58.83 26.02 -16.61
CA ASN A 171 58.50 24.61 -16.42
C ASN A 171 57.37 24.41 -15.43
N GLU A 172 57.16 25.41 -14.57
CA GLU A 172 56.09 25.34 -13.57
C GLU A 172 55.16 26.53 -13.70
N GLY A 173 54.63 26.74 -14.91
CA GLY A 173 53.74 27.87 -15.15
C GLY A 173 52.28 27.54 -14.99
N VAL A 174 51.46 28.09 -15.88
CA VAL A 174 50.02 27.84 -15.84
C VAL A 174 49.47 27.72 -17.26
N ILE A 175 49.52 26.50 -17.79
CA ILE A 175 49.04 26.21 -19.14
C ILE A 175 47.56 25.84 -19.13
N THR A 176 46.91 26.03 -20.27
CA THR A 176 45.48 25.73 -20.40
C THR A 176 45.12 25.35 -21.84
N VAL A 177 45.29 24.09 -22.19
CA VAL A 177 44.97 23.63 -23.55
C VAL A 177 43.50 23.90 -23.87
N GLU A 178 43.24 24.42 -25.06
CA GLU A 178 41.88 24.72 -25.49
C GLU A 178 41.65 24.45 -26.97
N GLU A 179 40.39 24.22 -27.34
CA GLU A 179 40.03 23.95 -28.73
C GLU A 179 40.01 25.24 -29.54
N ASN A 180 40.26 25.13 -30.83
CA ASN A 180 40.27 26.28 -31.73
C ASN A 180 39.21 26.14 -32.80
N LYS A 181 39.48 26.71 -33.98
CA LYS A 181 38.55 26.66 -35.10
C LYS A 181 39.08 25.78 -36.22
N GLY A 182 39.90 26.37 -37.09
CA GLY A 182 40.46 25.62 -38.20
C GLY A 182 41.62 24.75 -37.79
N MET A 183 42.30 24.18 -38.78
CA MET A 183 43.45 23.32 -38.54
C MET A 183 44.69 24.13 -38.21
N GLU A 184 44.61 24.92 -37.14
CA GLU A 184 45.74 25.75 -36.73
C GLU A 184 45.99 25.65 -35.22
N THR A 185 47.19 25.21 -34.86
CA THR A 185 47.58 25.06 -33.47
C THR A 185 48.56 26.17 -33.08
N GLU A 186 48.24 26.89 -32.01
CA GLU A 186 49.10 27.98 -31.54
C GLU A 186 49.18 28.02 -30.01
N VAL A 187 50.26 28.62 -29.51
CA VAL A 187 50.48 28.74 -28.08
C VAL A 187 50.54 30.21 -27.66
N GLU A 188 49.36 30.81 -27.48
CA GLU A 188 49.28 32.22 -27.07
C GLU A 188 49.57 32.34 -25.58
N VAL A 189 49.79 33.56 -25.12
CA VAL A 189 50.08 33.81 -23.71
C VAL A 189 49.26 34.98 -23.17
N VAL A 190 47.96 34.75 -23.00
CA VAL A 190 47.07 35.79 -22.50
C VAL A 190 47.45 36.22 -21.09
N GLU A 191 46.79 37.28 -20.61
CA GLU A 191 47.05 37.79 -19.26
C GLU A 191 45.94 37.31 -18.32
N GLY A 192 46.26 36.28 -17.53
CA GLY A 192 45.27 35.74 -16.61
C GLY A 192 45.91 35.28 -15.30
N MET A 193 45.08 34.73 -14.41
CA MET A 193 45.55 34.26 -13.13
C MET A 193 45.03 32.86 -12.81
N GLN A 194 45.45 32.33 -11.67
CA GLN A 194 45.03 31.00 -11.23
C GLN A 194 45.22 30.84 -9.72
N PHE A 195 44.14 31.03 -8.96
CA PHE A 195 44.20 30.90 -7.51
C PHE A 195 44.50 29.46 -7.12
N ASP A 196 44.45 29.19 -5.82
CA ASP A 196 44.71 27.86 -5.30
C ASP A 196 43.48 27.34 -4.57
N ARG A 197 42.32 27.79 -5.01
CA ARG A 197 41.05 27.39 -4.41
C ARG A 197 40.10 26.88 -5.49
N GLY A 198 39.14 26.05 -5.10
CA GLY A 198 38.18 25.52 -6.05
C GLY A 198 36.79 26.08 -5.84
N TYR A 199 35.79 25.23 -5.98
CA TYR A 199 34.41 25.66 -5.80
C TYR A 199 33.90 25.34 -4.39
N LEU A 200 32.64 25.65 -4.15
CA LEU A 200 32.02 25.42 -2.85
C LEU A 200 31.12 24.19 -2.88
N SER A 201 30.49 23.94 -4.02
CA SER A 201 29.59 22.79 -4.16
C SER A 201 29.79 22.08 -5.50
N PRO A 202 29.80 20.74 -5.49
CA PRO A 202 29.98 19.95 -6.72
C PRO A 202 28.84 20.18 -7.70
N TYR A 203 27.65 20.45 -7.17
CA TYR A 203 26.48 20.69 -8.00
C TYR A 203 26.64 21.99 -8.78
N PHE A 204 27.70 22.74 -8.45
CA PHE A 204 27.99 24.00 -9.13
C PHE A 204 28.87 23.75 -10.35
N VAL A 205 29.24 22.49 -10.54
CA VAL A 205 30.10 22.09 -11.66
C VAL A 205 29.34 21.71 -12.91
N THR A 206 29.88 22.10 -14.07
CA THR A 206 29.27 21.79 -15.36
C THR A 206 29.99 20.56 -15.91
N ASN A 207 30.34 19.65 -15.01
CA ASN A 207 31.04 18.41 -15.35
C ASN A 207 30.72 17.88 -16.74
N ALA A 208 31.72 17.96 -17.63
CA ALA A 208 31.57 17.48 -19.00
C ALA A 208 32.42 16.21 -19.14
N ASP A 209 33.51 16.17 -18.39
CA ASP A 209 34.42 15.04 -18.39
C ASP A 209 35.03 14.92 -16.99
N LYS A 210 35.40 16.07 -16.44
CA LYS A 210 35.99 16.14 -15.09
C LYS A 210 35.27 17.21 -14.29
N MET A 211 35.39 17.15 -12.97
CA MET A 211 34.75 18.13 -12.10
C MET A 211 35.39 19.50 -12.26
N ILE A 212 35.14 20.14 -13.40
CA ILE A 212 35.68 21.47 -13.69
C ILE A 212 34.60 22.37 -14.25
N ALA A 213 34.43 23.54 -13.63
CA ALA A 213 33.43 24.51 -14.07
C ALA A 213 34.02 25.48 -15.08
N GLU A 214 33.49 25.44 -16.29
CA GLU A 214 33.95 26.33 -17.36
C GLU A 214 32.95 27.48 -17.53
N LEU A 215 33.42 28.70 -17.28
CA LEU A 215 32.56 29.88 -17.41
C LEU A 215 33.14 30.90 -18.38
N GLU A 216 32.47 31.07 -19.51
CA GLU A 216 32.91 32.03 -20.52
C GLU A 216 32.31 33.40 -20.28
N ASP A 217 33.17 34.41 -20.17
CA ASP A 217 32.75 35.78 -19.94
C ASP A 217 31.77 35.88 -18.76
N ALA A 218 32.27 35.57 -17.57
CA ALA A 218 31.45 35.61 -16.37
C ALA A 218 31.62 36.95 -15.65
N TYR A 219 30.90 37.11 -14.55
CA TYR A 219 30.97 38.34 -13.77
C TYR A 219 31.81 38.17 -12.51
N ILE A 220 33.03 38.68 -12.56
CA ILE A 220 33.95 38.59 -11.43
C ILE A 220 33.73 39.70 -10.41
N LEU A 221 33.13 39.34 -9.28
CA LEU A 221 32.87 40.31 -8.21
C LEU A 221 33.59 39.81 -6.96
N LEU A 222 33.79 40.69 -5.98
CA LEU A 222 34.48 40.30 -4.76
C LEU A 222 34.44 41.34 -3.64
N HIS A 223 34.18 40.88 -2.43
CA HIS A 223 34.12 41.75 -1.26
C HIS A 223 34.77 41.04 -0.07
N GLU A 224 35.05 41.80 0.99
CA GLU A 224 35.68 41.25 2.19
C GLU A 224 34.67 40.66 3.16
N LYS A 225 33.41 40.58 2.74
CA LYS A 225 32.35 40.02 3.58
C LYS A 225 32.10 38.57 3.15
N LYS A 226 30.84 38.16 3.19
CA LYS A 226 30.48 36.80 2.81
C LYS A 226 29.20 36.79 1.97
N LEU A 227 28.61 35.61 1.82
CA LEU A 227 27.39 35.46 1.04
C LEU A 227 26.23 35.02 1.95
N SER A 228 26.04 35.75 3.05
CA SER A 228 24.97 35.45 4.00
C SER A 228 23.60 35.57 3.33
N SER A 229 23.06 36.79 3.33
CA SER A 229 21.75 37.04 2.73
C SER A 229 21.89 37.26 1.23
N LEU A 230 21.18 36.46 0.45
CA LEU A 230 21.22 36.57 -1.01
C LEU A 230 20.20 37.59 -1.50
N GLN A 231 19.34 38.05 -0.59
CA GLN A 231 18.31 39.03 -0.92
C GLN A 231 18.85 40.20 -1.76
N PRO A 232 19.96 40.81 -1.32
CA PRO A 232 20.52 41.94 -2.07
C PRO A 232 21.07 41.53 -3.43
N GLN A 244 23.02 38.51 -20.20
CA GLN A 244 23.53 37.37 -20.96
C GLN A 244 25.02 37.12 -20.70
N LYS A 245 25.45 37.36 -19.47
CA LYS A 245 26.86 37.15 -19.10
C LYS A 245 26.94 36.45 -17.75
N PRO A 246 27.52 35.24 -17.72
CA PRO A 246 27.66 34.47 -16.48
C PRO A 246 28.20 35.30 -15.32
N LEU A 247 28.11 34.75 -14.11
CA LEU A 247 28.59 35.46 -12.93
C LEU A 247 29.55 34.60 -12.11
N LEU A 248 30.40 35.27 -11.33
CA LEU A 248 31.37 34.59 -10.48
C LEU A 248 31.58 35.40 -9.21
N ILE A 249 31.18 34.82 -8.07
CA ILE A 249 31.34 35.50 -6.79
C ILE A 249 32.51 34.95 -5.99
N VAL A 250 33.35 35.85 -5.49
CA VAL A 250 34.52 35.48 -4.70
C VAL A 250 34.49 36.19 -3.35
N ALA A 251 34.15 35.44 -2.30
CA ALA A 251 34.07 35.99 -0.95
C ALA A 251 34.52 34.97 0.08
N GLU A 252 34.20 35.24 1.34
CA GLU A 252 34.57 34.34 2.44
C GLU A 252 33.82 33.02 2.34
N ASP A 253 32.52 33.09 2.15
CA ASP A 253 31.67 31.90 2.04
C ASP A 253 30.21 32.25 1.84
N VAL A 254 29.39 31.24 1.55
CA VAL A 254 27.96 31.44 1.34
C VAL A 254 27.15 30.82 2.47
N GLU A 255 26.33 31.63 3.11
CA GLU A 255 25.49 31.17 4.20
C GLU A 255 24.09 30.82 3.69
N ILE A 273 26.67 30.35 -13.14
CA ILE A 273 27.04 31.06 -11.94
C ILE A 273 28.28 30.41 -11.31
N ALA A 274 29.18 31.24 -10.79
CA ALA A 274 30.40 30.75 -10.17
C ALA A 274 30.53 31.23 -8.73
N ALA A 275 30.93 30.32 -7.85
CA ALA A 275 31.10 30.64 -6.44
C ALA A 275 32.42 30.08 -5.93
N VAL A 276 33.37 30.96 -5.65
CA VAL A 276 34.67 30.55 -5.15
C VAL A 276 35.13 31.46 -4.03
N LYS A 277 35.93 30.92 -3.11
CA LYS A 277 36.42 31.69 -1.98
C LYS A 277 37.59 32.59 -2.41
N ALA A 278 37.61 33.80 -1.88
CA ALA A 278 38.66 34.76 -2.20
C ALA A 278 40.04 34.17 -1.93
N PRO A 279 41.05 34.59 -2.70
CA PRO A 279 42.42 34.10 -2.54
C PRO A 279 43.23 34.89 -1.49
N GLY A 280 44.24 34.24 -0.92
CA GLY A 280 45.07 34.89 0.08
C GLY A 280 44.56 34.71 1.50
N PHE A 281 45.22 35.36 2.44
CA PHE A 281 44.84 35.29 3.84
C PHE A 281 45.50 36.40 4.66
N GLY A 282 44.82 36.83 5.72
CA GLY A 282 45.35 37.88 6.57
C GLY A 282 45.43 39.20 5.84
N ASP A 283 46.61 39.81 5.85
CA ASP A 283 46.83 41.09 5.18
C ASP A 283 46.91 40.89 3.68
N ARG A 284 47.05 39.64 3.26
CA ARG A 284 47.15 39.30 1.85
C ARG A 284 45.77 39.07 1.26
N ARG A 285 44.74 39.20 2.10
CA ARG A 285 43.36 39.00 1.67
C ARG A 285 42.94 40.05 0.64
N LYS A 286 42.87 41.30 1.08
CA LYS A 286 42.48 42.39 0.21
C LYS A 286 43.49 42.54 -0.92
N ALA A 287 44.75 42.31 -0.60
CA ALA A 287 45.82 42.41 -1.60
C ALA A 287 45.55 41.46 -2.76
N MET A 288 45.31 40.19 -2.43
CA MET A 288 45.04 39.17 -3.44
C MET A 288 43.82 39.56 -4.26
N LEU A 289 42.75 39.96 -3.57
CA LEU A 289 41.52 40.37 -4.24
C LEU A 289 41.79 41.55 -5.16
N GLN A 290 42.79 42.36 -4.80
CA GLN A 290 43.16 43.52 -5.60
C GLN A 290 43.99 43.11 -6.82
N ASP A 291 45.01 42.29 -6.59
CA ASP A 291 45.88 41.83 -7.67
C ASP A 291 45.02 41.26 -8.80
N ILE A 292 43.97 40.54 -8.43
CA ILE A 292 43.07 39.93 -9.41
C ILE A 292 42.04 40.96 -9.85
N ALA A 293 41.74 41.90 -8.96
CA ALA A 293 40.78 42.95 -9.24
C ALA A 293 41.15 43.68 -10.52
N ILE A 294 42.45 43.99 -10.65
CA ILE A 294 42.97 44.68 -11.82
C ILE A 294 42.93 43.75 -13.03
N LEU A 295 43.34 42.50 -12.82
CA LEU A 295 43.37 41.50 -13.88
C LEU A 295 42.02 41.41 -14.58
N THR A 296 40.95 41.59 -13.83
CA THR A 296 39.59 41.52 -14.39
C THR A 296 39.04 42.92 -14.63
N GLY A 297 39.48 43.89 -13.83
CA GLY A 297 39.01 45.26 -13.97
C GLY A 297 37.78 45.58 -13.15
N GLY A 298 37.75 45.09 -11.90
CA GLY A 298 36.62 45.35 -11.04
C GLY A 298 36.94 46.38 -9.98
N ILE A 314 28.00 46.88 -13.12
CA ILE A 314 28.89 46.19 -14.04
C ILE A 314 30.07 47.07 -14.46
N ASP A 315 29.83 48.38 -14.53
CA ASP A 315 30.88 49.32 -14.92
C ASP A 315 32.04 49.29 -13.95
N MET A 316 31.76 48.87 -12.71
CA MET A 316 32.78 48.79 -11.67
C MET A 316 33.04 47.33 -11.28
N LEU A 317 32.98 46.45 -12.28
CA LEU A 317 33.21 45.03 -12.04
C LEU A 317 34.30 44.47 -12.96
N GLY A 318 34.89 43.36 -12.56
CA GLY A 318 35.94 42.74 -13.35
C GLY A 318 35.38 41.80 -14.40
N ARG A 319 36.10 41.66 -15.50
CA ARG A 319 35.68 40.79 -16.58
C ARG A 319 36.80 39.84 -17.01
N ALA A 320 36.42 38.76 -17.69
CA ALA A 320 37.38 37.77 -18.15
C ALA A 320 36.76 36.89 -19.24
N LYS A 321 37.51 36.68 -20.32
CA LYS A 321 37.05 35.87 -21.44
C LYS A 321 36.68 34.46 -20.99
N LYS A 322 37.52 33.88 -20.15
CA LYS A 322 37.28 32.53 -19.66
C LYS A 322 37.75 32.34 -18.22
N VAL A 323 37.01 31.53 -17.46
CA VAL A 323 37.33 31.25 -16.06
C VAL A 323 36.98 29.80 -15.73
N SER A 324 37.99 29.00 -15.44
CA SER A 324 37.79 27.60 -15.09
C SER A 324 37.93 27.38 -13.59
N ILE A 325 37.09 26.49 -13.05
CA ILE A 325 37.13 26.21 -11.62
C ILE A 325 37.21 24.69 -11.37
N ASN A 326 38.04 24.32 -10.41
CA ASN A 326 38.23 22.92 -10.06
C ASN A 326 37.98 22.67 -8.58
N LYS A 327 38.50 21.55 -8.08
CA LYS A 327 38.34 21.19 -6.67
C LYS A 327 39.09 22.13 -5.73
N ASP A 328 40.37 22.32 -5.99
CA ASP A 328 41.20 23.19 -5.16
C ASP A 328 42.07 24.12 -6.01
N ASN A 329 41.58 24.48 -7.20
CA ASN A 329 42.31 25.36 -8.09
C ASN A 329 41.38 26.01 -9.11
N THR A 330 41.49 27.32 -9.26
CA THR A 330 40.65 28.07 -10.21
C THR A 330 41.52 28.94 -11.10
N THR A 331 41.27 28.86 -12.41
CA THR A 331 42.03 29.64 -13.38
C THR A 331 41.18 30.66 -14.13
N ILE A 332 41.72 31.87 -14.26
CA ILE A 332 41.03 32.95 -14.96
C ILE A 332 41.87 33.39 -16.16
N VAL A 333 41.50 32.90 -17.34
CA VAL A 333 42.21 33.22 -18.57
C VAL A 333 41.62 34.43 -19.29
N ASP A 334 42.50 35.25 -19.86
CA ASP A 334 42.07 36.45 -20.58
C ASP A 334 41.11 37.28 -19.73
N GLY A 335 41.69 38.06 -18.81
CA GLY A 335 40.87 38.89 -17.94
C GLY A 335 40.16 40.01 -18.68
N ALA A 336 40.50 41.25 -18.32
CA ALA A 336 39.89 42.42 -18.93
C ALA A 336 40.69 43.67 -18.63
N GLY A 337 41.42 43.65 -17.52
CA GLY A 337 42.23 44.79 -17.13
C GLY A 337 43.16 45.26 -18.24
N GLU A 338 43.75 46.43 -18.05
CA GLU A 338 44.67 46.99 -19.05
C GLU A 338 46.11 46.90 -18.58
N LYS A 339 46.99 46.49 -19.49
CA LYS A 339 48.41 46.34 -19.20
C LYS A 339 48.95 47.42 -18.25
N ALA A 340 48.44 48.64 -18.40
CA ALA A 340 48.86 49.74 -17.54
C ALA A 340 48.54 49.44 -16.08
N GLU A 341 47.26 49.25 -15.80
CA GLU A 341 46.79 48.95 -14.45
C GLU A 341 47.48 47.70 -13.92
N ILE A 342 47.86 46.82 -14.83
CA ILE A 342 48.53 45.57 -14.46
C ILE A 342 50.02 45.81 -14.22
N GLU A 343 50.60 46.73 -14.98
CA GLU A 343 52.01 47.06 -14.84
C GLU A 343 52.26 47.87 -13.57
N ALA A 344 51.21 48.50 -13.07
CA ALA A 344 51.29 49.31 -11.85
C ALA A 344 51.44 48.41 -10.64
N ARG A 345 50.53 47.45 -10.50
CA ARG A 345 50.55 46.52 -9.39
C ARG A 345 51.89 45.81 -9.33
N VAL A 346 52.32 45.26 -10.47
CA VAL A 346 53.59 44.56 -10.55
C VAL A 346 54.72 45.50 -10.12
N SER A 347 54.54 46.78 -10.40
CA SER A 347 55.53 47.80 -10.04
C SER A 347 55.50 48.06 -8.53
N GLN A 348 54.30 48.10 -7.97
CA GLN A 348 54.13 48.33 -6.54
C GLN A 348 54.73 47.18 -5.75
N ILE A 349 54.35 45.96 -6.12
CA ILE A 349 54.85 44.76 -5.46
C ILE A 349 56.37 44.71 -5.52
N ARG A 350 56.93 45.05 -6.67
CA ARG A 350 58.38 45.06 -6.85
C ARG A 350 59.04 45.99 -5.83
N GLN A 351 58.62 47.26 -5.85
CA GLN A 351 59.14 48.25 -4.94
C GLN A 351 58.79 47.88 -3.50
N GLN A 352 57.67 47.18 -3.34
CA GLN A 352 57.21 46.73 -2.03
C GLN A 352 58.22 45.74 -1.45
N ILE A 353 58.48 44.68 -2.20
CA ILE A 353 59.44 43.66 -1.78
C ILE A 353 60.83 44.26 -1.75
N GLU A 354 61.02 45.33 -2.50
CA GLU A 354 62.31 46.01 -2.56
C GLU A 354 62.65 46.67 -1.23
N GLU A 355 61.65 46.86 -0.37
CA GLU A 355 61.86 47.47 0.93
C GLU A 355 61.71 46.47 2.06
N THR A 356 60.89 45.46 1.84
CA THR A 356 60.65 44.42 2.86
C THR A 356 61.92 43.75 3.34
N THR A 357 62.19 43.87 4.64
CA THR A 357 63.36 43.27 5.24
C THR A 357 62.96 41.88 5.73
N SER A 358 61.66 41.63 5.74
CA SER A 358 61.10 40.36 6.19
C SER A 358 61.58 39.21 5.31
N ASP A 359 62.22 38.23 5.93
CA ASP A 359 62.74 37.07 5.22
C ASP A 359 61.61 36.06 5.03
N TYR A 360 60.44 36.40 5.54
CA TYR A 360 59.29 35.51 5.44
C TYR A 360 58.33 35.96 4.34
N ASP A 361 57.71 37.13 4.51
CA ASP A 361 56.76 37.64 3.52
C ASP A 361 57.46 38.01 2.21
N ARG A 362 58.77 37.77 2.15
CA ARG A 362 59.55 38.07 0.96
C ARG A 362 59.03 37.22 -0.20
N GLU A 363 58.59 36.01 0.12
CA GLU A 363 58.07 35.09 -0.87
C GLU A 363 56.57 35.28 -1.02
N LYS A 364 55.90 35.60 0.08
CA LYS A 364 54.45 35.81 0.08
C LYS A 364 54.07 36.99 -0.82
N LEU A 365 55.05 37.80 -1.20
CA LEU A 365 54.82 38.95 -2.07
C LEU A 365 55.43 38.71 -3.43
N GLN A 366 56.58 38.04 -3.45
CA GLN A 366 57.28 37.73 -4.69
C GLN A 366 56.51 36.68 -5.48
N GLU A 367 55.70 35.89 -4.77
CA GLU A 367 54.91 34.85 -5.40
C GLU A 367 53.61 35.40 -5.99
N ARG A 368 53.00 36.34 -5.26
CA ARG A 368 51.75 36.94 -5.71
C ARG A 368 52.01 37.86 -6.90
N VAL A 369 53.26 38.28 -7.06
CA VAL A 369 53.63 39.16 -8.15
C VAL A 369 53.77 38.38 -9.45
N ALA A 370 54.21 37.12 -9.33
CA ALA A 370 54.38 36.25 -10.49
C ALA A 370 53.03 35.91 -11.10
N LYS A 371 51.99 35.96 -10.27
CA LYS A 371 50.64 35.67 -10.74
C LYS A 371 50.19 36.77 -11.69
N LEU A 372 51.00 37.83 -11.76
CA LEU A 372 50.72 38.97 -12.62
C LEU A 372 51.82 39.11 -13.68
N ALA A 373 53.06 39.02 -13.24
CA ALA A 373 54.20 39.14 -14.15
C ALA A 373 54.59 37.77 -14.71
N GLY A 374 53.58 36.95 -15.00
CA GLY A 374 53.84 35.62 -15.52
C GLY A 374 52.98 35.29 -16.73
N GLY A 375 51.68 35.52 -16.61
CA GLY A 375 50.77 35.23 -17.71
C GLY A 375 50.25 33.81 -17.68
N VAL A 376 49.42 33.46 -18.66
CA VAL A 376 48.84 32.13 -18.74
C VAL A 376 48.89 31.55 -20.14
N ALA A 377 49.91 30.74 -20.42
CA ALA A 377 50.04 30.11 -21.74
C ALA A 377 48.74 29.35 -22.02
N VAL A 378 48.52 28.98 -23.28
CA VAL A 378 47.30 28.26 -23.63
C VAL A 378 47.39 27.63 -25.01
N ILE A 379 47.71 26.34 -25.05
CA ILE A 379 47.81 25.63 -26.32
C ILE A 379 46.43 25.64 -27.00
N ARG A 380 46.40 26.03 -28.27
CA ARG A 380 45.17 26.08 -29.03
C ARG A 380 45.13 24.94 -30.05
N VAL A 381 44.46 23.85 -29.68
CA VAL A 381 44.35 22.69 -30.55
C VAL A 381 43.36 22.91 -31.69
N GLY A 382 43.76 22.53 -32.89
CA GLY A 382 42.89 22.68 -34.05
C GLY A 382 43.05 21.54 -35.03
N GLY A 383 41.97 21.19 -35.72
CA GLY A 383 42.02 20.12 -36.70
C GLY A 383 41.09 20.36 -37.87
N MET A 384 40.54 19.28 -38.43
CA MET A 384 39.63 19.39 -39.56
C MET A 384 38.19 19.60 -39.11
N THR A 385 37.68 18.66 -38.31
CA THR A 385 36.31 18.73 -37.81
C THR A 385 36.29 18.60 -36.29
N GLU A 386 35.11 18.81 -35.71
CA GLU A 386 34.95 18.72 -34.26
C GLU A 386 35.35 17.32 -33.80
N ILE A 387 35.30 16.36 -34.71
CA ILE A 387 35.68 14.98 -34.40
C ILE A 387 37.20 14.87 -34.34
N GLU A 388 37.87 15.99 -34.59
CA GLU A 388 39.34 16.03 -34.57
C GLU A 388 39.83 16.90 -33.43
N VAL A 389 39.44 18.18 -33.46
CA VAL A 389 39.84 19.12 -32.42
C VAL A 389 39.48 18.60 -31.04
N LYS A 390 38.25 18.11 -30.89
CA LYS A 390 37.80 17.59 -29.61
C LYS A 390 38.53 16.32 -29.25
N GLU A 391 39.14 15.69 -30.26
CA GLU A 391 39.88 14.45 -30.07
C GLU A 391 41.33 14.72 -29.64
N ARG A 392 41.99 15.62 -30.36
CA ARG A 392 43.37 15.96 -30.06
C ARG A 392 43.50 16.76 -28.76
N LYS A 393 42.42 17.44 -28.39
CA LYS A 393 42.41 18.22 -27.16
C LYS A 393 42.52 17.28 -25.96
N ASP A 394 42.03 16.06 -26.14
CA ASP A 394 42.07 15.05 -25.08
C ASP A 394 43.47 14.43 -24.97
N ARG A 395 44.14 14.28 -26.12
CA ARG A 395 45.47 13.71 -26.16
C ARG A 395 46.48 14.70 -25.59
N VAL A 396 46.33 15.96 -25.98
CA VAL A 396 47.22 17.01 -25.50
C VAL A 396 47.00 17.23 -24.00
N ASP A 397 45.74 17.36 -23.60
CA ASP A 397 45.40 17.57 -22.20
C ASP A 397 45.89 16.39 -21.37
N ASP A 398 45.90 15.21 -21.98
CA ASP A 398 46.33 14.00 -21.29
C ASP A 398 47.85 13.89 -21.21
N ALA A 399 48.53 14.36 -22.24
CA ALA A 399 50.00 14.30 -22.30
C ALA A 399 50.65 15.47 -21.57
N LEU A 400 49.94 16.59 -21.52
CA LEU A 400 50.44 17.78 -20.85
C LEU A 400 50.34 17.64 -19.33
N ASN A 401 49.61 16.61 -18.90
CA ASN A 401 49.42 16.34 -17.48
C ASN A 401 50.51 15.40 -16.98
N ALA A 402 51.00 14.55 -17.89
CA ALA A 402 52.04 13.60 -17.56
C ALA A 402 53.39 14.31 -17.49
N THR A 403 53.55 15.31 -18.34
CA THR A 403 54.79 16.08 -18.39
C THR A 403 54.88 17.01 -17.20
N ARG A 404 53.82 17.79 -16.98
CA ARG A 404 53.77 18.73 -15.87
C ARG A 404 54.10 18.05 -14.55
N ALA A 405 53.94 16.73 -14.51
CA ALA A 405 54.22 15.96 -13.31
C ALA A 405 55.59 15.32 -13.44
N ALA A 406 56.06 15.19 -14.68
CA ALA A 406 57.37 14.60 -14.94
C ALA A 406 58.47 15.58 -14.55
N VAL A 407 58.21 16.87 -14.75
CA VAL A 407 59.18 17.92 -14.45
C VAL A 407 59.28 18.26 -12.96
N GLN A 408 58.25 17.89 -12.19
CA GLN A 408 58.22 18.16 -10.76
C GLN A 408 59.21 17.33 -9.96
N GLU A 409 59.27 16.03 -10.25
CA GLU A 409 60.17 15.14 -9.52
C GLU A 409 60.98 14.23 -10.41
N GLY A 410 60.95 14.49 -11.71
CA GLY A 410 61.73 13.68 -12.62
C GLY A 410 60.96 12.50 -13.17
N ILE A 411 61.64 11.72 -14.00
CA ILE A 411 61.02 10.55 -14.60
C ILE A 411 61.85 9.31 -14.24
N VAL A 412 61.19 8.16 -14.21
CA VAL A 412 61.86 6.91 -13.88
C VAL A 412 61.24 5.78 -14.70
N VAL A 413 62.00 4.70 -14.89
CA VAL A 413 61.54 3.56 -15.68
C VAL A 413 60.10 3.16 -15.37
N GLY A 414 59.32 2.95 -16.43
CA GLY A 414 57.93 2.56 -16.25
C GLY A 414 57.81 1.04 -16.25
N GLY A 415 56.59 0.56 -16.47
CA GLY A 415 56.37 -0.88 -16.50
C GLY A 415 56.37 -1.53 -15.12
N GLY A 416 56.28 -0.68 -14.10
CA GLY A 416 56.29 -1.18 -12.73
C GLY A 416 57.64 -1.69 -12.28
N VAL A 417 58.71 -1.24 -12.94
CA VAL A 417 60.07 -1.68 -12.59
C VAL A 417 60.69 -0.78 -11.55
N ALA A 418 60.33 0.49 -11.57
CA ALA A 418 60.87 1.42 -10.59
C ALA A 418 60.71 0.83 -9.19
N LEU A 419 59.51 0.33 -8.90
CA LEU A 419 59.18 -0.26 -7.60
C LEU A 419 60.05 -1.47 -7.28
N VAL A 420 60.18 -2.39 -8.23
CA VAL A 420 61.00 -3.58 -8.00
C VAL A 420 62.48 -3.21 -7.82
N GLN A 421 62.94 -2.19 -8.53
CA GLN A 421 64.33 -1.77 -8.42
C GLN A 421 64.62 -1.16 -7.06
N GLY A 422 63.79 -0.19 -6.67
CA GLY A 422 63.95 0.48 -5.39
C GLY A 422 63.88 -0.48 -4.23
N ALA A 423 63.17 -1.56 -4.44
CA ALA A 423 63.01 -2.60 -3.42
C ALA A 423 64.36 -3.23 -3.09
N LYS A 424 65.34 -3.02 -3.96
CA LYS A 424 66.67 -3.57 -3.76
C LYS A 424 67.29 -2.99 -2.50
N VAL A 425 66.93 -1.75 -2.20
CA VAL A 425 67.42 -1.03 -1.04
C VAL A 425 67.11 -1.73 0.28
N LEU A 426 66.00 -2.45 0.34
CA LEU A 426 65.61 -3.13 1.57
C LEU A 426 66.43 -4.39 1.81
N GLU A 427 67.51 -4.57 1.06
CA GLU A 427 68.33 -5.77 1.21
C GLU A 427 68.78 -6.06 2.63
N GLY A 428 69.50 -5.11 3.23
CA GLY A 428 69.98 -5.34 4.58
C GLY A 428 69.18 -4.70 5.70
N LEU A 429 68.21 -3.86 5.33
CA LEU A 429 67.38 -3.16 6.31
C LEU A 429 66.82 -4.09 7.39
N SER A 430 66.70 -3.56 8.62
CA SER A 430 66.18 -4.33 9.73
C SER A 430 65.44 -3.45 10.75
N GLY A 431 64.42 -4.03 11.38
CA GLY A 431 63.64 -3.30 12.36
C GLY A 431 63.95 -3.77 13.76
N ALA A 432 63.31 -3.13 14.74
CA ALA A 432 63.51 -3.45 16.16
C ALA A 432 63.18 -4.88 16.59
N ASN A 433 62.46 -5.62 15.76
CA ASN A 433 62.06 -6.99 16.10
C ASN A 433 61.52 -7.78 14.91
N SER A 434 61.47 -9.10 15.07
CA SER A 434 61.00 -10.02 14.03
C SER A 434 59.72 -9.53 13.39
N ASP A 435 58.81 -9.02 14.22
CA ASP A 435 57.55 -8.51 13.73
C ASP A 435 57.82 -7.34 12.81
N GLN A 436 58.62 -6.39 13.28
CA GLN A 436 58.97 -5.23 12.48
C GLN A 436 59.67 -5.66 11.21
N ASP A 437 60.43 -6.75 11.30
CA ASP A 437 61.14 -7.27 10.16
C ASP A 437 60.15 -7.79 9.12
N ALA A 438 59.10 -8.44 9.60
CA ALA A 438 58.06 -8.99 8.75
C ALA A 438 57.44 -7.89 7.90
N GLY A 439 57.10 -6.79 8.56
CA GLY A 439 56.51 -5.67 7.85
C GLY A 439 57.40 -5.22 6.70
N ILE A 440 58.70 -5.29 6.93
CA ILE A 440 59.66 -4.89 5.91
C ILE A 440 59.64 -5.85 4.72
N ALA A 441 59.60 -7.15 4.99
CA ALA A 441 59.59 -8.14 3.91
C ALA A 441 58.30 -8.11 3.10
N ILE A 442 57.20 -7.78 3.77
CA ILE A 442 55.91 -7.69 3.11
C ILE A 442 56.07 -6.68 1.97
N ILE A 443 56.60 -5.51 2.29
CA ILE A 443 56.80 -4.48 1.30
C ILE A 443 57.82 -4.92 0.26
N ARG A 444 58.83 -5.66 0.69
CA ARG A 444 59.86 -6.14 -0.23
C ARG A 444 59.24 -6.97 -1.35
N ARG A 445 58.11 -7.63 -1.03
CA ARG A 445 57.43 -8.48 -2.01
C ARG A 445 56.25 -7.78 -2.71
N ALA A 446 55.54 -6.94 -1.97
CA ALA A 446 54.39 -6.27 -2.56
C ALA A 446 54.81 -5.43 -3.75
N LEU A 447 56.03 -4.91 -3.72
CA LEU A 447 56.50 -4.07 -4.80
C LEU A 447 56.60 -4.80 -6.15
N GLU A 448 56.61 -6.13 -6.11
CA GLU A 448 56.68 -6.91 -7.35
C GLU A 448 55.29 -7.17 -7.95
N ALA A 449 54.25 -6.69 -7.27
CA ALA A 449 52.86 -6.87 -7.71
C ALA A 449 52.49 -6.28 -9.05
N PRO A 450 52.57 -4.95 -9.19
CA PRO A 450 52.22 -4.30 -10.46
C PRO A 450 53.04 -4.78 -11.67
N MET A 451 54.22 -5.35 -11.43
CA MET A 451 55.02 -5.81 -12.54
C MET A 451 54.60 -7.22 -12.96
N ARG A 452 54.55 -8.14 -12.01
CA ARG A 452 54.15 -9.51 -12.36
C ARG A 452 52.77 -9.49 -13.02
N GLN A 453 51.90 -8.60 -12.54
CA GLN A 453 50.57 -8.49 -13.11
C GLN A 453 50.69 -8.10 -14.57
N ILE A 454 51.32 -6.95 -14.78
CA ILE A 454 51.52 -6.44 -16.13
C ILE A 454 52.12 -7.52 -17.03
N ALA A 455 52.93 -8.39 -16.45
CA ALA A 455 53.54 -9.46 -17.21
C ALA A 455 52.54 -10.59 -17.48
N GLU A 456 51.79 -10.99 -16.45
CA GLU A 456 50.80 -12.05 -16.58
C GLU A 456 49.75 -11.69 -17.62
N ASN A 457 49.25 -10.46 -17.55
CA ASN A 457 48.23 -10.00 -18.51
C ASN A 457 48.73 -10.17 -19.96
N ALA A 458 50.05 -10.05 -20.13
CA ALA A 458 50.68 -10.15 -21.45
C ALA A 458 50.93 -11.58 -21.84
N GLY A 459 50.84 -12.48 -20.87
CA GLY A 459 51.06 -13.90 -21.14
C GLY A 459 52.37 -14.43 -20.61
N VAL A 460 53.20 -13.54 -20.07
CA VAL A 460 54.49 -13.92 -19.53
C VAL A 460 54.40 -14.27 -18.05
N ASP A 461 55.21 -15.24 -17.62
CA ASP A 461 55.23 -15.67 -16.22
C ASP A 461 55.87 -14.65 -15.28
N GLY A 462 55.04 -13.79 -14.69
CA GLY A 462 55.52 -12.76 -13.78
C GLY A 462 56.57 -13.18 -12.76
N ALA A 463 56.64 -14.46 -12.43
CA ALA A 463 57.61 -14.92 -11.44
C ALA A 463 58.99 -14.84 -12.05
N VAL A 464 59.05 -15.06 -13.36
CA VAL A 464 60.29 -15.03 -14.10
C VAL A 464 60.68 -13.60 -14.40
N VAL A 465 59.76 -12.83 -14.96
CA VAL A 465 60.04 -11.44 -15.27
C VAL A 465 60.55 -10.72 -14.03
N ALA A 466 60.09 -11.15 -12.85
CA ALA A 466 60.50 -10.53 -11.59
C ALA A 466 61.90 -10.96 -11.19
N GLY A 467 62.17 -12.26 -11.29
CA GLY A 467 63.47 -12.79 -10.94
C GLY A 467 64.61 -12.20 -11.76
N LYS A 468 64.36 -11.95 -13.04
CA LYS A 468 65.36 -11.39 -13.91
C LYS A 468 65.66 -9.95 -13.50
N VAL A 469 64.62 -9.16 -13.33
CA VAL A 469 64.77 -7.77 -12.92
C VAL A 469 65.40 -7.67 -11.53
N ARG A 470 65.20 -8.70 -10.72
CA ARG A 470 65.76 -8.72 -9.37
C ARG A 470 67.27 -8.94 -9.43
N GLU A 471 67.68 -9.97 -10.15
CA GLU A 471 69.10 -10.31 -10.32
C GLU A 471 69.79 -9.30 -11.22
N SER A 472 69.04 -8.32 -11.68
CA SER A 472 69.55 -7.28 -12.56
C SER A 472 70.70 -6.52 -11.90
N SER A 473 71.42 -5.75 -12.71
CA SER A 473 72.53 -4.95 -12.21
C SER A 473 72.32 -3.50 -12.64
N ASP A 474 71.83 -3.31 -13.86
CA ASP A 474 71.57 -1.98 -14.38
C ASP A 474 70.25 -1.47 -13.82
N LYS A 475 70.32 -0.46 -12.97
CA LYS A 475 69.13 0.13 -12.36
C LYS A 475 68.02 0.50 -13.34
N ALA A 476 68.29 0.40 -14.64
CA ALA A 476 67.30 0.73 -15.65
C ALA A 476 66.93 -0.48 -16.50
N PHE A 477 67.22 -1.65 -15.99
CA PHE A 477 66.91 -2.89 -16.70
C PHE A 477 65.58 -3.48 -16.25
N GLY A 478 64.70 -3.78 -17.20
CA GLY A 478 63.42 -4.35 -16.84
C GLY A 478 62.88 -5.26 -17.91
N PHE A 479 61.57 -5.23 -18.10
CA PHE A 479 60.88 -6.06 -19.10
C PHE A 479 59.82 -5.19 -19.76
N ASN A 480 59.79 -5.20 -21.09
CA ASN A 480 58.83 -4.39 -21.84
C ASN A 480 57.73 -5.31 -22.39
N ALA A 481 56.59 -5.34 -21.71
CA ALA A 481 55.46 -6.19 -22.09
C ALA A 481 54.87 -5.85 -23.46
N GLN A 482 55.15 -4.65 -23.94
CA GLN A 482 54.64 -4.23 -25.25
C GLN A 482 55.26 -5.06 -26.37
N THR A 483 56.57 -5.28 -26.27
CA THR A 483 57.32 -6.05 -27.27
C THR A 483 57.78 -7.38 -26.70
N GLU A 484 57.77 -7.47 -25.37
CA GLU A 484 58.15 -8.68 -24.65
C GLU A 484 59.65 -8.94 -24.60
N GLU A 485 60.43 -7.88 -24.48
CA GLU A 485 61.89 -8.01 -24.41
C GLU A 485 62.46 -7.27 -23.23
N TYR A 486 63.57 -7.75 -22.70
CA TYR A 486 64.23 -7.13 -21.56
C TYR A 486 65.26 -6.11 -22.04
N GLY A 487 65.60 -5.14 -21.20
CA GLY A 487 66.58 -4.15 -21.60
C GLY A 487 66.59 -2.88 -20.79
N ASP A 488 66.89 -1.77 -21.47
CA ASP A 488 66.94 -0.46 -20.83
C ASP A 488 65.57 0.20 -21.00
N MET A 489 64.74 0.10 -19.96
CA MET A 489 63.40 0.66 -19.99
C MET A 489 63.37 2.09 -20.53
N PHE A 490 64.46 2.83 -20.30
CA PHE A 490 64.55 4.20 -20.77
C PHE A 490 64.68 4.29 -22.28
N LYS A 491 65.63 3.53 -22.83
CA LYS A 491 65.84 3.52 -24.28
C LYS A 491 64.56 3.00 -24.95
N PHE A 492 63.85 2.14 -24.24
CA PHE A 492 62.61 1.54 -24.73
C PHE A 492 61.48 2.55 -24.85
N GLY A 493 61.50 3.59 -24.02
CA GLY A 493 60.46 4.61 -24.06
C GLY A 493 59.39 4.30 -23.03
N VAL A 494 59.73 3.39 -22.11
CA VAL A 494 58.83 2.97 -21.04
C VAL A 494 59.19 3.73 -19.77
N ILE A 495 58.59 4.89 -19.57
CA ILE A 495 58.88 5.73 -18.40
C ILE A 495 57.62 6.13 -17.64
N ASP A 496 57.81 6.56 -16.40
CA ASP A 496 56.70 6.99 -15.54
C ASP A 496 57.10 8.15 -14.64
N PRO A 497 56.26 9.18 -14.56
CA PRO A 497 56.62 10.31 -13.69
C PRO A 497 56.92 9.74 -12.30
N ALA A 498 58.10 10.01 -11.77
CA ALA A 498 58.47 9.49 -10.47
C ALA A 498 57.52 9.96 -9.40
N LYS A 499 56.75 11.00 -9.70
CA LYS A 499 55.80 11.53 -8.72
C LYS A 499 54.60 10.60 -8.53
N VAL A 500 54.28 9.78 -9.52
CA VAL A 500 53.14 8.87 -9.42
C VAL A 500 53.57 7.51 -8.91
N VAL A 501 54.76 7.06 -9.29
CA VAL A 501 55.25 5.78 -8.82
C VAL A 501 55.57 5.90 -7.33
N ARG A 502 55.61 7.15 -6.86
CA ARG A 502 55.91 7.43 -5.46
C ARG A 502 54.65 7.65 -4.65
N THR A 503 53.72 8.40 -5.20
CA THR A 503 52.47 8.65 -4.51
C THR A 503 51.68 7.36 -4.36
N ALA A 504 51.65 6.54 -5.41
CA ALA A 504 50.93 5.27 -5.36
C ALA A 504 51.40 4.43 -4.19
N LEU A 505 52.72 4.26 -4.09
CA LEU A 505 53.33 3.46 -3.02
C LEU A 505 53.11 4.00 -1.61
N GLU A 506 53.07 5.31 -1.45
CA GLU A 506 52.85 5.90 -0.15
C GLU A 506 51.40 5.69 0.26
N ASP A 507 50.49 6.03 -0.64
CA ASP A 507 49.04 5.90 -0.42
C ASP A 507 48.63 4.46 -0.10
N ALA A 508 49.24 3.50 -0.81
CA ALA A 508 48.93 2.09 -0.58
C ALA A 508 49.32 1.72 0.85
N ALA A 509 50.59 1.91 1.16
CA ALA A 509 51.09 1.58 2.48
C ALA A 509 50.36 2.40 3.55
N SER A 510 49.76 3.52 3.13
CA SER A 510 49.02 4.37 4.06
C SER A 510 47.79 3.64 4.60
N VAL A 511 47.01 3.04 3.70
CA VAL A 511 45.81 2.31 4.09
C VAL A 511 46.15 0.91 4.56
N ALA A 512 47.07 0.26 3.85
CA ALA A 512 47.46 -1.09 4.23
C ALA A 512 47.75 -1.12 5.74
N GLY A 513 48.21 0.02 6.27
CA GLY A 513 48.52 0.12 7.67
C GLY A 513 47.28 0.29 8.53
N LEU A 514 46.33 1.09 8.05
CA LEU A 514 45.07 1.34 8.73
C LEU A 514 44.28 0.05 8.83
N LEU A 515 44.11 -0.62 7.68
CA LEU A 515 43.36 -1.86 7.64
C LEU A 515 44.00 -2.86 8.58
N ILE A 516 45.29 -3.12 8.41
CA ILE A 516 46.02 -4.06 9.27
C ILE A 516 45.88 -3.77 10.78
N THR A 517 45.66 -2.50 11.15
CA THR A 517 45.52 -2.14 12.56
C THR A 517 44.10 -1.77 12.96
N THR A 518 43.13 -2.38 12.28
CA THR A 518 41.71 -2.16 12.58
C THR A 518 41.26 -3.37 13.40
N GLU A 519 40.60 -3.11 14.53
CA GLU A 519 40.15 -4.17 15.43
C GLU A 519 38.65 -4.37 15.45
N ALA A 520 37.91 -3.34 15.06
CA ALA A 520 36.46 -3.45 15.10
C ALA A 520 35.79 -2.57 14.06
N MET A 521 34.65 -3.03 13.56
CA MET A 521 33.92 -2.29 12.55
C MET A 521 32.47 -2.09 12.98
N ILE A 522 31.91 -0.93 12.68
CA ILE A 522 30.54 -0.65 13.04
C ILE A 522 29.76 -0.26 11.80
N ALA A 523 28.83 -1.12 11.37
CA ALA A 523 28.01 -0.84 10.20
C ALA A 523 26.55 -0.83 10.62
N GLU A 524 25.70 -0.12 9.87
CA GLU A 524 24.27 -0.05 10.18
C GLU A 524 23.56 -1.38 9.89
N LYS A 525 22.48 -1.64 10.61
CA LYS A 525 21.72 -2.88 10.43
C LYS A 525 20.71 -2.73 9.31
N PRO A 526 20.52 -3.81 8.52
CA PRO A 526 19.57 -3.78 7.41
C PRO A 526 18.13 -3.60 7.87
N ALA B 2 2.60 0.53 25.32
CA ALA B 2 1.88 -0.67 24.82
C ALA B 2 2.50 -1.94 25.39
N ALA B 3 2.16 -3.08 24.79
CA ALA B 3 2.67 -4.38 25.22
C ALA B 3 4.11 -4.26 25.70
N LYS B 4 4.43 -5.00 26.75
CA LYS B 4 5.77 -4.96 27.31
C LYS B 4 6.32 -6.34 27.55
N GLU B 5 7.64 -6.45 27.46
CA GLU B 5 8.32 -7.70 27.69
C GLU B 5 9.07 -7.49 28.99
N VAL B 6 8.73 -8.26 30.01
CA VAL B 6 9.37 -8.12 31.31
C VAL B 6 10.35 -9.26 31.55
N LYS B 7 11.64 -8.94 31.65
CA LYS B 7 12.64 -9.98 31.92
C LYS B 7 13.00 -9.90 33.41
N PHE B 8 13.14 -11.07 34.04
CA PHE B 8 13.46 -11.09 35.47
C PHE B 8 14.82 -11.73 35.72
N ASN B 9 15.26 -11.66 36.97
CA ASN B 9 16.52 -12.26 37.42
C ASN B 9 17.66 -12.30 36.40
N SER B 10 18.37 -13.43 36.41
CA SER B 10 19.52 -13.67 35.54
C SER B 10 19.24 -13.40 34.06
N ASP B 11 18.08 -13.85 33.59
CA ASP B 11 17.70 -13.66 32.21
C ASP B 11 17.83 -12.18 31.80
N ALA B 12 17.60 -11.27 32.75
CA ALA B 12 17.70 -9.85 32.47
C ALA B 12 19.12 -9.36 32.64
N ARG B 13 19.89 -10.07 33.47
CA ARG B 13 21.27 -9.67 33.71
C ARG B 13 22.18 -10.12 32.59
N ASP B 14 22.07 -11.38 32.19
CA ASP B 14 22.91 -11.90 31.10
C ASP B 14 22.81 -11.03 29.85
N ARG B 15 21.64 -10.42 29.62
CA ARG B 15 21.42 -9.58 28.46
C ARG B 15 22.08 -8.20 28.60
N MET B 16 22.04 -7.66 29.81
CA MET B 16 22.66 -6.35 30.05
C MET B 16 24.14 -6.55 29.85
N LEU B 17 24.67 -7.61 30.45
CA LEU B 17 26.08 -7.91 30.34
C LEU B 17 26.51 -8.00 28.89
N LYS B 18 25.60 -8.47 28.02
CA LYS B 18 25.88 -8.62 26.59
C LYS B 18 26.03 -7.25 25.94
N GLY B 19 25.13 -6.33 26.28
CA GLY B 19 25.17 -5.01 25.70
C GLY B 19 26.33 -4.19 26.21
N VAL B 20 26.77 -4.49 27.44
CA VAL B 20 27.89 -3.78 28.02
C VAL B 20 29.19 -4.28 27.39
N ASN B 21 29.36 -5.59 27.31
CA ASN B 21 30.55 -6.17 26.72
C ASN B 21 30.81 -5.72 25.29
N ILE B 22 29.74 -5.50 24.52
CA ILE B 22 29.87 -5.06 23.13
C ILE B 22 30.42 -3.66 23.16
N LEU B 23 29.77 -2.83 23.97
CA LEU B 23 30.17 -1.43 24.11
C LEU B 23 31.59 -1.30 24.64
N ALA B 24 31.95 -2.10 25.62
CA ALA B 24 33.29 -2.02 26.19
C ALA B 24 34.33 -2.63 25.27
N ASP B 25 33.96 -3.67 24.54
CA ASP B 25 34.95 -4.29 23.67
C ASP B 25 35.25 -3.49 22.42
N ALA B 26 34.31 -2.65 22.00
CA ALA B 26 34.51 -1.84 20.81
C ALA B 26 35.34 -0.60 21.11
N VAL B 27 35.12 -0.03 22.31
CA VAL B 27 35.81 1.17 22.76
C VAL B 27 37.22 0.90 23.27
N LYS B 28 37.37 -0.16 24.05
CA LYS B 28 38.66 -0.49 24.62
C LYS B 28 39.77 -0.87 23.66
N VAL B 29 39.45 -1.12 22.39
CA VAL B 29 40.51 -1.47 21.45
C VAL B 29 41.28 -0.21 21.14
N THR B 30 40.64 0.93 21.41
CA THR B 30 41.25 2.23 21.14
C THR B 30 41.80 2.87 22.41
N LEU B 31 42.63 2.14 23.17
CA LEU B 31 43.17 2.67 24.42
C LEU B 31 44.69 2.69 24.52
N GLY B 32 45.23 3.84 24.86
CA GLY B 32 46.68 3.95 25.01
C GLY B 32 47.42 4.46 23.80
N PRO B 33 48.77 4.49 23.86
CA PRO B 33 49.60 4.96 22.75
C PRO B 33 49.62 3.99 21.56
N LYS B 34 49.26 2.74 21.80
CA LYS B 34 49.22 1.72 20.75
C LYS B 34 47.79 1.26 20.43
N GLY B 35 46.87 2.23 20.45
CA GLY B 35 45.48 1.94 20.18
C GLY B 35 45.30 1.48 18.76
N ARG B 36 44.26 0.67 18.54
CA ARG B 36 43.97 0.16 17.21
C ARG B 36 42.80 0.98 16.72
N ASN B 37 42.58 1.01 15.41
CA ASN B 37 41.48 1.81 14.90
C ASN B 37 40.16 1.07 14.93
N VAL B 38 39.08 1.84 14.76
CA VAL B 38 37.74 1.30 14.72
C VAL B 38 37.09 1.94 13.50
N VAL B 39 36.80 1.15 12.46
CA VAL B 39 36.19 1.70 11.26
C VAL B 39 34.68 1.82 11.48
N ILE B 40 34.14 3.00 11.18
CA ILE B 40 32.70 3.27 11.37
C ILE B 40 31.99 3.58 10.05
N ASP B 41 31.03 2.76 9.69
CA ASP B 41 30.29 2.96 8.46
C ASP B 41 29.59 4.29 8.41
N LYS B 42 29.91 5.07 7.38
CA LYS B 42 29.31 6.38 7.15
C LYS B 42 28.27 6.21 6.06
N SER B 43 27.05 6.66 6.34
CA SER B 43 25.94 6.51 5.40
C SER B 43 26.19 7.10 4.02
N PHE B 44 27.31 7.77 3.85
CA PHE B 44 27.64 8.39 2.56
C PHE B 44 29.15 8.55 2.35
N GLY B 45 29.67 7.87 1.35
CA GLY B 45 31.09 7.97 1.06
C GLY B 45 31.91 6.85 1.66
N ALA B 46 33.13 7.18 2.10
CA ALA B 46 34.01 6.19 2.71
C ALA B 46 33.78 6.15 4.21
N PRO B 47 34.11 5.02 4.85
CA PRO B 47 33.93 4.90 6.30
C PRO B 47 34.86 5.79 7.08
N ARG B 48 34.45 6.12 8.31
CA ARG B 48 35.21 6.96 9.22
C ARG B 48 36.15 6.07 10.04
N ILE B 49 37.46 6.33 9.95
CA ILE B 49 38.44 5.56 10.71
C ILE B 49 38.79 6.37 11.95
N THR B 50 38.55 5.82 13.13
CA THR B 50 38.82 6.54 14.36
C THR B 50 39.51 5.72 15.44
N LYS B 51 40.10 6.42 16.40
CA LYS B 51 40.80 5.81 17.53
C LYS B 51 40.23 6.43 18.80
N ASP B 52 39.42 7.47 18.61
CA ASP B 52 38.80 8.20 19.71
C ASP B 52 37.69 7.39 20.32
N GLY B 53 37.97 6.76 21.46
CA GLY B 53 36.97 5.95 22.13
C GLY B 53 35.65 6.64 22.47
N VAL B 54 35.57 7.95 22.28
CA VAL B 54 34.32 8.63 22.59
C VAL B 54 33.38 8.63 21.40
N SER B 55 33.93 8.63 20.19
CA SER B 55 33.14 8.64 18.98
C SER B 55 32.58 7.24 18.72
N VAL B 56 33.26 6.24 19.24
CA VAL B 56 32.83 4.86 19.10
C VAL B 56 31.61 4.63 19.99
N ALA B 57 31.74 5.00 21.26
CA ALA B 57 30.68 4.85 22.23
C ALA B 57 29.33 5.41 21.75
N LYS B 58 29.37 6.52 21.02
CA LYS B 58 28.16 7.16 20.51
C LYS B 58 27.48 6.33 19.41
N GLU B 59 28.31 5.68 18.57
CA GLU B 59 27.82 4.86 17.46
C GLU B 59 27.17 3.56 17.94
N ILE B 60 27.41 3.15 19.18
CA ILE B 60 26.84 1.90 19.66
C ILE B 60 25.38 1.96 20.05
N GLU B 61 24.57 1.21 19.31
CA GLU B 61 23.13 1.09 19.53
C GLU B 61 22.74 -0.29 19.07
N LEU B 62 22.67 -1.21 20.02
CA LEU B 62 22.29 -2.60 19.74
C LEU B 62 20.79 -2.70 19.44
N SER B 63 20.41 -3.69 18.63
CA SER B 63 19.02 -3.86 18.25
C SER B 63 18.14 -4.46 19.34
N ASP B 64 18.63 -5.47 20.05
CA ASP B 64 17.86 -6.11 21.13
C ASP B 64 17.61 -5.17 22.30
N LYS B 65 16.34 -4.77 22.47
CA LYS B 65 15.94 -3.85 23.52
C LYS B 65 16.69 -3.98 24.84
N PHE B 66 16.82 -5.20 25.33
CA PHE B 66 17.52 -5.44 26.58
C PHE B 66 19.03 -5.22 26.49
N GLU B 67 19.67 -5.88 25.54
CA GLU B 67 21.10 -5.71 25.39
C GLU B 67 21.43 -4.23 25.25
N ASN B 68 20.57 -3.50 24.57
CA ASN B 68 20.80 -2.08 24.37
C ASN B 68 20.71 -1.27 25.67
N MET B 69 19.84 -1.69 26.59
CA MET B 69 19.68 -0.98 27.86
C MET B 69 20.96 -1.07 28.64
N GLY B 70 21.58 -2.24 28.60
CA GLY B 70 22.85 -2.41 29.30
C GLY B 70 23.87 -1.43 28.77
N ALA B 71 23.99 -1.36 27.44
CA ALA B 71 24.94 -0.45 26.81
C ALA B 71 24.54 1.01 27.01
N GLN B 72 23.28 1.34 26.76
CA GLN B 72 22.82 2.71 26.91
C GLN B 72 23.14 3.32 28.28
N MET B 73 22.97 2.52 29.35
CA MET B 73 23.25 2.98 30.70
C MET B 73 24.73 3.30 30.87
N VAL B 74 25.57 2.27 30.90
CA VAL B 74 27.01 2.45 31.03
C VAL B 74 27.47 3.62 30.16
N ARG B 75 27.09 3.55 28.91
CA ARG B 75 27.48 4.57 27.95
C ARG B 75 27.05 5.97 28.37
N GLU B 76 25.95 6.08 29.09
CA GLU B 76 25.45 7.38 29.53
C GLU B 76 26.29 7.96 30.68
N VAL B 77 26.45 7.17 31.74
CA VAL B 77 27.23 7.60 32.89
C VAL B 77 28.65 7.92 32.46
N ALA B 78 29.35 6.93 31.90
CA ALA B 78 30.72 7.14 31.48
C ALA B 78 30.86 8.39 30.59
N SER B 79 29.75 8.88 30.05
CA SER B 79 29.76 10.06 29.21
C SER B 79 29.80 11.32 30.05
N ARG B 80 29.34 11.22 31.29
CA ARG B 80 29.35 12.36 32.20
C ARG B 80 30.79 12.57 32.68
N THR B 81 31.59 11.51 32.60
CA THR B 81 32.98 11.58 33.00
C THR B 81 33.70 12.48 32.01
N ASN B 82 32.99 12.86 30.95
CA ASN B 82 33.54 13.73 29.93
C ASN B 82 33.14 15.16 30.26
N ASP B 83 32.75 15.38 31.51
CA ASP B 83 32.36 16.70 31.97
C ASP B 83 33.65 17.54 32.04
N GLU B 84 34.77 16.85 32.22
CA GLU B 84 36.08 17.48 32.29
C GLU B 84 36.83 17.14 31.00
N ALA B 85 36.11 16.58 30.04
CA ALA B 85 36.65 16.19 28.75
C ALA B 85 38.01 15.51 28.85
N GLY B 86 38.01 14.18 28.89
CA GLY B 86 39.25 13.43 28.98
C GLY B 86 39.04 11.96 28.71
N ASP B 87 40.11 11.17 28.80
CA ASP B 87 40.05 9.74 28.56
C ASP B 87 39.20 9.03 29.62
N GLY B 88 38.43 9.82 30.37
CA GLY B 88 37.58 9.27 31.41
C GLY B 88 36.52 8.36 30.86
N THR B 89 35.86 8.81 29.79
CA THR B 89 34.79 8.03 29.16
C THR B 89 35.25 6.61 28.87
N THR B 90 36.33 6.48 28.12
CA THR B 90 36.84 5.16 27.78
C THR B 90 37.27 4.38 29.03
N THR B 91 37.80 5.07 30.03
CA THR B 91 38.21 4.38 31.24
C THR B 91 37.03 4.00 32.10
N ALA B 92 36.05 4.89 32.18
CA ALA B 92 34.86 4.61 32.97
C ALA B 92 34.25 3.33 32.42
N THR B 93 34.21 3.24 31.09
CA THR B 93 33.67 2.08 30.39
C THR B 93 34.47 0.82 30.63
N VAL B 94 35.77 0.87 30.35
CA VAL B 94 36.60 -0.30 30.55
C VAL B 94 36.50 -0.76 32.01
N LEU B 95 36.32 0.18 32.94
CA LEU B 95 36.21 -0.17 34.35
C LEU B 95 34.87 -0.83 34.64
N ALA B 96 33.77 -0.16 34.25
CA ALA B 96 32.42 -0.70 34.47
C ALA B 96 32.30 -2.13 33.99
N GLN B 97 32.80 -2.39 32.79
CA GLN B 97 32.73 -3.72 32.22
C GLN B 97 33.40 -4.75 33.13
N ALA B 98 34.53 -4.39 33.75
CA ALA B 98 35.25 -5.31 34.64
C ALA B 98 34.47 -5.58 35.93
N ILE B 99 34.02 -4.53 36.60
CA ILE B 99 33.28 -4.68 37.84
C ILE B 99 31.99 -5.48 37.63
N VAL B 100 31.18 -5.08 36.65
CA VAL B 100 29.93 -5.76 36.37
C VAL B 100 30.16 -7.24 36.07
N ARG B 101 31.12 -7.52 35.18
CA ARG B 101 31.46 -8.90 34.81
C ARG B 101 31.68 -9.78 36.04
N GLU B 102 32.45 -9.26 37.01
CA GLU B 102 32.75 -9.99 38.25
C GLU B 102 31.58 -9.98 39.23
N GLY B 103 30.88 -8.86 39.31
CA GLY B 103 29.75 -8.75 40.22
C GLY B 103 28.71 -9.83 39.93
N LEU B 104 28.17 -9.81 38.71
CA LEU B 104 27.16 -10.77 38.33
C LEU B 104 27.71 -12.19 38.53
N LYS B 105 28.97 -12.41 38.19
CA LYS B 105 29.56 -13.73 38.40
C LYS B 105 29.30 -14.12 39.86
N ALA B 106 29.63 -13.22 40.78
CA ALA B 106 29.44 -13.47 42.19
C ALA B 106 27.97 -13.67 42.51
N VAL B 107 27.16 -12.68 42.13
CA VAL B 107 25.72 -12.76 42.37
C VAL B 107 25.21 -14.15 42.03
N ALA B 108 25.61 -14.62 40.84
CA ALA B 108 25.23 -15.93 40.37
C ALA B 108 25.57 -17.00 41.39
N ALA B 109 26.74 -16.87 42.02
CA ALA B 109 27.20 -17.83 43.02
C ALA B 109 26.44 -17.72 44.35
N GLY B 110 25.46 -16.82 44.39
CA GLY B 110 24.67 -16.66 45.60
C GLY B 110 24.94 -15.45 46.46
N MET B 111 26.11 -14.85 46.32
CA MET B 111 26.45 -13.67 47.12
C MET B 111 25.34 -12.63 47.02
N ASN B 112 25.05 -11.96 48.13
CA ASN B 112 24.00 -10.96 48.12
C ASN B 112 24.44 -9.73 47.36
N PRO B 113 23.68 -9.31 46.35
CA PRO B 113 24.02 -8.14 45.55
C PRO B 113 24.14 -6.84 46.37
N MET B 114 23.17 -6.58 47.25
CA MET B 114 23.23 -5.36 48.06
C MET B 114 24.55 -5.27 48.82
N ASP B 115 25.01 -6.39 49.37
CA ASP B 115 26.28 -6.38 50.09
C ASP B 115 27.43 -6.08 49.13
N LEU B 116 27.50 -6.83 48.03
CA LEU B 116 28.56 -6.62 47.06
C LEU B 116 28.56 -5.14 46.69
N LYS B 117 27.38 -4.58 46.48
CA LYS B 117 27.27 -3.19 46.12
C LYS B 117 27.87 -2.32 47.21
N ARG B 118 27.81 -2.79 48.45
CA ARG B 118 28.36 -2.04 49.58
C ARG B 118 29.87 -2.15 49.58
N GLY B 119 30.38 -3.37 49.60
CA GLY B 119 31.82 -3.58 49.57
C GLY B 119 32.44 -2.90 48.37
N ILE B 120 31.65 -2.69 47.33
CA ILE B 120 32.14 -2.04 46.13
C ILE B 120 32.20 -0.54 46.39
N ASP B 121 31.20 -0.02 47.07
CA ASP B 121 31.14 1.41 47.36
C ASP B 121 32.23 1.86 48.33
N VAL B 122 32.47 1.04 49.34
CA VAL B 122 33.49 1.34 50.34
C VAL B 122 34.83 1.40 49.63
N ALA B 123 35.30 0.24 49.17
CA ALA B 123 36.59 0.13 48.49
C ALA B 123 36.83 1.27 47.51
N THR B 124 35.78 1.69 46.82
CA THR B 124 35.93 2.76 45.86
C THR B 124 36.29 4.07 46.55
N ALA B 125 35.57 4.42 47.61
CA ALA B 125 35.86 5.66 48.32
C ALA B 125 37.29 5.67 48.82
N LYS B 126 37.73 4.54 49.37
CA LYS B 126 39.09 4.41 49.89
C LYS B 126 40.15 4.71 48.82
N VAL B 127 39.85 4.37 47.58
CA VAL B 127 40.78 4.59 46.48
C VAL B 127 40.61 5.98 45.91
N VAL B 128 39.37 6.44 45.79
CA VAL B 128 39.12 7.76 45.25
C VAL B 128 39.83 8.77 46.13
N GLU B 129 40.17 8.34 47.34
CA GLU B 129 40.84 9.19 48.31
C GLU B 129 42.36 9.02 48.19
N ALA B 130 42.80 7.77 48.28
CA ALA B 130 44.22 7.45 48.18
C ALA B 130 44.83 8.00 46.90
N ILE B 131 43.98 8.42 45.97
CA ILE B 131 44.46 8.98 44.72
C ILE B 131 44.76 10.44 44.98
N LYS B 132 43.76 11.18 45.44
CA LYS B 132 43.94 12.59 45.72
C LYS B 132 45.17 12.77 46.61
N SER B 133 45.24 11.99 47.67
CA SER B 133 46.36 12.07 48.60
C SER B 133 47.61 11.47 47.97
N ALA B 134 47.88 11.85 46.73
CA ALA B 134 49.05 11.36 46.03
C ALA B 134 49.24 12.10 44.72
N ALA B 135 48.41 13.11 44.50
CA ALA B 135 48.49 13.90 43.30
C ALA B 135 49.31 15.14 43.50
N ARG B 136 50.29 15.32 42.63
CA ARG B 136 51.12 16.50 42.70
C ARG B 136 50.25 17.65 42.23
N PRO B 137 50.25 18.77 42.98
CA PRO B 137 49.46 19.95 42.63
C PRO B 137 50.04 20.74 41.47
N VAL B 138 49.23 21.61 40.88
CA VAL B 138 49.66 22.43 39.77
C VAL B 138 49.14 23.86 39.95
N ASN B 139 50.00 24.72 40.50
CA ASN B 139 49.65 26.12 40.76
C ASN B 139 50.63 27.07 40.10
N ASP B 140 51.92 26.79 40.25
CA ASP B 140 52.97 27.62 39.68
C ASP B 140 52.81 27.68 38.16
N SER B 141 53.30 28.76 37.55
CA SER B 141 53.21 28.93 36.11
C SER B 141 54.24 28.07 35.40
N SER B 142 55.17 27.50 36.14
CA SER B 142 56.19 26.64 35.56
C SER B 142 55.56 25.27 35.39
N GLU B 143 54.61 24.96 36.27
CA GLU B 143 53.91 23.69 36.25
C GLU B 143 52.75 23.77 35.28
N VAL B 144 51.91 24.78 35.46
CA VAL B 144 50.77 24.99 34.58
C VAL B 144 51.22 25.11 33.13
N ALA B 145 52.51 25.34 32.92
CA ALA B 145 53.02 25.46 31.57
C ALA B 145 53.64 24.15 31.13
N GLN B 146 53.92 23.27 32.08
CA GLN B 146 54.51 21.97 31.79
C GLN B 146 53.39 20.98 31.52
N VAL B 147 52.26 21.19 32.18
CA VAL B 147 51.09 20.34 32.01
C VAL B 147 50.36 20.83 30.77
N GLY B 148 50.62 22.07 30.39
CA GLY B 148 49.99 22.63 29.22
C GLY B 148 50.70 22.16 27.97
N THR B 149 51.99 21.90 28.09
CA THR B 149 52.79 21.44 26.97
C THR B 149 52.58 19.96 26.72
N ILE B 150 52.72 19.16 27.77
CA ILE B 150 52.53 17.72 27.68
C ILE B 150 51.16 17.41 27.07
N SER B 151 50.14 18.12 27.54
CA SER B 151 48.78 17.92 27.03
C SER B 151 48.69 18.33 25.57
N ALA B 152 49.80 18.84 25.03
CA ALA B 152 49.84 19.26 23.64
C ALA B 152 50.92 18.52 22.87
N ASN B 153 51.23 17.31 23.34
CA ASN B 153 52.22 16.46 22.69
C ASN B 153 53.63 17.05 22.58
N GLY B 154 53.91 18.09 23.34
CA GLY B 154 55.23 18.69 23.29
C GLY B 154 55.31 20.11 22.76
N GLU B 155 54.15 20.69 22.47
CA GLU B 155 54.10 22.05 21.96
C GLU B 155 54.42 23.05 23.07
N SER B 156 55.71 23.24 23.35
CA SER B 156 56.13 24.16 24.40
C SER B 156 55.57 25.56 24.16
N PHE B 157 55.14 25.82 22.95
CA PHE B 157 54.57 27.12 22.60
C PHE B 157 53.20 27.29 23.21
N ILE B 158 52.40 26.23 23.19
CA ILE B 158 51.06 26.26 23.73
C ILE B 158 51.08 26.11 25.25
N GLY B 159 52.14 25.49 25.76
CA GLY B 159 52.26 25.32 27.19
C GLY B 159 52.40 26.65 27.89
N GLN B 160 53.09 27.58 27.23
CA GLN B 160 53.30 28.91 27.78
C GLN B 160 52.11 29.79 27.48
N GLN B 161 51.55 29.61 26.29
CA GLN B 161 50.39 30.39 25.85
C GLN B 161 49.26 30.28 26.87
N ILE B 162 48.99 29.06 27.33
CA ILE B 162 47.94 28.83 28.31
C ILE B 162 48.37 29.37 29.67
N ALA B 163 49.61 29.09 30.05
CA ALA B 163 50.13 29.55 31.33
C ALA B 163 49.94 31.05 31.46
N GLU B 164 50.17 31.76 30.36
CA GLU B 164 50.01 33.20 30.32
C GLU B 164 48.57 33.58 30.66
N ALA B 165 47.64 33.15 29.81
CA ALA B 165 46.22 33.43 30.01
C ALA B 165 45.79 33.12 31.44
N MET B 166 46.34 32.05 32.00
CA MET B 166 45.99 31.65 33.35
C MET B 166 46.59 32.62 34.36
N GLN B 167 47.81 33.06 34.11
CA GLN B 167 48.50 33.99 34.99
C GLN B 167 48.01 35.41 34.78
N ARG B 168 46.88 35.55 34.09
CA ARG B 168 46.29 36.86 33.83
C ARG B 168 44.87 36.91 34.37
N VAL B 169 44.26 35.74 34.56
CA VAL B 169 42.90 35.65 35.08
C VAL B 169 42.78 34.57 36.14
N GLY B 170 43.90 34.26 36.80
CA GLY B 170 43.89 33.25 37.83
C GLY B 170 43.78 31.83 37.31
N ASN B 171 44.35 30.88 38.06
CA ASN B 171 44.33 29.47 37.69
C ASN B 171 42.92 28.97 37.43
N GLU B 172 41.93 29.66 37.97
CA GLU B 172 40.54 29.29 37.79
C GLU B 172 39.74 30.45 37.21
N GLY B 173 40.22 30.98 36.09
CA GLY B 173 39.55 32.10 35.46
C GLY B 173 38.56 31.71 34.39
N VAL B 174 38.52 32.46 33.30
CA VAL B 174 37.61 32.19 32.20
C VAL B 174 38.30 32.45 30.86
N ILE B 175 39.01 31.44 30.36
CA ILE B 175 39.73 31.55 29.09
C ILE B 175 38.85 31.15 27.91
N THR B 176 39.18 31.65 26.72
CA THR B 176 38.41 31.35 25.52
C THR B 176 39.31 31.41 24.28
N VAL B 177 39.96 30.29 23.96
CA VAL B 177 40.84 30.23 22.79
C VAL B 177 40.05 30.54 21.51
N GLU B 178 40.62 31.39 20.66
CA GLU B 178 39.96 31.75 19.41
C GLU B 178 40.94 31.91 18.26
N GLU B 179 40.44 31.76 17.04
CA GLU B 179 41.26 31.89 15.84
C GLU B 179 41.53 33.36 15.52
N ASN B 180 42.66 33.63 14.88
CA ASN B 180 43.04 35.00 14.51
C ASN B 180 43.15 35.15 13.00
N LYS B 181 44.04 36.03 12.57
CA LYS B 181 44.25 36.28 11.14
C LYS B 181 45.61 35.77 10.68
N GLY B 182 46.63 36.61 10.86
CA GLY B 182 47.97 36.24 10.46
C GLY B 182 48.65 35.31 11.44
N MET B 183 49.93 35.07 11.23
CA MET B 183 50.70 34.19 12.11
C MET B 183 51.09 34.92 13.39
N GLU B 184 50.09 35.36 14.15
CA GLU B 184 50.32 36.07 15.39
C GLU B 184 49.43 35.54 16.52
N THR B 185 50.07 35.05 17.58
CA THR B 185 49.35 34.51 18.73
C THR B 185 49.45 35.48 19.91
N GLU B 186 48.31 35.87 20.46
CA GLU B 186 48.28 36.80 21.58
C GLU B 186 47.24 36.41 22.62
N VAL B 187 47.44 36.86 23.86
CA VAL B 187 46.52 36.57 24.95
C VAL B 187 45.91 37.85 25.50
N GLU B 188 44.87 38.35 24.84
CA GLU B 188 44.19 39.57 25.26
C GLU B 188 43.27 39.27 26.44
N VAL B 189 42.80 40.32 27.12
CA VAL B 189 41.92 40.15 28.27
C VAL B 189 40.73 41.10 28.19
N VAL B 190 39.81 40.81 27.27
CA VAL B 190 38.63 41.64 27.09
C VAL B 190 37.76 41.63 28.35
N GLU B 191 36.70 42.43 28.32
CA GLU B 191 35.78 42.52 29.45
C GLU B 191 34.50 41.76 29.13
N GLY B 192 34.38 40.56 29.70
CA GLY B 192 33.20 39.76 29.45
C GLY B 192 32.78 38.96 30.67
N MET B 193 31.73 38.16 30.52
CA MET B 193 31.22 37.36 31.62
C MET B 193 30.97 35.90 31.20
N GLN B 194 30.55 35.09 32.16
CA GLN B 194 30.27 33.68 31.90
C GLN B 194 29.34 33.11 32.97
N PHE B 195 28.05 33.05 32.67
CA PHE B 195 27.07 32.51 33.61
C PHE B 195 27.31 31.02 33.86
N ASP B 196 26.41 30.40 34.59
CA ASP B 196 26.52 28.98 34.91
C ASP B 196 25.31 28.23 34.36
N ARG B 197 24.75 28.75 33.28
CA ARG B 197 23.58 28.16 32.62
C ARG B 197 23.86 27.96 31.14
N GLY B 198 23.14 27.03 30.53
CA GLY B 198 23.33 26.76 29.11
C GLY B 198 22.14 27.20 28.29
N TYR B 199 21.78 26.39 27.30
CA TYR B 199 20.64 26.71 26.44
C TYR B 199 19.38 25.99 26.90
N LEU B 200 18.29 26.20 26.14
CA LEU B 200 17.02 25.58 26.46
C LEU B 200 16.73 24.38 25.56
N SER B 201 17.19 24.44 24.32
CA SER B 201 16.98 23.36 23.37
C SER B 201 18.23 23.07 22.55
N PRO B 202 18.55 21.77 22.36
CA PRO B 202 19.72 21.38 21.59
C PRO B 202 19.65 21.84 20.13
N TYR B 203 18.42 21.92 19.62
CA TYR B 203 18.19 22.35 18.25
C TYR B 203 18.57 23.81 18.09
N PHE B 204 18.85 24.47 19.22
CA PHE B 204 19.22 25.88 19.22
C PHE B 204 20.74 26.00 19.07
N VAL B 205 21.42 24.86 19.01
CA VAL B 205 22.87 24.82 18.89
C VAL B 205 23.36 24.78 17.45
N THR B 206 24.45 25.51 17.19
CA THR B 206 25.06 25.55 15.87
C THR B 206 26.21 24.55 15.85
N ASN B 207 26.00 23.44 16.54
CA ASN B 207 27.00 22.37 16.65
C ASN B 207 27.91 22.25 15.44
N ALA B 208 29.18 22.59 15.64
CA ALA B 208 30.19 22.51 14.59
C ALA B 208 31.14 21.36 14.93
N ASP B 209 31.32 21.15 16.23
CA ASP B 209 32.17 20.09 16.72
C ASP B 209 31.61 19.60 18.06
N LYS B 210 31.17 20.56 18.87
CA LYS B 210 30.58 20.25 20.17
C LYS B 210 29.28 21.04 20.32
N MET B 211 28.42 20.61 21.25
CA MET B 211 27.16 21.29 21.48
C MET B 211 27.37 22.67 22.09
N ILE B 212 27.87 23.59 21.28
CA ILE B 212 28.13 24.96 21.71
C ILE B 212 27.62 25.96 20.69
N ALA B 213 26.79 26.90 21.15
CA ALA B 213 26.23 27.92 20.28
C ALA B 213 27.12 29.16 20.24
N GLU B 214 27.65 29.45 19.05
CA GLU B 214 28.51 30.61 18.87
C GLU B 214 27.70 31.73 18.20
N LEU B 215 27.56 32.85 18.90
CA LEU B 215 26.80 33.98 18.37
C LEU B 215 27.64 35.25 18.36
N GLU B 216 27.99 35.72 17.16
CA GLU B 216 28.78 36.93 17.02
C GLU B 216 27.89 38.17 16.94
N ASP B 217 28.15 39.13 17.82
CA ASP B 217 27.38 40.37 17.87
C ASP B 217 25.88 40.10 17.89
N ALA B 218 25.41 39.47 18.97
CA ALA B 218 24.00 39.15 19.13
C ALA B 218 23.29 40.24 19.93
N TYR B 219 21.99 40.06 20.13
CA TYR B 219 21.19 41.03 20.87
C TYR B 219 20.86 40.54 22.27
N ILE B 220 21.59 41.07 23.26
CA ILE B 220 21.40 40.69 24.65
C ILE B 220 20.27 41.46 25.31
N LEU B 221 19.14 40.79 25.51
CA LEU B 221 17.98 41.39 26.15
C LEU B 221 17.67 40.59 27.41
N LEU B 222 16.87 41.16 28.32
CA LEU B 222 16.54 40.46 29.55
C LEU B 222 15.47 41.14 30.40
N HIS B 223 14.53 40.34 30.89
CA HIS B 223 13.46 40.85 31.75
C HIS B 223 13.18 39.86 32.87
N GLU B 224 12.44 40.29 33.87
CA GLU B 224 12.12 39.44 35.02
C GLU B 224 10.89 38.57 34.78
N LYS B 225 10.39 38.57 33.55
CA LYS B 225 9.23 37.77 33.19
C LYS B 225 9.70 36.50 32.49
N LYS B 226 8.93 36.05 31.51
CA LYS B 226 9.29 34.85 30.76
C LYS B 226 9.07 35.04 29.26
N LEU B 227 9.05 33.93 28.53
CA LEU B 227 8.85 33.97 27.08
C LEU B 227 7.55 33.27 26.71
N SER B 228 6.46 33.65 27.38
CA SER B 228 5.15 33.06 27.13
C SER B 228 4.70 33.33 25.69
N SER B 229 4.06 34.47 25.48
CA SER B 229 3.58 34.85 24.16
C SER B 229 4.70 35.49 23.35
N LEU B 230 4.98 34.91 22.18
CA LEU B 230 6.04 35.44 21.31
C LEU B 230 5.49 36.52 20.39
N GLN B 231 4.17 36.69 20.39
CA GLN B 231 3.50 37.68 19.56
C GLN B 231 4.19 39.05 19.63
N PRO B 232 4.46 39.55 20.85
CA PRO B 232 5.10 40.86 20.98
C PRO B 232 6.54 40.87 20.46
N GLN B 244 20.58 42.77 10.81
CA GLN B 244 21.72 41.90 10.53
C GLN B 244 22.56 41.64 11.77
N LYS B 245 21.91 41.53 12.92
CA LYS B 245 22.61 41.28 14.18
C LYS B 245 21.86 40.23 14.99
N PRO B 246 22.49 39.07 15.24
CA PRO B 246 21.87 37.98 16.02
C PRO B 246 21.20 38.46 17.30
N LEU B 247 20.40 37.60 17.90
CA LEU B 247 19.70 37.96 19.13
C LEU B 247 19.94 36.93 20.24
N LEU B 248 19.77 37.37 21.48
CA LEU B 248 19.95 36.50 22.64
C LEU B 248 18.99 36.93 23.74
N ILE B 249 18.05 36.04 24.08
CA ILE B 249 17.07 36.34 25.11
C ILE B 249 17.39 35.61 26.41
N VAL B 250 17.37 36.36 27.51
CA VAL B 250 17.65 35.81 28.83
C VAL B 250 16.50 36.11 29.78
N ALA B 251 15.69 35.09 30.06
CA ALA B 251 14.54 35.24 30.95
C ALA B 251 14.33 33.98 31.78
N GLU B 252 13.15 33.87 32.38
CA GLU B 252 12.81 32.72 33.21
C GLU B 252 12.71 31.45 32.37
N ASP B 253 11.95 31.54 31.27
CA ASP B 253 11.78 30.40 30.37
C ASP B 253 10.87 30.75 29.20
N VAL B 254 10.79 29.84 28.23
CA VAL B 254 9.95 30.04 27.05
C VAL B 254 8.75 29.11 27.04
N GLU B 255 7.56 29.68 26.97
CA GLU B 255 6.33 28.90 26.95
C GLU B 255 5.86 28.68 25.50
N ILE B 273 19.78 33.05 16.71
CA ILE B 273 18.99 33.41 17.87
C ILE B 273 19.51 32.65 19.09
N ALA B 274 19.52 33.33 20.24
CA ALA B 274 19.99 32.71 21.47
C ALA B 274 18.93 32.77 22.56
N ALA B 275 18.77 31.65 23.27
CA ALA B 275 17.79 31.57 24.36
C ALA B 275 18.43 30.93 25.58
N VAL B 276 18.63 31.72 26.62
CA VAL B 276 19.23 31.23 27.86
C VAL B 276 18.50 31.80 29.06
N LYS B 277 18.49 31.05 30.15
CA LYS B 277 17.82 31.48 31.38
C LYS B 277 18.68 32.49 32.12
N ALA B 278 18.03 33.51 32.68
CA ALA B 278 18.72 34.55 33.43
C ALA B 278 19.57 33.95 34.55
N PRO B 279 20.69 34.60 34.89
CA PRO B 279 21.58 34.12 35.95
C PRO B 279 21.17 34.60 37.34
N GLY B 280 21.57 33.85 38.36
CA GLY B 280 21.25 34.21 39.73
C GLY B 280 19.93 33.63 40.22
N PHE B 281 19.53 34.00 41.43
CA PHE B 281 18.29 33.52 42.02
C PHE B 281 17.88 34.37 43.21
N GLY B 282 16.58 34.46 43.45
CA GLY B 282 16.07 35.25 44.56
C GLY B 282 16.34 36.73 44.37
N ASP B 283 16.96 37.34 45.37
CA ASP B 283 17.28 38.77 45.32
C ASP B 283 18.47 39.00 44.39
N ARG B 284 19.15 37.92 44.04
CA ARG B 284 20.31 38.00 43.15
C ARG B 284 19.89 37.90 41.70
N ARG B 285 18.58 37.76 41.47
CA ARG B 285 18.04 37.66 40.12
C ARG B 285 18.26 38.94 39.34
N LYS B 286 17.59 40.01 39.77
CA LYS B 286 17.71 41.30 39.10
C LYS B 286 19.15 41.79 39.16
N ALA B 287 19.81 41.52 40.28
CA ALA B 287 21.20 41.93 40.48
C ALA B 287 22.08 41.33 39.38
N MET B 288 21.99 40.01 39.20
CA MET B 288 22.77 39.31 38.19
C MET B 288 22.47 39.89 36.81
N LEU B 289 21.19 40.04 36.50
CA LEU B 289 20.76 40.59 35.22
C LEU B 289 21.34 41.99 35.03
N GLN B 290 21.55 42.69 36.14
CA GLN B 290 22.09 44.03 36.11
C GLN B 290 23.60 44.01 35.89
N ASP B 291 24.29 43.20 36.68
CA ASP B 291 25.74 43.07 36.57
C ASP B 291 26.13 42.83 35.11
N ILE B 292 25.36 41.99 34.44
CA ILE B 292 25.61 41.67 33.03
C ILE B 292 25.00 42.76 32.15
N ALA B 293 23.94 43.39 32.64
CA ALA B 293 23.28 44.45 31.91
C ALA B 293 24.28 45.53 31.51
N ILE B 294 25.15 45.89 32.45
CA ILE B 294 26.16 46.90 32.20
C ILE B 294 27.23 46.35 31.27
N LEU B 295 27.63 45.10 31.50
CA LEU B 295 28.64 44.45 30.68
C LEU B 295 28.30 44.51 29.20
N THR B 296 27.00 44.46 28.90
CA THR B 296 26.53 44.51 27.52
C THR B 296 26.02 45.90 27.17
N GLY B 297 25.51 46.61 28.17
CA GLY B 297 24.99 47.95 27.95
C GLY B 297 23.52 47.98 27.59
N GLY B 298 22.73 47.17 28.28
CA GLY B 298 21.30 47.14 28.02
C GLY B 298 20.50 47.84 29.10
N ILE B 314 16.80 48.94 20.43
CA ILE B 314 18.20 48.57 20.41
C ILE B 314 19.08 49.57 21.18
N ASP B 315 18.67 50.83 21.17
CA ASP B 315 19.41 51.87 21.86
C ASP B 315 19.47 51.60 23.36
N MET B 316 18.50 50.85 23.86
CA MET B 316 18.45 50.50 25.28
C MET B 316 18.67 49.00 25.48
N LEU B 317 19.55 48.43 24.67
CA LEU B 317 19.85 47.01 24.75
C LEU B 317 21.36 46.77 24.90
N GLY B 318 21.72 45.60 25.42
CA GLY B 318 23.11 45.27 25.61
C GLY B 318 23.73 44.65 24.37
N ARG B 319 25.03 44.85 24.19
CA ARG B 319 25.73 44.30 23.03
C ARG B 319 26.99 43.55 23.46
N ALA B 320 27.47 42.69 22.56
CA ALA B 320 28.67 41.91 22.84
C ALA B 320 29.26 41.34 21.54
N LYS B 321 30.57 41.48 21.38
CA LYS B 321 31.26 41.00 20.19
C LYS B 321 31.02 39.51 19.97
N LYS B 322 31.10 38.74 21.04
CA LYS B 322 30.90 37.29 20.95
C LYS B 322 30.22 36.72 22.19
N VAL B 323 29.38 35.72 21.97
CA VAL B 323 28.65 35.06 23.05
C VAL B 323 28.50 33.57 22.76
N SER B 324 29.16 32.74 23.58
CA SER B 324 29.11 31.30 23.42
C SER B 324 28.16 30.67 24.44
N ILE B 325 27.43 29.64 24.01
CA ILE B 325 26.49 28.96 24.89
C ILE B 325 26.71 27.45 24.87
N ASN B 326 26.65 26.83 26.05
CA ASN B 326 26.85 25.40 26.18
C ASN B 326 25.68 24.74 26.89
N LYS B 327 25.92 23.55 27.43
CA LYS B 327 24.89 22.78 28.13
C LYS B 327 24.48 23.44 29.44
N ASP B 328 25.47 23.74 30.28
CA ASP B 328 25.21 24.37 31.57
C ASP B 328 26.17 25.53 31.85
N ASN B 329 26.62 26.18 30.78
CA ASN B 329 27.54 27.31 30.90
C ASN B 329 27.52 28.18 29.66
N THR B 330 27.38 29.49 29.86
CA THR B 330 27.34 30.44 28.75
C THR B 330 28.35 31.56 28.98
N THR B 331 29.15 31.86 27.96
CA THR B 331 30.17 32.90 28.05
C THR B 331 29.90 34.06 27.11
N ILE B 332 30.08 35.27 27.62
CA ILE B 332 29.88 36.48 26.83
C ILE B 332 31.19 37.26 26.77
N VAL B 333 31.92 37.12 25.67
CA VAL B 333 33.19 37.80 25.49
C VAL B 333 33.04 39.14 24.79
N ASP B 334 33.83 40.12 25.21
CA ASP B 334 33.79 41.46 24.62
C ASP B 334 32.37 41.98 24.59
N GLY B 335 31.89 42.49 25.72
CA GLY B 335 30.54 43.01 25.79
C GLY B 335 30.35 44.28 24.97
N ALA B 336 30.03 45.38 25.66
CA ALA B 336 29.80 46.66 25.00
C ALA B 336 29.81 47.80 26.01
N GLY B 337 29.49 47.48 27.26
CA GLY B 337 29.48 48.49 28.31
C GLY B 337 30.77 49.27 28.38
N GLU B 338 30.75 50.37 29.14
CA GLU B 338 31.94 51.21 29.29
C GLU B 338 32.57 51.04 30.67
N LYS B 339 33.89 50.93 30.69
CA LYS B 339 34.66 50.76 31.92
C LYS B 339 34.07 51.52 33.09
N ALA B 340 33.56 52.72 32.82
CA ALA B 340 32.97 53.55 33.86
C ALA B 340 31.77 52.83 34.49
N GLU B 341 30.77 52.53 33.67
CA GLU B 341 29.57 51.86 34.14
C GLU B 341 29.93 50.52 34.78
N ILE B 342 31.04 49.95 34.35
CA ILE B 342 31.50 48.67 34.88
C ILE B 342 32.24 48.87 36.21
N GLU B 343 32.96 49.98 36.32
CA GLU B 343 33.71 50.30 37.52
C GLU B 343 32.77 50.73 38.65
N ALA B 344 31.57 51.16 38.28
CA ALA B 344 30.58 51.60 39.25
C ALA B 344 30.00 50.39 39.98
N ARG B 345 29.52 49.41 39.22
CA ARG B 345 28.95 48.20 39.79
C ARG B 345 29.95 47.54 40.72
N VAL B 346 31.18 47.35 40.23
CA VAL B 346 32.23 46.74 41.02
C VAL B 346 32.44 47.54 42.30
N SER B 347 32.22 48.86 42.20
CA SER B 347 32.38 49.75 43.34
C SER B 347 31.22 49.57 44.32
N GLN B 348 30.02 49.42 43.78
CA GLN B 348 28.82 49.23 44.59
C GLN B 348 28.92 47.92 45.36
N ILE B 349 29.21 46.85 44.64
CA ILE B 349 29.34 45.52 45.23
C ILE B 349 30.40 45.54 46.34
N ARG B 350 31.50 46.21 46.09
CA ARG B 350 32.59 46.31 47.07
C ARG B 350 32.07 46.94 48.36
N GLN B 351 31.52 48.14 48.24
CA GLN B 351 30.96 48.85 49.39
C GLN B 351 29.79 48.07 49.96
N GLN B 352 29.10 47.33 49.10
CA GLN B 352 27.96 46.52 49.52
C GLN B 352 28.44 45.44 50.48
N ILE B 353 29.41 44.64 50.03
CA ILE B 353 29.95 43.57 50.85
C ILE B 353 30.70 44.17 52.03
N GLU B 354 31.12 45.43 51.87
CA GLU B 354 31.85 46.13 52.92
C GLU B 354 30.96 46.40 54.13
N GLU B 355 29.65 46.29 53.94
CA GLU B 355 28.71 46.53 55.02
C GLU B 355 28.03 45.24 55.47
N THR B 356 27.87 44.30 54.54
CA THR B 356 27.23 43.03 54.83
C THR B 356 27.89 42.28 55.99
N THR B 357 27.09 42.04 57.04
CA THR B 357 27.57 41.32 58.21
C THR B 357 27.27 39.83 58.00
N SER B 358 26.47 39.57 56.97
CA SER B 358 26.08 38.20 56.62
C SER B 358 27.29 37.36 56.24
N ASP B 359 27.49 36.26 56.96
CA ASP B 359 28.61 35.37 56.71
C ASP B 359 28.24 34.42 55.58
N TYR B 360 27.03 34.57 55.06
CA TYR B 360 26.55 33.71 53.98
C TYR B 360 26.62 34.41 52.62
N ASP B 361 25.82 35.46 52.46
CA ASP B 361 25.80 36.22 51.21
C ASP B 361 27.10 36.96 50.97
N ARG B 362 28.05 36.79 51.88
CA ARG B 362 29.35 37.43 51.76
C ARG B 362 30.05 36.93 50.50
N GLU B 363 29.81 35.67 50.16
CA GLU B 363 30.40 35.05 48.99
C GLU B 363 29.47 35.23 47.79
N LYS B 364 28.17 35.22 48.04
CA LYS B 364 27.18 35.38 46.98
C LYS B 364 27.30 36.74 46.31
N LEU B 365 28.02 37.66 46.95
CA LEU B 365 28.23 39.00 46.42
C LEU B 365 29.67 39.18 45.98
N GLN B 366 30.59 38.56 46.72
CA GLN B 366 32.01 38.64 46.40
C GLN B 366 32.32 37.82 45.16
N GLU B 367 31.46 36.85 44.85
CA GLU B 367 31.64 36.00 43.69
C GLU B 367 31.08 36.66 42.43
N ARG B 368 29.94 37.34 42.57
CA ARG B 368 29.31 38.01 41.45
C ARG B 368 30.13 39.24 41.04
N VAL B 369 30.95 39.73 41.96
CA VAL B 369 31.79 40.89 41.68
C VAL B 369 33.00 40.50 40.84
N ALA B 370 33.49 39.28 41.03
CA ALA B 370 34.63 38.78 40.29
C ALA B 370 34.26 38.58 38.83
N LYS B 371 32.98 38.37 38.58
CA LYS B 371 32.50 38.17 37.21
C LYS B 371 32.63 39.48 36.46
N LEU B 372 32.97 40.54 37.20
CA LEU B 372 33.14 41.88 36.63
C LEU B 372 34.58 42.35 36.80
N ALA B 373 35.12 42.17 38.00
CA ALA B 373 36.48 42.57 38.31
C ALA B 373 37.46 41.44 38.02
N GLY B 374 37.18 40.70 36.94
CA GLY B 374 38.05 39.58 36.59
C GLY B 374 38.44 39.59 35.12
N GLY B 375 37.45 39.79 34.26
CA GLY B 375 37.71 39.82 32.83
C GLY B 375 37.67 38.44 32.21
N VAL B 376 37.92 38.35 30.90
CA VAL B 376 37.92 37.08 30.20
C VAL B 376 39.11 36.93 29.25
N ALA B 377 40.16 36.26 29.69
CA ALA B 377 41.34 36.06 28.85
C ALA B 377 40.88 35.37 27.58
N VAL B 378 41.72 35.37 26.55
CA VAL B 378 41.35 34.75 25.29
C VAL B 378 42.55 34.54 24.37
N ILE B 379 43.08 33.33 24.36
CA ILE B 379 44.22 33.02 23.51
C ILE B 379 43.81 33.18 22.05
N ARG B 380 44.62 33.93 21.29
CA ARG B 380 44.34 34.16 19.88
C ARG B 380 45.30 33.36 19.02
N VAL B 381 44.85 32.19 18.56
CA VAL B 381 45.69 31.33 17.72
C VAL B 381 45.81 31.84 16.30
N GLY B 382 47.03 31.82 15.77
CA GLY B 382 47.26 32.28 14.41
C GLY B 382 48.35 31.48 13.72
N GLY B 383 48.22 31.31 12.41
CA GLY B 383 49.19 30.56 11.65
C GLY B 383 49.38 31.11 10.25
N MET B 384 49.66 30.22 9.30
CA MET B 384 49.86 30.63 7.91
C MET B 384 48.55 30.66 7.14
N THR B 385 47.86 29.52 7.10
CA THR B 385 46.59 29.42 6.39
C THR B 385 45.51 28.85 7.30
N GLU B 386 44.26 28.86 6.83
CA GLU B 386 43.14 28.34 7.61
C GLU B 386 43.40 26.88 7.98
N ILE B 387 44.25 26.22 7.20
CA ILE B 387 44.59 24.83 7.43
C ILE B 387 45.58 24.75 8.60
N GLU B 388 45.93 25.90 9.15
CA GLU B 388 46.86 25.97 10.27
C GLU B 388 46.15 26.49 11.51
N VAL B 389 45.63 27.72 11.42
CA VAL B 389 44.93 28.33 12.54
C VAL B 389 43.81 27.42 13.05
N LYS B 390 43.02 26.89 12.13
CA LYS B 390 41.92 26.01 12.51
C LYS B 390 42.45 24.70 13.08
N GLU B 391 43.71 24.40 12.80
CA GLU B 391 44.35 23.17 13.27
C GLU B 391 44.93 23.35 14.67
N ARG B 392 45.67 24.44 14.88
CA ARG B 392 46.28 24.72 16.17
C ARG B 392 45.23 25.10 17.21
N LYS B 393 44.10 25.63 16.75
CA LYS B 393 43.03 26.02 17.65
C LYS B 393 42.46 24.78 18.33
N ASP B 394 42.57 23.64 17.65
CA ASP B 394 42.06 22.38 18.18
C ASP B 394 43.04 21.79 19.19
N ARG B 395 44.33 22.01 18.95
CA ARG B 395 45.37 21.49 19.83
C ARG B 395 45.39 22.30 21.13
N VAL B 396 45.28 23.62 20.99
CA VAL B 396 45.27 24.52 22.15
C VAL B 396 43.99 24.29 22.95
N ASP B 397 42.85 24.26 22.27
CA ASP B 397 41.58 24.05 22.93
C ASP B 397 41.58 22.70 23.64
N ASP B 398 42.30 21.74 23.06
CA ASP B 398 42.36 20.40 23.62
C ASP B 398 43.32 20.31 24.79
N ALA B 399 44.40 21.08 24.75
CA ALA B 399 45.41 21.08 25.80
C ALA B 399 45.04 22.00 26.95
N LEU B 400 44.28 23.03 26.65
CA LEU B 400 43.85 24.00 27.65
C LEU B 400 42.72 23.42 28.49
N ASN B 401 42.18 22.30 28.05
CA ASN B 401 41.09 21.62 28.76
C ASN B 401 41.67 20.60 29.73
N ALA B 402 42.84 20.07 29.39
CA ALA B 402 43.50 19.08 30.24
C ALA B 402 44.16 19.78 31.40
N THR B 403 44.66 20.99 31.16
CA THR B 403 45.32 21.77 32.19
C THR B 403 44.30 22.32 33.17
N ARG B 404 43.26 22.97 32.64
CA ARG B 404 42.20 23.55 33.46
C ARG B 404 41.63 22.54 34.43
N ALA B 405 41.82 21.26 34.12
CA ALA B 405 41.33 20.19 34.96
C ALA B 405 42.46 19.64 35.80
N ALA B 406 43.69 19.89 35.37
CA ALA B 406 44.87 19.44 36.09
C ALA B 406 45.09 20.30 37.33
N VAL B 407 44.75 21.58 37.22
CA VAL B 407 44.92 22.54 38.33
C VAL B 407 43.83 22.42 39.40
N GLN B 408 42.70 21.83 39.05
CA GLN B 408 41.58 21.68 39.98
C GLN B 408 41.86 20.67 41.08
N GLU B 409 42.40 19.51 40.72
CA GLU B 409 42.68 18.47 41.71
C GLU B 409 44.09 17.89 41.62
N GLY B 410 44.96 18.55 40.88
CA GLY B 410 46.34 18.07 40.75
C GLY B 410 46.51 17.09 39.63
N ILE B 411 47.73 16.60 39.46
CA ILE B 411 48.02 15.63 38.41
C ILE B 411 48.59 14.37 39.06
N VAL B 412 48.42 13.24 38.40
CA VAL B 412 48.90 11.96 38.89
C VAL B 412 49.34 11.09 37.73
N VAL B 413 50.22 10.14 37.98
CA VAL B 413 50.75 9.27 36.94
C VAL B 413 49.69 8.77 35.98
N GLY B 414 49.98 8.84 34.70
CA GLY B 414 49.03 8.37 33.70
C GLY B 414 49.31 6.92 33.35
N GLY B 415 48.76 6.48 32.22
CA GLY B 415 48.97 5.10 31.77
C GLY B 415 48.13 4.09 32.54
N GLY B 416 47.15 4.60 33.27
CA GLY B 416 46.29 3.75 34.05
C GLY B 416 46.96 3.17 35.28
N VAL B 417 48.04 3.79 35.73
CA VAL B 417 48.79 3.33 36.90
C VAL B 417 48.23 3.90 38.19
N ALA B 418 47.73 5.13 38.12
CA ALA B 418 47.16 5.75 39.32
C ALA B 418 46.19 4.78 39.98
N LEU B 419 45.29 4.19 39.17
CA LEU B 419 44.30 3.25 39.65
C LEU B 419 44.93 2.01 40.30
N VAL B 420 45.92 1.42 39.64
CA VAL B 420 46.55 0.23 40.20
C VAL B 420 47.29 0.54 41.49
N GLN B 421 47.88 1.73 41.58
CA GLN B 421 48.64 2.15 42.76
C GLN B 421 47.69 2.36 43.95
N GLY B 422 46.64 3.15 43.73
CA GLY B 422 45.68 3.43 44.78
C GLY B 422 45.02 2.18 45.32
N ALA B 423 44.95 1.18 44.46
CA ALA B 423 44.35 -0.10 44.81
C ALA B 423 45.17 -0.77 45.92
N LYS B 424 46.38 -0.28 46.15
CA LYS B 424 47.24 -0.84 47.19
C LYS B 424 46.61 -0.63 48.55
N VAL B 425 45.88 0.45 48.67
CA VAL B 425 45.20 0.82 49.91
C VAL B 425 44.22 -0.22 50.40
N LEU B 426 43.60 -0.95 49.48
CA LEU B 426 42.63 -1.98 49.85
C LEU B 426 43.28 -3.23 50.40
N GLU B 427 44.57 -3.16 50.69
CA GLU B 427 45.28 -4.34 51.20
C GLU B 427 44.63 -5.00 52.41
N GLY B 428 44.44 -4.26 53.48
CA GLY B 428 43.85 -4.84 54.67
C GLY B 428 42.37 -4.56 54.89
N LEU B 429 41.80 -3.68 54.07
CA LEU B 429 40.40 -3.32 54.19
C LEU B 429 39.47 -4.54 54.30
N SER B 430 38.39 -4.38 55.07
CA SER B 430 37.41 -5.46 55.26
C SER B 430 36.00 -4.91 55.50
N GLY B 431 35.01 -5.67 55.03
CA GLY B 431 33.63 -5.25 55.20
C GLY B 431 32.93 -6.10 56.24
N ALA B 432 31.66 -5.78 56.50
CA ALA B 432 30.87 -6.48 57.49
C ALA B 432 30.66 -8.00 57.27
N ASN B 433 30.95 -8.49 56.07
CA ASN B 433 30.76 -9.92 55.77
C ASN B 433 31.43 -10.35 54.47
N SER B 434 31.60 -11.67 54.31
CA SER B 434 32.24 -12.26 53.13
C SER B 434 31.75 -11.64 51.84
N ASP B 435 30.44 -11.39 51.79
CA ASP B 435 29.83 -10.80 50.61
C ASP B 435 30.41 -9.41 50.43
N GLN B 436 30.38 -8.61 51.50
CA GLN B 436 30.91 -7.26 51.44
C GLN B 436 32.39 -7.30 51.08
N ASP B 437 33.08 -8.35 51.51
CA ASP B 437 34.49 -8.49 51.23
C ASP B 437 34.68 -8.72 49.75
N ALA B 438 33.81 -9.53 49.15
CA ALA B 438 33.87 -9.83 47.72
C ALA B 438 33.81 -8.55 46.91
N GLY B 439 32.86 -7.68 47.26
CA GLY B 439 32.72 -6.43 46.56
C GLY B 439 34.02 -5.65 46.58
N ILE B 440 34.73 -5.74 47.68
CA ILE B 440 36.00 -5.05 47.82
C ILE B 440 37.08 -5.62 46.90
N ALA B 441 37.14 -6.95 46.79
CA ALA B 441 38.13 -7.60 45.93
C ALA B 441 37.85 -7.38 44.46
N ILE B 442 36.57 -7.26 44.13
CA ILE B 442 36.18 -7.02 42.75
C ILE B 442 36.88 -5.73 42.31
N ILE B 443 36.72 -4.67 43.11
CA ILE B 443 37.34 -3.39 42.81
C ILE B 443 38.85 -3.49 42.84
N ARG B 444 39.38 -4.30 43.75
CA ARG B 444 40.84 -4.47 43.85
C ARG B 444 41.41 -4.99 42.53
N ARG B 445 40.60 -5.73 41.77
CA ARG B 445 41.02 -6.29 40.49
C ARG B 445 40.58 -5.46 39.29
N ALA B 446 39.41 -4.87 39.36
CA ALA B 446 38.91 -4.07 38.25
C ALA B 446 39.85 -2.91 37.94
N LEU B 447 40.52 -2.40 38.97
CA LEU B 447 41.41 -1.29 38.78
C LEU B 447 42.61 -1.60 37.89
N GLU B 448 42.90 -2.88 37.69
CA GLU B 448 44.01 -3.25 36.81
C GLU B 448 43.59 -3.36 35.35
N ALA B 449 42.29 -3.14 35.07
CA ALA B 449 41.73 -3.24 33.72
C ALA B 449 42.33 -2.28 32.67
N PRO B 450 42.17 -0.96 32.88
CA PRO B 450 42.71 0.01 31.91
C PRO B 450 44.22 -0.09 31.68
N MET B 451 44.95 -0.68 32.62
CA MET B 451 46.38 -0.80 32.44
C MET B 451 46.73 -2.02 31.61
N ARG B 452 46.24 -3.18 32.02
CA ARG B 452 46.54 -4.39 31.28
C ARG B 452 46.11 -4.22 29.82
N GLN B 453 44.98 -3.54 29.61
CA GLN B 453 44.48 -3.30 28.26
C GLN B 453 45.51 -2.50 27.50
N ILE B 454 45.83 -1.32 28.03
CA ILE B 454 46.80 -0.44 27.42
C ILE B 454 48.07 -1.21 27.09
N ALA B 455 48.40 -2.18 27.93
CA ALA B 455 49.59 -2.99 27.73
C ALA B 455 49.39 -4.00 26.61
N GLU B 456 48.25 -4.69 26.64
CA GLU B 456 47.95 -5.69 25.64
C GLU B 456 47.92 -5.08 24.24
N ASN B 457 47.26 -3.94 24.10
CA ASN B 457 47.17 -3.26 22.82
C ASN B 457 48.56 -2.98 22.24
N ALA B 458 49.54 -2.79 23.14
CA ALA B 458 50.92 -2.49 22.75
C ALA B 458 51.70 -3.75 22.47
N GLY B 459 51.14 -4.89 22.86
CA GLY B 459 51.81 -6.16 22.62
C GLY B 459 52.42 -6.80 23.85
N VAL B 460 52.37 -6.08 24.96
CA VAL B 460 52.93 -6.58 26.21
C VAL B 460 51.88 -7.32 27.02
N ASP B 461 52.33 -8.34 27.75
CA ASP B 461 51.45 -9.16 28.59
C ASP B 461 50.96 -8.43 29.85
N GLY B 462 49.81 -7.79 29.75
CA GLY B 462 49.25 -7.05 30.86
C GLY B 462 49.28 -7.71 32.22
N ALA B 463 49.38 -9.04 32.26
CA ALA B 463 49.41 -9.74 33.54
C ALA B 463 50.74 -9.47 34.20
N VAL B 464 51.77 -9.31 33.38
CA VAL B 464 53.10 -9.04 33.85
C VAL B 464 53.23 -7.56 34.21
N VAL B 465 52.88 -6.69 33.27
CA VAL B 465 52.95 -5.26 33.53
C VAL B 465 52.23 -4.92 34.83
N ALA B 466 51.17 -5.66 35.15
CA ALA B 466 50.40 -5.41 36.37
C ALA B 466 51.13 -5.91 37.61
N GLY B 467 51.68 -7.12 37.52
CA GLY B 467 52.41 -7.69 38.64
C GLY B 467 53.61 -6.87 39.07
N LYS B 468 54.30 -6.28 38.11
CA LYS B 468 55.46 -5.46 38.40
C LYS B 468 55.02 -4.21 39.14
N VAL B 469 54.04 -3.50 38.59
CA VAL B 469 53.53 -2.30 39.20
C VAL B 469 52.92 -2.59 40.57
N ARG B 470 52.45 -3.82 40.78
CA ARG B 470 51.85 -4.20 42.05
C ARG B 470 52.93 -4.35 43.10
N GLU B 471 53.96 -5.13 42.78
CA GLU B 471 55.08 -5.38 43.69
C GLU B 471 55.96 -4.13 43.81
N SER B 472 55.57 -3.07 43.11
CA SER B 472 56.31 -1.81 43.11
C SER B 472 56.40 -1.24 44.51
N SER B 473 57.28 -0.26 44.68
CA SER B 473 57.47 0.40 45.96
C SER B 473 57.30 1.90 45.78
N ASP B 474 57.82 2.41 44.68
CA ASP B 474 57.71 3.83 44.38
C ASP B 474 56.32 4.13 43.82
N LYS B 475 55.52 4.86 44.59
CA LYS B 475 54.16 5.22 44.19
C LYS B 475 54.06 5.83 42.79
N ALA B 476 55.19 6.10 42.15
CA ALA B 476 55.18 6.69 40.82
C ALA B 476 55.83 5.78 39.79
N PHE B 477 55.94 4.50 40.13
CA PHE B 477 56.53 3.51 39.23
C PHE B 477 55.46 2.78 38.42
N GLY B 478 55.64 2.74 37.11
CA GLY B 478 54.67 2.07 36.27
C GLY B 478 55.29 1.48 35.02
N PHE B 479 54.54 1.52 33.92
CA PHE B 479 54.99 1.00 32.63
C PHE B 479 54.57 2.00 31.56
N ASN B 480 55.51 2.39 30.69
CA ASN B 480 55.22 3.34 29.63
C ASN B 480 55.10 2.60 28.30
N ALA B 481 53.87 2.34 27.88
CA ALA B 481 53.59 1.61 26.64
C ALA B 481 54.12 2.30 25.38
N GLN B 482 54.36 3.59 25.48
CA GLN B 482 54.88 4.36 24.34
C GLN B 482 56.28 3.90 23.94
N THR B 483 57.13 3.70 24.95
CA THR B 483 58.51 3.27 24.75
C THR B 483 58.70 1.84 25.25
N GLU B 484 57.75 1.37 26.06
CA GLU B 484 57.79 0.01 26.60
C GLU B 484 58.80 -0.21 27.71
N GLU B 485 58.99 0.79 28.57
CA GLU B 485 59.92 0.68 29.67
C GLU B 485 59.28 1.07 31.00
N TYR B 486 59.75 0.49 32.08
CA TYR B 486 59.21 0.79 33.40
C TYR B 486 60.00 1.91 34.04
N GLY B 487 59.40 2.60 35.00
CA GLY B 487 60.10 3.68 35.66
C GLY B 487 59.23 4.68 36.40
N ASP B 488 59.66 5.94 36.38
CA ASP B 488 58.93 7.02 37.03
C ASP B 488 58.00 7.66 36.02
N MET B 489 56.74 7.25 36.05
CA MET B 489 55.74 7.76 35.12
C MET B 489 55.79 9.28 35.01
N PHE B 490 56.17 9.94 36.09
CA PHE B 490 56.23 11.40 36.09
C PHE B 490 57.39 11.91 35.24
N LYS B 491 58.58 11.37 35.47
CA LYS B 491 59.75 11.78 34.69
C LYS B 491 59.51 11.46 33.22
N PHE B 492 58.75 10.40 32.99
CA PHE B 492 58.42 9.93 31.65
C PHE B 492 57.53 10.92 30.89
N GLY B 493 56.71 11.66 31.61
CA GLY B 493 55.83 12.62 30.97
C GLY B 493 54.44 12.01 30.77
N VAL B 494 54.21 10.89 31.45
CA VAL B 494 52.95 10.16 31.38
C VAL B 494 52.11 10.53 32.60
N ILE B 495 51.31 11.59 32.48
CA ILE B 495 50.47 12.07 33.58
C ILE B 495 48.99 12.20 33.18
N ASP B 496 48.12 12.26 34.18
CA ASP B 496 46.68 12.39 33.96
C ASP B 496 46.03 13.25 35.02
N PRO B 497 45.16 14.19 34.63
CA PRO B 497 44.51 15.02 35.63
C PRO B 497 43.86 14.09 36.65
N ALA B 498 44.19 14.24 37.93
CA ALA B 498 43.63 13.37 38.95
C ALA B 498 42.11 13.51 39.01
N LYS B 499 41.59 14.55 38.39
CA LYS B 499 40.16 14.76 38.39
C LYS B 499 39.43 13.79 37.46
N VAL B 500 40.11 13.27 36.44
CA VAL B 500 39.50 12.35 35.50
C VAL B 500 39.74 10.90 35.92
N VAL B 501 40.90 10.62 36.49
CA VAL B 501 41.19 9.27 36.95
C VAL B 501 40.31 8.98 38.16
N ARG B 502 39.71 10.04 38.70
CA ARG B 502 38.84 9.91 39.88
C ARG B 502 37.37 9.86 39.48
N THR B 503 36.99 10.71 38.54
CA THR B 503 35.61 10.72 38.09
C THR B 503 35.27 9.41 37.38
N ALA B 504 36.20 8.93 36.54
CA ALA B 504 35.99 7.69 35.81
C ALA B 504 35.66 6.55 36.77
N LEU B 505 36.48 6.40 37.80
CA LEU B 505 36.31 5.36 38.80
C LEU B 505 35.02 5.46 39.62
N GLU B 506 34.58 6.68 39.91
CA GLU B 506 33.37 6.84 40.69
C GLU B 506 32.17 6.49 39.83
N ASP B 507 32.14 7.06 38.63
CA ASP B 507 31.06 6.83 37.64
C ASP B 507 30.90 5.35 37.29
N ALA B 508 32.01 4.66 37.11
CA ALA B 508 31.97 3.24 36.80
C ALA B 508 31.29 2.48 37.93
N ALA B 509 31.87 2.56 39.12
CA ALA B 509 31.30 1.89 40.28
C ALA B 509 29.87 2.37 40.56
N SER B 510 29.53 3.54 40.02
CA SER B 510 28.18 4.09 40.23
C SER B 510 27.16 3.20 39.52
N VAL B 511 27.42 2.87 38.25
CA VAL B 511 26.52 2.02 37.47
C VAL B 511 26.73 0.56 37.79
N ALA B 512 27.99 0.14 37.90
CA ALA B 512 28.28 -1.25 38.21
C ALA B 512 27.41 -1.68 39.40
N GLY B 513 27.08 -0.73 40.26
CA GLY B 513 26.24 -1.03 41.41
C GLY B 513 24.78 -1.15 41.05
N LEU B 514 24.32 -0.25 40.18
CA LEU B 514 22.93 -0.25 39.71
C LEU B 514 22.65 -1.54 38.94
N LEU B 515 23.50 -1.84 37.96
CA LEU B 515 23.33 -3.05 37.17
C LEU B 515 23.30 -4.27 38.09
N ILE B 516 24.33 -4.42 38.91
CA ILE B 516 24.42 -5.54 39.84
C ILE B 516 23.19 -5.70 40.75
N THR B 517 22.49 -4.60 41.04
CA THR B 517 21.30 -4.66 41.90
C THR B 517 19.99 -4.46 41.13
N THR B 518 19.99 -4.86 39.86
CA THR B 518 18.80 -4.80 39.02
C THR B 518 18.18 -6.20 39.00
N GLU B 519 16.88 -6.27 39.28
CA GLU B 519 16.17 -7.55 39.33
C GLU B 519 15.20 -7.79 38.19
N ALA B 520 14.79 -6.71 37.53
CA ALA B 520 13.83 -6.86 36.45
C ALA B 520 13.92 -5.72 35.44
N MET B 521 13.66 -6.05 34.18
CA MET B 521 13.71 -5.07 33.11
C MET B 521 12.40 -5.06 32.34
N ILE B 522 11.98 -3.88 31.91
CA ILE B 522 10.74 -3.74 31.17
C ILE B 522 11.02 -3.02 29.85
N ALA B 523 10.93 -3.75 28.73
CA ALA B 523 11.16 -3.17 27.41
C ALA B 523 9.89 -3.31 26.60
N GLU B 524 9.72 -2.45 25.60
CA GLU B 524 8.53 -2.50 24.73
C GLU B 524 8.58 -3.70 23.79
N LYS B 525 7.40 -4.19 23.39
CA LYS B 525 7.32 -5.34 22.50
C LYS B 525 7.44 -4.91 21.04
N PRO B 526 8.13 -5.72 20.22
CA PRO B 526 8.29 -5.40 18.80
C PRO B 526 6.97 -5.39 18.04
N ALA C 2 -16.72 -6.70 18.25
CA ALA C 2 -16.56 -7.71 17.17
C ALA C 2 -16.25 -9.05 17.78
N ALA C 3 -15.79 -9.99 16.93
CA ALA C 3 -15.46 -11.35 17.37
C ALA C 3 -14.88 -11.34 18.78
N LYS C 4 -15.24 -12.34 19.56
CA LYS C 4 -14.78 -12.43 20.93
C LYS C 4 -14.27 -13.82 21.26
N GLU C 5 -13.30 -13.87 22.16
CA GLU C 5 -12.73 -15.14 22.60
C GLU C 5 -13.22 -15.27 24.03
N VAL C 6 -13.99 -16.32 24.30
CA VAL C 6 -14.53 -16.53 25.64
C VAL C 6 -13.78 -17.66 26.32
N LYS C 7 -13.10 -17.37 27.42
CA LYS C 7 -12.38 -18.40 28.15
C LYS C 7 -13.21 -18.75 29.38
N PHE C 8 -13.30 -20.05 29.68
CA PHE C 8 -14.10 -20.49 30.82
C PHE C 8 -13.24 -21.14 31.90
N ASN C 9 -13.86 -21.43 33.03
CA ASN C 9 -13.22 -22.10 34.15
C ASN C 9 -11.73 -21.82 34.37
N SER C 10 -11.00 -22.87 34.69
CA SER C 10 -9.57 -22.83 34.96
C SER C 10 -8.76 -22.15 33.87
N ASP C 11 -9.08 -22.47 32.63
CA ASP C 11 -8.39 -21.89 31.48
C ASP C 11 -8.36 -20.37 31.59
N ALA C 12 -9.40 -19.78 32.19
CA ALA C 12 -9.45 -18.34 32.32
C ALA C 12 -8.75 -17.88 33.57
N ARG C 13 -8.69 -18.77 34.56
CA ARG C 13 -8.05 -18.44 35.82
C ARG C 13 -6.54 -18.54 35.72
N ASP C 14 -6.03 -19.62 35.14
CA ASP C 14 -4.59 -19.77 35.00
C ASP C 14 -3.96 -18.58 34.30
N ARG C 15 -4.71 -17.97 33.39
CA ARG C 15 -4.22 -16.83 32.63
C ARG C 15 -4.21 -15.54 33.45
N MET C 16 -5.23 -15.36 34.29
CA MET C 16 -5.30 -14.18 35.13
C MET C 16 -4.13 -14.27 36.10
N LEU C 17 -3.95 -15.45 36.67
CA LEU C 17 -2.87 -15.68 37.62
C LEU C 17 -1.53 -15.33 36.99
N LYS C 18 -1.40 -15.57 35.69
CA LYS C 18 -0.15 -15.27 34.94
C LYS C 18 0.10 -13.76 34.89
N GLY C 19 -0.96 -13.01 34.57
CA GLY C 19 -0.84 -11.57 34.48
C GLY C 19 -0.63 -10.92 35.82
N VAL C 20 -1.13 -11.55 36.88
CA VAL C 20 -0.97 -11.01 38.21
C VAL C 20 0.45 -11.28 38.69
N ASN C 21 0.92 -12.51 38.55
CA ASN C 21 2.27 -12.86 38.97
C ASN C 21 3.35 -12.00 38.34
N ILE C 22 3.17 -11.61 37.08
CA ILE C 22 4.14 -10.77 36.36
C ILE C 22 4.14 -9.41 37.05
N LEU C 23 2.95 -8.87 37.22
CA LEU C 23 2.78 -7.57 37.85
C LEU C 23 3.32 -7.57 39.28
N ALA C 24 3.02 -8.61 40.03
CA ALA C 24 3.48 -8.66 41.42
C ALA C 24 4.97 -8.97 41.52
N ASP C 25 5.50 -9.75 40.59
CA ASP C 25 6.91 -10.08 40.67
C ASP C 25 7.83 -8.95 40.23
N ALA C 26 7.32 -8.03 39.41
CA ALA C 26 8.12 -6.90 38.94
C ALA C 26 8.13 -5.80 39.98
N VAL C 27 7.00 -5.60 40.66
CA VAL C 27 6.85 -4.56 41.67
C VAL C 27 7.47 -4.94 43.02
N LYS C 28 7.27 -6.17 43.43
CA LYS C 28 7.79 -6.63 44.72
C LYS C 28 9.31 -6.70 44.86
N VAL C 29 10.05 -6.57 43.77
CA VAL C 29 11.50 -6.61 43.91
C VAL C 29 11.93 -5.28 44.52
N THR C 30 11.05 -4.29 44.41
CA THR C 30 11.35 -2.96 44.93
C THR C 30 10.66 -2.71 46.27
N LEU C 31 10.85 -3.59 47.24
CA LEU C 31 10.17 -3.43 48.53
C LEU C 31 11.10 -3.41 49.72
N GLY C 32 10.93 -2.41 50.57
CA GLY C 32 11.75 -2.30 51.77
C GLY C 32 13.00 -1.45 51.66
N PRO C 33 13.83 -1.41 52.71
CA PRO C 33 15.06 -0.61 52.70
C PRO C 33 16.15 -1.20 51.80
N LYS C 34 16.02 -2.48 51.46
CA LYS C 34 16.99 -3.14 50.58
C LYS C 34 16.38 -3.52 49.23
N GLY C 35 15.54 -2.62 48.71
CA GLY C 35 14.90 -2.84 47.44
C GLY C 35 15.90 -2.89 46.31
N ARG C 36 15.57 -3.62 45.26
CA ARG C 36 16.43 -3.75 44.11
C ARG C 36 15.83 -2.86 43.05
N ASN C 37 16.61 -2.46 42.07
CA ASN C 37 16.07 -1.57 41.04
C ASN C 37 15.35 -2.32 39.95
N VAL C 38 14.58 -1.56 39.18
CA VAL C 38 13.85 -2.08 38.04
C VAL C 38 14.14 -1.13 36.87
N VAL C 39 14.88 -1.58 35.87
CA VAL C 39 15.21 -0.73 34.73
C VAL C 39 14.02 -0.70 33.79
N ILE C 40 13.62 0.51 33.38
CA ILE C 40 12.47 0.68 32.47
C ILE C 40 12.87 1.35 31.15
N ASP C 41 12.69 0.63 30.04
CA ASP C 41 13.04 1.16 28.74
C ASP C 41 12.28 2.44 28.42
N LYS C 42 13.05 3.48 28.15
CA LYS C 42 12.51 4.80 27.79
C LYS C 42 12.65 4.91 26.27
N SER C 43 11.54 5.24 25.61
CA SER C 43 11.52 5.35 24.15
C SER C 43 12.54 6.32 23.56
N PHE C 44 13.25 7.04 24.42
CA PHE C 44 14.23 8.01 23.95
C PHE C 44 15.34 8.26 24.97
N GLY C 45 16.56 7.90 24.61
CA GLY C 45 17.69 8.11 25.51
C GLY C 45 18.05 6.88 26.32
N ALA C 46 18.47 7.10 27.56
CA ALA C 46 18.84 6.00 28.44
C ALA C 46 17.63 5.53 29.22
N PRO C 47 17.65 4.26 29.68
CA PRO C 47 16.53 3.71 30.43
C PRO C 47 16.37 4.36 31.80
N ARG C 48 15.13 4.31 32.32
CA ARG C 48 14.79 4.87 33.62
C ARG C 48 15.04 3.81 34.69
N ILE C 49 15.91 4.12 35.66
CA ILE C 49 16.19 3.19 36.74
C ILE C 49 15.34 3.61 37.94
N THR C 50 14.47 2.73 38.42
CA THR C 50 13.60 3.06 39.53
C THR C 50 13.47 1.97 40.59
N LYS C 51 13.01 2.39 41.77
CA LYS C 51 12.81 1.50 42.91
C LYS C 51 11.38 1.73 43.41
N ASP C 52 10.75 2.76 42.86
CA ASP C 52 9.38 3.13 43.21
C ASP C 52 8.39 2.15 42.62
N GLY C 53 7.92 1.21 43.45
CA GLY C 53 6.96 0.22 42.97
C GLY C 53 5.70 0.75 42.32
N VAL C 54 5.46 2.05 42.35
CA VAL C 54 4.26 2.60 41.75
C VAL C 54 4.48 2.91 40.29
N SER C 55 5.72 3.28 39.94
CA SER C 55 6.07 3.62 38.57
C SER C 55 6.21 2.34 37.74
N VAL C 56 6.51 1.24 38.41
CA VAL C 56 6.65 -0.04 37.75
C VAL C 56 5.26 -0.54 37.37
N ALA C 57 4.36 -0.56 38.35
CA ALA C 57 3.00 -1.01 38.13
C ALA C 57 2.32 -0.36 36.89
N LYS C 58 2.60 0.92 36.67
CA LYS C 58 2.02 1.65 35.53
C LYS C 58 2.57 1.16 34.19
N GLU C 59 3.86 0.80 34.18
CA GLU C 59 4.52 0.32 32.97
C GLU C 59 4.07 -1.07 32.54
N ILE C 60 3.42 -1.81 33.44
CA ILE C 60 2.98 -3.17 33.10
C ILE C 60 1.71 -3.25 32.26
N GLU C 61 1.87 -3.79 31.06
CA GLU C 61 0.80 -4.00 30.09
C GLU C 61 1.22 -5.20 29.26
N LEU C 62 0.69 -6.35 29.63
CA LEU C 62 0.97 -7.60 28.94
C LEU C 62 0.23 -7.65 27.60
N SER C 63 0.80 -8.37 26.63
CA SER C 63 0.19 -8.46 25.32
C SER C 63 -1.03 -9.36 25.25
N ASP C 64 -0.99 -10.52 25.90
CA ASP C 64 -2.10 -11.46 25.89
C ASP C 64 -3.35 -10.90 26.60
N LYS C 65 -4.39 -10.61 25.82
CA LYS C 65 -5.62 -10.04 26.35
C LYS C 65 -6.04 -10.53 27.72
N PHE C 66 -6.01 -11.85 27.93
CA PHE C 66 -6.41 -12.42 29.21
C PHE C 66 -5.39 -12.15 30.31
N GLU C 67 -4.14 -12.49 30.09
CA GLU C 67 -3.12 -12.25 31.09
C GLU C 67 -3.17 -10.79 31.53
N ASN C 68 -3.41 -9.90 30.57
CA ASN C 68 -3.46 -8.48 30.85
C ASN C 68 -4.62 -8.09 31.74
N MET C 69 -5.75 -8.78 31.61
CA MET C 69 -6.93 -8.48 32.41
C MET C 69 -6.63 -8.74 33.88
N GLY C 70 -5.92 -9.84 34.14
CA GLY C 70 -5.56 -10.17 35.50
C GLY C 70 -4.73 -9.05 36.08
N ALA C 71 -3.71 -8.61 35.35
CA ALA C 71 -2.84 -7.54 35.82
C ALA C 71 -3.59 -6.22 35.89
N GLN C 72 -4.30 -5.85 34.83
CA GLN C 72 -5.04 -4.58 34.83
C GLN C 72 -5.95 -4.39 36.04
N MET C 73 -6.62 -5.46 36.47
CA MET C 73 -7.52 -5.41 37.62
C MET C 73 -6.74 -5.13 38.89
N VAL C 74 -5.96 -6.11 39.35
CA VAL C 74 -5.17 -5.94 40.56
C VAL C 74 -4.51 -4.56 40.55
N ARG C 75 -3.84 -4.26 39.45
CA ARG C 75 -3.13 -3.00 39.32
C ARG C 75 -4.03 -1.78 39.50
N GLU C 76 -5.30 -1.92 39.15
CA GLU C 76 -6.26 -0.82 39.28
C GLU C 76 -6.65 -0.58 40.74
N VAL C 77 -7.11 -1.64 41.40
CA VAL C 77 -7.53 -1.56 42.79
C VAL C 77 -6.36 -1.10 43.65
N ALA C 78 -5.28 -1.85 43.63
CA ALA C 78 -4.12 -1.49 44.43
C ALA C 78 -3.68 -0.03 44.21
N SER C 79 -4.15 0.55 43.11
CA SER C 79 -3.81 1.93 42.79
C SER C 79 -4.67 2.90 43.58
N ARG C 80 -5.85 2.44 44.00
CA ARG C 80 -6.76 3.27 44.78
C ARG C 80 -6.21 3.36 46.20
N THR C 81 -5.36 2.40 46.57
CA THR C 81 -4.75 2.37 47.89
C THR C 81 -3.79 3.54 47.96
N ASN C 82 -3.57 4.18 46.81
CA ASN C 82 -2.69 5.33 46.72
C ASN C 82 -3.52 6.60 46.89
N ASP C 83 -4.72 6.43 47.42
CA ASP C 83 -5.62 7.56 47.67
C ASP C 83 -5.01 8.36 48.82
N GLU C 84 -4.24 7.67 49.66
CA GLU C 84 -3.57 8.29 50.79
C GLU C 84 -2.08 8.35 50.47
N ALA C 85 -1.74 8.08 49.22
CA ALA C 85 -0.36 8.09 48.74
C ALA C 85 0.62 7.45 49.72
N GLY C 86 0.89 6.17 49.50
CA GLY C 86 1.82 5.45 50.36
C GLY C 86 2.23 4.11 49.78
N ASP C 87 3.05 3.36 50.51
CA ASP C 87 3.50 2.05 50.06
C ASP C 87 2.36 1.05 49.96
N GLY C 88 1.13 1.57 50.01
CA GLY C 88 -0.04 0.72 49.93
C GLY C 88 -0.14 -0.02 48.62
N THR C 89 0.07 0.71 47.52
CA THR C 89 0.00 0.13 46.19
C THR C 89 0.84 -1.14 46.09
N THR C 90 2.13 -1.02 46.41
CA THR C 90 3.00 -2.18 46.35
C THR C 90 2.59 -3.27 47.33
N THR C 91 2.05 -2.90 48.48
CA THR C 91 1.63 -3.90 49.45
C THR C 91 0.33 -4.54 49.03
N ALA C 92 -0.60 -3.72 48.51
CA ALA C 92 -1.88 -4.24 48.06
C ALA C 92 -1.57 -5.32 47.04
N THR C 93 -0.64 -5.02 46.14
CA THR C 93 -0.21 -5.94 45.09
C THR C 93 0.43 -7.20 45.64
N VAL C 94 1.47 -7.04 46.44
CA VAL C 94 2.14 -8.20 47.00
C VAL C 94 1.15 -9.06 47.76
N LEU C 95 0.14 -8.45 48.35
CA LEU C 95 -0.85 -9.20 49.11
C LEU C 95 -1.80 -9.94 48.17
N ALA C 96 -2.38 -9.21 47.23
CA ALA C 96 -3.30 -9.80 46.25
C ALA C 96 -2.70 -11.03 45.62
N GLN C 97 -1.46 -10.92 45.18
CA GLN C 97 -0.80 -12.05 44.55
C GLN C 97 -0.78 -13.29 45.45
N ALA C 98 -0.58 -13.09 46.74
CA ALA C 98 -0.53 -14.21 47.69
C ALA C 98 -1.88 -14.86 47.88
N ILE C 99 -2.91 -14.05 48.14
CA ILE C 99 -4.24 -14.58 48.34
C ILE C 99 -4.74 -15.32 47.11
N VAL C 100 -4.68 -14.68 45.96
CA VAL C 100 -5.14 -15.27 44.70
C VAL C 100 -4.43 -16.59 44.43
N ARG C 101 -3.10 -16.58 44.55
CA ARG C 101 -2.29 -17.78 44.32
C ARG C 101 -2.84 -18.97 45.11
N GLU C 102 -3.13 -18.75 46.38
CA GLU C 102 -3.65 -19.79 47.29
C GLU C 102 -5.13 -20.11 47.02
N GLY C 103 -5.92 -19.07 46.77
CA GLY C 103 -7.33 -19.26 46.51
C GLY C 103 -7.56 -20.21 45.35
N LEU C 104 -7.04 -19.85 44.17
CA LEU C 104 -7.20 -20.69 43.01
C LEU C 104 -6.66 -22.10 43.31
N LYS C 105 -5.54 -22.18 44.01
CA LYS C 105 -4.99 -23.50 44.33
C LYS C 105 -6.11 -24.29 44.99
N ALA C 106 -6.76 -23.68 45.98
CA ALA C 106 -7.84 -24.34 46.69
C ALA C 106 -8.99 -24.65 45.74
N VAL C 107 -9.49 -23.61 45.07
CA VAL C 107 -10.59 -23.79 44.13
C VAL C 107 -10.34 -25.03 43.30
N ALA C 108 -9.14 -25.13 42.76
CA ALA C 108 -8.74 -26.27 41.94
C ALA C 108 -9.00 -27.59 42.67
N ALA C 109 -8.71 -27.61 43.96
CA ALA C 109 -8.89 -28.81 44.76
C ALA C 109 -10.36 -29.10 45.05
N GLY C 110 -11.26 -28.27 44.52
CA GLY C 110 -12.67 -28.51 44.74
C GLY C 110 -13.38 -27.58 45.70
N MET C 111 -12.65 -26.94 46.60
CA MET C 111 -13.27 -26.04 47.54
C MET C 111 -14.18 -25.05 46.82
N ASN C 112 -15.32 -24.72 47.44
CA ASN C 112 -16.25 -23.78 46.83
C ASN C 112 -15.70 -22.36 46.89
N PRO C 113 -15.57 -21.71 45.74
CA PRO C 113 -15.06 -20.34 45.70
C PRO C 113 -15.85 -19.35 46.53
N MET C 114 -17.18 -19.38 46.42
CA MET C 114 -18.02 -18.45 47.17
C MET C 114 -17.72 -18.54 48.67
N ASP C 115 -17.54 -19.76 49.18
CA ASP C 115 -17.23 -19.93 50.59
C ASP C 115 -15.84 -19.34 50.89
N LEU C 116 -14.84 -19.73 50.11
CA LEU C 116 -13.49 -19.22 50.33
C LEU C 116 -13.58 -17.70 50.36
N LYS C 117 -14.33 -17.14 49.42
CA LYS C 117 -14.47 -15.70 49.36
C LYS C 117 -15.05 -15.19 50.67
N ARG C 118 -15.88 -15.99 51.32
CA ARG C 118 -16.49 -15.59 52.58
C ARG C 118 -15.46 -15.65 53.70
N GLY C 119 -14.87 -16.82 53.87
CA GLY C 119 -13.86 -16.98 54.89
C GLY C 119 -12.74 -15.96 54.72
N ILE C 120 -12.57 -15.46 53.50
CA ILE C 120 -11.53 -14.48 53.23
C ILE C 120 -12.02 -13.14 53.71
N ASP C 121 -13.29 -12.84 53.45
CA ASP C 121 -13.86 -11.55 53.86
C ASP C 121 -13.93 -11.40 55.39
N VAL C 122 -14.33 -12.46 56.06
CA VAL C 122 -14.43 -12.44 57.51
C VAL C 122 -13.05 -12.14 58.08
N ALA C 123 -12.15 -13.11 57.96
CA ALA C 123 -10.80 -13.00 58.46
C ALA C 123 -10.19 -11.61 58.23
N THR C 124 -10.50 -11.03 57.08
CA THR C 124 -9.96 -9.72 56.75
C THR C 124 -10.52 -8.66 57.67
N ALA C 125 -11.83 -8.66 57.87
CA ALA C 125 -12.45 -7.67 58.75
C ALA C 125 -11.87 -7.77 60.16
N LYS C 126 -11.69 -9.00 60.64
CA LYS C 126 -11.14 -9.24 61.98
C LYS C 126 -9.75 -8.63 62.15
N VAL C 127 -8.98 -8.60 61.06
CA VAL C 127 -7.63 -8.04 61.11
C VAL C 127 -7.66 -6.55 60.86
N VAL C 128 -8.48 -6.11 59.92
CA VAL C 128 -8.57 -4.69 59.62
C VAL C 128 -8.98 -3.96 60.88
N GLU C 129 -9.51 -4.71 61.84
CA GLU C 129 -9.97 -4.18 63.13
C GLU C 129 -8.84 -4.27 64.16
N ALA C 130 -8.31 -5.48 64.32
CA ALA C 130 -7.23 -5.72 65.26
C ALA C 130 -6.06 -4.80 65.02
N ILE C 131 -6.05 -4.17 63.86
CA ILE C 131 -4.97 -3.26 63.51
C ILE C 131 -5.28 -1.92 64.16
N LYS C 132 -6.45 -1.37 63.83
CA LYS C 132 -6.85 -0.09 64.40
C LYS C 132 -6.73 -0.15 65.91
N SER C 133 -7.26 -1.21 66.50
CA SER C 133 -7.20 -1.38 67.95
C SER C 133 -5.79 -1.74 68.39
N ALA C 134 -4.82 -1.02 67.87
CA ALA C 134 -3.43 -1.26 68.22
C ALA C 134 -2.53 -0.16 67.67
N ALA C 135 -3.15 0.86 67.09
CA ALA C 135 -2.42 1.98 66.52
C ALA C 135 -2.32 3.15 67.50
N ARG C 136 -1.10 3.61 67.76
CA ARG C 136 -0.87 4.73 68.66
C ARG C 136 -1.38 5.96 67.92
N PRO C 137 -2.16 6.81 68.61
CA PRO C 137 -2.72 8.02 67.98
C PRO C 137 -1.70 9.13 67.78
N VAL C 138 -2.04 10.11 66.95
CA VAL C 138 -1.16 11.24 66.69
C VAL C 138 -1.98 12.51 66.65
N ASN C 139 -2.01 13.22 67.78
CA ASN C 139 -2.76 14.47 67.93
C ASN C 139 -1.85 15.61 68.37
N ASP C 140 -1.04 15.35 69.39
CA ASP C 140 -0.11 16.35 69.92
C ASP C 140 0.84 16.82 68.82
N SER C 141 1.34 18.05 68.97
CA SER C 141 2.25 18.61 67.99
C SER C 141 3.65 18.04 68.14
N SER C 142 3.87 17.33 69.23
CA SER C 142 5.17 16.71 69.46
C SER C 142 5.20 15.41 68.68
N GLU C 143 4.01 14.82 68.50
CA GLU C 143 3.86 13.59 67.75
C GLU C 143 3.76 13.91 66.27
N VAL C 144 2.82 14.79 65.94
CA VAL C 144 2.62 15.19 64.55
C VAL C 144 3.92 15.72 63.96
N ALA C 145 4.87 16.06 64.82
CA ALA C 145 6.14 16.58 64.36
C ALA C 145 7.18 15.48 64.31
N GLN C 146 6.89 14.37 65.00
CA GLN C 146 7.80 13.24 65.02
C GLN C 146 7.49 12.33 63.84
N VAL C 147 6.21 12.30 63.47
CA VAL C 147 5.75 11.49 62.35
C VAL C 147 6.02 12.28 61.07
N GLY C 148 6.15 13.59 61.24
CA GLY C 148 6.42 14.45 60.09
C GLY C 148 7.89 14.37 59.73
N THR C 149 8.73 14.14 60.73
CA THR C 149 10.17 14.04 60.51
C THR C 149 10.55 12.68 59.95
N ILE C 150 10.09 11.62 60.60
CA ILE C 150 10.38 10.26 60.17
C ILE C 150 9.97 10.09 58.71
N SER C 151 8.79 10.59 58.38
CA SER C 151 8.28 10.50 57.01
C SER C 151 9.15 11.32 56.07
N ALA C 152 10.16 12.00 56.61
CA ALA C 152 11.05 12.81 55.80
C ALA C 152 12.50 12.34 55.97
N ASN C 153 12.66 11.07 56.32
CA ASN C 153 13.98 10.46 56.50
C ASN C 153 14.87 11.12 57.55
N GLY C 154 14.27 11.91 58.45
CA GLY C 154 15.04 12.54 59.49
C GLY C 154 15.14 14.06 59.42
N GLU C 155 14.42 14.67 58.47
CA GLU C 155 14.44 16.11 58.32
C GLU C 155 13.63 16.76 59.45
N SER C 156 14.25 16.90 60.62
CA SER C 156 13.58 17.50 61.76
C SER C 156 13.04 18.88 61.43
N PHE C 157 13.55 19.48 60.36
CA PHE C 157 13.11 20.80 59.93
C PHE C 157 11.71 20.74 59.33
N ILE C 158 11.45 19.69 58.54
CA ILE C 158 10.15 19.52 57.91
C ILE C 158 9.14 18.94 58.91
N GLY C 159 9.64 18.24 59.91
CA GLY C 159 8.76 17.66 60.90
C GLY C 159 8.03 18.76 61.67
N GLN C 160 8.74 19.85 61.93
CA GLN C 160 8.18 20.98 62.66
C GLN C 160 7.39 21.87 61.70
N GLN C 161 7.89 22.01 60.48
CA GLN C 161 7.24 22.84 59.47
C GLN C 161 5.79 22.40 59.28
N ILE C 162 5.57 21.09 59.19
CA ILE C 162 4.24 20.55 59.00
C ILE C 162 3.44 20.69 60.29
N ALA C 163 4.06 20.36 61.41
CA ALA C 163 3.41 20.46 62.72
C ALA C 163 2.83 21.86 62.89
N GLU C 164 3.59 22.85 62.45
CA GLU C 164 3.17 24.25 62.55
C GLU C 164 1.88 24.45 61.76
N ALA C 165 1.95 24.25 60.46
CA ALA C 165 0.80 24.41 59.59
C ALA C 165 -0.42 23.69 60.15
N MET C 166 -0.19 22.53 60.74
CA MET C 166 -1.28 21.74 61.31
C MET C 166 -1.83 22.41 62.55
N GLN C 167 -0.92 22.94 63.38
CA GLN C 167 -1.31 23.61 64.60
C GLN C 167 -1.84 25.01 64.34
N ARG C 168 -2.13 25.30 63.07
CA ARG C 168 -2.64 26.60 62.67
C ARG C 168 -4.00 26.45 61.99
N VAL C 169 -4.26 25.25 61.47
CA VAL C 169 -5.52 24.97 60.79
C VAL C 169 -6.09 23.62 61.21
N GLY C 170 -5.73 23.17 62.41
CA GLY C 170 -6.22 21.92 62.91
C GLY C 170 -5.59 20.69 62.27
N ASN C 171 -5.52 19.60 63.02
CA ASN C 171 -4.93 18.36 62.53
C ASN C 171 -5.57 17.90 61.23
N GLU C 172 -6.78 18.38 60.97
CA GLU C 172 -7.50 18.00 59.75
C GLU C 172 -7.90 19.26 58.98
N GLY C 173 -6.92 20.10 58.68
CA GLY C 173 -7.19 21.34 57.96
C GLY C 173 -7.00 21.22 56.46
N VAL C 174 -6.44 22.25 55.86
CA VAL C 174 -6.21 22.27 54.41
C VAL C 174 -4.86 22.93 54.11
N ILE C 175 -3.80 22.13 54.14
CA ILE C 175 -2.46 22.62 53.86
C ILE C 175 -2.12 22.54 52.38
N THR C 176 -1.19 23.37 51.94
CA THR C 176 -0.77 23.40 50.53
C THR C 176 0.69 23.84 50.40
N VAL C 177 1.61 22.89 50.50
CA VAL C 177 3.03 23.20 50.37
C VAL C 177 3.33 23.81 49.01
N GLU C 178 4.12 24.89 49.01
CA GLU C 178 4.47 25.58 47.77
C GLU C 178 5.90 26.10 47.77
N GLU C 179 6.46 26.28 46.58
CA GLU C 179 7.82 26.79 46.43
C GLU C 179 7.88 28.29 46.66
N ASN C 180 9.03 28.78 47.13
CA ASN C 180 9.21 30.20 47.39
C ASN C 180 10.33 30.78 46.52
N LYS C 181 11.01 31.79 47.04
CA LYS C 181 12.09 32.44 46.30
C LYS C 181 13.44 32.14 46.94
N GLY C 182 13.81 32.93 47.95
CA GLY C 182 15.08 32.73 48.61
C GLY C 182 15.05 31.59 49.61
N MET C 183 16.12 31.47 50.39
CA MET C 183 16.23 30.41 51.38
C MET C 183 15.41 30.75 52.63
N GLU C 184 14.11 30.92 52.45
CA GLU C 184 13.22 31.25 53.55
C GLU C 184 11.96 30.40 53.53
N THR C 185 11.75 29.64 54.61
CA THR C 185 10.58 28.79 54.75
C THR C 185 9.60 29.38 55.75
N GLU C 186 8.35 29.53 55.32
CA GLU C 186 7.32 30.11 56.18
C GLU C 186 5.98 29.40 56.01
N VAL C 187 5.14 29.49 57.04
CA VAL C 187 3.82 28.87 57.03
C VAL C 187 2.71 29.92 57.14
N GLU C 188 2.38 30.55 56.03
CA GLU C 188 1.33 31.57 56.00
C GLU C 188 -0.05 30.90 56.03
N VAL C 189 -1.08 31.69 56.29
CA VAL C 189 -2.44 31.18 56.36
C VAL C 189 -3.40 32.05 55.58
N VAL C 190 -3.30 32.01 54.26
CA VAL C 190 -4.17 32.80 53.40
C VAL C 190 -5.64 32.43 53.56
N GLU C 191 -6.49 33.16 52.87
CA GLU C 191 -7.92 32.92 52.91
C GLU C 191 -8.36 32.25 51.61
N GLY C 192 -8.57 30.93 51.67
CA GLY C 192 -8.98 30.20 50.49
C GLY C 192 -9.95 29.08 50.81
N MET C 193 -10.35 28.33 49.80
CA MET C 193 -11.28 27.22 49.97
C MET C 193 -10.81 25.96 49.28
N GLN C 194 -11.57 24.88 49.42
CA GLN C 194 -11.24 23.60 48.81
C GLN C 194 -12.48 22.71 48.70
N PHE C 195 -13.10 22.70 47.53
CA PHE C 195 -14.30 21.90 47.29
C PHE C 195 -13.96 20.41 47.39
N ASP C 196 -14.94 19.58 47.07
CA ASP C 196 -14.76 18.13 47.10
C ASP C 196 -14.99 17.54 45.72
N ARG C 197 -14.70 18.34 44.69
CA ARG C 197 -14.86 17.92 43.31
C ARG C 197 -13.58 18.17 42.54
N GLY C 198 -13.38 17.42 41.45
CA GLY C 198 -12.18 17.58 40.65
C GLY C 198 -12.48 18.21 39.30
N TYR C 199 -11.82 17.71 38.25
CA TYR C 199 -12.04 18.24 36.92
C TYR C 199 -13.03 17.39 36.13
N LEU C 200 -13.25 17.77 34.87
CA LEU C 200 -14.18 17.05 34.01
C LEU C 200 -13.45 16.16 33.01
N SER C 201 -12.26 16.58 32.58
CA SER C 201 -11.47 15.83 31.63
C SER C 201 -9.99 15.81 32.00
N PRO C 202 -9.34 14.63 31.89
CA PRO C 202 -7.92 14.50 32.23
C PRO C 202 -7.05 15.36 31.31
N TYR C 203 -7.50 15.56 30.07
CA TYR C 203 -6.77 16.35 29.10
C TYR C 203 -6.75 17.81 29.54
N PHE C 204 -7.53 18.12 30.57
CA PHE C 204 -7.60 19.48 31.11
C PHE C 204 -6.53 19.68 32.17
N VAL C 205 -5.78 18.63 32.45
CA VAL C 205 -4.73 18.67 33.46
C VAL C 205 -3.37 19.06 32.91
N THR C 206 -2.64 19.85 33.70
CA THR C 206 -1.30 20.30 33.31
C THR C 206 -0.29 19.38 34.00
N ASN C 207 -0.66 18.10 34.08
CA ASN C 207 0.17 17.07 34.72
C ASN C 207 1.67 17.33 34.62
N ALA C 208 2.27 17.64 35.75
CA ALA C 208 3.71 17.89 35.83
C ALA C 208 4.35 16.72 36.56
N ASP C 209 3.60 16.15 37.50
CA ASP C 209 4.06 15.01 38.28
C ASP C 209 2.84 14.15 38.61
N LYS C 210 1.74 14.82 38.97
CA LYS C 210 0.50 14.14 39.30
C LYS C 210 -0.65 14.81 38.55
N MET C 211 -1.77 14.11 38.42
CA MET C 211 -2.93 14.66 37.73
C MET C 211 -3.55 15.81 38.51
N ILE C 212 -2.85 16.94 38.53
CA ILE C 212 -3.32 18.13 39.24
C ILE C 212 -3.17 19.37 38.37
N ALA C 213 -4.26 20.11 38.20
CA ALA C 213 -4.23 21.32 37.40
C ALA C 213 -3.91 22.54 38.24
N GLU C 214 -2.79 23.18 37.95
CA GLU C 214 -2.36 24.37 38.68
C GLU C 214 -2.67 25.60 37.84
N LEU C 215 -3.53 26.48 38.36
CA LEU C 215 -3.91 27.69 37.65
C LEU C 215 -3.65 28.93 38.49
N GLU C 216 -2.68 29.74 38.07
CA GLU C 216 -2.33 30.96 38.79
C GLU C 216 -3.15 32.14 38.28
N ASP C 217 -3.84 32.81 39.19
CA ASP C 217 -4.68 33.95 38.85
C ASP C 217 -5.61 33.65 37.70
N ALA C 218 -6.54 32.72 37.93
CA ALA C 218 -7.50 32.34 36.91
C ALA C 218 -8.81 33.14 37.07
N TYR C 219 -9.77 32.88 36.18
CA TYR C 219 -11.05 33.57 36.21
C TYR C 219 -12.15 32.69 36.78
N ILE C 220 -12.50 32.93 38.04
CA ILE C 220 -13.53 32.16 38.72
C ILE C 220 -14.93 32.67 38.43
N LEU C 221 -15.66 31.94 37.59
CA LEU C 221 -17.02 32.30 37.23
C LEU C 221 -17.95 31.16 37.66
N LEU C 222 -19.24 31.42 37.74
CA LEU C 222 -20.18 30.39 38.16
C LEU C 222 -21.65 30.77 38.00
N HIS C 223 -22.44 29.84 37.47
CA HIS C 223 -23.88 30.04 37.29
C HIS C 223 -24.63 28.77 37.63
N GLU C 224 -25.95 28.87 37.79
CA GLU C 224 -26.77 27.72 38.13
C GLU C 224 -27.21 26.91 36.91
N LYS C 225 -26.66 27.26 35.74
CA LYS C 225 -26.98 26.56 34.51
C LYS C 225 -25.87 25.56 34.20
N LYS C 226 -25.56 25.40 32.92
CA LYS C 226 -24.51 24.47 32.51
C LYS C 226 -23.63 25.08 31.41
N LEU C 227 -22.85 24.24 30.75
CA LEU C 227 -21.97 24.68 29.69
C LEU C 227 -22.38 24.08 28.34
N SER C 228 -23.67 24.23 28.03
CA SER C 228 -24.21 23.70 26.77
C SER C 228 -23.55 24.36 25.58
N SER C 229 -24.09 25.49 25.14
CA SER C 229 -23.54 26.22 24.01
C SER C 229 -22.37 27.10 24.45
N LEU C 230 -21.22 26.90 23.81
CA LEU C 230 -20.02 27.68 24.14
C LEU C 230 -19.98 28.97 23.33
N GLN C 231 -20.89 29.08 22.36
CA GLN C 231 -20.96 30.26 21.51
C GLN C 231 -20.90 31.57 22.30
N PRO C 232 -21.70 31.70 23.36
CA PRO C 232 -21.68 32.93 24.16
C PRO C 232 -20.37 33.13 24.91
N GLN C 244 -4.66 38.12 29.66
CA GLN C 244 -3.51 37.39 30.18
C GLN C 244 -3.77 36.80 31.57
N LYS C 245 -5.00 36.36 31.79
CA LYS C 245 -5.38 35.76 33.07
C LYS C 245 -6.21 34.51 32.83
N PRO C 246 -5.71 33.35 33.28
CA PRO C 246 -6.41 32.06 33.12
C PRO C 246 -7.88 32.14 33.52
N LEU C 247 -8.64 31.11 33.15
CA LEU C 247 -10.07 31.08 33.46
C LEU C 247 -10.45 29.79 34.17
N LEU C 248 -11.56 29.85 34.90
CA LEU C 248 -12.07 28.69 35.64
C LEU C 248 -13.59 28.75 35.69
N ILE C 249 -14.24 27.79 35.05
CA ILE C 249 -15.70 27.74 35.01
C ILE C 249 -16.25 26.68 35.96
N VAL C 250 -17.22 27.08 36.77
CA VAL C 250 -17.85 26.18 37.73
C VAL C 250 -19.36 26.16 37.52
N ALA C 251 -19.85 25.08 36.92
CA ALA C 251 -21.28 24.93 36.65
C ALA C 251 -21.72 23.49 36.80
N GLU C 252 -22.90 23.17 36.28
CA GLU C 252 -23.45 21.82 36.35
C GLU C 252 -22.63 20.86 35.52
N ASP C 253 -22.36 21.23 34.27
CA ASP C 253 -21.57 20.40 33.36
C ASP C 253 -21.41 21.05 31.99
N VAL C 254 -20.55 20.46 31.16
CA VAL C 254 -20.29 20.97 29.83
C VAL C 254 -20.86 20.04 28.76
N GLU C 255 -21.73 20.58 27.90
CA GLU C 255 -22.34 19.80 26.84
C GLU C 255 -21.56 20.00 25.53
N ILE C 273 -7.12 27.09 31.15
CA ILE C 273 -8.57 27.08 31.36
C ILE C 273 -8.92 26.01 32.39
N ALA C 274 -9.89 26.32 33.24
CA ALA C 274 -10.32 25.40 34.28
C ALA C 274 -11.82 25.11 34.19
N ALA C 275 -12.17 23.84 34.33
CA ALA C 275 -13.56 23.41 34.26
C ALA C 275 -13.87 22.46 35.41
N VAL C 276 -14.67 22.92 36.37
CA VAL C 276 -15.03 22.12 37.52
C VAL C 276 -16.52 22.29 37.84
N LYS C 277 -17.13 21.25 38.39
CA LYS C 277 -18.54 21.30 38.74
C LYS C 277 -18.76 22.08 40.04
N ALA C 278 -19.82 22.88 40.07
CA ALA C 278 -20.14 23.68 41.25
C ALA C 278 -20.25 22.79 42.50
N PRO C 279 -19.90 23.35 43.67
CA PRO C 279 -19.96 22.61 44.94
C PRO C 279 -21.34 22.67 45.60
N GLY C 280 -21.62 21.66 46.42
CA GLY C 280 -22.90 21.60 47.11
C GLY C 280 -23.97 20.86 46.33
N PHE C 281 -25.20 20.87 46.87
CA PHE C 281 -26.33 20.21 46.23
C PHE C 281 -27.65 20.67 46.82
N GLY C 282 -28.70 20.64 46.00
CA GLY C 282 -30.01 21.07 46.47
C GLY C 282 -30.06 22.54 46.79
N ASP C 283 -30.49 22.86 48.01
CA ASP C 283 -30.58 24.25 48.46
C ASP C 283 -29.19 24.77 48.81
N ARG C 284 -28.23 23.86 48.90
CA ARG C 284 -26.86 24.22 49.22
C ARG C 284 -26.07 24.54 47.96
N ARG C 285 -26.73 24.43 46.82
CA ARG C 285 -26.10 24.70 45.53
C ARG C 285 -25.69 26.16 45.40
N LYS C 286 -26.69 27.04 45.36
CA LYS C 286 -26.43 28.48 45.25
C LYS C 286 -25.65 28.97 46.46
N ALA C 287 -25.95 28.40 47.62
CA ALA C 287 -25.28 28.77 48.86
C ALA C 287 -23.77 28.54 48.72
N MET C 288 -23.40 27.33 48.31
CA MET C 288 -21.99 26.97 48.13
C MET C 288 -21.34 27.91 47.13
N LEU C 289 -22.00 28.11 45.99
CA LEU C 289 -21.50 28.99 44.95
C LEU C 289 -21.30 30.40 45.51
N GLN C 290 -22.13 30.76 46.48
CA GLN C 290 -22.06 32.07 47.10
C GLN C 290 -20.90 32.15 48.09
N ASP C 291 -20.82 31.17 48.98
CA ASP C 291 -19.76 31.12 49.98
C ASP C 291 -18.40 31.32 49.31
N ILE C 292 -18.23 30.69 48.15
CA ILE C 292 -17.00 30.80 47.39
C ILE C 292 -17.01 32.07 46.55
N ALA C 293 -18.21 32.51 46.18
CA ALA C 293 -18.37 33.72 45.39
C ALA C 293 -17.68 34.89 46.07
N ILE C 294 -17.86 34.99 47.38
CA ILE C 294 -17.26 36.06 48.17
C ILE C 294 -15.75 35.82 48.28
N LEU C 295 -15.36 34.58 48.53
CA LEU C 295 -13.97 34.21 48.66
C LEU C 295 -13.14 34.69 47.46
N THR C 296 -13.76 34.69 46.29
CA THR C 296 -13.09 35.12 45.07
C THR C 296 -13.51 36.54 44.69
N GLY C 297 -14.73 36.92 45.07
CA GLY C 297 -15.22 38.24 44.76
C GLY C 297 -15.95 38.35 43.42
N GLY C 298 -16.77 37.35 43.12
CA GLY C 298 -17.51 37.36 41.87
C GLY C 298 -18.97 37.69 42.10
N ILE C 314 -15.48 41.15 33.98
CA ILE C 314 -14.45 40.84 34.96
C ILE C 314 -14.66 41.59 36.27
N ASP C 315 -15.21 42.79 36.18
CA ASP C 315 -15.47 43.61 37.35
C ASP C 315 -16.43 42.92 38.32
N MET C 316 -17.25 42.02 37.77
CA MET C 316 -18.22 41.29 38.57
C MET C 316 -17.87 39.80 38.61
N LEU C 317 -16.58 39.51 38.68
CA LEU C 317 -16.10 38.13 38.71
C LEU C 317 -15.17 37.91 39.89
N GLY C 318 -15.03 36.65 40.29
CA GLY C 318 -14.17 36.31 41.40
C GLY C 318 -12.73 36.10 40.96
N ARG C 319 -11.79 36.36 41.86
CA ARG C 319 -10.37 36.19 41.56
C ARG C 319 -9.67 35.39 42.65
N ALA C 320 -8.51 34.84 42.30
CA ALA C 320 -7.72 34.05 43.24
C ALA C 320 -6.29 33.90 42.76
N LYS C 321 -5.35 34.10 43.67
CA LYS C 321 -3.93 34.01 43.35
C LYS C 321 -3.57 32.64 42.78
N LYS C 322 -4.10 31.59 43.40
CA LYS C 322 -3.84 30.23 42.94
C LYS C 322 -5.03 29.31 43.11
N VAL C 323 -5.20 28.39 42.17
CA VAL C 323 -6.30 27.43 42.20
C VAL C 323 -5.84 26.08 41.65
N SER C 324 -5.81 25.08 42.53
CA SER C 324 -5.39 23.73 42.13
C SER C 324 -6.59 22.81 41.96
N ILE C 325 -6.51 21.93 40.97
CA ILE C 325 -7.60 21.00 40.71
C ILE C 325 -7.09 19.56 40.61
N ASN C 326 -7.83 18.64 41.21
CA ASN C 326 -7.46 17.23 41.19
C ASN C 326 -8.59 16.36 40.66
N LYS C 327 -8.53 15.07 40.97
CA LYS C 327 -9.53 14.11 40.51
C LYS C 327 -10.89 14.36 41.15
N ASP C 328 -10.91 14.42 42.48
CA ASP C 328 -12.16 14.64 43.21
C ASP C 328 -12.00 15.70 44.30
N ASN C 329 -11.09 16.65 44.07
CA ASN C 329 -10.83 17.71 45.04
C ASN C 329 -10.17 18.90 44.37
N THR C 330 -10.71 20.10 44.63
CA THR C 330 -10.16 21.33 44.06
C THR C 330 -9.92 22.37 45.16
N THR C 331 -8.73 22.95 45.16
CA THR C 331 -8.37 23.95 46.16
C THR C 331 -8.13 25.33 45.55
N ILE C 332 -8.67 26.35 46.22
CA ILE C 332 -8.52 27.74 45.77
C ILE C 332 -7.80 28.53 46.86
N VAL C 333 -6.50 28.73 46.67
CA VAL C 333 -5.69 29.47 47.64
C VAL C 333 -5.60 30.95 47.30
N ASP C 334 -5.62 31.79 48.33
CA ASP C 334 -5.53 33.23 48.15
C ASP C 334 -6.57 33.71 47.14
N GLY C 335 -7.81 33.86 47.60
CA GLY C 335 -8.88 34.30 46.73
C GLY C 335 -8.72 35.74 46.27
N ALA C 336 -9.68 36.59 46.64
CA ALA C 336 -9.65 38.00 46.27
C ALA C 336 -10.63 38.80 47.13
N GLY C 337 -11.66 38.12 47.63
CA GLY C 337 -12.65 38.79 48.46
C GLY C 337 -12.04 39.55 49.61
N GLU C 338 -12.85 40.38 50.27
CA GLU C 338 -12.38 41.17 51.40
C GLU C 338 -12.91 40.62 52.72
N LYS C 339 -12.02 40.55 53.71
CA LYS C 339 -12.36 40.04 55.04
C LYS C 339 -13.77 40.43 55.48
N ALA C 340 -14.19 41.65 55.11
CA ALA C 340 -15.52 42.12 55.48
C ALA C 340 -16.58 41.24 54.86
N GLU C 341 -16.58 41.14 53.53
CA GLU C 341 -17.55 40.32 52.80
C GLU C 341 -17.47 38.88 53.26
N ILE C 342 -16.29 38.47 53.73
CA ILE C 342 -16.07 37.11 54.19
C ILE C 342 -16.58 36.95 55.63
N GLU C 343 -16.44 38.01 56.42
CA GLU C 343 -16.89 37.98 57.81
C GLU C 343 -18.41 38.04 57.90
N ALA C 344 -19.04 38.53 56.82
CA ALA C 344 -20.49 38.63 56.76
C ALA C 344 -21.11 37.26 56.59
N ARG C 345 -20.64 36.53 55.58
CA ARG C 345 -21.14 35.19 55.31
C ARG C 345 -21.00 34.31 56.56
N VAL C 346 -19.80 34.31 57.12
CA VAL C 346 -19.53 33.52 58.32
C VAL C 346 -20.49 33.93 59.43
N SER C 347 -20.87 35.21 59.43
CA SER C 347 -21.80 35.74 60.42
C SER C 347 -23.22 35.26 60.15
N GLN C 348 -23.59 35.24 58.87
CA GLN C 348 -24.91 34.79 58.46
C GLN C 348 -25.09 33.32 58.79
N ILE C 349 -24.13 32.51 58.37
CA ILE C 349 -24.17 31.07 58.63
C ILE C 349 -24.27 30.80 60.12
N ARG C 350 -23.52 31.54 60.92
CA ARG C 350 -23.53 31.38 62.36
C ARG C 350 -24.93 31.59 62.90
N GLN C 351 -25.50 32.76 62.62
CA GLN C 351 -26.84 33.10 63.06
C GLN C 351 -27.85 32.15 62.41
N GLN C 352 -27.51 31.67 61.21
CA GLN C 352 -28.36 30.75 60.48
C GLN C 352 -28.49 29.45 61.27
N ILE C 353 -27.35 28.85 61.57
CA ILE C 353 -27.32 27.60 62.32
C ILE C 353 -27.81 27.85 63.74
N GLU C 354 -27.72 29.11 64.16
CA GLU C 354 -28.15 29.50 65.50
C GLU C 354 -29.66 29.38 65.65
N GLU C 355 -30.36 29.30 64.53
CA GLU C 355 -31.82 29.20 64.54
C GLU C 355 -32.28 27.81 64.10
N THR C 356 -31.50 27.18 63.23
CA THR C 356 -31.84 25.86 62.71
C THR C 356 -32.07 24.82 63.81
N THR C 357 -33.27 24.27 63.84
CA THR C 357 -33.64 23.25 64.83
C THR C 357 -33.33 21.89 64.21
N SER C 358 -33.06 21.91 62.91
CA SER C 358 -32.75 20.69 62.16
C SER C 358 -31.48 20.03 62.69
N ASP C 359 -31.61 18.78 63.12
CA ASP C 359 -30.47 18.02 63.64
C ASP C 359 -29.68 17.42 62.48
N TYR C 360 -30.15 17.68 61.27
CA TYR C 360 -29.50 17.16 60.07
C TYR C 360 -28.64 18.23 59.38
N ASP C 361 -29.30 19.25 58.86
CA ASP C 361 -28.60 20.33 58.17
C ASP C 361 -27.74 21.16 59.13
N ARG C 362 -27.72 20.75 60.39
CA ARG C 362 -26.93 21.44 61.40
C ARG C 362 -25.45 21.35 61.04
N GLU C 363 -25.09 20.23 60.43
CA GLU C 363 -23.70 19.98 60.02
C GLU C 363 -23.49 20.47 58.59
N LYS C 364 -24.53 20.36 57.77
CA LYS C 364 -24.47 20.80 56.38
C LYS C 364 -24.22 22.29 56.27
N LEU C 365 -24.42 23.01 57.37
CA LEU C 365 -24.22 24.45 57.42
C LEU C 365 -22.99 24.79 58.26
N GLN C 366 -22.77 24.02 59.32
CA GLN C 366 -21.63 24.22 60.20
C GLN C 366 -20.34 23.81 59.50
N GLU C 367 -20.47 22.94 58.51
CA GLU C 367 -19.31 22.46 57.75
C GLU C 367 -18.93 23.44 56.64
N ARG C 368 -19.94 24.01 55.99
CA ARG C 368 -19.71 24.96 54.91
C ARG C 368 -19.17 26.28 55.47
N VAL C 369 -19.40 26.50 56.76
CA VAL C 369 -18.93 27.72 57.42
C VAL C 369 -17.45 27.63 57.72
N ALA C 370 -16.97 26.41 58.01
CA ALA C 370 -15.57 26.18 58.31
C ALA C 370 -14.72 26.40 57.07
N LYS C 371 -15.33 26.23 55.90
CA LYS C 371 -14.62 26.42 54.64
C LYS C 371 -14.31 27.91 54.49
N LEU C 372 -14.86 28.72 55.39
CA LEU C 372 -14.65 30.16 55.38
C LEU C 372 -13.93 30.59 56.66
N ALA C 373 -14.41 30.11 57.79
CA ALA C 373 -13.81 30.44 59.08
C ALA C 373 -12.71 29.45 59.44
N GLY C 374 -11.94 29.04 58.42
CA GLY C 374 -10.86 28.11 58.66
C GLY C 374 -9.54 28.55 58.06
N GLY C 375 -9.59 28.97 56.80
CA GLY C 375 -8.38 29.41 56.14
C GLY C 375 -7.64 28.26 55.50
N VAL C 376 -6.54 28.56 54.83
CA VAL C 376 -5.75 27.54 54.15
C VAL C 376 -4.25 27.71 54.39
N ALA C 377 -3.70 26.98 55.35
CA ALA C 377 -2.27 27.07 55.64
C ALA C 377 -1.52 26.76 54.36
N VAL C 378 -0.24 27.08 54.32
CA VAL C 378 0.55 26.83 53.11
C VAL C 378 2.06 26.94 53.38
N ILE C 379 2.70 25.80 53.56
CA ILE C 379 4.13 25.79 53.81
C ILE C 379 4.85 26.34 52.58
N ARG C 380 5.75 27.30 52.81
CA ARG C 380 6.50 27.91 51.72
C ARG C 380 7.94 27.44 51.73
N VAL C 381 8.24 26.44 50.91
CA VAL C 381 9.58 25.87 50.85
C VAL C 381 10.56 26.78 50.09
N GLY C 382 11.75 26.95 50.65
CA GLY C 382 12.75 27.78 50.02
C GLY C 382 14.15 27.25 50.23
N GLY C 383 15.02 27.48 49.26
CA GLY C 383 16.39 27.00 49.37
C GLY C 383 17.38 27.94 48.68
N MET C 384 18.45 27.37 48.14
CA MET C 384 19.46 28.16 47.45
C MET C 384 19.11 28.36 45.97
N THR C 385 18.95 27.26 45.26
CA THR C 385 18.62 27.31 43.83
C THR C 385 17.38 26.46 43.54
N GLU C 386 16.90 26.56 42.31
CA GLU C 386 15.72 25.80 41.89
C GLU C 386 15.97 24.30 42.09
N ILE C 387 17.25 23.94 42.10
CA ILE C 387 17.63 22.54 42.29
C ILE C 387 17.50 22.17 43.76
N GLU C 388 17.07 23.13 44.56
CA GLU C 388 16.89 22.91 46.00
C GLU C 388 15.42 23.03 46.37
N VAL C 389 14.84 24.20 46.11
CA VAL C 389 13.45 24.45 46.42
C VAL C 389 12.55 23.39 45.78
N LYS C 390 12.79 23.11 44.50
CA LYS C 390 11.99 22.12 43.79
C LYS C 390 12.26 20.72 44.34
N GLU C 391 13.37 20.57 45.05
CA GLU C 391 13.76 19.29 45.63
C GLU C 391 13.11 19.07 46.99
N ARG C 392 13.21 20.09 47.85
CA ARG C 392 12.64 20.01 49.19
C ARG C 392 11.12 20.04 49.17
N LYS C 393 10.57 20.62 48.11
CA LYS C 393 9.11 20.71 47.96
C LYS C 393 8.55 19.31 47.77
N ASP C 394 9.36 18.41 47.23
CA ASP C 394 8.96 17.03 47.00
C ASP C 394 9.03 16.22 48.27
N ARG C 395 10.02 16.53 49.11
CA ARG C 395 10.22 15.84 50.38
C ARG C 395 9.13 16.25 51.36
N VAL C 396 8.84 17.55 51.40
CA VAL C 396 7.81 18.07 52.29
C VAL C 396 6.43 17.58 51.85
N ASP C 397 6.16 17.71 50.56
CA ASP C 397 4.88 17.25 50.00
C ASP C 397 4.71 15.76 50.23
N ASP C 398 5.82 15.04 50.23
CA ASP C 398 5.79 13.60 50.42
C ASP C 398 5.63 13.21 51.89
N ALA C 399 6.21 14.00 52.78
CA ALA C 399 6.14 13.73 54.22
C ALA C 399 4.86 14.28 54.85
N LEU C 400 4.32 15.33 54.25
CA LEU C 400 3.11 15.96 54.74
C LEU C 400 1.89 15.12 54.37
N ASN C 401 2.10 14.15 53.48
CA ASN C 401 1.04 13.26 53.03
C ASN C 401 0.97 12.02 53.92
N ALA C 402 2.12 11.65 54.47
CA ALA C 402 2.20 10.49 55.35
C ALA C 402 1.66 10.86 56.72
N THR C 403 1.88 12.10 57.13
CA THR C 403 1.41 12.58 58.43
C THR C 403 -0.10 12.80 58.40
N ARG C 404 -0.56 13.54 57.39
CA ARG C 404 -1.98 13.82 57.24
C ARG C 404 -2.82 12.54 57.29
N ALA C 405 -2.17 11.42 57.00
CA ALA C 405 -2.83 10.12 57.00
C ALA C 405 -2.54 9.41 58.31
N ALA C 406 -1.47 9.83 58.97
CA ALA C 406 -1.09 9.22 60.24
C ALA C 406 -2.01 9.70 61.34
N VAL C 407 -2.46 10.95 61.23
CA VAL C 407 -3.35 11.55 62.23
C VAL C 407 -4.80 11.09 62.12
N GLN C 408 -5.18 10.59 60.94
CA GLN C 408 -6.54 10.13 60.70
C GLN C 408 -6.89 8.87 61.46
N GLU C 409 -6.00 7.89 61.44
CA GLU C 409 -6.27 6.63 62.11
C GLU C 409 -5.12 6.15 62.97
N GLY C 410 -4.12 7.01 63.17
CA GLY C 410 -3.00 6.65 64.01
C GLY C 410 -1.86 6.03 63.24
N ILE C 411 -0.82 5.63 63.97
CA ILE C 411 0.34 5.01 63.36
C ILE C 411 0.55 3.64 63.98
N VAL C 412 1.18 2.75 63.22
CA VAL C 412 1.44 1.40 63.68
C VAL C 412 2.77 0.92 63.12
N VAL C 413 3.39 -0.05 63.78
CA VAL C 413 4.68 -0.57 63.35
C VAL C 413 4.78 -0.80 61.85
N GLY C 414 5.88 -0.34 61.26
CA GLY C 414 6.07 -0.54 59.83
C GLY C 414 6.83 -1.82 59.55
N GLY C 415 7.39 -1.93 58.36
CA GLY C 415 8.16 -3.10 57.98
C GLY C 415 7.30 -4.31 57.66
N GLY C 416 6.00 -4.05 57.48
CA GLY C 416 5.06 -5.11 57.19
C GLY C 416 4.80 -6.02 58.38
N VAL C 417 5.03 -5.51 59.59
CA VAL C 417 4.80 -6.29 60.80
C VAL C 417 3.38 -6.13 61.31
N ALA C 418 2.81 -4.95 61.12
CA ALA C 418 1.43 -4.71 61.56
C ALA C 418 0.55 -5.87 61.07
N LEU C 419 0.67 -6.20 59.78
CA LEU C 419 -0.11 -7.28 59.17
C LEU C 419 0.13 -8.63 59.85
N VAL C 420 1.39 -8.99 60.04
CA VAL C 420 1.69 -10.27 60.67
C VAL C 420 1.17 -10.32 62.11
N GLN C 421 1.22 -9.18 62.81
CA GLN C 421 0.77 -9.12 64.20
C GLN C 421 -0.73 -9.31 64.28
N GLY C 422 -1.45 -8.50 63.50
CA GLY C 422 -2.91 -8.55 63.49
C GLY C 422 -3.44 -9.93 63.12
N ALA C 423 -2.64 -10.64 62.34
CA ALA C 423 -2.98 -11.96 61.90
C ALA C 423 -3.09 -12.90 63.10
N LYS C 424 -2.56 -12.48 64.24
CA LYS C 424 -2.60 -13.30 65.46
C LYS C 424 -4.04 -13.52 65.90
N VAL C 425 -4.88 -12.52 65.62
CA VAL C 425 -6.29 -12.54 65.96
C VAL C 425 -7.04 -13.71 65.35
N LEU C 426 -6.62 -14.16 64.16
CA LEU C 426 -7.29 -15.26 63.49
C LEU C 426 -6.96 -16.61 64.11
N GLU C 427 -6.33 -16.60 65.28
CA GLU C 427 -5.96 -17.85 65.93
C GLU C 427 -7.09 -18.86 66.09
N GLY C 428 -8.16 -18.46 66.76
CA GLY C 428 -9.26 -19.38 66.97
C GLY C 428 -10.46 -19.20 66.05
N LEU C 429 -10.45 -18.14 65.25
CA LEU C 429 -11.56 -17.85 64.34
C LEU C 429 -11.96 -19.05 63.49
N SER C 430 -13.26 -19.17 63.20
CA SER C 430 -13.79 -20.27 62.41
C SER C 430 -15.01 -19.86 61.59
N GLY C 431 -15.16 -20.48 60.42
CA GLY C 431 -16.28 -20.16 59.55
C GLY C 431 -17.29 -21.28 59.54
N ALA C 432 -18.38 -21.09 58.82
CA ALA C 432 -19.46 -22.07 58.72
C ALA C 432 -19.09 -23.45 58.16
N ASN C 433 -17.92 -23.58 57.53
CA ASN C 433 -17.50 -24.85 56.94
C ASN C 433 -16.03 -24.87 56.55
N SER C 434 -15.51 -26.08 56.31
CA SER C 434 -14.10 -26.29 55.96
C SER C 434 -13.64 -25.34 54.88
N ASP C 435 -14.51 -25.12 53.90
CA ASP C 435 -14.21 -24.21 52.80
C ASP C 435 -14.04 -22.81 53.38
N GLN C 436 -15.00 -22.38 54.17
CA GLN C 436 -14.92 -21.05 54.77
C GLN C 436 -13.69 -20.96 55.65
N ASP C 437 -13.30 -22.08 56.24
CA ASP C 437 -12.13 -22.10 57.10
C ASP C 437 -10.88 -21.88 56.27
N ALA C 438 -10.84 -22.49 55.10
CA ALA C 438 -9.70 -22.37 54.19
C ALA C 438 -9.47 -20.90 53.85
N GLY C 439 -10.54 -20.21 53.50
CA GLY C 439 -10.43 -18.81 53.17
C GLY C 439 -9.77 -18.03 54.29
N ILE C 440 -10.07 -18.42 55.52
CA ILE C 440 -9.49 -17.74 56.68
C ILE C 440 -7.99 -18.01 56.78
N ALA C 441 -7.57 -19.25 56.55
CA ALA C 441 -6.15 -19.60 56.65
C ALA C 441 -5.34 -18.96 55.54
N ILE C 442 -5.96 -18.80 54.38
CA ILE C 442 -5.29 -18.18 53.25
C ILE C 442 -4.83 -16.81 53.73
N ILE C 443 -5.75 -16.03 54.29
CA ILE C 443 -5.42 -14.71 54.79
C ILE C 443 -4.41 -14.78 55.92
N ARG C 444 -4.54 -15.81 56.76
CA ARG C 444 -3.62 -15.96 57.88
C ARG C 444 -2.17 -16.06 57.38
N ARG C 445 -2.00 -16.55 56.15
CA ARG C 445 -0.66 -16.71 55.58
C ARG C 445 -0.28 -15.58 54.62
N ALA C 446 -1.26 -15.04 53.91
CA ALA C 446 -0.97 -13.98 52.97
C ALA C 446 -0.39 -12.77 53.66
N LEU C 447 -0.81 -12.56 54.91
CA LEU C 447 -0.34 -11.42 55.65
C LEU C 447 1.17 -11.43 55.93
N GLU C 448 1.80 -12.58 55.80
CA GLU C 448 3.24 -12.67 56.02
C GLU C 448 4.05 -12.36 54.74
N ALA C 449 3.34 -12.08 53.63
CA ALA C 449 3.96 -11.81 52.33
C ALA C 449 4.87 -10.58 52.29
N PRO C 450 4.32 -9.38 52.52
CA PRO C 450 5.13 -8.16 52.48
C PRO C 450 6.31 -8.16 53.44
N MET C 451 6.25 -8.96 54.50
CA MET C 451 7.35 -8.99 55.44
C MET C 451 8.46 -9.93 54.97
N ARG C 452 8.12 -11.18 54.66
CA ARG C 452 9.13 -12.11 54.19
C ARG C 452 9.84 -11.54 52.96
N GLN C 453 9.09 -10.84 52.11
CA GLN C 453 9.67 -10.23 50.92
C GLN C 453 10.72 -9.24 51.36
N ILE C 454 10.28 -8.25 52.13
CA ILE C 454 11.15 -7.20 52.63
C ILE C 454 12.40 -7.81 53.25
N ALA C 455 12.24 -8.98 53.86
CA ALA C 455 13.36 -9.66 54.48
C ALA C 455 14.26 -10.33 53.44
N GLU C 456 13.65 -11.01 52.48
CA GLU C 456 14.39 -11.70 51.44
C GLU C 456 15.23 -10.71 50.62
N ASN C 457 14.62 -9.57 50.27
CA ASN C 457 15.32 -8.54 49.49
C ASN C 457 16.60 -8.09 50.21
N ALA C 458 16.55 -8.12 51.55
CA ALA C 458 17.67 -7.71 52.39
C ALA C 458 18.69 -8.83 52.58
N GLY C 459 18.31 -10.04 52.21
CA GLY C 459 19.22 -11.15 52.34
C GLY C 459 18.88 -12.11 53.46
N VAL C 460 17.89 -11.74 54.26
CA VAL C 460 17.47 -12.58 55.38
C VAL C 460 16.37 -13.55 54.97
N ASP C 461 16.39 -14.74 55.57
CA ASP C 461 15.40 -15.80 55.30
C ASP C 461 14.01 -15.47 55.86
N GLY C 462 13.17 -14.86 55.04
CA GLY C 462 11.82 -14.48 55.46
C GLY C 462 11.04 -15.51 56.26
N ALA C 463 11.38 -16.77 56.13
CA ALA C 463 10.66 -17.81 56.85
C ALA C 463 10.99 -17.71 58.31
N VAL C 464 12.22 -17.29 58.58
CA VAL C 464 12.71 -17.14 59.94
C VAL C 464 12.20 -15.83 60.52
N VAL C 465 12.42 -14.74 59.81
CA VAL C 465 11.95 -13.43 60.27
C VAL C 465 10.46 -13.50 60.63
N ALA C 466 9.70 -14.34 59.92
CA ALA C 466 8.26 -14.47 60.15
C ALA C 466 7.98 -15.30 61.41
N GLY C 467 8.69 -16.41 61.54
CA GLY C 467 8.52 -17.27 62.69
C GLY C 467 8.80 -16.58 64.01
N LYS C 468 9.82 -15.71 64.03
CA LYS C 468 10.17 -14.98 65.24
C LYS C 468 9.07 -14.01 65.59
N VAL C 469 8.64 -13.21 64.62
CA VAL C 469 7.58 -12.24 64.85
C VAL C 469 6.26 -12.92 65.21
N ARG C 470 6.11 -14.17 64.78
CA ARG C 470 4.90 -14.93 65.07
C ARG C 470 4.89 -15.35 66.53
N GLU C 471 5.98 -15.97 66.97
CA GLU C 471 6.13 -16.44 68.33
C GLU C 471 6.33 -15.26 69.29
N SER C 472 6.33 -14.06 68.73
CA SER C 472 6.51 -12.85 69.51
C SER C 472 5.43 -12.70 70.57
N SER C 473 5.66 -11.79 71.51
CA SER C 473 4.72 -11.52 72.58
C SER C 473 4.38 -10.05 72.60
N ASP C 474 5.40 -9.22 72.37
CA ASP C 474 5.22 -7.78 72.35
C ASP C 474 4.64 -7.36 71.00
N LYS C 475 3.38 -6.90 71.02
CA LYS C 475 2.70 -6.48 69.80
C LYS C 475 3.48 -5.49 68.94
N ALA C 476 4.61 -5.01 69.44
CA ALA C 476 5.43 -4.06 68.69
C ALA C 476 6.80 -4.64 68.37
N PHE C 477 6.92 -5.96 68.43
CA PHE C 477 8.18 -6.63 68.14
C PHE C 477 8.23 -7.11 66.70
N GLY C 478 9.30 -6.76 65.98
CA GLY C 478 9.42 -7.18 64.60
C GLY C 478 10.86 -7.37 64.18
N PHE C 479 11.16 -7.02 62.93
CA PHE C 479 12.49 -7.15 62.36
C PHE C 479 12.74 -5.90 61.53
N ASN C 480 13.88 -5.26 61.75
CA ASN C 480 14.24 -4.04 61.02
C ASN C 480 15.30 -4.36 59.97
N ALA C 481 14.84 -4.51 58.72
CA ALA C 481 15.71 -4.85 57.59
C ALA C 481 16.80 -3.82 57.31
N GLN C 482 16.58 -2.59 57.77
CA GLN C 482 17.55 -1.52 57.57
C GLN C 482 18.85 -1.82 58.30
N THR C 483 18.73 -2.29 59.54
CA THR C 483 19.89 -2.61 60.37
C THR C 483 20.00 -4.11 60.57
N GLU C 484 18.91 -4.83 60.31
CA GLU C 484 18.87 -6.28 60.43
C GLU C 484 18.78 -6.79 61.87
N GLU C 485 18.07 -6.07 62.72
CA GLU C 485 17.93 -6.48 64.12
C GLU C 485 16.47 -6.49 64.53
N TYR C 486 16.14 -7.37 65.49
CA TYR C 486 14.76 -7.48 65.97
C TYR C 486 14.56 -6.56 67.17
N GLY C 487 13.32 -6.19 67.45
CA GLY C 487 13.06 -5.32 68.58
C GLY C 487 11.73 -4.61 68.57
N ASP C 488 11.73 -3.39 69.09
CA ASP C 488 10.54 -2.57 69.15
C ASP C 488 10.51 -1.69 67.93
N MET C 489 9.75 -2.11 66.92
CA MET C 489 9.63 -1.37 65.68
C MET C 489 9.38 0.11 65.90
N PHE C 490 8.70 0.45 66.99
CA PHE C 490 8.42 1.84 67.30
C PHE C 490 9.67 2.59 67.70
N LYS C 491 10.42 2.06 68.66
CA LYS C 491 11.64 2.69 69.12
C LYS C 491 12.61 2.80 67.95
N PHE C 492 12.52 1.84 67.03
CA PHE C 492 13.36 1.78 65.85
C PHE C 492 13.10 2.91 64.87
N GLY C 493 11.86 3.39 64.86
CA GLY C 493 11.50 4.47 63.95
C GLY C 493 10.89 3.92 62.69
N VAL C 494 10.52 2.64 62.74
CA VAL C 494 9.90 1.94 61.62
C VAL C 494 8.39 1.92 61.82
N ILE C 495 7.70 2.95 61.32
CA ILE C 495 6.25 3.05 61.48
C ILE C 495 5.53 3.26 60.14
N ASP C 496 4.22 3.02 60.13
CA ASP C 496 3.40 3.17 58.93
C ASP C 496 2.01 3.67 59.28
N PRO C 497 1.51 4.68 58.55
CA PRO C 497 0.17 5.17 58.86
C PRO C 497 -0.77 3.98 58.84
N ALA C 498 -1.50 3.75 59.93
CA ALA C 498 -2.41 2.61 60.00
C ALA C 498 -3.47 2.67 58.91
N LYS C 499 -3.64 3.86 58.31
CA LYS C 499 -4.63 4.01 57.27
C LYS C 499 -4.21 3.34 55.97
N VAL C 500 -2.90 3.16 55.75
CA VAL C 500 -2.41 2.53 54.52
C VAL C 500 -2.22 1.04 54.71
N VAL C 501 -1.79 0.62 55.90
CA VAL C 501 -1.62 -0.80 56.16
C VAL C 501 -2.99 -1.46 56.22
N ARG C 502 -4.03 -0.63 56.30
CA ARG C 502 -5.41 -1.10 56.37
C ARG C 502 -6.09 -1.06 55.01
N THR C 503 -5.87 0.02 54.27
CA THR C 503 -6.46 0.13 52.96
C THR C 503 -5.87 -0.91 52.02
N ALA C 504 -4.56 -1.12 52.11
CA ALA C 504 -3.88 -2.09 51.26
C ALA C 504 -4.52 -3.48 51.42
N LEU C 505 -4.69 -3.89 52.67
CA LEU C 505 -5.27 -5.20 53.00
C LEU C 505 -6.73 -5.37 52.59
N GLU C 506 -7.51 -4.31 52.65
CA GLU C 506 -8.91 -4.39 52.25
C GLU C 506 -8.99 -4.51 50.72
N ASP C 507 -8.29 -3.61 50.03
CA ASP C 507 -8.24 -3.57 48.56
C ASP C 507 -7.75 -4.88 47.95
N ALA C 508 -6.73 -5.47 48.57
CA ALA C 508 -6.19 -6.74 48.09
C ALA C 508 -7.28 -7.80 48.17
N ALA C 509 -7.77 -8.05 49.38
CA ALA C 509 -8.82 -9.04 49.58
C ALA C 509 -10.07 -8.70 48.76
N SER C 510 -10.20 -7.43 48.37
CA SER C 510 -11.34 -7.00 47.57
C SER C 510 -11.31 -7.66 46.19
N VAL C 511 -10.14 -7.62 45.53
CA VAL C 511 -9.99 -8.22 44.21
C VAL C 511 -9.73 -9.70 44.32
N ALA C 512 -8.90 -10.10 45.28
CA ALA C 512 -8.60 -11.52 45.45
C ALA C 512 -9.92 -12.30 45.46
N GLY C 513 -10.98 -11.65 45.93
CA GLY C 513 -12.28 -12.29 45.98
C GLY C 513 -12.96 -12.33 44.62
N LEU C 514 -12.86 -11.23 43.89
CA LEU C 514 -13.43 -11.13 42.55
C LEU C 514 -12.77 -12.16 41.62
N LEU C 515 -11.44 -12.15 41.60
CA LEU C 515 -10.70 -13.06 40.74
C LEU C 515 -11.10 -14.48 41.09
N ILE C 516 -10.97 -14.84 42.37
CA ILE C 516 -11.30 -16.19 42.81
C ILE C 516 -12.74 -16.62 42.43
N THR C 517 -13.66 -15.66 42.29
CA THR C 517 -15.03 -16.01 41.92
C THR C 517 -15.40 -15.64 40.49
N THR C 518 -14.40 -15.66 39.62
CA THR C 518 -14.60 -15.37 38.21
C THR C 518 -14.67 -16.72 37.48
N GLU C 519 -15.70 -16.91 36.66
CA GLU C 519 -15.90 -18.17 35.95
C GLU C 519 -15.65 -18.07 34.45
N ALA C 520 -15.72 -16.86 33.90
CA ALA C 520 -15.54 -16.71 32.47
C ALA C 520 -15.02 -15.34 32.10
N MET C 521 -14.22 -15.29 31.04
CA MET C 521 -13.67 -14.03 30.58
C MET C 521 -13.98 -13.83 29.10
N ILE C 522 -14.22 -12.58 28.72
CA ILE C 522 -14.53 -12.28 27.34
C ILE C 522 -13.57 -11.20 26.84
N ALA C 523 -12.69 -11.57 25.92
CA ALA C 523 -11.73 -10.62 25.37
C ALA C 523 -11.94 -10.55 23.86
N GLU C 524 -11.55 -9.44 23.24
CA GLU C 524 -11.69 -9.27 21.80
C GLU C 524 -10.69 -10.15 21.02
N LYS C 525 -11.07 -10.53 19.80
CA LYS C 525 -10.22 -11.37 18.97
C LYS C 525 -9.20 -10.54 18.20
N PRO C 526 -7.97 -11.05 18.06
CA PRO C 526 -6.92 -10.33 17.33
C PRO C 526 -7.26 -10.14 15.86
N ALA D 2 -22.40 -12.06 -2.06
CA ALA D 2 -21.28 -12.72 -2.79
C ALA D 2 -21.20 -14.19 -2.41
N ALA D 3 -20.07 -14.81 -2.75
CA ALA D 3 -19.86 -16.23 -2.46
C ALA D 3 -20.49 -16.61 -1.14
N LYS D 4 -21.05 -17.81 -1.09
CA LYS D 4 -21.70 -18.30 0.10
C LYS D 4 -21.27 -19.70 0.44
N GLU D 5 -21.25 -20.00 1.73
CA GLU D 5 -20.90 -21.32 2.24
C GLU D 5 -22.24 -21.88 2.75
N VAL D 6 -22.68 -22.98 2.15
CA VAL D 6 -23.95 -23.59 2.55
C VAL D 6 -23.69 -24.84 3.35
N LYS D 7 -24.09 -24.86 4.62
CA LYS D 7 -23.91 -26.05 5.44
C LYS D 7 -25.25 -26.78 5.52
N PHE D 8 -25.23 -28.10 5.43
CA PHE D 8 -26.47 -28.86 5.46
C PHE D 8 -26.53 -29.76 6.67
N ASN D 9 -27.68 -30.41 6.86
CA ASN D 9 -27.90 -31.36 7.95
C ASN D 9 -27.16 -31.11 9.26
N SER D 10 -26.67 -32.20 9.84
CA SER D 10 -25.94 -32.19 11.10
C SER D 10 -24.78 -31.21 11.15
N ASP D 11 -24.03 -31.14 10.07
CA ASP D 11 -22.89 -30.25 9.98
C ASP D 11 -23.31 -28.84 10.33
N ALA D 12 -24.55 -28.48 10.02
CA ALA D 12 -25.03 -27.13 10.30
C ALA D 12 -25.60 -27.04 11.70
N ARG D 13 -26.05 -28.17 12.22
CA ARG D 13 -26.62 -28.21 13.56
C ARG D 13 -25.54 -28.24 14.63
N ASP D 14 -24.54 -29.10 14.46
CA ASP D 14 -23.44 -29.16 15.43
C ASP D 14 -22.80 -27.80 15.67
N ARG D 15 -22.78 -26.96 14.63
CA ARG D 15 -22.19 -25.63 14.70
C ARG D 15 -23.07 -24.63 15.45
N MET D 16 -24.38 -24.75 15.25
CA MET D 16 -25.31 -23.88 15.93
C MET D 16 -25.22 -24.21 17.40
N LEU D 17 -25.25 -25.51 17.71
CA LEU D 17 -25.17 -25.97 19.08
C LEU D 17 -23.92 -25.42 19.76
N LYS D 18 -22.83 -25.25 18.99
CA LYS D 18 -21.58 -24.73 19.52
C LYS D 18 -21.73 -23.26 19.93
N GLY D 19 -22.36 -22.49 19.08
CA GLY D 19 -22.55 -21.08 19.37
C GLY D 19 -23.53 -20.83 20.48
N VAL D 20 -24.47 -21.76 20.65
CA VAL D 20 -25.47 -21.62 21.70
C VAL D 20 -24.82 -22.00 23.03
N ASN D 21 -24.11 -23.10 23.07
CA ASN D 21 -23.46 -23.53 24.29
C ASN D 21 -22.48 -22.50 24.87
N ILE D 22 -21.81 -21.76 24.00
CA ILE D 22 -20.85 -20.73 24.44
C ILE D 22 -21.66 -19.62 25.09
N LEU D 23 -22.70 -19.19 24.39
CA LEU D 23 -23.57 -18.14 24.90
C LEU D 23 -24.25 -18.54 26.19
N ALA D 24 -24.74 -19.76 26.29
CA ALA D 24 -25.42 -20.20 27.48
C ALA D 24 -24.46 -20.49 28.62
N ASP D 25 -23.25 -20.95 28.31
CA ASP D 25 -22.29 -21.25 29.35
C ASP D 25 -21.65 -20.01 29.98
N ALA D 26 -21.61 -18.91 29.24
CA ALA D 26 -21.02 -17.68 29.74
C ALA D 26 -22.01 -16.92 30.60
N VAL D 27 -23.29 -16.96 30.21
CA VAL D 27 -24.37 -16.27 30.91
C VAL D 27 -24.85 -17.01 32.16
N LYS D 28 -24.99 -18.33 32.06
CA LYS D 28 -25.47 -19.12 33.18
C LYS D 28 -24.56 -19.18 34.42
N VAL D 29 -23.32 -18.73 34.32
CA VAL D 29 -22.46 -18.77 35.50
C VAL D 29 -22.93 -17.66 36.42
N THR D 30 -23.67 -16.71 35.88
CA THR D 30 -24.15 -15.58 36.66
C THR D 30 -25.62 -15.76 37.01
N LEU D 31 -25.98 -16.89 37.61
CA LEU D 31 -27.39 -17.11 37.93
C LEU D 31 -27.66 -17.42 39.40
N GLY D 32 -28.62 -16.70 39.98
CA GLY D 32 -28.97 -16.94 41.37
C GLY D 32 -28.27 -16.05 42.39
N PRO D 33 -28.49 -16.30 43.69
CA PRO D 33 -27.87 -15.52 44.76
C PRO D 33 -26.37 -15.77 44.90
N LYS D 34 -25.89 -16.90 44.38
CA LYS D 34 -24.48 -17.26 44.44
C LYS D 34 -23.81 -17.24 43.06
N GLY D 35 -24.21 -16.27 42.26
CA GLY D 35 -23.66 -16.13 40.93
C GLY D 35 -22.19 -15.81 40.99
N ARG D 36 -21.47 -16.21 39.95
CA ARG D 36 -20.04 -15.96 39.84
C ARG D 36 -19.90 -14.82 38.87
N ASN D 37 -18.77 -14.12 38.91
CA ASN D 37 -18.60 -12.99 38.01
C ASN D 37 -18.11 -13.39 36.63
N VAL D 38 -18.22 -12.47 35.71
CA VAL D 38 -17.77 -12.67 34.34
C VAL D 38 -16.97 -11.41 34.00
N VAL D 39 -15.66 -11.55 33.83
CA VAL D 39 -14.82 -10.39 33.51
C VAL D 39 -14.91 -10.10 32.02
N ILE D 40 -15.17 -8.84 31.66
CA ILE D 40 -15.31 -8.45 30.26
C ILE D 40 -14.27 -7.40 29.86
N ASP D 41 -13.43 -7.76 28.89
CA ASP D 41 -12.39 -6.87 28.41
C ASP D 41 -12.96 -5.57 27.86
N LYS D 42 -12.50 -4.47 28.45
CA LYS D 42 -12.89 -3.13 28.05
C LYS D 42 -11.74 -2.58 27.23
N SER D 43 -12.05 -2.09 26.02
CA SER D 43 -11.06 -1.56 25.10
C SER D 43 -10.20 -0.44 25.66
N PHE D 44 -10.52 0.02 26.87
CA PHE D 44 -9.78 1.11 27.49
C PHE D 44 -9.85 1.08 29.02
N GLY D 45 -8.71 0.87 29.66
CA GLY D 45 -8.67 0.84 31.11
C GLY D 45 -8.71 -0.56 31.68
N ALA D 46 -9.40 -0.71 32.81
CA ALA D 46 -9.52 -2.01 33.46
C ALA D 46 -10.76 -2.73 32.95
N PRO D 47 -10.77 -4.06 33.03
CA PRO D 47 -11.92 -4.84 32.57
C PRO D 47 -13.16 -4.63 33.43
N ARG D 48 -14.32 -4.86 32.82
CA ARG D 48 -15.62 -4.72 33.48
C ARG D 48 -15.97 -6.04 34.16
N ILE D 49 -16.18 -6.00 35.47
CA ILE D 49 -16.56 -7.20 36.21
C ILE D 49 -18.07 -7.15 36.40
N THR D 50 -18.78 -8.15 35.88
CA THR D 50 -20.22 -8.19 35.99
C THR D 50 -20.82 -9.53 36.36
N LYS D 51 -22.07 -9.50 36.83
CA LYS D 51 -22.80 -10.70 37.24
C LYS D 51 -24.14 -10.66 36.51
N ASP D 52 -24.41 -9.53 35.87
CA ASP D 52 -25.64 -9.32 35.13
C ASP D 52 -25.62 -10.11 33.82
N GLY D 53 -26.30 -11.25 33.82
CA GLY D 53 -26.35 -12.08 32.63
C GLY D 53 -26.84 -11.41 31.36
N VAL D 54 -27.32 -10.17 31.44
CA VAL D 54 -27.80 -9.51 30.24
C VAL D 54 -26.68 -8.77 29.53
N SER D 55 -25.72 -8.28 30.31
CA SER D 55 -24.59 -7.56 29.76
C SER D 55 -23.60 -8.54 29.13
N VAL D 56 -23.62 -9.78 29.60
CA VAL D 56 -22.75 -10.81 29.07
C VAL D 56 -23.27 -11.21 27.69
N ALA D 57 -24.56 -11.53 27.61
CA ALA D 57 -25.19 -11.93 26.37
C ALA D 57 -24.90 -10.98 25.20
N LYS D 58 -24.84 -9.69 25.49
CA LYS D 58 -24.58 -8.67 24.47
C LYS D 58 -23.13 -8.73 23.95
N GLU D 59 -22.19 -9.03 24.85
CA GLU D 59 -20.78 -9.12 24.50
C GLU D 59 -20.45 -10.33 23.63
N ILE D 60 -21.34 -11.32 23.59
CA ILE D 60 -21.07 -12.52 22.81
C ILE D 60 -21.27 -12.40 21.30
N GLU D 61 -20.17 -12.55 20.59
CA GLU D 61 -20.10 -12.49 19.13
C GLU D 61 -18.95 -13.39 18.71
N LEU D 62 -19.29 -14.63 18.36
CA LEU D 62 -18.32 -15.61 17.92
C LEU D 62 -17.83 -15.29 16.50
N SER D 63 -16.60 -15.68 16.19
CA SER D 63 -16.02 -15.40 14.88
C SER D 63 -16.56 -16.27 13.75
N ASP D 64 -16.71 -17.57 14.00
CA ASP D 64 -17.23 -18.50 12.98
C ASP D 64 -18.67 -18.20 12.59
N LYS D 65 -18.87 -17.71 11.37
CA LYS D 65 -20.20 -17.35 10.87
C LYS D 65 -21.34 -18.23 11.33
N PHE D 66 -21.16 -19.54 11.26
CA PHE D 66 -22.21 -20.47 11.66
C PHE D 66 -22.41 -20.51 13.18
N GLU D 67 -21.34 -20.74 13.93
CA GLU D 67 -21.46 -20.78 15.38
C GLU D 67 -22.14 -19.52 15.87
N ASN D 68 -21.81 -18.40 15.23
CA ASN D 68 -22.38 -17.13 15.61
C ASN D 68 -23.88 -17.02 15.35
N MET D 69 -24.35 -17.69 14.29
CA MET D 69 -25.78 -17.66 13.95
C MET D 69 -26.56 -18.35 15.06
N GLY D 70 -26.02 -19.46 15.57
CA GLY D 70 -26.68 -20.17 16.65
C GLY D 70 -26.82 -19.24 17.85
N ALA D 71 -25.74 -18.57 18.22
CA ALA D 71 -25.77 -17.66 19.35
C ALA D 71 -26.64 -16.44 19.09
N GLN D 72 -26.45 -15.79 17.94
CA GLN D 72 -27.21 -14.60 17.58
C GLN D 72 -28.72 -14.79 17.68
N MET D 73 -29.21 -15.95 17.27
CA MET D 73 -30.64 -16.27 17.32
C MET D 73 -31.11 -16.34 18.78
N VAL D 74 -30.70 -17.39 19.49
CA VAL D 74 -31.08 -17.56 20.88
C VAL D 74 -30.97 -16.24 21.61
N ARG D 75 -29.83 -15.62 21.46
CA ARG D 75 -29.58 -14.35 22.13
C ARG D 75 -30.58 -13.27 21.78
N GLU D 76 -31.13 -13.32 20.58
CA GLU D 76 -32.11 -12.32 20.13
C GLU D 76 -33.47 -12.53 20.79
N VAL D 77 -34.00 -13.74 20.67
CA VAL D 77 -35.29 -14.08 21.25
C VAL D 77 -35.24 -13.86 22.75
N ALA D 78 -34.36 -14.57 23.44
CA ALA D 78 -34.26 -14.42 24.89
C ALA D 78 -34.15 -12.95 25.32
N SER D 79 -33.81 -12.08 24.38
CA SER D 79 -33.67 -10.66 24.66
C SER D 79 -35.03 -9.98 24.67
N ARG D 80 -35.99 -10.58 23.97
CA ARG D 80 -37.35 -10.04 23.92
C ARG D 80 -38.03 -10.35 25.25
N THR D 81 -37.52 -11.36 25.95
CA THR D 81 -38.07 -11.76 27.24
C THR D 81 -37.76 -10.63 28.22
N ASN D 82 -36.94 -9.67 27.77
CA ASN D 82 -36.58 -8.53 28.59
C ASN D 82 -37.53 -7.39 28.28
N ASP D 83 -38.67 -7.73 27.67
CA ASP D 83 -39.69 -6.75 27.34
C ASP D 83 -40.30 -6.29 28.66
N GLU D 84 -40.25 -7.18 29.66
CA GLU D 84 -40.77 -6.90 31.00
C GLU D 84 -39.59 -6.73 31.93
N ALA D 85 -38.40 -6.61 31.34
CA ALA D 85 -37.16 -6.42 32.08
C ALA D 85 -37.06 -7.30 33.33
N GLY D 86 -36.42 -8.45 33.18
CA GLY D 86 -36.28 -9.36 34.31
C GLY D 86 -35.28 -10.47 34.01
N ASP D 87 -35.08 -11.38 34.97
CA ASP D 87 -34.15 -12.48 34.80
C ASP D 87 -34.60 -13.44 33.71
N GLY D 88 -35.55 -12.98 32.89
CA GLY D 88 -36.06 -13.81 31.82
C GLY D 88 -35.00 -14.13 30.78
N THR D 89 -34.24 -13.12 30.38
CA THR D 89 -33.20 -13.28 29.39
C THR D 89 -32.28 -14.45 29.74
N THR D 90 -31.70 -14.39 30.93
CA THR D 90 -30.81 -15.46 31.37
C THR D 90 -31.52 -16.80 31.47
N THR D 91 -32.78 -16.79 31.86
CA THR D 91 -33.53 -18.04 31.98
C THR D 91 -33.93 -18.56 30.61
N ALA D 92 -34.35 -17.66 29.72
CA ALA D 92 -34.74 -18.06 28.38
C ALA D 92 -33.55 -18.78 27.78
N THR D 93 -32.36 -18.21 27.99
CA THR D 93 -31.12 -18.77 27.48
C THR D 93 -30.79 -20.11 28.09
N VAL D 94 -30.72 -20.18 29.42
CA VAL D 94 -30.41 -21.43 30.07
C VAL D 94 -31.40 -22.51 29.66
N LEU D 95 -32.64 -22.12 29.39
CA LEU D 95 -33.66 -23.07 28.98
C LEU D 95 -33.42 -23.53 27.55
N ALA D 96 -33.30 -22.58 26.61
CA ALA D 96 -33.07 -22.88 25.21
C ALA D 96 -31.92 -23.86 25.05
N GLN D 97 -30.81 -23.59 25.73
CA GLN D 97 -29.66 -24.47 25.65
C GLN D 97 -30.00 -25.91 26.01
N ALA D 98 -30.84 -26.10 27.03
CA ALA D 98 -31.23 -27.44 27.47
C ALA D 98 -32.09 -28.16 26.45
N ILE D 99 -33.14 -27.49 25.98
CA ILE D 99 -34.04 -28.09 24.99
C ILE D 99 -33.30 -28.45 23.70
N VAL D 100 -32.58 -27.48 23.14
CA VAL D 100 -31.83 -27.69 21.90
C VAL D 100 -30.86 -28.86 22.04
N ARG D 101 -30.08 -28.85 23.11
CA ARG D 101 -29.11 -29.90 23.39
C ARG D 101 -29.75 -31.29 23.27
N GLU D 102 -30.92 -31.46 23.88
CA GLU D 102 -31.66 -32.72 23.87
C GLU D 102 -32.35 -32.98 22.54
N GLY D 103 -32.92 -31.94 21.96
CA GLY D 103 -33.61 -32.10 20.70
C GLY D 103 -32.70 -32.68 19.64
N LEU D 104 -31.60 -31.98 19.34
CA LEU D 104 -30.68 -32.44 18.33
C LEU D 104 -30.19 -33.85 18.69
N LYS D 105 -29.96 -34.12 19.97
CA LYS D 105 -29.53 -35.46 20.37
C LYS D 105 -30.55 -36.45 19.80
N ALA D 106 -31.82 -36.17 20.02
CA ALA D 106 -32.89 -37.03 19.54
C ALA D 106 -32.89 -37.07 18.03
N VAL D 107 -32.97 -35.90 17.41
CA VAL D 107 -32.98 -35.83 15.95
C VAL D 107 -31.92 -36.76 15.40
N ALA D 108 -30.72 -36.67 15.94
CA ALA D 108 -29.60 -37.50 15.53
C ALA D 108 -29.98 -38.98 15.57
N ALA D 109 -30.72 -39.37 16.61
CA ALA D 109 -31.14 -40.77 16.77
C ALA D 109 -32.23 -41.15 15.79
N GLY D 110 -32.61 -40.23 14.92
CA GLY D 110 -33.65 -40.54 13.94
C GLY D 110 -35.03 -39.96 14.17
N MET D 111 -35.35 -39.59 15.39
CA MET D 111 -36.66 -39.03 15.67
C MET D 111 -36.96 -37.89 14.70
N ASN D 112 -38.22 -37.76 14.30
CA ASN D 112 -38.60 -36.73 13.36
C ASN D 112 -38.63 -35.38 14.07
N PRO D 113 -37.90 -34.41 13.54
CA PRO D 113 -37.85 -33.08 14.14
C PRO D 113 -39.19 -32.38 14.23
N MET D 114 -39.97 -32.42 13.15
CA MET D 114 -41.28 -31.77 13.17
C MET D 114 -42.13 -32.28 14.33
N ASP D 115 -42.09 -33.59 14.57
CA ASP D 115 -42.86 -34.17 15.66
C ASP D 115 -42.33 -33.68 17.00
N LEU D 116 -41.03 -33.79 17.22
CA LEU D 116 -40.41 -33.33 18.45
C LEU D 116 -40.84 -31.88 18.67
N LYS D 117 -40.79 -31.09 17.61
CA LYS D 117 -41.18 -29.69 17.70
C LYS D 117 -42.62 -29.59 18.18
N ARG D 118 -43.45 -30.56 17.83
CA ARG D 118 -44.86 -30.58 18.22
C ARG D 118 -44.98 -30.94 19.70
N GLY D 119 -44.45 -32.08 20.07
CA GLY D 119 -44.50 -32.51 21.46
C GLY D 119 -43.87 -31.47 22.35
N ILE D 120 -42.99 -30.64 21.79
CA ILE D 120 -42.34 -29.59 22.57
C ILE D 120 -43.32 -28.46 22.74
N ASP D 121 -44.04 -28.13 21.67
CA ASP D 121 -45.01 -27.04 21.71
C ASP D 121 -46.19 -27.33 22.63
N VAL D 122 -46.68 -28.56 22.59
CA VAL D 122 -47.80 -28.97 23.42
C VAL D 122 -47.38 -28.83 24.89
N ALA D 123 -46.47 -29.67 25.32
CA ALA D 123 -45.97 -29.68 26.68
C ALA D 123 -45.73 -28.28 27.22
N THR D 124 -45.25 -27.39 26.36
CA THR D 124 -44.98 -26.03 26.80
C THR D 124 -46.25 -25.30 27.14
N ALA D 125 -47.26 -25.40 26.28
CA ALA D 125 -48.53 -24.72 26.54
C ALA D 125 -49.14 -25.21 27.85
N LYS D 126 -49.08 -26.51 28.07
CA LYS D 126 -49.62 -27.13 29.29
C LYS D 126 -48.96 -26.55 30.55
N VAL D 127 -47.69 -26.20 30.46
CA VAL D 127 -46.98 -25.65 31.60
C VAL D 127 -47.17 -24.14 31.68
N VAL D 128 -47.14 -23.48 30.53
CA VAL D 128 -47.32 -22.03 30.52
C VAL D 128 -48.67 -21.70 31.14
N GLU D 129 -49.53 -22.72 31.22
CA GLU D 129 -50.87 -22.60 31.78
C GLU D 129 -50.85 -22.95 33.26
N ALA D 130 -50.36 -24.15 33.55
CA ALA D 130 -50.28 -24.63 34.92
C ALA D 130 -49.54 -23.65 35.81
N ILE D 131 -48.86 -22.68 35.21
CA ILE D 131 -48.12 -21.69 35.96
C ILE D 131 -49.09 -20.61 36.36
N LYS D 132 -49.74 -20.02 35.37
CA LYS D 132 -50.72 -18.98 35.63
C LYS D 132 -51.71 -19.47 36.68
N SER D 133 -52.25 -20.67 36.46
CA SER D 133 -53.20 -21.25 37.39
C SER D 133 -52.52 -21.69 38.67
N ALA D 134 -51.67 -20.81 39.21
CA ALA D 134 -50.96 -21.12 40.44
C ALA D 134 -50.24 -19.88 40.96
N ALA D 135 -50.47 -18.75 40.29
CA ALA D 135 -49.85 -17.51 40.68
C ALA D 135 -50.76 -16.69 41.60
N ARG D 136 -50.28 -16.36 42.79
CA ARG D 136 -51.02 -15.54 43.74
C ARG D 136 -51.12 -14.15 43.13
N PRO D 137 -52.31 -13.55 43.14
CA PRO D 137 -52.53 -12.22 42.58
C PRO D 137 -51.97 -11.09 43.43
N VAL D 138 -51.83 -9.91 42.82
CA VAL D 138 -51.31 -8.75 43.53
C VAL D 138 -52.15 -7.53 43.16
N ASN D 139 -53.12 -7.20 44.00
CA ASN D 139 -54.01 -6.06 43.78
C ASN D 139 -53.98 -5.09 44.96
N ASP D 140 -54.08 -5.65 46.17
CA ASP D 140 -54.08 -4.85 47.39
C ASP D 140 -52.79 -4.05 47.49
N SER D 141 -52.84 -2.93 48.19
CA SER D 141 -51.66 -2.08 48.35
C SER D 141 -50.71 -2.66 49.37
N SER D 142 -51.15 -3.67 50.09
CA SER D 142 -50.30 -4.30 51.08
C SER D 142 -49.42 -5.30 50.35
N GLU D 143 -49.95 -5.81 49.23
CA GLU D 143 -49.25 -6.77 48.41
C GLU D 143 -48.34 -6.02 47.44
N VAL D 144 -48.93 -5.08 46.70
CA VAL D 144 -48.20 -4.28 45.74
C VAL D 144 -47.03 -3.57 46.43
N ALA D 145 -47.08 -3.51 47.75
CA ALA D 145 -46.01 -2.85 48.48
C ALA D 145 -45.02 -3.87 49.01
N GLN D 146 -45.44 -5.13 49.03
CA GLN D 146 -44.58 -6.22 49.50
C GLN D 146 -43.75 -6.74 48.33
N VAL D 147 -44.35 -6.67 47.14
CA VAL D 147 -43.68 -7.11 45.91
C VAL D 147 -42.80 -5.97 45.46
N GLY D 148 -43.12 -4.76 45.92
CA GLY D 148 -42.33 -3.61 45.56
C GLY D 148 -41.07 -3.53 46.40
N THR D 149 -41.15 -4.06 47.61
CA THR D 149 -40.02 -4.05 48.53
C THR D 149 -39.05 -5.18 48.19
N ILE D 150 -39.57 -6.39 48.05
CA ILE D 150 -38.75 -7.56 47.71
C ILE D 150 -37.97 -7.28 46.44
N SER D 151 -38.63 -6.73 45.43
CA SER D 151 -37.99 -6.40 44.17
C SER D 151 -36.93 -5.32 44.37
N ALA D 152 -36.80 -4.84 45.60
CA ALA D 152 -35.82 -3.80 45.91
C ALA D 152 -34.86 -4.28 47.00
N ASN D 153 -34.70 -5.59 47.09
CA ASN D 153 -33.80 -6.20 48.07
C ASN D 153 -34.11 -5.88 49.53
N GLY D 154 -35.32 -5.41 49.81
CA GLY D 154 -35.68 -5.12 51.18
C GLY D 154 -35.93 -3.66 51.50
N GLU D 155 -35.88 -2.80 50.49
CA GLU D 155 -36.10 -1.38 50.69
C GLU D 155 -37.59 -1.12 50.94
N SER D 156 -38.02 -1.32 52.18
CA SER D 156 -39.43 -1.11 52.54
C SER D 156 -39.88 0.30 52.19
N PHE D 157 -38.92 1.20 51.99
CA PHE D 157 -39.21 2.59 51.64
C PHE D 157 -39.71 2.69 50.21
N ILE D 158 -39.09 1.93 49.32
CA ILE D 158 -39.48 1.95 47.91
C ILE D 158 -40.72 1.08 47.68
N GLY D 159 -40.93 0.11 48.55
CA GLY D 159 -42.10 -0.75 48.42
C GLY D 159 -43.37 0.06 48.60
N GLN D 160 -43.33 1.02 49.51
CA GLN D 160 -44.48 1.88 49.79
C GLN D 160 -44.55 3.00 48.76
N GLN D 161 -43.38 3.52 48.38
CA GLN D 161 -43.31 4.59 47.40
C GLN D 161 -44.03 4.22 46.12
N ILE D 162 -43.80 3.00 45.65
CA ILE D 162 -44.46 2.53 44.43
C ILE D 162 -45.93 2.27 44.68
N ALA D 163 -46.22 1.61 45.81
CA ALA D 163 -47.60 1.30 46.18
C ALA D 163 -48.44 2.57 46.15
N GLU D 164 -47.85 3.67 46.63
CA GLU D 164 -48.53 4.96 46.65
C GLU D 164 -48.89 5.37 45.23
N ALA D 165 -47.88 5.58 44.40
CA ALA D 165 -48.08 5.98 43.02
C ALA D 165 -49.11 5.11 42.32
N MET D 166 -49.11 3.82 42.65
CA MET D 166 -50.06 2.90 42.04
C MET D 166 -51.46 3.14 42.57
N GLN D 167 -51.55 3.41 43.87
CA GLN D 167 -52.84 3.67 44.51
C GLN D 167 -53.32 5.08 44.22
N ARG D 168 -52.70 5.73 43.25
CA ARG D 168 -53.06 7.09 42.87
C ARG D 168 -53.45 7.14 41.40
N VAL D 169 -53.00 6.16 40.64
CA VAL D 169 -53.30 6.09 39.21
C VAL D 169 -53.67 4.67 38.79
N GLY D 170 -54.16 3.89 39.75
CA GLY D 170 -54.54 2.52 39.45
C GLY D 170 -53.38 1.57 39.27
N ASN D 171 -53.61 0.29 39.59
CA ASN D 171 -52.59 -0.74 39.47
C ASN D 171 -51.98 -0.78 38.06
N GLU D 172 -52.72 -0.27 37.09
CA GLU D 172 -52.27 -0.26 35.71
C GLU D 172 -52.29 1.16 35.16
N GLY D 173 -51.62 2.07 35.87
CA GLY D 173 -51.57 3.46 35.45
C GLY D 173 -50.37 3.80 34.60
N VAL D 174 -49.80 4.98 34.83
CA VAL D 174 -48.63 5.43 34.08
C VAL D 174 -47.67 6.17 35.01
N ILE D 175 -46.79 5.42 35.65
CA ILE D 175 -45.81 5.98 36.58
C ILE D 175 -44.52 6.35 35.85
N THR D 176 -43.77 7.29 36.43
CA THR D 176 -42.52 7.75 35.84
C THR D 176 -41.54 8.23 36.92
N VAL D 177 -40.77 7.31 37.48
CA VAL D 177 -39.80 7.66 38.51
C VAL D 177 -38.79 8.67 37.99
N GLU D 178 -38.51 9.70 38.78
CA GLU D 178 -37.56 10.74 38.37
C GLU D 178 -36.74 11.26 39.55
N GLU D 179 -35.56 11.81 39.24
CA GLU D 179 -34.66 12.34 40.25
C GLU D 179 -35.14 13.70 40.73
N ASN D 180 -34.80 14.03 41.97
CA ASN D 180 -35.19 15.31 42.56
C ASN D 180 -33.98 16.14 42.94
N LYS D 181 -34.12 16.95 43.98
CA LYS D 181 -33.03 17.80 44.44
C LYS D 181 -32.50 17.34 45.79
N GLY D 182 -33.14 17.79 46.86
CA GLY D 182 -32.71 17.42 48.19
C GLY D 182 -33.16 16.02 48.59
N MET D 183 -32.97 15.68 49.85
CA MET D 183 -33.35 14.37 50.36
C MET D 183 -34.85 14.32 50.63
N GLU D 184 -35.63 14.52 49.57
CA GLU D 184 -37.09 14.49 49.69
C GLU D 184 -37.72 13.66 48.57
N THR D 185 -38.45 12.62 48.97
CA THR D 185 -39.12 11.73 48.01
C THR D 185 -40.63 11.99 48.04
N GLU D 186 -41.21 12.26 46.88
CA GLU D 186 -42.63 12.53 46.78
C GLU D 186 -43.26 11.89 45.54
N VAL D 187 -44.56 11.66 45.60
CA VAL D 187 -45.29 11.06 44.49
C VAL D 187 -46.36 11.99 43.95
N GLU D 188 -45.95 12.93 43.10
CA GLU D 188 -46.86 13.90 42.51
C GLU D 188 -47.66 13.24 41.39
N VAL D 189 -48.72 13.91 40.94
CA VAL D 189 -49.56 13.38 39.86
C VAL D 189 -49.87 14.45 38.82
N VAL D 190 -48.86 14.81 38.03
CA VAL D 190 -49.01 15.82 36.99
C VAL D 190 -50.02 15.39 35.92
N GLU D 191 -50.27 16.28 34.96
CA GLU D 191 -51.20 16.00 33.86
C GLU D 191 -50.41 15.73 32.58
N GLY D 192 -50.30 14.46 32.22
CA GLY D 192 -49.57 14.08 31.03
C GLY D 192 -50.19 12.90 30.31
N MET D 193 -49.56 12.46 29.22
CA MET D 193 -50.06 11.34 28.44
C MET D 193 -48.96 10.33 28.13
N GLN D 194 -49.33 9.25 27.45
CA GLN D 194 -48.39 8.21 27.08
C GLN D 194 -48.93 7.37 25.92
N PHE D 195 -48.50 7.69 24.71
CA PHE D 195 -48.95 6.96 23.52
C PHE D 195 -48.47 5.52 23.57
N ASP D 196 -48.70 4.79 22.48
CA ASP D 196 -48.27 3.41 22.38
C ASP D 196 -47.31 3.24 21.21
N ARG D 197 -46.57 4.30 20.92
CA ARG D 197 -45.59 4.30 19.83
C ARG D 197 -44.25 4.78 20.35
N GLY D 198 -43.17 4.39 19.66
CA GLY D 198 -41.84 4.79 20.06
C GLY D 198 -41.22 5.78 19.09
N TYR D 199 -39.93 5.61 18.82
CA TYR D 199 -39.23 6.50 17.90
C TYR D 199 -39.14 5.89 16.50
N LEU D 200 -38.47 6.61 15.60
CA LEU D 200 -38.32 6.16 14.23
C LEU D 200 -36.92 5.59 13.98
N SER D 201 -35.92 6.15 14.66
CA SER D 201 -34.54 5.71 14.51
C SER D 201 -33.82 5.61 15.85
N PRO D 202 -33.04 4.53 16.05
CA PRO D 202 -32.31 4.34 17.30
C PRO D 202 -31.27 5.44 17.52
N TYR D 203 -30.74 5.97 16.43
CA TYR D 203 -29.75 7.03 16.49
C TYR D 203 -30.37 8.30 17.04
N PHE D 204 -31.69 8.29 17.18
CA PHE D 204 -32.43 9.43 17.71
C PHE D 204 -32.52 9.34 19.23
N VAL D 205 -31.98 8.26 19.78
CA VAL D 205 -32.01 8.02 21.21
C VAL D 205 -30.80 8.58 21.95
N THR D 206 -31.05 9.13 23.15
CA THR D 206 -29.99 9.69 23.98
C THR D 206 -29.60 8.63 25.00
N ASN D 207 -29.62 7.38 24.56
CA ASN D 207 -29.28 6.22 25.39
C ASN D 207 -28.28 6.53 26.50
N ALA D 208 -28.76 6.50 27.74
CA ALA D 208 -27.91 6.76 28.90
C ALA D 208 -27.73 5.44 29.64
N ASP D 209 -28.77 4.60 29.57
CA ASP D 209 -28.77 3.29 30.20
C ASP D 209 -29.62 2.35 29.36
N LYS D 210 -30.76 2.86 28.89
CA LYS D 210 -31.66 2.09 28.05
C LYS D 210 -32.04 2.93 26.84
N MET D 211 -32.53 2.28 25.79
CA MET D 211 -32.94 2.99 24.57
C MET D 211 -34.17 3.86 24.82
N ILE D 212 -33.97 4.94 25.56
CA ILE D 212 -35.06 5.87 25.87
C ILE D 212 -34.62 7.31 25.66
N ALA D 213 -35.39 8.04 24.87
CA ALA D 213 -35.07 9.44 24.58
C ALA D 213 -35.74 10.37 25.58
N GLU D 214 -34.92 11.09 26.36
CA GLU D 214 -35.43 12.02 27.34
C GLU D 214 -35.33 13.45 26.80
N LEU D 215 -36.47 14.11 26.65
CA LEU D 215 -36.49 15.47 26.12
C LEU D 215 -37.20 16.42 27.08
N GLU D 216 -36.43 17.33 27.68
CA GLU D 216 -36.99 18.30 28.61
C GLU D 216 -37.43 19.57 27.89
N ASP D 217 -38.69 19.93 28.07
CA ASP D 217 -39.27 21.12 27.45
C ASP D 217 -39.00 21.14 25.95
N ALA D 218 -39.58 20.18 25.24
CA ALA D 218 -39.41 20.08 23.79
C ALA D 218 -40.57 20.77 23.07
N TYR D 219 -40.52 20.76 21.75
CA TYR D 219 -41.54 21.38 20.94
C TYR D 219 -42.48 20.35 20.32
N ILE D 220 -43.67 20.22 20.91
CA ILE D 220 -44.67 19.27 20.43
C ILE D 220 -45.50 19.83 19.28
N LEU D 221 -45.22 19.35 18.07
CA LEU D 221 -45.95 19.77 16.89
C LEU D 221 -46.61 18.54 16.27
N LEU D 222 -47.60 18.75 15.40
CA LEU D 222 -48.29 17.62 14.78
C LEU D 222 -49.24 18.00 13.66
N HIS D 223 -49.18 17.25 12.57
CA HIS D 223 -50.04 17.48 11.41
C HIS D 223 -50.49 16.14 10.84
N GLU D 224 -51.50 16.17 9.97
CA GLU D 224 -52.04 14.95 9.37
C GLU D 224 -51.28 14.53 8.12
N LYS D 225 -50.17 15.21 7.85
CA LYS D 225 -49.33 14.90 6.69
C LYS D 225 -48.15 14.04 7.14
N LYS D 226 -46.99 14.26 6.53
CA LYS D 226 -45.80 13.50 6.88
C LYS D 226 -44.58 14.42 6.94
N LEU D 227 -43.40 13.82 6.95
CA LEU D 227 -42.15 14.56 7.01
C LEU D 227 -41.35 14.37 5.73
N SER D 228 -42.00 14.57 4.59
CA SER D 228 -41.35 14.41 3.29
C SER D 228 -40.20 15.40 3.13
N SER D 229 -40.51 16.61 2.66
CA SER D 229 -39.51 17.64 2.46
C SER D 229 -39.24 18.38 3.77
N LEU D 230 -37.97 18.38 4.19
CA LEU D 230 -37.59 19.06 5.43
C LEU D 230 -37.27 20.53 5.17
N GLN D 231 -37.22 20.90 3.90
CA GLN D 231 -36.93 22.28 3.50
C GLN D 231 -37.73 23.30 4.30
N PRO D 232 -39.06 23.10 4.40
CA PRO D 232 -39.89 24.06 5.15
C PRO D 232 -39.60 24.06 6.65
N GLN D 244 -33.66 27.74 22.30
CA GLN D 244 -33.10 26.92 23.37
C GLN D 244 -34.13 25.96 23.96
N LYS D 245 -35.01 25.43 23.10
CA LYS D 245 -36.03 24.49 23.54
C LYS D 245 -36.14 23.34 22.54
N PRO D 246 -35.85 22.11 22.99
CA PRO D 246 -35.92 20.91 22.13
C PRO D 246 -37.19 20.85 21.31
N LEU D 247 -37.21 19.97 20.32
CA LEU D 247 -38.36 19.81 19.45
C LEU D 247 -38.84 18.36 19.39
N LEU D 248 -40.11 18.19 19.05
CA LEU D 248 -40.71 16.87 18.93
C LEU D 248 -41.77 16.89 17.83
N ILE D 249 -41.52 16.14 16.77
CA ILE D 249 -42.46 16.06 15.65
C ILE D 249 -43.26 14.77 15.66
N VAL D 250 -44.58 14.90 15.53
CA VAL D 250 -45.48 13.76 15.50
C VAL D 250 -46.33 13.77 14.23
N ALA D 251 -45.99 12.90 13.29
CA ALA D 251 -46.71 12.80 12.03
C ALA D 251 -46.79 11.37 11.54
N GLU D 252 -47.13 11.20 10.26
CA GLU D 252 -47.24 9.88 9.65
C GLU D 252 -45.87 9.20 9.56
N ASP D 253 -44.89 9.93 9.03
CA ASP D 253 -43.53 9.41 8.90
C ASP D 253 -42.59 10.42 8.27
N VAL D 254 -41.30 10.11 8.26
CA VAL D 254 -40.29 10.99 7.68
C VAL D 254 -39.70 10.40 6.41
N GLU D 255 -39.80 11.15 5.31
CA GLU D 255 -39.26 10.70 4.03
C GLU D 255 -37.87 11.27 3.82
N ILE D 273 -33.87 16.72 19.45
CA ILE D 273 -34.96 16.61 18.50
C ILE D 273 -35.70 15.29 18.72
N ALA D 274 -37.02 15.32 18.58
CA ALA D 274 -37.84 14.13 18.77
C ALA D 274 -38.70 13.86 17.54
N ALA D 275 -38.75 12.59 17.14
CA ALA D 275 -39.54 12.18 15.98
C ALA D 275 -40.33 10.94 16.32
N VAL D 276 -41.66 11.09 16.42
CA VAL D 276 -42.53 9.97 16.74
C VAL D 276 -43.78 10.03 15.87
N LYS D 277 -44.35 8.86 15.57
CA LYS D 277 -45.55 8.78 14.76
C LYS D 277 -46.78 9.15 15.56
N ALA D 278 -47.70 9.87 14.94
CA ALA D 278 -48.94 10.30 15.60
C ALA D 278 -49.69 9.10 16.17
N PRO D 279 -50.43 9.30 17.27
CA PRO D 279 -51.20 8.22 17.90
C PRO D 279 -52.59 8.05 17.31
N GLY D 280 -53.14 6.85 17.45
CA GLY D 280 -54.47 6.58 16.92
C GLY D 280 -54.46 6.08 15.49
N PHE D 281 -55.66 5.91 14.92
CA PHE D 281 -55.80 5.44 13.54
C PHE D 281 -57.21 5.69 13.02
N GLY D 282 -57.33 5.87 11.71
CA GLY D 282 -58.61 6.12 11.11
C GLY D 282 -59.22 7.45 11.55
N ASP D 283 -60.44 7.39 12.06
CA ASP D 283 -61.14 8.59 12.52
C ASP D 283 -60.58 9.01 13.88
N ARG D 284 -59.80 8.12 14.50
CA ARG D 284 -59.21 8.40 15.79
C ARG D 284 -57.85 9.08 15.63
N ARG D 285 -57.45 9.30 14.38
CA ARG D 285 -56.18 9.94 14.07
C ARG D 285 -56.15 11.39 14.56
N LYS D 286 -56.98 12.23 13.94
CA LYS D 286 -57.06 13.63 14.32
C LYS D 286 -57.50 13.76 15.77
N ALA D 287 -58.41 12.88 16.19
CA ALA D 287 -58.92 12.90 17.55
C ALA D 287 -57.76 12.74 18.54
N MET D 288 -56.97 11.71 18.35
CA MET D 288 -55.82 11.44 19.22
C MET D 288 -54.88 12.64 19.23
N LEU D 289 -54.56 13.15 18.04
CA LEU D 289 -53.67 14.30 17.92
C LEU D 289 -54.26 15.50 18.65
N GLN D 290 -55.59 15.53 18.74
CA GLN D 290 -56.29 16.63 19.42
C GLN D 290 -56.24 16.44 20.93
N ASP D 291 -56.58 15.23 21.38
CA ASP D 291 -56.58 14.92 22.81
C ASP D 291 -55.24 15.33 23.42
N ILE D 292 -54.17 15.06 22.70
CA ILE D 292 -52.83 15.40 23.15
C ILE D 292 -52.53 16.86 22.84
N ALA D 293 -53.16 17.37 21.79
CA ALA D 293 -52.98 18.75 21.37
C ALA D 293 -53.28 19.70 22.53
N ILE D 294 -54.35 19.41 23.25
CA ILE D 294 -54.75 20.22 24.40
C ILE D 294 -53.77 19.99 25.55
N LEU D 295 -53.40 18.73 25.77
CA LEU D 295 -52.49 18.37 26.84
C LEU D 295 -51.20 19.19 26.77
N THR D 296 -50.78 19.51 25.55
CA THR D 296 -49.56 20.29 25.35
C THR D 296 -49.89 21.75 25.06
N GLY D 297 -51.05 21.98 24.45
CA GLY D 297 -51.47 23.33 24.13
C GLY D 297 -51.03 23.79 22.75
N GLY D 298 -51.13 22.91 21.76
CA GLY D 298 -50.74 23.26 20.41
C GLY D 298 -51.94 23.50 19.52
N ILE D 314 -44.62 29.21 17.54
CA ILE D 314 -44.56 28.65 18.89
C ILE D 314 -45.81 28.98 19.70
N ASP D 315 -46.38 30.16 19.44
CA ASP D 315 -47.57 30.59 20.16
C ASP D 315 -48.73 29.63 19.92
N MET D 316 -48.70 28.92 18.81
CA MET D 316 -49.75 27.97 18.47
C MET D 316 -49.21 26.54 18.49
N LEU D 317 -48.31 26.26 19.44
CA LEU D 317 -47.71 24.95 19.57
C LEU D 317 -47.89 24.40 20.98
N GLY D 318 -47.80 23.08 21.12
CA GLY D 318 -47.93 22.46 22.42
C GLY D 318 -46.61 22.41 23.17
N ARG D 319 -46.69 22.42 24.49
CA ARG D 319 -45.50 22.37 25.34
C ARG D 319 -45.63 21.30 26.41
N ALA D 320 -44.48 20.89 26.96
CA ALA D 320 -44.45 19.87 28.00
C ALA D 320 -43.12 19.89 28.74
N LYS D 321 -43.19 19.86 30.06
CA LYS D 321 -41.99 19.87 30.90
C LYS D 321 -41.05 18.73 30.55
N LYS D 322 -41.60 17.54 30.36
CA LYS D 322 -40.78 16.38 30.02
C LYS D 322 -41.50 15.43 29.07
N VAL D 323 -40.73 14.80 28.18
CA VAL D 323 -41.26 13.86 27.21
C VAL D 323 -40.26 12.74 26.97
N SER D 324 -40.62 11.52 27.36
CA SER D 324 -39.76 10.36 27.19
C SER D 324 -40.24 9.51 26.02
N ILE D 325 -39.29 8.96 25.28
CA ILE D 325 -39.61 8.11 24.13
C ILE D 325 -38.87 6.78 24.19
N ASN D 326 -39.58 5.71 23.86
CA ASN D 326 -39.00 4.37 23.88
C ASN D 326 -39.17 3.67 22.53
N LYS D 327 -39.05 2.35 22.54
CA LYS D 327 -39.19 1.55 21.33
C LYS D 327 -40.60 1.57 20.77
N ASP D 328 -41.57 1.26 21.61
CA ASP D 328 -42.98 1.23 21.20
C ASP D 328 -43.88 1.93 22.21
N ASN D 329 -43.33 2.92 22.91
CA ASN D 329 -44.09 3.67 23.91
C ASN D 329 -43.44 5.01 24.20
N THR D 330 -44.26 6.07 24.17
CA THR D 330 -43.77 7.41 24.44
C THR D 330 -44.62 8.10 25.51
N THR D 331 -43.96 8.69 26.50
CA THR D 331 -44.66 9.37 27.58
C THR D 331 -44.39 10.86 27.62
N ILE D 332 -45.45 11.64 27.83
CA ILE D 332 -45.36 13.10 27.90
C ILE D 332 -45.83 13.56 29.28
N VAL D 333 -44.88 13.83 30.16
CA VAL D 333 -45.19 14.27 31.51
C VAL D 333 -45.22 15.78 31.63
N ASP D 334 -46.16 16.29 32.43
CA ASP D 334 -46.30 17.73 32.64
C ASP D 334 -46.38 18.45 31.30
N GLY D 335 -47.57 18.44 30.70
CA GLY D 335 -47.74 19.11 29.42
C GLY D 335 -47.64 20.61 29.50
N ALA D 336 -48.74 21.29 29.18
CA ALA D 336 -48.78 22.75 29.22
C ALA D 336 -50.22 23.25 29.16
N GLY D 337 -51.11 22.45 28.60
CA GLY D 337 -52.51 22.83 28.50
C GLY D 337 -53.10 23.24 29.84
N GLU D 338 -54.28 23.82 29.80
CA GLU D 338 -54.96 24.26 31.02
C GLU D 338 -56.13 23.35 31.37
N LYS D 339 -56.23 23.01 32.66
CA LYS D 339 -57.28 22.14 33.17
C LYS D 339 -58.61 22.37 32.47
N ALA D 340 -58.91 23.62 32.15
CA ALA D 340 -60.16 23.95 31.46
C ALA D 340 -60.22 23.25 30.11
N GLU D 341 -59.26 23.56 29.25
CA GLU D 341 -59.21 22.97 27.92
C GLU D 341 -59.15 21.45 28.01
N ILE D 342 -58.61 20.94 29.11
CA ILE D 342 -58.49 19.51 29.34
C ILE D 342 -59.80 18.93 29.85
N GLU D 343 -60.52 19.72 30.64
CA GLU D 343 -61.79 19.29 31.20
C GLU D 343 -62.89 19.29 30.12
N ALA D 344 -62.65 20.06 29.07
CA ALA D 344 -63.59 20.15 27.96
C ALA D 344 -63.58 18.86 27.14
N ARG D 345 -62.38 18.46 26.72
CA ARG D 345 -62.22 17.24 25.92
C ARG D 345 -62.81 16.06 26.67
N VAL D 346 -62.42 15.91 27.93
CA VAL D 346 -62.92 14.82 28.76
C VAL D 346 -64.43 14.88 28.82
N SER D 347 -64.97 16.09 28.76
CA SER D 347 -66.42 16.30 28.81
C SER D 347 -67.05 15.89 27.48
N GLN D 348 -66.38 16.25 26.38
CA GLN D 348 -66.87 15.91 25.04
C GLN D 348 -66.89 14.40 24.86
N ILE D 349 -65.77 13.75 25.17
CA ILE D 349 -65.65 12.30 25.05
C ILE D 349 -66.72 11.60 25.88
N ARG D 350 -66.95 12.11 27.09
CA ARG D 350 -67.95 11.54 27.98
C ARG D 350 -69.32 11.55 27.31
N GLN D 351 -69.76 12.75 26.92
CA GLN D 351 -71.05 12.92 26.26
C GLN D 351 -71.04 12.18 24.92
N GLN D 352 -69.86 12.07 24.33
CA GLN D 352 -69.70 11.38 23.05
C GLN D 352 -70.04 9.91 23.22
N ILE D 353 -69.36 9.26 24.17
CA ILE D 353 -69.59 7.86 24.45
C ILE D 353 -70.99 7.69 25.03
N GLU D 354 -71.51 8.76 25.61
CA GLU D 354 -72.84 8.76 26.21
C GLU D 354 -73.92 8.57 25.15
N GLU D 355 -73.57 8.80 23.89
CA GLU D 355 -74.53 8.66 22.80
C GLU D 355 -74.21 7.46 21.93
N THR D 356 -72.92 7.12 21.84
CA THR D 356 -72.49 6.00 21.02
C THR D 356 -73.18 4.68 21.37
N THR D 357 -73.88 4.12 20.39
CA THR D 357 -74.59 2.86 20.56
C THR D 357 -73.64 1.74 20.16
N SER D 358 -72.54 2.14 19.52
CA SER D 358 -71.53 1.19 19.06
C SER D 358 -70.91 0.43 20.23
N ASP D 359 -71.01 -0.90 20.17
CA ASP D 359 -70.47 -1.75 21.22
C ASP D 359 -68.98 -1.98 20.97
N TYR D 360 -68.48 -1.38 19.88
CA TYR D 360 -67.07 -1.52 19.52
C TYR D 360 -66.26 -0.30 19.90
N ASP D 361 -66.56 0.83 19.25
CA ASP D 361 -65.85 2.08 19.53
C ASP D 361 -66.15 2.60 20.93
N ARG D 362 -66.93 1.85 21.69
CA ARG D 362 -67.28 2.24 23.04
C ARG D 362 -66.02 2.27 23.90
N GLU D 363 -65.09 1.38 23.59
CA GLU D 363 -63.82 1.30 24.31
C GLU D 363 -62.78 2.19 23.64
N LYS D 364 -62.86 2.29 22.32
CA LYS D 364 -61.93 3.10 21.55
C LYS D 364 -62.02 4.58 21.94
N LEU D 365 -63.11 4.94 22.62
CA LEU D 365 -63.33 6.31 23.06
C LEU D 365 -63.18 6.42 24.57
N GLN D 366 -63.61 5.37 25.28
CA GLN D 366 -63.54 5.33 26.73
C GLN D 366 -62.08 5.16 27.17
N GLU D 367 -61.26 4.62 26.28
CA GLU D 367 -59.85 4.40 26.58
C GLU D 367 -59.04 5.67 26.33
N ARG D 368 -59.38 6.38 25.26
CA ARG D 368 -58.66 7.61 24.91
C ARG D 368 -59.00 8.71 25.90
N VAL D 369 -60.12 8.55 26.60
CA VAL D 369 -60.55 9.54 27.59
C VAL D 369 -59.76 9.38 28.88
N ALA D 370 -59.37 8.15 29.19
CA ALA D 370 -58.60 7.87 30.40
C ALA D 370 -57.21 8.45 30.27
N LYS D 371 -56.74 8.61 29.04
CA LYS D 371 -55.42 9.18 28.79
C LYS D 371 -55.43 10.64 29.21
N LEU D 372 -56.63 11.15 29.50
CA LEU D 372 -56.81 12.54 29.92
C LEU D 372 -57.35 12.60 31.34
N ALA D 373 -58.36 11.78 31.63
CA ALA D 373 -58.95 11.74 32.96
C ALA D 373 -58.24 10.72 33.83
N GLY D 374 -56.92 10.65 33.70
CA GLY D 374 -56.16 9.70 34.49
C GLY D 374 -54.95 10.31 35.16
N GLY D 375 -54.16 11.06 34.41
CA GLY D 375 -52.97 11.68 34.97
C GLY D 375 -51.76 10.79 34.88
N VAL D 376 -50.61 11.29 35.32
CA VAL D 376 -49.36 10.54 35.28
C VAL D 376 -48.58 10.65 36.58
N ALA D 377 -48.71 9.67 37.46
CA ALA D 377 -47.98 9.69 38.72
C ALA D 377 -46.50 9.79 38.39
N VAL D 378 -45.68 10.13 39.38
CA VAL D 378 -44.25 10.26 39.14
C VAL D 378 -43.45 10.31 40.44
N ILE D 379 -42.89 9.16 40.84
CA ILE D 379 -42.10 9.10 42.05
C ILE D 379 -40.89 10.01 41.90
N ARG D 380 -40.66 10.86 42.90
CA ARG D 380 -39.53 11.79 42.88
C ARG D 380 -38.47 11.34 43.88
N VAL D 381 -37.45 10.64 43.37
CA VAL D 381 -36.37 10.15 44.21
C VAL D 381 -35.40 11.24 44.62
N GLY D 382 -35.03 11.25 45.90
CA GLY D 382 -34.11 12.25 46.40
C GLY D 382 -33.20 11.69 47.48
N GLY D 383 -31.98 12.22 47.55
CA GLY D 383 -31.03 11.75 48.53
C GLY D 383 -30.11 12.86 49.00
N MET D 384 -28.87 12.49 49.33
CA MET D 384 -27.88 13.47 49.79
C MET D 384 -27.13 14.10 48.63
N THR D 385 -26.47 13.27 47.84
CA THR D 385 -25.70 13.75 46.69
C THR D 385 -26.13 13.02 45.42
N GLU D 386 -25.61 13.48 44.28
CA GLU D 386 -25.93 12.87 42.99
C GLU D 386 -25.54 11.39 43.01
N ILE D 387 -24.62 11.05 43.90
CA ILE D 387 -24.17 9.67 44.03
C ILE D 387 -25.20 8.86 44.79
N GLU D 388 -26.28 9.53 45.19
CA GLU D 388 -27.36 8.89 45.92
C GLU D 388 -28.64 8.87 45.10
N VAL D 389 -29.12 10.05 44.74
CA VAL D 389 -30.33 10.18 43.95
C VAL D 389 -30.24 9.36 42.66
N LYS D 390 -29.11 9.47 41.97
CA LYS D 390 -28.91 8.74 40.73
C LYS D 390 -28.79 7.24 41.00
N GLU D 391 -28.51 6.90 42.25
CA GLU D 391 -28.36 5.50 42.66
C GLU D 391 -29.71 4.88 43.01
N ARG D 392 -30.48 5.59 43.84
CA ARG D 392 -31.79 5.10 44.27
C ARG D 392 -32.80 5.11 43.12
N LYS D 393 -32.56 5.99 42.15
CA LYS D 393 -33.46 6.10 41.00
C LYS D 393 -33.37 4.81 40.19
N ASP D 394 -32.24 4.14 40.25
CA ASP D 394 -32.01 2.90 39.53
C ASP D 394 -32.68 1.72 40.25
N ARG D 395 -32.68 1.78 41.58
CA ARG D 395 -33.28 0.73 42.40
C ARG D 395 -34.80 0.81 42.30
N VAL D 396 -35.32 2.03 42.37
CA VAL D 396 -36.76 2.26 42.29
C VAL D 396 -37.24 1.89 40.88
N ASP D 397 -36.56 2.41 39.88
CA ASP D 397 -36.92 2.14 38.49
C ASP D 397 -36.85 0.64 38.21
N ASP D 398 -35.94 -0.03 38.90
CA ASP D 398 -35.77 -1.47 38.72
C ASP D 398 -36.80 -2.28 39.45
N ALA D 399 -37.23 -1.79 40.62
CA ALA D 399 -38.23 -2.48 41.45
C ALA D 399 -39.66 -2.17 41.00
N LEU D 400 -39.84 -1.00 40.42
CA LEU D 400 -41.14 -0.57 39.95
C LEU D 400 -41.50 -1.26 38.64
N ASN D 401 -40.51 -1.92 38.05
CA ASN D 401 -40.69 -2.64 36.79
C ASN D 401 -41.08 -4.10 37.07
N ALA D 402 -40.62 -4.60 38.21
CA ALA D 402 -40.90 -5.97 38.63
C ALA D 402 -42.32 -6.04 39.17
N THR D 403 -42.76 -4.97 39.84
CA THR D 403 -44.10 -4.92 40.40
C THR D 403 -45.13 -4.73 39.31
N ARG D 404 -44.91 -3.72 38.48
CA ARG D 404 -45.82 -3.42 37.37
C ARG D 404 -46.10 -4.65 36.52
N ALA D 405 -45.22 -5.65 36.61
CA ALA D 405 -45.36 -6.89 35.86
C ALA D 405 -45.91 -7.96 36.78
N ALA D 406 -45.76 -7.76 38.08
CA ALA D 406 -46.26 -8.70 39.06
C ALA D 406 -47.77 -8.59 39.18
N VAL D 407 -48.29 -7.37 39.02
CA VAL D 407 -49.72 -7.11 39.12
C VAL D 407 -50.51 -7.52 37.87
N GLN D 408 -49.81 -7.67 36.74
CA GLN D 408 -50.46 -8.04 35.50
C GLN D 408 -50.93 -9.48 35.47
N GLU D 409 -50.08 -10.40 35.91
CA GLU D 409 -50.42 -11.82 35.89
C GLU D 409 -50.15 -12.54 37.19
N GLY D 410 -49.76 -11.76 38.19
CA GLY D 410 -49.52 -12.35 39.49
C GLY D 410 -48.08 -12.67 39.76
N ILE D 411 -47.83 -13.24 40.93
CA ILE D 411 -46.48 -13.61 41.31
C ILE D 411 -46.47 -15.09 41.62
N VAL D 412 -45.30 -15.72 41.46
CA VAL D 412 -45.15 -17.14 41.71
C VAL D 412 -43.76 -17.41 42.28
N VAL D 413 -43.60 -18.51 43.01
CA VAL D 413 -42.32 -18.85 43.62
C VAL D 413 -41.12 -18.63 42.71
N GLY D 414 -40.09 -18.00 43.26
CA GLY D 414 -38.89 -17.76 42.46
C GLY D 414 -37.89 -18.88 42.65
N GLY D 415 -36.64 -18.61 42.30
CA GLY D 415 -35.60 -19.61 42.45
C GLY D 415 -35.64 -20.69 41.39
N GLY D 416 -36.40 -20.43 40.34
CA GLY D 416 -36.54 -21.39 39.27
C GLY D 416 -37.38 -22.60 39.63
N VAL D 417 -38.21 -22.47 40.67
CA VAL D 417 -39.06 -23.57 41.12
C VAL D 417 -40.40 -23.60 40.40
N ALA D 418 -40.90 -22.43 40.03
CA ALA D 418 -42.17 -22.36 39.32
C ALA D 418 -42.12 -23.34 38.14
N LEU D 419 -41.04 -23.29 37.37
CA LEU D 419 -40.86 -24.15 36.22
C LEU D 419 -40.87 -25.65 36.58
N VAL D 420 -40.12 -26.02 37.60
CA VAL D 420 -40.06 -27.41 38.00
C VAL D 420 -41.41 -27.89 38.52
N GLN D 421 -42.15 -27.01 39.19
CA GLN D 421 -43.46 -27.36 39.73
C GLN D 421 -44.47 -27.59 38.61
N GLY D 422 -44.57 -26.62 37.70
CA GLY D 422 -45.51 -26.71 36.60
C GLY D 422 -45.26 -27.93 35.74
N ALA D 423 -44.00 -28.35 35.73
CA ALA D 423 -43.59 -29.51 34.94
C ALA D 423 -44.30 -30.76 35.45
N LYS D 424 -44.88 -30.68 36.65
CA LYS D 424 -45.58 -31.81 37.24
C LYS D 424 -46.79 -32.18 36.38
N VAL D 425 -47.35 -31.17 35.75
CA VAL D 425 -48.52 -31.32 34.90
C VAL D 425 -48.30 -32.27 33.74
N LEU D 426 -47.07 -32.35 33.24
CA LEU D 426 -46.76 -33.23 32.11
C LEU D 426 -46.69 -34.70 32.52
N GLU D 427 -47.12 -35.01 33.73
CA GLU D 427 -47.05 -36.38 34.21
C GLU D 427 -47.66 -37.41 33.28
N GLY D 428 -48.94 -37.27 32.97
CA GLY D 428 -49.58 -38.23 32.10
C GLY D 428 -49.73 -37.82 30.65
N LEU D 429 -49.41 -36.57 30.33
CA LEU D 429 -49.54 -36.06 28.98
C LEU D 429 -48.92 -36.99 27.93
N SER D 430 -49.53 -37.03 26.75
CA SER D 430 -49.04 -37.87 25.65
C SER D 430 -49.35 -37.27 24.28
N GLY D 431 -48.46 -37.51 23.33
CA GLY D 431 -48.63 -36.99 21.99
C GLY D 431 -49.03 -38.07 21.02
N ALA D 432 -49.24 -37.71 19.76
CA ALA D 432 -49.66 -38.64 18.73
C ALA D 432 -48.70 -39.80 18.42
N ASN D 433 -47.44 -39.70 18.89
CA ASN D 433 -46.45 -40.74 18.62
C ASN D 433 -45.20 -40.60 19.48
N SER D 434 -44.40 -41.68 19.53
CA SER D 434 -43.17 -41.75 20.32
C SER D 434 -42.33 -40.51 20.15
N ASP D 435 -42.24 -40.03 18.91
CA ASP D 435 -41.47 -38.84 18.60
C ASP D 435 -42.10 -37.67 19.34
N GLN D 436 -43.40 -37.50 19.18
CA GLN D 436 -44.10 -36.41 19.84
C GLN D 436 -43.94 -36.54 21.36
N ASP D 437 -43.85 -37.77 21.83
CA ASP D 437 -43.71 -38.03 23.25
C ASP D 437 -42.35 -37.54 23.71
N ALA D 438 -41.34 -37.78 22.88
CA ALA D 438 -39.97 -37.36 23.19
C ALA D 438 -39.93 -35.86 23.39
N GLY D 439 -40.56 -35.13 22.50
CA GLY D 439 -40.56 -33.68 22.62
C GLY D 439 -41.11 -33.26 23.97
N ILE D 440 -42.09 -34.00 24.45
CA ILE D 440 -42.71 -33.68 25.73
C ILE D 440 -41.76 -33.93 26.90
N ALA D 441 -41.01 -35.02 26.85
CA ALA D 441 -40.06 -35.35 27.91
C ALA D 441 -38.89 -34.41 27.94
N ILE D 442 -38.50 -33.92 26.77
CA ILE D 442 -37.40 -32.98 26.66
C ILE D 442 -37.76 -31.79 27.55
N ILE D 443 -38.95 -31.24 27.35
CA ILE D 443 -39.41 -30.11 28.14
C ILE D 443 -39.55 -30.49 29.60
N ARG D 444 -39.99 -31.71 29.87
CA ARG D 444 -40.15 -32.18 31.25
C ARG D 444 -38.83 -32.08 32.01
N ARG D 445 -37.71 -32.21 31.28
CA ARG D 445 -36.39 -32.13 31.90
C ARG D 445 -35.73 -30.78 31.77
N ALA D 446 -35.97 -30.08 30.67
CA ALA D 446 -35.36 -28.79 30.49
C ALA D 446 -35.78 -27.82 31.57
N LEU D 447 -37.00 -27.98 32.07
CA LEU D 447 -37.50 -27.08 33.10
C LEU D 447 -36.71 -27.14 34.40
N GLU D 448 -35.91 -28.19 34.61
CA GLU D 448 -35.12 -28.30 35.82
C GLU D 448 -33.75 -27.60 35.68
N ALA D 449 -33.47 -27.06 34.49
CA ALA D 449 -32.20 -26.39 34.19
C ALA D 449 -31.87 -25.18 35.06
N PRO D 450 -32.69 -24.12 35.00
CA PRO D 450 -32.42 -22.92 35.80
C PRO D 450 -32.34 -23.16 37.31
N MET D 451 -32.94 -24.24 37.80
CA MET D 451 -32.89 -24.52 39.22
C MET D 451 -31.60 -25.26 39.61
N ARG D 452 -31.31 -26.35 38.92
CA ARG D 452 -30.09 -27.09 39.24
C ARG D 452 -28.88 -26.16 39.10
N GLN D 453 -28.93 -25.26 38.12
CA GLN D 453 -27.84 -24.31 37.90
C GLN D 453 -27.71 -23.44 39.14
N ILE D 454 -28.78 -22.75 39.45
CA ILE D 454 -28.82 -21.88 40.61
C ILE D 454 -28.31 -22.61 41.85
N ALA D 455 -28.57 -23.91 41.91
CA ALA D 455 -28.13 -24.72 43.03
C ALA D 455 -26.63 -25.02 42.93
N GLU D 456 -26.19 -25.43 41.75
CA GLU D 456 -24.78 -25.74 41.54
C GLU D 456 -23.88 -24.54 41.84
N ASN D 457 -24.28 -23.37 41.33
CA ASN D 457 -23.51 -22.15 41.55
C ASN D 457 -23.31 -21.89 43.06
N ALA D 458 -24.30 -22.32 43.86
CA ALA D 458 -24.28 -22.14 45.31
C ALA D 458 -23.47 -23.23 46.00
N GLY D 459 -23.17 -24.31 45.27
CA GLY D 459 -22.40 -25.38 45.85
C GLY D 459 -23.20 -26.63 46.14
N VAL D 460 -24.51 -26.53 45.96
CA VAL D 460 -25.39 -27.66 46.20
C VAL D 460 -25.61 -28.51 44.96
N ASP D 461 -25.75 -29.82 45.15
CA ASP D 461 -25.95 -30.77 44.05
C ASP D 461 -27.33 -30.67 43.41
N GLY D 462 -27.42 -29.86 42.35
CA GLY D 462 -28.68 -29.66 41.66
C GLY D 462 -29.53 -30.89 41.39
N ALA D 463 -28.91 -32.06 41.33
CA ALA D 463 -29.66 -33.28 41.06
C ALA D 463 -30.52 -33.61 42.27
N VAL D 464 -30.01 -33.26 43.44
CA VAL D 464 -30.71 -33.49 44.69
C VAL D 464 -31.77 -32.42 44.88
N VAL D 465 -31.37 -31.16 44.80
CA VAL D 465 -32.32 -30.06 44.95
C VAL D 465 -33.53 -30.26 44.04
N ALA D 466 -33.31 -30.86 42.88
CA ALA D 466 -34.38 -31.10 41.92
C ALA D 466 -35.27 -32.26 42.36
N GLY D 467 -34.64 -33.34 42.80
CA GLY D 467 -35.40 -34.50 43.24
C GLY D 467 -36.33 -34.23 44.41
N LYS D 468 -35.88 -33.38 45.33
CA LYS D 468 -36.68 -33.03 46.48
C LYS D 468 -37.89 -32.24 46.03
N VAL D 469 -37.67 -31.20 45.24
CA VAL D 469 -38.75 -30.36 44.75
C VAL D 469 -39.71 -31.15 43.86
N ARG D 470 -39.21 -32.22 43.25
CA ARG D 470 -40.02 -33.06 42.39
C ARG D 470 -40.97 -33.90 43.23
N GLU D 471 -40.42 -34.59 44.22
CA GLU D 471 -41.20 -35.44 45.11
C GLU D 471 -42.04 -34.58 46.07
N SER D 472 -41.92 -33.26 45.93
CA SER D 472 -42.66 -32.33 46.79
C SER D 472 -44.16 -32.53 46.66
N SER D 473 -44.90 -31.92 47.58
CA SER D 473 -46.34 -32.00 47.59
C SER D 473 -46.92 -30.61 47.60
N ASP D 474 -46.30 -29.72 48.36
CA ASP D 474 -46.73 -28.34 48.46
C ASP D 474 -46.26 -27.57 47.24
N LYS D 475 -47.20 -27.17 46.39
CA LYS D 475 -46.87 -26.42 45.17
C LYS D 475 -45.96 -25.21 45.40
N ALA D 476 -45.70 -24.87 46.65
CA ALA D 476 -44.86 -23.73 46.96
C ALA D 476 -43.59 -24.14 47.69
N PHE D 477 -43.25 -25.42 47.59
CA PHE D 477 -42.04 -25.95 48.24
C PHE D 477 -40.86 -25.98 47.28
N GLY D 478 -39.74 -25.42 47.70
CA GLY D 478 -38.57 -25.41 46.85
C GLY D 478 -37.28 -25.42 47.63
N PHE D 479 -36.27 -24.73 47.12
CA PHE D 479 -34.96 -24.63 47.75
C PHE D 479 -34.49 -23.18 47.64
N ASN D 480 -34.05 -22.61 48.76
CA ASN D 480 -33.59 -21.22 48.77
C ASN D 480 -32.06 -21.20 48.86
N ALA D 481 -31.42 -20.98 47.71
CA ALA D 481 -29.96 -20.97 47.60
C ALA D 481 -29.30 -19.87 48.42
N GLN D 482 -30.06 -18.85 48.78
CA GLN D 482 -29.54 -17.73 49.56
C GLN D 482 -29.13 -18.19 50.96
N THR D 483 -29.99 -19.00 51.57
CA THR D 483 -29.77 -19.53 52.91
C THR D 483 -29.49 -21.03 52.87
N GLU D 484 -29.84 -21.66 51.75
CA GLU D 484 -29.62 -23.09 51.53
C GLU D 484 -30.58 -24.00 52.29
N GLU D 485 -31.84 -23.58 52.40
CA GLU D 485 -32.83 -24.38 53.10
C GLU D 485 -34.07 -24.56 52.26
N TYR D 486 -34.76 -25.67 52.46
CA TYR D 486 -35.99 -25.96 51.72
C TYR D 486 -37.20 -25.44 52.48
N GLY D 487 -38.30 -25.20 51.77
CA GLY D 487 -39.48 -24.72 52.43
C GLY D 487 -40.51 -24.05 51.55
N ASP D 488 -41.18 -23.04 52.09
CA ASP D 488 -42.20 -22.30 51.36
C ASP D 488 -41.54 -21.10 50.72
N MET D 489 -41.22 -21.23 49.44
CA MET D 489 -40.57 -20.17 48.69
C MET D 489 -41.25 -18.82 48.92
N PHE D 490 -42.56 -18.84 49.13
CA PHE D 490 -43.29 -17.60 49.35
C PHE D 490 -42.95 -16.96 50.68
N LYS D 491 -43.03 -17.73 51.76
CA LYS D 491 -42.71 -17.23 53.09
C LYS D 491 -41.25 -16.76 53.11
N PHE D 492 -40.42 -17.41 52.30
CA PHE D 492 -39.00 -17.10 52.18
C PHE D 492 -38.75 -15.75 51.55
N GLY D 493 -39.66 -15.31 50.69
CA GLY D 493 -39.48 -14.02 50.04
C GLY D 493 -38.84 -14.20 48.67
N VAL D 494 -38.82 -15.44 48.21
CA VAL D 494 -38.27 -15.81 46.91
C VAL D 494 -39.39 -15.92 45.89
N ILE D 495 -39.74 -14.81 45.25
CA ILE D 495 -40.81 -14.77 44.26
C ILE D 495 -40.38 -14.21 42.91
N ASP D 496 -41.17 -14.46 41.88
CA ASP D 496 -40.87 -13.99 40.53
C ASP D 496 -42.14 -13.66 39.77
N PRO D 497 -42.18 -12.49 39.10
CA PRO D 497 -43.39 -12.16 38.36
C PRO D 497 -43.71 -13.32 37.42
N ALA D 498 -44.91 -13.87 37.53
CA ALA D 498 -45.30 -14.99 36.68
C ALA D 498 -45.23 -14.65 35.22
N LYS D 499 -45.18 -13.36 34.92
CA LYS D 499 -45.12 -12.91 33.54
C LYS D 499 -43.74 -13.16 32.92
N VAL D 500 -42.69 -13.23 33.75
CA VAL D 500 -41.35 -13.48 33.23
C VAL D 500 -41.00 -14.95 33.23
N VAL D 501 -41.50 -15.69 34.22
CA VAL D 501 -41.24 -17.12 34.28
C VAL D 501 -42.02 -17.79 33.17
N ARG D 502 -42.94 -17.04 32.56
CA ARG D 502 -43.78 -17.55 31.49
C ARG D 502 -43.25 -17.14 30.13
N THR D 503 -42.83 -15.89 30.02
CA THR D 503 -42.30 -15.41 28.76
C THR D 503 -40.98 -16.13 28.45
N ALA D 504 -40.14 -16.30 29.46
CA ALA D 504 -38.86 -16.99 29.27
C ALA D 504 -39.06 -18.37 28.64
N LEU D 505 -39.97 -19.14 29.23
CA LEU D 505 -40.28 -20.49 28.76
C LEU D 505 -40.89 -20.56 27.37
N GLU D 506 -41.70 -19.58 27.01
CA GLU D 506 -42.29 -19.59 25.69
C GLU D 506 -41.23 -19.27 24.65
N ASP D 507 -40.49 -18.19 24.89
CA ASP D 507 -39.42 -17.72 24.00
C ASP D 507 -38.36 -18.79 23.76
N ALA D 508 -37.99 -19.51 24.82
CA ALA D 508 -36.99 -20.56 24.71
C ALA D 508 -37.50 -21.63 23.76
N ALA D 509 -38.66 -22.21 24.10
CA ALA D 509 -39.24 -23.25 23.26
C ALA D 509 -39.56 -22.71 21.87
N SER D 510 -39.63 -21.39 21.73
CA SER D 510 -39.91 -20.78 20.44
C SER D 510 -38.73 -21.02 19.48
N VAL D 511 -37.52 -20.75 19.95
CA VAL D 511 -36.33 -20.93 19.13
C VAL D 511 -35.88 -22.38 19.14
N ALA D 512 -35.93 -23.02 20.31
CA ALA D 512 -35.52 -24.41 20.38
C ALA D 512 -36.21 -25.20 19.27
N GLY D 513 -37.39 -24.74 18.86
CA GLY D 513 -38.12 -25.41 17.80
C GLY D 513 -37.59 -25.07 16.43
N LEU D 514 -37.23 -23.80 16.23
CA LEU D 514 -36.67 -23.31 14.97
C LEU D 514 -35.34 -24.00 14.71
N LEU D 515 -34.45 -23.93 15.69
CA LEU D 515 -33.13 -24.56 15.57
C LEU D 515 -33.30 -26.05 15.25
N ILE D 516 -34.06 -26.77 16.08
CA ILE D 516 -34.30 -28.19 15.88
C ILE D 516 -34.86 -28.53 14.50
N THR D 517 -35.58 -27.59 13.87
CA THR D 517 -36.13 -27.85 12.54
C THR D 517 -35.44 -27.09 11.41
N THR D 518 -34.14 -26.81 11.61
CA THR D 518 -33.32 -26.13 10.61
C THR D 518 -32.51 -27.21 9.89
N GLU D 519 -32.56 -27.20 8.56
CA GLU D 519 -31.87 -28.19 7.73
C GLU D 519 -30.67 -27.66 6.99
N ALA D 520 -30.60 -26.35 6.80
CA ALA D 520 -29.50 -25.77 6.06
C ALA D 520 -29.21 -24.35 6.45
N MET D 521 -27.94 -23.98 6.38
CA MET D 521 -27.53 -22.62 6.74
C MET D 521 -26.72 -22.01 5.61
N ILE D 522 -26.89 -20.71 5.39
CA ILE D 522 -26.18 -20.02 4.34
C ILE D 522 -25.44 -18.83 4.94
N ALA D 523 -24.12 -18.89 4.97
CA ALA D 523 -23.33 -17.80 5.51
C ALA D 523 -22.40 -17.28 4.42
N GLU D 524 -21.97 -16.03 4.52
CA GLU D 524 -21.06 -15.45 3.54
C GLU D 524 -19.65 -16.03 3.64
N LYS D 525 -18.93 -16.05 2.52
CA LYS D 525 -17.57 -16.59 2.50
C LYS D 525 -16.56 -15.55 2.93
N PRO D 526 -15.53 -15.97 3.69
CA PRO D 526 -14.50 -15.03 4.15
C PRO D 526 -13.69 -14.42 3.00
N ALA E 2 -10.23 -11.44 -20.23
CA ALA E 2 -8.83 -11.83 -19.96
C ALA E 2 -8.69 -13.34 -19.90
N ALA E 3 -7.57 -13.82 -19.37
CA ALA E 3 -7.30 -15.26 -19.26
C ALA E 3 -8.58 -16.03 -18.98
N LYS E 4 -8.69 -17.19 -19.58
CA LYS E 4 -9.87 -18.01 -19.40
C LYS E 4 -9.52 -19.45 -19.11
N GLU E 5 -10.37 -20.11 -18.33
CA GLU E 5 -10.19 -21.51 -17.99
C GLU E 5 -11.28 -22.23 -18.76
N VAL E 6 -10.88 -23.11 -19.67
CA VAL E 6 -11.86 -23.84 -20.48
C VAL E 6 -11.96 -25.28 -20.00
N LYS E 7 -13.13 -25.67 -19.51
CA LYS E 7 -13.33 -27.05 -19.05
C LYS E 7 -14.11 -27.79 -20.14
N PHE E 8 -13.72 -29.03 -20.41
CA PHE E 8 -14.39 -29.79 -21.47
C PHE E 8 -15.08 -31.02 -20.89
N ASN E 9 -15.82 -31.71 -21.75
CA ASN E 9 -16.52 -32.94 -21.40
C ASN E 9 -17.02 -33.07 -19.95
N SER E 10 -16.86 -34.28 -19.42
CA SER E 10 -17.29 -34.62 -18.07
C SER E 10 -16.78 -33.66 -16.99
N ASP E 11 -15.52 -33.27 -17.10
CA ASP E 11 -14.92 -32.37 -16.14
C ASP E 11 -15.78 -31.10 -15.99
N ALA E 12 -16.45 -30.70 -17.06
CA ALA E 12 -17.28 -29.51 -16.99
C ALA E 12 -18.68 -29.85 -16.51
N ARG E 13 -19.09 -31.09 -16.73
CA ARG E 13 -20.41 -31.53 -16.32
C ARG E 13 -20.45 -31.83 -14.82
N ASP E 14 -19.48 -32.59 -14.34
CA ASP E 14 -19.45 -32.91 -12.92
C ASP E 14 -19.52 -31.66 -12.04
N ARG E 15 -18.96 -30.56 -12.55
CA ARG E 15 -18.94 -29.31 -11.80
C ARG E 15 -20.29 -28.61 -11.83
N MET E 16 -20.98 -28.68 -12.96
CA MET E 16 -22.28 -28.04 -13.07
C MET E 16 -23.20 -28.79 -12.12
N LEU E 17 -23.11 -30.12 -12.18
CA LEU E 17 -23.94 -30.96 -11.34
C LEU E 17 -23.75 -30.62 -9.87
N LYS E 18 -22.52 -30.21 -9.50
CA LYS E 18 -22.19 -29.82 -8.12
C LYS E 18 -22.93 -28.55 -7.73
N GLY E 19 -22.93 -27.57 -8.63
CA GLY E 19 -23.59 -26.31 -8.34
C GLY E 19 -25.09 -26.42 -8.33
N VAL E 20 -25.61 -27.37 -9.08
CA VAL E 20 -27.04 -27.56 -9.14
C VAL E 20 -27.50 -28.29 -7.88
N ASN E 21 -26.79 -29.35 -7.51
CA ASN E 21 -27.14 -30.12 -6.31
C ASN E 21 -27.16 -29.28 -5.03
N ILE E 22 -26.26 -28.29 -4.93
CA ILE E 22 -26.19 -27.41 -3.77
C ILE E 22 -27.45 -26.57 -3.78
N LEU E 23 -27.73 -25.97 -4.93
CA LEU E 23 -28.90 -25.13 -5.09
C LEU E 23 -30.20 -25.90 -4.85
N ALA E 24 -30.29 -27.13 -5.36
CA ALA E 24 -31.49 -27.90 -5.19
C ALA E 24 -31.61 -28.48 -3.79
N ASP E 25 -30.49 -28.80 -3.17
CA ASP E 25 -30.55 -29.37 -1.84
C ASP E 25 -30.86 -28.36 -0.75
N ALA E 26 -30.55 -27.08 -0.99
CA ALA E 26 -30.81 -26.04 -0.02
C ALA E 26 -32.27 -25.60 -0.09
N VAL E 27 -32.82 -25.56 -1.30
CA VAL E 27 -34.19 -25.11 -1.55
C VAL E 27 -35.22 -26.20 -1.25
N LYS E 28 -34.94 -27.42 -1.64
CA LYS E 28 -35.87 -28.51 -1.44
C LYS E 28 -36.16 -28.93 0.01
N VAL E 29 -35.38 -28.43 0.97
CA VAL E 29 -35.64 -28.79 2.36
C VAL E 29 -36.87 -28.02 2.78
N THR E 30 -37.18 -26.95 2.05
CA THR E 30 -38.32 -26.11 2.37
C THR E 30 -39.49 -26.42 1.45
N LEU E 31 -39.91 -27.67 1.36
CA LEU E 31 -41.01 -28.03 0.46
C LEU E 31 -42.17 -28.75 1.13
N GLY E 32 -43.38 -28.26 0.91
CA GLY E 32 -44.54 -28.90 1.49
C GLY E 32 -45.03 -28.34 2.82
N PRO E 33 -46.04 -28.96 3.43
CA PRO E 33 -46.60 -28.50 4.70
C PRO E 33 -45.65 -28.76 5.87
N LYS E 34 -44.71 -29.68 5.69
CA LYS E 34 -43.73 -30.01 6.74
C LYS E 34 -42.31 -29.58 6.37
N GLY E 35 -42.22 -28.41 5.74
CA GLY E 35 -40.94 -27.88 5.34
C GLY E 35 -40.08 -27.55 6.54
N ARG E 36 -38.77 -27.61 6.34
CA ARG E 36 -37.83 -27.31 7.41
C ARG E 36 -37.31 -25.93 7.11
N ASN E 37 -36.77 -25.25 8.11
CA ASN E 37 -36.27 -23.91 7.87
C ASN E 37 -34.86 -23.88 7.29
N VAL E 38 -34.49 -22.72 6.78
CA VAL E 38 -33.17 -22.51 6.23
C VAL E 38 -32.70 -21.19 6.84
N VAL E 39 -31.68 -21.23 7.69
CA VAL E 39 -31.17 -20.01 8.32
C VAL E 39 -30.23 -19.30 7.36
N ILE E 40 -30.43 -18.01 7.15
CA ILE E 40 -29.61 -17.22 6.24
C ILE E 40 -28.87 -16.08 6.95
N ASP E 41 -27.55 -16.14 6.92
CA ASP E 41 -26.73 -15.12 7.56
C ASP E 41 -27.01 -13.74 7.01
N LYS E 42 -27.40 -12.83 7.91
CA LYS E 42 -27.70 -11.44 7.59
C LYS E 42 -26.46 -10.64 8.02
N SER E 43 -25.93 -9.84 7.10
CA SER E 43 -24.74 -9.04 7.37
C SER E 43 -24.84 -8.11 8.57
N PHE E 44 -26.03 -8.04 9.18
CA PHE E 44 -26.23 -7.16 10.32
C PHE E 44 -27.36 -7.64 11.23
N GLY E 45 -27.02 -7.99 12.46
CA GLY E 45 -28.03 -8.45 13.39
C GLY E 45 -28.15 -9.95 13.48
N ALA E 46 -29.37 -10.44 13.65
CA ALA E 46 -29.61 -11.87 13.74
C ALA E 46 -29.90 -12.43 12.36
N PRO E 47 -29.68 -13.74 12.18
CA PRO E 47 -29.91 -14.38 10.89
C PRO E 47 -31.39 -14.45 10.53
N ARG E 48 -31.64 -14.53 9.23
CA ARG E 48 -33.00 -14.61 8.69
C ARG E 48 -33.40 -16.07 8.61
N ILE E 49 -34.48 -16.42 9.30
CA ILE E 49 -34.99 -17.80 9.28
C ILE E 49 -36.14 -17.85 8.26
N THR E 50 -35.98 -18.67 7.23
CA THR E 50 -37.00 -18.76 6.19
C THR E 50 -37.34 -20.17 5.75
N LYS E 51 -38.51 -20.30 5.12
CA LYS E 51 -39.01 -21.57 4.61
C LYS E 51 -39.39 -21.35 3.14
N ASP E 52 -39.36 -20.10 2.72
CA ASP E 52 -39.68 -19.71 1.36
C ASP E 52 -38.56 -20.09 0.41
N GLY E 53 -38.73 -21.19 -0.31
CA GLY E 53 -37.71 -21.65 -1.23
C GLY E 53 -37.27 -20.65 -2.29
N VAL E 54 -37.94 -19.52 -2.40
CA VAL E 54 -37.54 -18.54 -3.41
C VAL E 54 -36.47 -17.60 -2.87
N SER E 55 -36.52 -17.34 -1.56
CA SER E 55 -35.55 -16.46 -0.92
C SER E 55 -34.22 -17.18 -0.75
N VAL E 56 -34.27 -18.50 -0.69
CA VAL E 56 -33.08 -19.32 -0.55
C VAL E 56 -32.33 -19.31 -1.88
N ALA E 57 -33.05 -19.62 -2.95
CA ALA E 57 -32.48 -19.65 -4.28
C ALA E 57 -31.68 -18.40 -4.63
N LYS E 58 -32.16 -17.24 -4.19
CA LYS E 58 -31.48 -15.98 -4.47
C LYS E 58 -30.15 -15.85 -3.73
N GLU E 59 -30.11 -16.38 -2.49
CA GLU E 59 -28.91 -16.33 -1.67
C GLU E 59 -27.79 -17.23 -2.18
N ILE E 60 -28.11 -18.17 -3.05
CA ILE E 60 -27.09 -19.10 -3.53
C ILE E 60 -26.16 -18.54 -4.62
N GLU E 61 -24.89 -18.44 -4.26
CA GLU E 61 -23.83 -17.96 -5.14
C GLU E 61 -22.55 -18.67 -4.70
N LEU E 62 -22.25 -19.76 -5.39
CA LEU E 62 -21.06 -20.56 -5.11
C LEU E 62 -19.78 -19.81 -5.58
N SER E 63 -18.66 -20.08 -4.91
CA SER E 63 -17.42 -19.41 -5.26
C SER E 63 -16.76 -19.93 -6.53
N ASP E 64 -16.74 -21.25 -6.71
CA ASP E 64 -16.12 -21.85 -7.91
C ASP E 64 -16.87 -21.49 -9.20
N LYS E 65 -16.24 -20.67 -10.03
CA LYS E 65 -16.82 -20.21 -11.30
C LYS E 65 -17.70 -21.23 -12.02
N PHE E 66 -17.22 -22.45 -12.16
CA PHE E 66 -17.97 -23.48 -12.85
C PHE E 66 -19.17 -23.97 -12.05
N GLU E 67 -18.96 -24.37 -10.81
CA GLU E 67 -20.07 -24.83 -9.98
C GLU E 67 -21.16 -23.78 -9.95
N ASN E 68 -20.75 -22.51 -9.92
CA ASN E 68 -21.70 -21.42 -9.89
C ASN E 68 -22.53 -21.30 -11.17
N MET E 69 -21.93 -21.62 -12.31
CA MET E 69 -22.64 -21.53 -13.58
C MET E 69 -23.79 -22.53 -13.59
N GLY E 70 -23.54 -23.73 -13.06
CA GLY E 70 -24.57 -24.73 -13.00
C GLY E 70 -25.73 -24.20 -12.19
N ALA E 71 -25.45 -23.65 -11.03
CA ALA E 71 -26.49 -23.10 -10.15
C ALA E 71 -27.15 -21.88 -10.77
N GLN E 72 -26.34 -20.92 -11.24
CA GLN E 72 -26.88 -19.70 -11.84
C GLN E 72 -27.90 -19.95 -12.95
N MET E 73 -27.65 -20.96 -13.78
CA MET E 73 -28.54 -21.30 -14.87
C MET E 73 -29.88 -21.80 -14.33
N VAL E 74 -29.88 -23.00 -13.76
CA VAL E 74 -31.09 -23.59 -13.19
C VAL E 74 -31.86 -22.53 -12.41
N ARG E 75 -31.14 -21.86 -11.52
CA ARG E 75 -31.75 -20.85 -10.68
C ARG E 75 -32.41 -19.72 -11.49
N GLU E 76 -31.90 -19.44 -12.68
CA GLU E 76 -32.45 -18.38 -13.53
C GLU E 76 -33.77 -18.80 -14.18
N VAL E 77 -33.75 -19.94 -14.86
CA VAL E 77 -34.93 -20.47 -15.52
C VAL E 77 -36.03 -20.69 -14.50
N ALA E 78 -35.78 -21.53 -13.51
CA ALA E 78 -36.78 -21.82 -12.49
C ALA E 78 -37.36 -20.53 -11.89
N SER E 79 -36.67 -19.41 -12.07
CA SER E 79 -37.12 -18.14 -11.53
C SER E 79 -38.18 -17.53 -12.44
N ARG E 80 -38.17 -17.92 -13.71
CA ARG E 80 -39.15 -17.42 -14.68
C ARG E 80 -40.47 -18.12 -14.41
N THR E 81 -40.40 -19.28 -13.75
CA THR E 81 -41.60 -20.04 -13.40
C THR E 81 -42.36 -19.24 -12.36
N ASN E 82 -41.73 -18.19 -11.87
CA ASN E 82 -42.34 -17.32 -10.88
C ASN E 82 -43.02 -16.15 -11.60
N ASP E 83 -43.24 -16.33 -12.90
CA ASP E 83 -43.91 -15.33 -13.71
C ASP E 83 -45.38 -15.28 -13.26
N GLU E 84 -45.83 -16.42 -12.74
CA GLU E 84 -47.21 -16.55 -12.24
C GLU E 84 -47.14 -16.62 -10.72
N ALA E 85 -45.96 -16.32 -10.18
CA ALA E 85 -45.73 -16.33 -8.74
C ALA E 85 -46.36 -17.53 -8.04
N GLY E 86 -45.56 -18.57 -7.84
CA GLY E 86 -46.05 -19.77 -7.17
C GLY E 86 -44.94 -20.71 -6.80
N ASP E 87 -45.28 -21.85 -6.20
CA ASP E 87 -44.29 -22.85 -5.80
C ASP E 87 -43.57 -23.46 -7.01
N GLY E 88 -43.71 -22.81 -8.16
CA GLY E 88 -43.09 -23.30 -9.37
C GLY E 88 -41.57 -23.27 -9.29
N THR E 89 -41.03 -22.16 -8.79
CA THR E 89 -39.58 -22.01 -8.65
C THR E 89 -38.97 -23.21 -7.93
N THR E 90 -39.44 -23.49 -6.73
CA THR E 90 -38.92 -24.61 -5.97
C THR E 90 -39.15 -25.94 -6.68
N THR E 91 -40.27 -26.07 -7.39
CA THR E 91 -40.54 -27.33 -8.08
C THR E 91 -39.72 -27.43 -9.35
N ALA E 92 -39.56 -26.33 -10.07
CA ALA E 92 -38.77 -26.32 -11.29
C ALA E 92 -37.38 -26.80 -10.91
N THR E 93 -36.87 -26.30 -9.78
CA THR E 93 -35.56 -26.66 -9.25
C THR E 93 -35.47 -28.12 -8.84
N VAL E 94 -36.36 -28.55 -7.96
CA VAL E 94 -36.33 -29.93 -7.53
C VAL E 94 -36.43 -30.86 -8.74
N LEU E 95 -37.14 -30.44 -9.79
CA LEU E 95 -37.29 -31.27 -10.98
C LEU E 95 -36.01 -31.28 -11.79
N ALA E 96 -35.48 -30.09 -12.10
CA ALA E 96 -34.25 -29.98 -12.87
C ALA E 96 -33.16 -30.85 -12.28
N GLN E 97 -32.98 -30.75 -10.97
CA GLN E 97 -31.96 -31.54 -10.31
C GLN E 97 -32.10 -33.05 -10.59
N ALA E 98 -33.34 -33.54 -10.60
CA ALA E 98 -33.59 -34.97 -10.85
C ALA E 98 -33.27 -35.37 -12.28
N ILE E 99 -33.76 -34.60 -13.25
CA ILE E 99 -33.52 -34.91 -14.65
C ILE E 99 -32.04 -34.86 -14.97
N VAL E 100 -31.38 -33.76 -14.63
CA VAL E 100 -29.96 -33.59 -14.88
C VAL E 100 -29.15 -34.72 -14.28
N ARG E 101 -29.40 -35.01 -13.00
CA ARG E 101 -28.70 -36.08 -12.28
C ARG E 101 -28.70 -37.38 -13.08
N GLU E 102 -29.88 -37.75 -13.60
CA GLU E 102 -30.05 -38.98 -14.38
C GLU E 102 -29.51 -38.87 -15.80
N GLY E 103 -29.71 -37.71 -16.41
CA GLY E 103 -29.24 -37.48 -17.76
C GLY E 103 -27.74 -37.71 -17.85
N LEU E 104 -26.97 -36.91 -17.10
CA LEU E 104 -25.51 -37.05 -17.11
C LEU E 104 -25.13 -38.51 -16.78
N LYS E 105 -25.83 -39.12 -15.82
CA LYS E 105 -25.52 -40.52 -15.49
C LYS E 105 -25.55 -41.30 -16.79
N ALA E 106 -26.63 -41.14 -17.55
CA ALA E 106 -26.77 -41.85 -18.80
C ALA E 106 -25.67 -41.45 -19.77
N VAL E 107 -25.55 -40.15 -20.02
CA VAL E 107 -24.53 -39.66 -20.93
C VAL E 107 -23.23 -40.38 -20.65
N ALA E 108 -22.85 -40.41 -19.38
CA ALA E 108 -21.63 -41.06 -18.95
C ALA E 108 -21.56 -42.50 -19.47
N ALA E 109 -22.69 -43.19 -19.43
CA ALA E 109 -22.75 -44.57 -19.89
C ALA E 109 -22.67 -44.69 -21.41
N GLY E 110 -22.51 -43.56 -22.09
CA GLY E 110 -22.41 -43.60 -23.54
C GLY E 110 -23.62 -43.15 -24.34
N MET E 111 -24.80 -43.17 -23.75
CA MET E 111 -26.00 -42.74 -24.45
C MET E 111 -25.77 -41.37 -25.10
N ASN E 112 -26.33 -41.17 -26.28
CA ASN E 112 -26.16 -39.91 -26.97
C ASN E 112 -26.99 -38.83 -26.31
N PRO E 113 -26.35 -37.74 -25.90
CA PRO E 113 -27.07 -36.63 -25.25
C PRO E 113 -28.18 -36.02 -26.11
N MET E 114 -27.90 -35.75 -27.38
CA MET E 114 -28.93 -35.16 -28.24
C MET E 114 -30.20 -36.03 -28.25
N ASP E 115 -30.05 -37.34 -28.28
CA ASP E 115 -31.21 -38.22 -28.28
C ASP E 115 -31.93 -38.12 -26.94
N LEU E 116 -31.20 -38.24 -25.85
CA LEU E 116 -31.79 -38.16 -24.51
C LEU E 116 -32.58 -36.85 -24.45
N LYS E 117 -31.97 -35.78 -24.93
CA LYS E 117 -32.62 -34.49 -24.93
C LYS E 117 -33.92 -34.57 -25.70
N ARG E 118 -33.97 -35.42 -26.72
CA ARG E 118 -35.17 -35.58 -27.54
C ARG E 118 -36.23 -36.35 -26.76
N GLY E 119 -35.87 -37.55 -26.32
CA GLY E 119 -36.80 -38.36 -25.55
C GLY E 119 -37.29 -37.60 -24.34
N ILE E 120 -36.50 -36.63 -23.87
CA ILE E 120 -36.88 -35.83 -22.71
C ILE E 120 -37.91 -34.82 -23.15
N ASP E 121 -37.70 -34.22 -24.31
CA ASP E 121 -38.62 -33.21 -24.82
C ASP E 121 -39.98 -33.78 -25.18
N VAL E 122 -39.99 -34.96 -25.79
CA VAL E 122 -41.22 -35.62 -26.17
C VAL E 122 -42.01 -35.90 -24.90
N ALA E 123 -41.53 -36.82 -24.09
CA ALA E 123 -42.20 -37.21 -22.86
C ALA E 123 -42.76 -36.02 -22.09
N THR E 124 -42.03 -34.92 -22.10
CA THR E 124 -42.49 -33.73 -21.39
C THR E 124 -43.75 -33.16 -22.01
N ALA E 125 -43.76 -33.02 -23.33
CA ALA E 125 -44.94 -32.48 -24.00
C ALA E 125 -46.15 -33.35 -23.72
N LYS E 126 -45.98 -34.67 -23.78
CA LYS E 126 -47.05 -35.59 -23.52
C LYS E 126 -47.67 -35.40 -22.13
N VAL E 127 -46.85 -35.00 -21.17
CA VAL E 127 -47.33 -34.80 -19.81
C VAL E 127 -47.86 -33.38 -19.65
N VAL E 128 -47.18 -32.41 -20.23
CA VAL E 128 -47.64 -31.03 -20.12
C VAL E 128 -49.04 -30.93 -20.68
N GLU E 129 -49.41 -31.94 -21.45
CA GLU E 129 -50.73 -32.01 -22.09
C GLU E 129 -51.70 -32.78 -21.20
N ALA E 130 -51.29 -34.01 -20.85
CA ALA E 130 -52.10 -34.87 -20.01
C ALA E 130 -52.48 -34.17 -18.72
N ILE E 131 -51.82 -33.07 -18.41
CA ILE E 131 -52.11 -32.31 -17.20
C ILE E 131 -53.31 -31.43 -17.50
N LYS E 132 -53.16 -30.59 -18.53
CA LYS E 132 -54.23 -29.69 -18.91
C LYS E 132 -55.52 -30.49 -19.09
N SER E 133 -55.44 -31.58 -19.83
CA SER E 133 -56.59 -32.43 -20.07
C SER E 133 -56.97 -33.21 -18.81
N ALA E 134 -57.00 -32.51 -17.68
CA ALA E 134 -57.35 -33.13 -16.42
C ALA E 134 -57.53 -32.08 -15.34
N ALA E 135 -57.46 -30.82 -15.74
CA ALA E 135 -57.60 -29.73 -14.80
C ALA E 135 -59.03 -29.22 -14.76
N ARG E 136 -59.58 -29.17 -13.56
CA ARG E 136 -60.94 -28.66 -13.39
C ARG E 136 -60.86 -27.16 -13.61
N PRO E 137 -61.76 -26.62 -14.43
CA PRO E 137 -61.79 -25.18 -14.73
C PRO E 137 -62.33 -24.34 -13.60
N VAL E 138 -62.07 -23.04 -13.65
CA VAL E 138 -62.55 -22.13 -12.63
C VAL E 138 -63.10 -20.85 -13.28
N ASN E 139 -64.42 -20.82 -13.48
CA ASN E 139 -65.08 -19.69 -14.11
C ASN E 139 -66.17 -19.10 -13.22
N ASP E 140 -67.00 -19.99 -12.67
CA ASP E 140 -68.10 -19.59 -11.79
C ASP E 140 -67.55 -18.82 -10.59
N SER E 141 -68.37 -17.95 -10.02
CA SER E 141 -67.96 -17.16 -8.86
C SER E 141 -67.98 -18.00 -7.60
N SER E 142 -68.54 -19.19 -7.68
CA SER E 142 -68.60 -20.08 -6.52
C SER E 142 -67.26 -20.79 -6.46
N GLU E 143 -66.65 -20.97 -7.63
CA GLU E 143 -65.36 -21.62 -7.74
C GLU E 143 -64.25 -20.61 -7.50
N VAL E 144 -64.30 -19.51 -8.25
CA VAL E 144 -63.31 -18.44 -8.10
C VAL E 144 -63.28 -17.93 -6.67
N ALA E 145 -64.30 -18.27 -5.89
CA ALA E 145 -64.33 -17.84 -4.51
C ALA E 145 -63.86 -18.95 -3.59
N GLN E 146 -63.83 -20.17 -4.12
CA GLN E 146 -63.38 -21.33 -3.35
C GLN E 146 -61.88 -21.46 -3.51
N VAL E 147 -61.38 -21.07 -4.67
CA VAL E 147 -59.96 -21.11 -4.97
C VAL E 147 -59.32 -19.86 -4.36
N GLY E 148 -60.15 -18.86 -4.13
CA GLY E 148 -59.67 -17.63 -3.54
C GLY E 148 -59.52 -17.79 -2.04
N THR E 149 -60.35 -18.64 -1.45
CA THR E 149 -60.31 -18.88 -0.02
C THR E 149 -59.19 -19.83 0.34
N ILE E 150 -59.13 -20.97 -0.36
CA ILE E 150 -58.09 -21.96 -0.12
C ILE E 150 -56.72 -21.31 -0.23
N SER E 151 -56.53 -20.49 -1.25
CA SER E 151 -55.27 -19.80 -1.46
C SER E 151 -55.01 -18.81 -0.34
N ALA E 152 -55.95 -18.69 0.59
CA ALA E 152 -55.81 -17.79 1.73
C ALA E 152 -55.92 -18.54 3.05
N ASN E 153 -55.55 -19.82 3.01
CA ASN E 153 -55.57 -20.68 4.18
C ASN E 153 -56.92 -20.81 4.88
N GLY E 154 -57.99 -20.46 4.19
CA GLY E 154 -59.31 -20.59 4.79
C GLY E 154 -60.06 -19.30 5.04
N GLU E 155 -59.48 -18.18 4.61
CA GLU E 155 -60.11 -16.88 4.79
C GLU E 155 -61.28 -16.72 3.83
N SER E 156 -62.43 -17.29 4.19
CA SER E 156 -63.62 -17.23 3.36
C SER E 156 -63.99 -15.78 3.04
N PHE E 157 -63.45 -14.86 3.82
CA PHE E 157 -63.71 -13.43 3.62
C PHE E 157 -62.99 -12.92 2.37
N ILE E 158 -61.76 -13.38 2.18
CA ILE E 158 -60.96 -12.96 1.03
C ILE E 158 -61.36 -13.73 -0.21
N GLY E 159 -61.91 -14.93 -0.01
CA GLY E 159 -62.33 -15.72 -1.14
C GLY E 159 -63.46 -15.04 -1.89
N GLN E 160 -64.34 -14.37 -1.14
CA GLN E 160 -65.47 -13.66 -1.73
C GLN E 160 -65.02 -12.29 -2.21
N GLN E 161 -64.13 -11.66 -1.46
CA GLN E 161 -63.61 -10.34 -1.80
C GLN E 161 -63.02 -10.34 -3.20
N ILE E 162 -62.24 -11.36 -3.52
CA ILE E 162 -61.63 -11.47 -4.83
C ILE E 162 -62.69 -11.83 -5.87
N ALA E 163 -63.55 -12.79 -5.53
CA ALA E 163 -64.61 -13.22 -6.45
C ALA E 163 -65.42 -12.01 -6.89
N GLU E 164 -65.67 -11.09 -5.97
CA GLU E 164 -66.42 -9.88 -6.26
C GLU E 164 -65.69 -9.08 -7.33
N ALA E 165 -64.49 -8.62 -7.01
CA ALA E 165 -63.68 -7.83 -7.93
C ALA E 165 -63.61 -8.48 -9.29
N MET E 166 -63.55 -9.81 -9.32
CA MET E 166 -63.47 -10.54 -10.57
C MET E 166 -64.80 -10.49 -11.30
N GLN E 167 -65.89 -10.60 -10.55
CA GLN E 167 -67.22 -10.58 -11.13
C GLN E 167 -67.66 -9.14 -11.44
N ARG E 168 -66.70 -8.22 -11.43
CA ARG E 168 -66.98 -6.82 -11.72
C ARG E 168 -66.14 -6.36 -12.91
N VAL E 169 -65.04 -7.06 -13.16
CA VAL E 169 -64.16 -6.72 -14.27
C VAL E 169 -63.73 -7.97 -15.05
N GLY E 170 -64.57 -9.00 -14.99
CA GLY E 170 -64.27 -10.23 -15.71
C GLY E 170 -63.18 -11.07 -15.07
N ASN E 171 -63.25 -12.38 -15.26
CA ASN E 171 -62.27 -13.30 -14.72
C ASN E 171 -60.84 -12.93 -15.11
N GLU E 172 -60.71 -12.16 -16.19
CA GLU E 172 -59.39 -11.75 -16.66
C GLU E 172 -59.34 -10.22 -16.76
N GLY E 173 -59.67 -9.55 -15.66
CA GLY E 173 -59.67 -8.09 -15.64
C GLY E 173 -58.36 -7.50 -15.17
N VAL E 174 -58.46 -6.42 -14.38
CA VAL E 174 -57.28 -5.76 -13.85
C VAL E 174 -57.55 -5.30 -12.42
N ILE E 175 -57.29 -6.20 -11.47
CA ILE E 175 -57.49 -5.91 -10.05
C ILE E 175 -56.23 -5.31 -9.42
N THR E 176 -56.42 -4.57 -8.33
CA THR E 176 -55.31 -3.93 -7.63
C THR E 176 -55.61 -3.77 -6.14
N VAL E 177 -55.33 -4.80 -5.35
CA VAL E 177 -55.58 -4.75 -3.92
C VAL E 177 -54.79 -3.61 -3.28
N GLU E 178 -55.46 -2.84 -2.41
CA GLU E 178 -54.80 -1.72 -1.74
C GLU E 178 -55.27 -1.55 -0.30
N GLU E 179 -54.43 -0.92 0.52
CA GLU E 179 -54.74 -0.68 1.92
C GLU E 179 -55.73 0.47 2.07
N ASN E 180 -56.52 0.44 3.15
CA ASN E 180 -57.51 1.48 3.40
C ASN E 180 -57.21 2.18 4.72
N LYS E 181 -58.27 2.65 5.38
CA LYS E 181 -58.13 3.35 6.65
C LYS E 181 -58.70 2.53 7.81
N GLY E 182 -60.01 2.63 8.02
CA GLY E 182 -60.64 1.89 9.10
C GLY E 182 -60.88 0.43 8.75
N MET E 183 -61.61 -0.25 9.61
CA MET E 183 -61.92 -1.66 9.41
C MET E 183 -63.04 -1.83 8.38
N GLU E 184 -62.80 -1.35 7.17
CA GLU E 184 -63.79 -1.44 6.10
C GLU E 184 -63.16 -1.91 4.80
N THR E 185 -63.65 -3.04 4.28
CA THR E 185 -63.16 -3.61 3.03
C THR E 185 -64.18 -3.41 1.92
N GLU E 186 -63.74 -2.82 0.82
CA GLU E 186 -64.63 -2.57 -0.30
C GLU E 186 -63.95 -2.83 -1.65
N VAL E 187 -64.74 -3.10 -2.67
CA VAL E 187 -64.23 -3.37 -4.02
C VAL E 187 -64.74 -2.32 -5.01
N GLU E 188 -64.07 -1.17 -5.05
CA GLU E 188 -64.44 -0.10 -5.95
C GLU E 188 -63.95 -0.41 -7.36
N VAL E 189 -64.45 0.34 -8.34
CA VAL E 189 -64.05 0.13 -9.73
C VAL E 189 -63.73 1.46 -10.42
N VAL E 190 -62.59 2.04 -10.04
CA VAL E 190 -62.17 3.31 -10.62
C VAL E 190 -61.91 3.17 -12.12
N GLU E 191 -61.61 4.29 -12.76
CA GLU E 191 -61.34 4.29 -14.19
C GLU E 191 -59.84 4.41 -14.44
N GLY E 192 -59.22 3.30 -14.78
CA GLY E 192 -57.79 3.30 -15.04
C GLY E 192 -57.39 2.35 -16.15
N MET E 193 -56.09 2.27 -16.42
CA MET E 193 -55.58 1.39 -17.47
C MET E 193 -54.40 0.55 -16.98
N GLN E 194 -53.90 -0.31 -17.87
CA GLN E 194 -52.76 -1.17 -17.55
C GLN E 194 -52.08 -1.66 -18.82
N PHE E 195 -51.01 -0.99 -19.21
CA PHE E 195 -50.26 -1.37 -20.42
C PHE E 195 -49.63 -2.74 -20.24
N ASP E 196 -48.83 -3.13 -21.23
CA ASP E 196 -48.15 -4.42 -21.19
C ASP E 196 -46.64 -4.23 -21.21
N ARG E 197 -46.20 -3.10 -20.66
CA ARG E 197 -44.78 -2.76 -20.60
C ARG E 197 -44.39 -2.40 -19.18
N GLY E 198 -43.11 -2.54 -18.86
CA GLY E 198 -42.64 -2.23 -17.53
C GLY E 198 -41.77 -0.99 -17.50
N TYR E 199 -40.70 -1.02 -16.71
CA TYR E 199 -39.79 0.12 -16.62
C TYR E 199 -38.57 -0.07 -17.52
N LEU E 200 -37.67 0.89 -17.47
CA LEU E 200 -36.46 0.86 -18.29
C LEU E 200 -35.23 0.43 -17.47
N SER E 201 -35.22 0.82 -16.19
CA SER E 201 -34.11 0.49 -15.31
C SER E 201 -34.59 0.03 -13.93
N PRO E 202 -33.98 -1.03 -13.38
CA PRO E 202 -34.37 -1.56 -12.07
C PRO E 202 -34.11 -0.53 -10.97
N TYR E 203 -33.10 0.31 -11.17
CA TYR E 203 -32.76 1.34 -10.20
C TYR E 203 -33.87 2.38 -10.12
N PHE E 204 -34.82 2.29 -11.04
CA PHE E 204 -35.94 3.21 -11.10
C PHE E 204 -37.08 2.68 -10.23
N VAL E 205 -36.88 1.51 -9.64
CA VAL E 205 -37.88 0.88 -8.79
C VAL E 205 -37.77 1.25 -7.32
N THR E 206 -38.92 1.42 -6.67
CA THR E 206 -38.97 1.75 -5.25
C THR E 206 -39.21 0.46 -4.48
N ASN E 207 -38.60 -0.62 -4.98
CA ASN E 207 -38.72 -1.95 -4.39
C ASN E 207 -38.94 -1.94 -2.87
N ALA E 208 -40.13 -2.33 -2.46
CA ALA E 208 -40.49 -2.39 -1.04
C ALA E 208 -40.60 -3.86 -0.66
N ASP E 209 -41.02 -4.68 -1.62
CA ASP E 209 -41.17 -6.10 -1.43
C ASP E 209 -40.88 -6.79 -2.76
N LYS E 210 -41.41 -6.21 -3.84
CA LYS E 210 -41.20 -6.74 -5.19
C LYS E 210 -40.77 -5.60 -6.10
N MET E 211 -40.18 -5.94 -7.24
CA MET E 211 -39.72 -4.94 -8.20
C MET E 211 -40.90 -4.22 -8.84
N ILE E 212 -41.57 -3.38 -8.05
CA ILE E 212 -42.72 -2.63 -8.53
C ILE E 212 -42.62 -1.16 -8.10
N ALA E 213 -42.72 -0.25 -9.07
CA ALA E 213 -42.65 1.17 -8.79
C ALA E 213 -44.02 1.75 -8.52
N GLU E 214 -44.22 2.25 -7.30
CA GLU E 214 -45.49 2.84 -6.91
C GLU E 214 -45.37 4.37 -6.95
N LEU E 215 -46.15 5.01 -7.80
CA LEU E 215 -46.11 6.47 -7.93
C LEU E 215 -47.48 7.08 -7.72
N GLU E 216 -47.64 7.80 -6.61
CA GLU E 216 -48.90 8.45 -6.28
C GLU E 216 -48.96 9.86 -6.88
N ASP E 217 -50.01 10.11 -7.67
CA ASP E 217 -50.21 11.41 -8.31
C ASP E 217 -48.95 11.87 -9.05
N ALA E 218 -48.59 11.13 -10.08
CA ALA E 218 -47.40 11.44 -10.88
C ALA E 218 -47.79 12.27 -12.10
N TYR E 219 -46.79 12.64 -12.90
CA TYR E 219 -47.02 13.44 -14.09
C TYR E 219 -46.94 12.59 -15.37
N ILE E 220 -48.10 12.26 -15.92
CA ILE E 220 -48.17 11.45 -17.12
C ILE E 220 -48.02 12.28 -18.39
N LEU E 221 -46.85 12.17 -19.02
CA LEU E 221 -46.56 12.89 -20.26
C LEU E 221 -46.25 11.86 -21.34
N LEU E 222 -46.31 12.28 -22.60
CA LEU E 222 -46.04 11.34 -23.69
C LEU E 222 -45.93 12.00 -25.06
N HIS E 223 -44.92 11.60 -25.83
CA HIS E 223 -44.70 12.11 -27.17
C HIS E 223 -44.26 10.98 -28.09
N GLU E 224 -44.30 11.22 -29.40
CA GLU E 224 -43.92 10.20 -30.38
C GLU E 224 -42.41 10.19 -30.65
N LYS E 225 -41.66 10.95 -29.87
CA LYS E 225 -40.21 11.00 -30.01
C LYS E 225 -39.56 10.09 -28.97
N LYS E 226 -38.42 10.52 -28.44
CA LYS E 226 -37.73 9.74 -27.43
C LYS E 226 -37.20 10.63 -26.31
N LEU E 227 -36.29 10.10 -25.50
CA LEU E 227 -35.70 10.83 -24.39
C LEU E 227 -34.21 11.03 -24.62
N SER E 228 -33.86 11.54 -25.80
CA SER E 228 -32.46 11.78 -26.15
C SER E 228 -31.84 12.81 -25.21
N SER E 229 -31.98 14.09 -25.56
CA SER E 229 -31.44 15.17 -24.74
C SER E 229 -32.39 15.52 -23.61
N LEU E 230 -31.88 15.45 -22.37
CA LEU E 230 -32.68 15.75 -21.19
C LEU E 230 -32.64 17.24 -20.88
N GLN E 231 -31.78 17.96 -21.58
CA GLN E 231 -31.62 19.40 -21.39
C GLN E 231 -32.97 20.13 -21.34
N PRO E 232 -33.85 19.86 -22.32
CA PRO E 232 -35.16 20.54 -22.33
C PRO E 232 -36.06 20.13 -21.16
N GLN E 244 -44.43 19.40 -6.21
CA GLN E 244 -44.65 18.32 -5.25
C GLN E 244 -45.51 17.20 -5.82
N LYS E 245 -45.32 16.91 -7.11
CA LYS E 245 -46.08 15.86 -7.77
C LYS E 245 -45.15 15.04 -8.66
N PRO E 246 -45.01 13.73 -8.35
CA PRO E 246 -44.15 12.84 -9.13
C PRO E 246 -44.36 12.96 -10.64
N LEU E 247 -43.45 12.39 -11.41
CA LEU E 247 -43.53 12.46 -12.86
C LEU E 247 -43.44 11.07 -13.49
N LEU E 248 -43.97 10.96 -14.71
CA LEU E 248 -43.96 9.70 -15.45
C LEU E 248 -43.86 10.00 -16.93
N ILE E 249 -42.74 9.58 -17.54
CA ILE E 249 -42.53 9.81 -18.97
C ILE E 249 -42.74 8.54 -19.78
N VAL E 250 -43.53 8.66 -20.84
CA VAL E 250 -43.82 7.53 -21.72
C VAL E 250 -43.46 7.88 -23.16
N ALA E 251 -42.34 7.33 -23.63
CA ALA E 251 -41.88 7.58 -24.99
C ALA E 251 -41.22 6.34 -25.59
N GLU E 252 -40.48 6.53 -26.67
CA GLU E 252 -39.81 5.43 -27.35
C GLU E 252 -38.69 4.86 -26.48
N ASP E 253 -37.85 5.73 -25.94
CA ASP E 253 -36.75 5.31 -25.07
C ASP E 253 -35.92 6.50 -24.61
N VAL E 254 -35.02 6.24 -23.67
CA VAL E 254 -34.14 7.29 -23.12
C VAL E 254 -32.70 7.10 -23.56
N GLU E 255 -32.15 8.13 -24.22
CA GLU E 255 -30.77 8.08 -24.69
C GLU E 255 -29.84 8.74 -23.66
N ILE E 273 -39.87 9.64 -9.92
CA ILE E 273 -39.88 9.77 -11.38
C ILE E 273 -40.18 8.42 -12.02
N ALA E 274 -40.95 8.45 -13.10
CA ALA E 274 -41.33 7.23 -13.79
C ALA E 274 -40.93 7.28 -15.26
N ALA E 275 -40.37 6.18 -15.76
CA ALA E 275 -39.95 6.08 -17.14
C ALA E 275 -40.42 4.76 -17.74
N VAL E 276 -41.37 4.85 -18.65
CA VAL E 276 -41.92 3.66 -19.31
C VAL E 276 -42.11 3.92 -20.80
N LYS E 277 -41.99 2.87 -21.60
CA LYS E 277 -42.15 2.97 -23.03
C LYS E 277 -43.64 3.06 -23.41
N ALA E 278 -43.94 3.91 -24.38
CA ALA E 278 -45.32 4.08 -24.84
C ALA E 278 -45.92 2.75 -25.25
N PRO E 279 -47.25 2.59 -25.09
CA PRO E 279 -47.96 1.36 -25.45
C PRO E 279 -48.39 1.32 -26.91
N GLY E 280 -48.56 0.11 -27.44
CA GLY E 280 -48.97 -0.05 -28.82
C GLY E 280 -47.81 -0.12 -29.80
N PHE E 281 -48.12 -0.16 -31.09
CA PHE E 281 -47.11 -0.22 -32.14
C PHE E 281 -47.70 0.11 -33.51
N GLY E 282 -46.88 0.68 -34.38
CA GLY E 282 -47.33 1.04 -35.71
C GLY E 282 -48.36 2.16 -35.67
N ASP E 283 -49.50 1.92 -36.30
CA ASP E 283 -50.58 2.91 -36.35
C ASP E 283 -51.30 2.95 -35.00
N ARG E 284 -51.03 1.95 -34.17
CA ARG E 284 -51.65 1.87 -32.85
C ARG E 284 -50.81 2.61 -31.81
N ARG E 285 -49.70 3.20 -32.26
CA ARG E 285 -48.80 3.94 -31.38
C ARG E 285 -49.48 5.18 -30.81
N LYS E 286 -49.78 6.12 -31.71
CA LYS E 286 -50.42 7.36 -31.30
C LYS E 286 -51.80 7.06 -30.71
N ALA E 287 -52.48 6.07 -31.28
CA ALA E 287 -53.80 5.68 -30.81
C ALA E 287 -53.73 5.28 -29.33
N MET E 288 -52.82 4.37 -29.01
CA MET E 288 -52.66 3.92 -27.63
C MET E 288 -52.34 5.09 -26.71
N LEU E 289 -51.40 5.93 -27.14
CA LEU E 289 -51.01 7.10 -26.35
C LEU E 289 -52.21 8.02 -26.14
N GLN E 290 -53.13 7.99 -27.09
CA GLN E 290 -54.34 8.82 -27.03
C GLN E 290 -55.35 8.20 -26.07
N ASP E 291 -55.63 6.91 -26.25
CA ASP E 291 -56.58 6.20 -25.40
C ASP E 291 -56.26 6.46 -23.93
N ILE E 292 -54.97 6.45 -23.61
CA ILE E 292 -54.51 6.70 -22.25
C ILE E 292 -54.44 8.19 -21.99
N ALA E 293 -54.21 8.96 -23.05
CA ALA E 293 -54.12 10.41 -22.95
C ALA E 293 -55.37 10.97 -22.29
N ILE E 294 -56.53 10.45 -22.71
CA ILE E 294 -57.81 10.88 -22.16
C ILE E 294 -57.95 10.38 -20.73
N LEU E 295 -57.58 9.12 -20.52
CA LEU E 295 -57.66 8.50 -19.20
C LEU E 295 -56.98 9.34 -18.13
N THR E 296 -55.89 10.01 -18.52
CA THR E 296 -55.15 10.86 -17.60
C THR E 296 -55.50 12.33 -17.80
N GLY E 297 -55.87 12.69 -19.03
CA GLY E 297 -56.21 14.06 -19.34
C GLY E 297 -55.04 14.91 -19.78
N GLY E 298 -54.19 14.33 -20.64
CA GLY E 298 -53.05 15.07 -21.12
C GLY E 298 -53.23 15.51 -22.57
N ILE E 314 -48.42 21.79 -17.32
CA ILE E 314 -49.22 20.87 -16.52
C ILE E 314 -50.69 20.92 -16.90
N ASP E 315 -51.16 22.09 -17.32
CA ASP E 315 -52.56 22.28 -17.71
C ASP E 315 -52.91 21.39 -18.89
N MET E 316 -51.91 21.01 -19.67
CA MET E 316 -52.11 20.16 -20.84
C MET E 316 -51.43 18.82 -20.64
N LEU E 317 -51.49 18.31 -19.41
CA LEU E 317 -50.87 17.03 -19.07
C LEU E 317 -51.88 16.10 -18.41
N GLY E 318 -51.61 14.80 -18.46
CA GLY E 318 -52.49 13.83 -17.85
C GLY E 318 -52.16 13.60 -16.39
N ARG E 319 -53.18 13.25 -15.61
CA ARG E 319 -53.00 13.00 -14.19
C ARG E 319 -53.61 11.67 -13.77
N ALA E 320 -53.16 11.15 -12.63
CA ALA E 320 -53.65 9.89 -12.11
C ALA E 320 -53.33 9.73 -10.63
N LYS E 321 -54.33 9.32 -9.85
CA LYS E 321 -54.16 9.14 -8.41
C LYS E 321 -53.03 8.19 -8.09
N LYS E 322 -52.97 7.08 -8.82
CA LYS E 322 -51.92 6.09 -8.60
C LYS E 322 -51.48 5.42 -9.89
N VAL E 323 -50.18 5.09 -9.96
CA VAL E 323 -49.60 4.45 -11.13
C VAL E 323 -48.51 3.48 -10.71
N SER E 324 -48.74 2.20 -10.93
CA SER E 324 -47.78 1.16 -10.57
C SER E 324 -47.04 0.65 -11.80
N ILE E 325 -45.75 0.37 -11.64
CA ILE E 325 -44.93 -0.12 -12.74
C ILE E 325 -44.18 -1.39 -12.34
N ASN E 326 -44.14 -2.35 -13.26
CA ASN E 326 -43.47 -3.62 -13.03
C ASN E 326 -42.44 -3.91 -14.11
N LYS E 327 -42.06 -5.18 -14.23
CA LYS E 327 -41.07 -5.60 -15.21
C LYS E 327 -41.59 -5.47 -16.64
N ASP E 328 -42.76 -6.05 -16.91
CA ASP E 328 -43.36 -6.00 -18.24
C ASP E 328 -44.84 -5.65 -18.18
N ASN E 329 -45.23 -4.88 -17.16
CA ASN E 329 -46.61 -4.47 -17.00
C ASN E 329 -46.72 -3.25 -16.10
N THR E 330 -47.48 -2.25 -16.57
CA THR E 330 -47.68 -1.01 -15.82
C THR E 330 -49.17 -0.69 -15.69
N THR E 331 -49.60 -0.39 -14.47
CA THR E 331 -51.01 -0.08 -14.21
C THR E 331 -51.21 1.36 -13.75
N ILE E 332 -52.23 2.01 -14.29
CA ILE E 332 -52.56 3.39 -13.95
C ILE E 332 -53.97 3.43 -13.37
N VAL E 333 -54.06 3.46 -12.04
CA VAL E 333 -55.35 3.49 -11.36
C VAL E 333 -55.82 4.90 -11.07
N ASP E 334 -57.13 5.13 -11.19
CA ASP E 334 -57.71 6.44 -10.95
C ASP E 334 -56.97 7.52 -11.73
N GLY E 335 -57.29 7.63 -13.01
CA GLY E 335 -56.64 8.62 -13.85
C GLY E 335 -56.99 10.05 -13.48
N ALA E 336 -57.63 10.76 -14.41
CA ALA E 336 -58.03 12.15 -14.18
C ALA E 336 -59.05 12.59 -15.23
N GLY E 337 -59.02 11.95 -16.39
CA GLY E 337 -59.94 12.29 -17.45
C GLY E 337 -61.39 12.29 -16.99
N GLU E 338 -62.27 12.82 -17.82
CA GLU E 338 -63.69 12.87 -17.50
C GLU E 338 -64.49 11.86 -18.31
N LYS E 339 -65.41 11.17 -17.64
CA LYS E 339 -66.25 10.15 -18.27
C LYS E 339 -66.67 10.52 -19.69
N ALA E 340 -66.92 11.80 -19.92
CA ALA E 340 -67.32 12.27 -21.25
C ALA E 340 -66.22 11.99 -22.26
N GLU E 341 -65.03 12.56 -22.02
CA GLU E 341 -63.89 12.37 -22.91
C GLU E 341 -63.56 10.89 -23.05
N ILE E 342 -63.89 10.12 -22.02
CA ILE E 342 -63.63 8.68 -22.02
C ILE E 342 -64.72 7.94 -22.80
N GLU E 343 -65.95 8.44 -22.71
CA GLU E 343 -67.07 7.83 -23.41
C GLU E 343 -66.99 8.10 -24.90
N ALA E 344 -66.25 9.15 -25.28
CA ALA E 344 -66.09 9.51 -26.67
C ALA E 344 -65.18 8.51 -27.38
N ARG E 345 -64.00 8.30 -26.80
CA ARG E 345 -63.04 7.36 -27.37
C ARG E 345 -63.68 5.99 -27.54
N VAL E 346 -64.30 5.50 -26.47
CA VAL E 346 -64.96 4.21 -26.50
C VAL E 346 -66.00 4.19 -27.61
N SER E 347 -66.60 5.35 -27.86
CA SER E 347 -67.62 5.49 -28.90
C SER E 347 -66.97 5.45 -30.29
N GLN E 348 -65.83 6.12 -30.42
CA GLN E 348 -65.09 6.16 -31.67
C GLN E 348 -64.62 4.77 -32.04
N ILE E 349 -63.96 4.10 -31.09
CA ILE E 349 -63.45 2.76 -31.32
C ILE E 349 -64.58 1.81 -31.72
N ARG E 350 -65.73 1.94 -31.05
CA ARG E 350 -66.89 1.12 -31.35
C ARG E 350 -67.29 1.28 -32.81
N GLN E 351 -67.57 2.52 -33.20
CA GLN E 351 -67.96 2.82 -34.57
C GLN E 351 -66.82 2.50 -35.51
N GLN E 352 -65.59 2.60 -35.01
CA GLN E 352 -64.40 2.31 -35.80
C GLN E 352 -64.40 0.83 -36.18
N ILE E 353 -64.49 -0.03 -35.18
CA ILE E 353 -64.51 -1.47 -35.40
C ILE E 353 -65.80 -1.85 -36.13
N GLU E 354 -66.80 -0.99 -35.99
CA GLU E 354 -68.09 -1.22 -36.63
C GLU E 354 -68.00 -1.13 -38.15
N GLU E 355 -66.92 -0.54 -38.64
CA GLU E 355 -66.71 -0.39 -40.07
C GLU E 355 -65.57 -1.29 -40.57
N THR E 356 -64.61 -1.55 -39.71
CA THR E 356 -63.45 -2.37 -40.06
C THR E 356 -63.85 -3.76 -40.58
N THR E 357 -63.45 -4.03 -41.82
CA THR E 357 -63.74 -5.31 -42.45
C THR E 357 -62.56 -6.24 -42.17
N SER E 358 -61.48 -5.66 -41.66
CA SER E 358 -60.27 -6.39 -41.33
C SER E 358 -60.54 -7.43 -40.25
N ASP E 359 -60.26 -8.69 -40.57
CA ASP E 359 -60.46 -9.79 -39.63
C ASP E 359 -59.26 -9.88 -38.69
N TYR E 360 -58.29 -8.99 -38.90
CA TYR E 360 -57.09 -8.97 -38.08
C TYR E 360 -57.12 -7.87 -37.03
N ASP E 361 -57.12 -6.62 -37.48
CA ASP E 361 -57.15 -5.48 -36.57
C ASP E 361 -58.48 -5.39 -35.83
N ARG E 362 -59.37 -6.35 -36.08
CA ARG E 362 -60.67 -6.37 -35.43
C ARG E 362 -60.47 -6.54 -33.92
N GLU E 363 -59.43 -7.28 -33.55
CA GLU E 363 -59.12 -7.52 -32.15
C GLU E 363 -58.17 -6.44 -31.63
N LYS E 364 -57.29 -5.97 -32.51
CA LYS E 364 -56.32 -4.94 -32.15
C LYS E 364 -57.01 -3.63 -31.75
N LEU E 365 -58.30 -3.53 -32.08
CA LEU E 365 -59.08 -2.34 -31.76
C LEU E 365 -60.11 -2.67 -30.68
N GLN E 366 -60.65 -3.88 -30.73
CA GLN E 366 -61.64 -4.33 -29.76
C GLN E 366 -60.98 -4.56 -28.41
N GLU E 367 -59.67 -4.81 -28.43
CA GLU E 367 -58.93 -5.05 -27.20
C GLU E 367 -58.51 -3.75 -26.54
N ARG E 368 -58.12 -2.77 -27.35
CA ARG E 368 -57.71 -1.47 -26.84
C ARG E 368 -58.91 -0.71 -26.29
N VAL E 369 -60.10 -1.10 -26.73
CA VAL E 369 -61.33 -0.45 -26.28
C VAL E 369 -61.71 -0.93 -24.89
N ALA E 370 -61.40 -2.20 -24.59
CA ALA E 370 -61.70 -2.79 -23.30
C ALA E 370 -60.85 -2.14 -22.22
N LYS E 371 -59.70 -1.62 -22.62
CA LYS E 371 -58.80 -0.96 -21.67
C LYS E 371 -59.45 0.33 -21.19
N LEU E 372 -60.56 0.68 -21.83
CA LEU E 372 -61.30 1.88 -21.49
C LEU E 372 -62.70 1.53 -20.99
N ALA E 373 -63.37 0.63 -21.70
CA ALA E 373 -64.71 0.20 -21.33
C ALA E 373 -64.64 -1.00 -20.40
N GLY E 374 -63.67 -1.00 -19.50
CA GLY E 374 -63.51 -2.11 -18.57
C GLY E 374 -63.32 -1.64 -17.14
N GLY E 375 -62.42 -0.67 -16.96
CA GLY E 375 -62.17 -0.13 -15.63
C GLY E 375 -61.12 -0.93 -14.90
N VAL E 376 -60.84 -0.55 -13.66
CA VAL E 376 -59.84 -1.24 -12.84
C VAL E 376 -60.35 -1.49 -11.41
N ALA E 377 -60.85 -2.70 -11.16
CA ALA E 377 -61.33 -3.03 -9.83
C ALA E 377 -60.19 -2.80 -8.85
N VAL E 378 -60.49 -2.75 -7.56
CA VAL E 378 -59.45 -2.53 -6.56
C VAL E 378 -59.92 -2.85 -5.15
N ILE E 379 -59.57 -4.04 -4.67
CA ILE E 379 -59.96 -4.45 -3.32
C ILE E 379 -59.32 -3.51 -2.31
N ARG E 380 -60.11 -2.98 -1.39
CA ARG E 380 -59.62 -2.08 -0.38
C ARG E 380 -59.57 -2.77 0.99
N VAL E 381 -58.40 -3.27 1.36
CA VAL E 381 -58.24 -3.97 2.62
C VAL E 381 -58.19 -3.02 3.80
N GLY E 382 -58.91 -3.38 4.87
CA GLY E 382 -58.94 -2.56 6.05
C GLY E 382 -59.03 -3.38 7.33
N GLY E 383 -58.44 -2.88 8.40
CA GLY E 383 -58.47 -3.60 9.66
C GLY E 383 -58.51 -2.65 10.84
N MET E 384 -57.90 -3.07 11.95
CA MET E 384 -57.86 -2.25 13.16
C MET E 384 -56.67 -1.30 13.16
N THR E 385 -55.47 -1.85 13.04
CA THR E 385 -54.25 -1.04 13.03
C THR E 385 -53.39 -1.38 11.81
N GLU E 386 -52.34 -0.59 11.60
CA GLU E 386 -51.44 -0.81 10.47
C GLU E 386 -50.86 -2.22 10.53
N ILE E 387 -50.85 -2.79 11.73
CA ILE E 387 -50.33 -4.14 11.94
C ILE E 387 -51.35 -5.16 11.45
N GLU E 388 -52.49 -4.66 10.97
CA GLU E 388 -53.56 -5.50 10.46
C GLU E 388 -53.73 -5.30 8.96
N VAL E 389 -54.06 -4.08 8.57
CA VAL E 389 -54.26 -3.75 7.16
C VAL E 389 -53.06 -4.15 6.33
N LYS E 390 -51.87 -3.81 6.81
CA LYS E 390 -50.63 -4.15 6.09
C LYS E 390 -50.41 -5.66 6.09
N GLU E 391 -51.08 -6.35 7.01
CA GLU E 391 -50.95 -7.80 7.14
C GLU E 391 -51.91 -8.53 6.20
N ARG E 392 -53.17 -8.11 6.21
CA ARG E 392 -54.19 -8.72 5.36
C ARG E 392 -53.98 -8.38 3.89
N LYS E 393 -53.32 -7.26 3.63
CA LYS E 393 -53.04 -6.84 2.27
C LYS E 393 -52.09 -7.83 1.62
N ASP E 394 -51.26 -8.48 2.44
CA ASP E 394 -50.29 -9.46 1.95
C ASP E 394 -50.96 -10.80 1.68
N ARG E 395 -51.96 -11.13 2.49
CA ARG E 395 -52.70 -12.38 2.34
C ARG E 395 -53.60 -12.30 1.11
N VAL E 396 -54.27 -11.17 0.94
CA VAL E 396 -55.16 -10.95 -0.18
C VAL E 396 -54.34 -10.90 -1.47
N ASP E 397 -53.28 -10.09 -1.45
CA ASP E 397 -52.42 -9.97 -2.62
C ASP E 397 -51.81 -11.32 -2.98
N ASP E 398 -51.58 -12.14 -1.97
CA ASP E 398 -50.99 -13.46 -2.19
C ASP E 398 -51.99 -14.47 -2.69
N ALA E 399 -53.25 -14.35 -2.24
CA ALA E 399 -54.31 -15.27 -2.64
C ALA E 399 -54.96 -14.88 -3.96
N LEU E 400 -54.93 -13.58 -4.26
CA LEU E 400 -55.50 -13.06 -5.48
C LEU E 400 -54.59 -13.34 -6.68
N ASN E 401 -53.37 -13.79 -6.37
CA ASN E 401 -52.38 -14.11 -7.40
C ASN E 401 -52.48 -15.58 -7.77
N ALA E 402 -52.91 -16.40 -6.81
CA ALA E 402 -53.07 -17.83 -7.01
C ALA E 402 -54.34 -18.09 -7.80
N THR E 403 -55.37 -17.27 -7.56
CA THR E 403 -56.65 -17.41 -8.24
C THR E 403 -56.53 -16.93 -9.67
N ARG E 404 -56.00 -15.72 -9.85
CA ARG E 404 -55.82 -15.12 -11.17
C ARG E 404 -55.08 -16.06 -12.11
N ALA E 405 -54.35 -17.00 -11.54
CA ALA E 405 -53.59 -17.98 -12.30
C ALA E 405 -54.36 -19.29 -12.38
N ALA E 406 -55.28 -19.47 -11.43
CA ALA E 406 -56.09 -20.67 -11.38
C ALA E 406 -57.16 -20.63 -12.46
N VAL E 407 -57.65 -19.44 -12.77
CA VAL E 407 -58.68 -19.24 -13.78
C VAL E 407 -58.16 -19.28 -15.21
N GLN E 408 -56.86 -19.08 -15.37
CA GLN E 408 -56.23 -19.08 -16.69
C GLN E 408 -56.16 -20.46 -17.33
N GLU E 409 -55.74 -21.46 -16.56
CA GLU E 409 -55.64 -22.81 -17.09
C GLU E 409 -56.27 -23.89 -16.22
N GLY E 410 -57.09 -23.46 -15.27
CA GLY E 410 -57.75 -24.41 -14.41
C GLY E 410 -56.92 -24.79 -13.21
N ILE E 411 -57.46 -25.66 -12.36
CA ILE E 411 -56.76 -26.09 -11.17
C ILE E 411 -56.62 -27.60 -11.22
N VAL E 412 -55.60 -28.13 -10.56
CA VAL E 412 -55.36 -29.56 -10.54
C VAL E 412 -54.79 -29.95 -9.17
N VAL E 413 -54.95 -31.21 -8.79
CA VAL E 413 -54.49 -31.69 -7.50
C VAL E 413 -53.10 -31.19 -7.13
N GLY E 414 -52.96 -30.72 -5.90
CA GLY E 414 -51.66 -30.23 -5.45
C GLY E 414 -50.87 -31.33 -4.76
N GLY E 415 -49.86 -30.94 -3.99
CA GLY E 415 -49.04 -31.92 -3.29
C GLY E 415 -48.06 -32.64 -4.19
N GLY E 416 -47.87 -32.12 -5.38
CA GLY E 416 -46.97 -32.72 -6.35
C GLY E 416 -47.50 -34.01 -6.94
N VAL E 417 -48.82 -34.19 -6.90
CA VAL E 417 -49.44 -35.39 -7.44
C VAL E 417 -49.79 -35.25 -8.91
N ALA E 418 -50.13 -34.03 -9.31
CA ALA E 418 -50.46 -33.78 -10.71
C ALA E 418 -49.37 -34.38 -11.60
N LEU E 419 -48.12 -34.09 -11.27
CA LEU E 419 -46.96 -34.58 -12.01
C LEU E 419 -46.88 -36.10 -12.04
N VAL E 420 -47.05 -36.74 -10.89
CA VAL E 420 -46.97 -38.19 -10.85
C VAL E 420 -48.10 -38.83 -11.63
N GLN E 421 -49.27 -38.20 -11.60
CA GLN E 421 -50.44 -38.72 -12.31
C GLN E 421 -50.26 -38.63 -13.81
N GLY E 422 -49.90 -37.45 -14.29
CA GLY E 422 -49.70 -37.24 -15.72
C GLY E 422 -48.63 -38.14 -16.29
N ALA E 423 -47.70 -38.51 -15.43
CA ALA E 423 -46.60 -39.38 -15.81
C ALA E 423 -47.14 -40.75 -16.23
N LYS E 424 -48.40 -41.02 -15.90
CA LYS E 424 -49.01 -42.30 -16.25
C LYS E 424 -49.11 -42.43 -17.76
N VAL E 425 -49.27 -41.31 -18.42
CA VAL E 425 -49.38 -41.23 -19.87
C VAL E 425 -48.18 -41.80 -20.61
N LEU E 426 -46.99 -41.69 -20.02
CA LEU E 426 -45.78 -42.19 -20.64
C LEU E 426 -45.67 -43.70 -20.57
N GLU E 427 -46.75 -44.37 -20.19
CA GLU E 427 -46.73 -45.83 -20.07
C GLU E 427 -46.22 -46.56 -21.31
N GLY E 428 -46.87 -46.35 -22.44
CA GLY E 428 -46.45 -47.04 -23.65
C GLY E 428 -45.61 -46.23 -24.62
N LEU E 429 -45.47 -44.94 -24.36
CA LEU E 429 -44.70 -44.06 -25.23
C LEU E 429 -43.32 -44.62 -25.58
N SER E 430 -42.86 -44.33 -26.80
CA SER E 430 -41.55 -44.81 -27.27
C SER E 430 -40.91 -43.85 -28.25
N GLY E 431 -39.58 -43.77 -28.23
CA GLY E 431 -38.86 -42.88 -29.12
C GLY E 431 -38.17 -43.65 -30.23
N ALA E 432 -37.50 -42.93 -31.12
CA ALA E 432 -36.81 -43.54 -32.25
C ALA E 432 -35.68 -44.53 -31.92
N ASN E 433 -35.23 -44.54 -30.67
CA ASN E 433 -34.13 -45.44 -30.26
C ASN E 433 -33.97 -45.54 -28.75
N SER E 434 -33.24 -46.56 -28.32
CA SER E 434 -32.98 -46.83 -26.89
C SER E 434 -32.58 -45.57 -26.14
N ASP E 435 -31.75 -44.76 -26.79
CA ASP E 435 -31.30 -43.52 -26.19
C ASP E 435 -32.52 -42.62 -25.99
N GLN E 436 -33.30 -42.45 -27.04
CA GLN E 436 -34.49 -41.62 -26.96
C GLN E 436 -35.44 -42.17 -25.91
N ASP E 437 -35.44 -43.49 -25.76
CA ASP E 437 -36.30 -44.14 -24.79
C ASP E 437 -35.85 -43.76 -23.39
N ALA E 438 -34.53 -43.74 -23.18
CA ALA E 438 -33.95 -43.40 -21.89
C ALA E 438 -34.42 -42.02 -21.44
N GLY E 439 -34.36 -41.06 -22.36
CA GLY E 439 -34.79 -39.72 -22.03
C GLY E 439 -36.22 -39.71 -21.54
N ILE E 440 -37.03 -40.59 -22.10
CA ILE E 440 -38.42 -40.68 -21.71
C ILE E 440 -38.58 -41.23 -20.30
N ALA E 441 -37.81 -42.25 -19.95
CA ALA E 441 -37.87 -42.85 -18.61
C ALA E 441 -37.35 -41.92 -17.54
N ILE E 442 -36.35 -41.11 -17.91
CA ILE E 442 -35.77 -40.16 -16.98
C ILE E 442 -36.93 -39.29 -16.49
N ILE E 443 -37.71 -38.74 -17.42
CA ILE E 443 -38.84 -37.90 -17.07
C ILE E 443 -39.90 -38.68 -16.33
N ARG E 444 -40.09 -39.94 -16.70
CA ARG E 444 -41.07 -40.78 -16.02
C ARG E 444 -40.78 -40.89 -14.53
N ARG E 445 -39.51 -40.76 -14.16
CA ARG E 445 -39.08 -40.84 -12.76
C ARG E 445 -38.88 -39.49 -12.10
N ALA E 446 -38.39 -38.52 -12.86
CA ALA E 446 -38.16 -37.21 -12.28
C ALA E 446 -39.44 -36.61 -11.75
N LEU E 447 -40.57 -36.94 -12.37
CA LEU E 447 -41.84 -36.40 -11.96
C LEU E 447 -42.26 -36.82 -10.55
N GLU E 448 -41.63 -37.86 -10.00
CA GLU E 448 -41.95 -38.30 -8.65
C GLU E 448 -41.12 -37.57 -7.58
N ALA E 449 -40.21 -36.68 -8.02
CA ALA E 449 -39.32 -35.93 -7.14
C ALA E 449 -40.01 -35.01 -6.13
N PRO E 450 -40.74 -33.99 -6.61
CA PRO E 450 -41.42 -33.08 -5.69
C PRO E 450 -42.39 -33.74 -4.72
N MET E 451 -42.87 -34.93 -5.05
CA MET E 451 -43.81 -35.61 -4.16
C MET E 451 -43.06 -36.37 -3.09
N ARG E 452 -42.12 -37.22 -3.49
CA ARG E 452 -41.36 -37.99 -2.50
C ARG E 452 -40.69 -37.05 -1.51
N GLN E 453 -40.23 -35.91 -2.00
CA GLN E 453 -39.59 -34.92 -1.15
C GLN E 453 -40.60 -34.44 -0.13
N ILE E 454 -41.69 -33.90 -0.62
CA ILE E 454 -42.75 -33.40 0.26
C ILE E 454 -43.12 -34.45 1.28
N ALA E 455 -43.04 -35.73 0.90
CA ALA E 455 -43.37 -36.80 1.81
C ALA E 455 -42.25 -37.02 2.82
N GLU E 456 -41.01 -37.07 2.34
CA GLU E 456 -39.87 -37.28 3.23
C GLU E 456 -39.77 -36.19 4.29
N ASN E 457 -39.95 -34.94 3.88
CA ASN E 457 -39.89 -33.82 4.81
C ASN E 457 -40.89 -33.99 5.96
N ALA E 458 -42.00 -34.66 5.65
CA ALA E 458 -43.07 -34.91 6.61
C ALA E 458 -42.79 -36.13 7.47
N GLY E 459 -41.82 -36.94 7.06
CA GLY E 459 -41.47 -38.13 7.81
C GLY E 459 -41.91 -39.43 7.17
N VAL E 460 -42.67 -39.32 6.08
CA VAL E 460 -43.16 -40.49 5.37
C VAL E 460 -42.21 -40.94 4.28
N ASP E 461 -42.14 -42.25 4.06
CA ASP E 461 -41.26 -42.84 3.04
C ASP E 461 -41.73 -42.58 1.60
N GLY E 462 -41.22 -41.51 1.01
CA GLY E 462 -41.60 -41.14 -0.34
C GLY E 462 -41.66 -42.25 -1.37
N ALA E 463 -40.97 -43.35 -1.13
CA ALA E 463 -40.98 -44.45 -2.10
C ALA E 463 -42.31 -45.13 -2.05
N VAL E 464 -42.90 -45.13 -0.85
CA VAL E 464 -44.20 -45.74 -0.63
C VAL E 464 -45.31 -44.80 -1.10
N VAL E 465 -45.28 -43.55 -0.65
CA VAL E 465 -46.26 -42.57 -1.07
C VAL E 465 -46.35 -42.52 -2.59
N ALA E 466 -45.22 -42.75 -3.26
CA ALA E 466 -45.18 -42.73 -4.73
C ALA E 466 -45.81 -43.98 -5.32
N GLY E 467 -45.46 -45.14 -4.77
CA GLY E 467 -46.00 -46.39 -5.25
C GLY E 467 -47.51 -46.48 -5.16
N LYS E 468 -48.07 -45.94 -4.09
CA LYS E 468 -49.52 -45.96 -3.91
C LYS E 468 -50.18 -45.10 -4.96
N VAL E 469 -49.71 -43.87 -5.10
CA VAL E 469 -50.25 -42.95 -6.09
C VAL E 469 -50.06 -43.48 -7.51
N ARG E 470 -49.05 -44.31 -7.70
CA ARG E 470 -48.77 -44.86 -9.02
C ARG E 470 -49.80 -45.93 -9.35
N GLU E 471 -49.99 -46.87 -8.44
CA GLU E 471 -50.94 -47.96 -8.62
C GLU E 471 -52.38 -47.45 -8.48
N SER E 472 -52.51 -46.14 -8.27
CA SER E 472 -53.81 -45.50 -8.11
C SER E 472 -54.66 -45.70 -9.35
N SER E 473 -55.95 -45.41 -9.21
CA SER E 473 -56.89 -45.53 -10.32
C SER E 473 -57.61 -44.20 -10.50
N ASP E 474 -57.96 -43.57 -9.39
CA ASP E 474 -58.63 -42.28 -9.42
C ASP E 474 -57.61 -41.17 -9.69
N LYS E 475 -57.70 -40.56 -10.87
CA LYS E 475 -56.80 -39.48 -11.27
C LYS E 475 -56.66 -38.37 -10.23
N ALA E 476 -57.45 -38.41 -9.17
CA ALA E 476 -57.39 -37.39 -8.15
C ALA E 476 -56.99 -37.96 -6.79
N PHE E 477 -56.40 -39.15 -6.82
CA PHE E 477 -55.96 -39.81 -5.60
C PHE E 477 -54.48 -39.54 -5.32
N GLY E 478 -54.17 -39.09 -4.11
CA GLY E 478 -52.80 -38.81 -3.76
C GLY E 478 -52.50 -39.04 -2.29
N PHE E 479 -51.65 -38.19 -1.73
CA PHE E 479 -51.27 -38.26 -0.32
C PHE E 479 -51.22 -36.84 0.21
N ASN E 480 -51.87 -36.60 1.34
CA ASN E 480 -51.89 -35.27 1.94
C ASN E 480 -50.94 -35.23 3.14
N ALA E 481 -49.76 -34.67 2.94
CA ALA E 481 -48.73 -34.60 3.96
C ALA E 481 -49.14 -33.77 5.18
N GLN E 482 -50.13 -32.91 5.00
CA GLN E 482 -50.61 -32.06 6.10
C GLN E 482 -51.23 -32.90 7.21
N THR E 483 -52.05 -33.87 6.82
CA THR E 483 -52.75 -34.77 7.74
C THR E 483 -52.17 -36.18 7.66
N GLU E 484 -51.46 -36.46 6.58
CA GLU E 484 -50.83 -37.76 6.36
C GLU E 484 -51.79 -38.87 5.95
N GLU E 485 -52.78 -38.52 5.15
CA GLU E 485 -53.76 -39.52 4.70
C GLU E 485 -53.93 -39.47 3.19
N TYR E 486 -54.27 -40.61 2.61
CA TYR E 486 -54.48 -40.70 1.17
C TYR E 486 -55.94 -40.45 0.83
N GLY E 487 -56.22 -40.04 -0.40
CA GLY E 487 -57.59 -39.80 -0.79
C GLY E 487 -57.78 -38.93 -2.02
N ASP E 488 -58.83 -38.13 -2.00
CA ASP E 488 -59.15 -37.24 -3.11
C ASP E 488 -58.54 -35.89 -2.82
N MET E 489 -57.38 -35.63 -3.40
CA MET E 489 -56.67 -34.38 -3.20
C MET E 489 -57.58 -33.18 -3.34
N PHE E 490 -58.60 -33.29 -4.17
CA PHE E 490 -59.52 -32.18 -4.39
C PHE E 490 -60.41 -31.94 -3.17
N LYS E 491 -61.03 -33.00 -2.67
CA LYS E 491 -61.90 -32.91 -1.49
C LYS E 491 -61.07 -32.43 -0.30
N PHE E 492 -59.80 -32.79 -0.32
CA PHE E 492 -58.86 -32.44 0.74
C PHE E 492 -58.56 -30.95 0.77
N GLY E 493 -58.64 -30.30 -0.39
CA GLY E 493 -58.35 -28.87 -0.45
C GLY E 493 -56.91 -28.62 -0.87
N VAL E 494 -56.27 -29.68 -1.36
CA VAL E 494 -54.89 -29.64 -1.81
C VAL E 494 -54.88 -29.48 -3.33
N ILE E 495 -54.90 -28.23 -3.81
CA ILE E 495 -54.90 -27.95 -5.24
C ILE E 495 -53.79 -26.99 -5.66
N ASP E 496 -53.48 -26.97 -6.96
CA ASP E 496 -52.43 -26.12 -7.52
C ASP E 496 -52.81 -25.60 -8.90
N PRO E 497 -52.64 -24.29 -9.14
CA PRO E 497 -52.97 -23.77 -10.46
C PRO E 497 -52.24 -24.63 -11.49
N ALA E 498 -52.98 -25.21 -12.45
CA ALA E 498 -52.35 -26.06 -13.45
C ALA E 498 -51.34 -25.29 -14.28
N LYS E 499 -51.39 -23.97 -14.20
CA LYS E 499 -50.47 -23.15 -14.95
C LYS E 499 -49.07 -23.17 -14.35
N VAL E 500 -48.94 -23.46 -13.05
CA VAL E 500 -47.64 -23.50 -12.40
C VAL E 500 -47.06 -24.91 -12.39
N VAL E 501 -47.93 -25.91 -12.26
CA VAL E 501 -47.45 -27.29 -12.28
C VAL E 501 -47.01 -27.61 -13.69
N ARG E 502 -47.38 -26.75 -14.64
CA ARG E 502 -47.03 -26.95 -16.04
C ARG E 502 -45.80 -26.14 -16.42
N THR E 503 -45.74 -24.90 -15.98
CA THR E 503 -44.60 -24.08 -16.28
C THR E 503 -43.35 -24.64 -15.62
N ALA E 504 -43.48 -25.08 -14.38
CA ALA E 504 -42.34 -25.65 -13.65
C ALA E 504 -41.71 -26.80 -14.43
N LEU E 505 -42.55 -27.73 -14.87
CA LEU E 505 -42.10 -28.89 -15.64
C LEU E 505 -41.47 -28.57 -17.00
N GLU E 506 -41.97 -27.55 -17.67
CA GLU E 506 -41.42 -27.18 -18.97
C GLU E 506 -40.06 -26.54 -18.76
N ASP E 507 -40.01 -25.56 -17.86
CA ASP E 507 -38.78 -24.84 -17.52
C ASP E 507 -37.65 -25.77 -17.05
N ALA E 508 -38.00 -26.76 -16.25
CA ALA E 508 -37.01 -27.70 -15.74
C ALA E 508 -36.42 -28.45 -16.91
N ALA E 509 -37.27 -29.14 -17.66
CA ALA E 509 -36.82 -29.91 -18.82
C ALA E 509 -36.15 -29.00 -19.86
N SER E 510 -36.41 -27.69 -19.77
CA SER E 510 -35.81 -26.74 -20.69
C SER E 510 -34.30 -26.66 -20.46
N VAL E 511 -33.91 -26.52 -19.19
CA VAL E 511 -32.49 -26.43 -18.84
C VAL E 511 -31.86 -27.80 -18.75
N ALA E 512 -32.58 -28.75 -18.16
CA ALA E 512 -32.05 -30.09 -18.05
C ALA E 512 -31.52 -30.54 -19.41
N GLY E 513 -32.11 -30.00 -20.48
CA GLY E 513 -31.68 -30.35 -21.81
C GLY E 513 -30.42 -29.61 -22.22
N LEU E 514 -30.34 -28.33 -21.85
CA LEU E 514 -29.18 -27.50 -22.15
C LEU E 514 -27.96 -28.04 -21.44
N LEU E 515 -28.10 -28.26 -20.13
CA LEU E 515 -27.00 -28.79 -19.34
C LEU E 515 -26.52 -30.11 -19.93
N ILE E 516 -27.45 -31.05 -20.08
CA ILE E 516 -27.12 -32.37 -20.63
C ILE E 516 -26.42 -32.31 -21.99
N THR E 517 -26.67 -31.25 -22.78
CA THR E 517 -26.02 -31.12 -24.08
C THR E 517 -24.94 -30.03 -24.12
N THR E 518 -24.28 -29.80 -22.98
CA THR E 518 -23.20 -28.84 -22.88
C THR E 518 -21.90 -29.64 -22.94
N GLU E 519 -20.97 -29.22 -23.80
CA GLU E 519 -19.71 -29.92 -23.98
C GLU E 519 -18.50 -29.16 -23.46
N ALA E 520 -18.64 -27.86 -23.30
CA ALA E 520 -17.52 -27.07 -22.84
C ALA E 520 -17.93 -25.82 -22.10
N MET E 521 -17.14 -25.42 -21.11
CA MET E 521 -17.43 -24.23 -20.35
C MET E 521 -16.24 -23.29 -20.34
N ILE E 522 -16.52 -22.00 -20.38
CA ILE E 522 -15.45 -21.01 -20.39
C ILE E 522 -15.70 -20.01 -19.26
N ALA E 523 -14.83 -20.05 -18.24
CA ALA E 523 -14.93 -19.14 -17.10
C ALA E 523 -13.65 -18.33 -17.02
N GLU E 524 -13.74 -17.15 -16.41
CA GLU E 524 -12.57 -16.28 -16.24
C GLU E 524 -11.58 -16.84 -15.21
N LYS E 525 -10.31 -16.51 -15.37
CA LYS E 525 -9.28 -16.99 -14.47
C LYS E 525 -9.16 -16.10 -13.25
N PRO E 526 -8.92 -16.68 -12.07
CA PRO E 526 -8.79 -15.92 -10.84
C PRO E 526 -7.59 -14.97 -10.85
N ALA F 2 10.55 -5.20 -22.66
CA ALA F 2 11.40 -5.62 -21.49
C ALA F 2 11.79 -7.07 -21.62
N ALA F 3 12.29 -7.64 -20.53
CA ALA F 3 12.73 -9.04 -20.51
C ALA F 3 11.85 -9.89 -21.42
N LYS F 4 12.48 -10.84 -22.09
CA LYS F 4 11.76 -11.71 -23.01
C LYS F 4 12.11 -13.17 -22.81
N GLU F 5 11.14 -14.03 -23.07
CA GLU F 5 11.35 -15.46 -22.96
C GLU F 5 11.34 -15.95 -24.40
N VAL F 6 12.47 -16.51 -24.85
CA VAL F 6 12.56 -17.01 -26.22
C VAL F 6 12.48 -18.54 -26.24
N LYS F 7 11.45 -19.09 -26.87
CA LYS F 7 11.32 -20.53 -26.96
C LYS F 7 11.76 -20.94 -28.36
N PHE F 8 12.51 -22.03 -28.46
CA PHE F 8 13.00 -22.49 -29.77
C PHE F 8 12.42 -23.84 -30.14
N ASN F 9 12.69 -24.26 -31.37
CA ASN F 9 12.27 -25.57 -31.88
C ASN F 9 10.94 -26.12 -31.37
N SER F 10 10.95 -27.42 -31.12
CA SER F 10 9.77 -28.16 -30.63
C SER F 10 9.12 -27.54 -29.40
N ASP F 11 9.94 -27.11 -28.46
CA ASP F 11 9.45 -26.50 -27.23
C ASP F 11 8.48 -25.36 -27.56
N ALA F 12 8.70 -24.68 -28.67
CA ALA F 12 7.82 -23.58 -29.06
C ALA F 12 6.64 -24.09 -29.85
N ARG F 13 6.82 -25.23 -30.50
CA ARG F 13 5.75 -25.80 -31.31
C ARG F 13 4.73 -26.51 -30.46
N ASP F 14 5.19 -27.36 -29.55
CA ASP F 14 4.27 -28.08 -28.67
C ASP F 14 3.30 -27.14 -27.95
N ARG F 15 3.77 -25.94 -27.65
CA ARG F 15 2.96 -24.95 -26.94
C ARG F 15 1.92 -24.30 -27.86
N MET F 16 2.30 -24.05 -29.10
CA MET F 16 1.37 -23.45 -30.06
C MET F 16 0.27 -24.45 -30.27
N LEU F 17 0.68 -25.69 -30.48
CA LEU F 17 -0.28 -26.77 -30.70
C LEU F 17 -1.28 -26.85 -29.56
N LYS F 18 -0.82 -26.54 -28.33
CA LYS F 18 -1.67 -26.58 -27.14
C LYS F 18 -2.73 -25.49 -27.23
N GLY F 19 -2.32 -24.29 -27.62
CA GLY F 19 -3.24 -23.18 -27.70
C GLY F 19 -4.23 -23.34 -28.84
N VAL F 20 -3.81 -24.03 -29.89
CA VAL F 20 -4.67 -24.24 -31.04
C VAL F 20 -5.70 -25.31 -30.70
N ASN F 21 -5.25 -26.43 -30.13
CA ASN F 21 -6.17 -27.52 -29.76
C ASN F 21 -7.29 -27.08 -28.80
N ILE F 22 -7.00 -26.14 -27.90
CA ILE F 22 -7.98 -25.64 -26.94
C ILE F 22 -9.02 -24.88 -27.75
N LEU F 23 -8.53 -23.95 -28.58
CA LEU F 23 -9.38 -23.14 -29.41
C LEU F 23 -10.23 -23.97 -30.36
N ALA F 24 -9.63 -24.98 -30.98
CA ALA F 24 -10.37 -25.82 -31.91
C ALA F 24 -11.31 -26.78 -31.21
N ASP F 25 -10.92 -27.26 -30.04
CA ASP F 25 -11.78 -28.20 -29.33
C ASP F 25 -13.02 -27.55 -28.69
N ALA F 26 -12.93 -26.25 -28.40
CA ALA F 26 -14.04 -25.54 -27.78
C ALA F 26 -15.06 -25.13 -28.83
N VAL F 27 -14.56 -24.73 -30.01
CA VAL F 27 -15.38 -24.28 -31.12
C VAL F 27 -16.04 -25.43 -31.90
N LYS F 28 -15.28 -26.48 -32.16
CA LYS F 28 -15.79 -27.61 -32.91
C LYS F 28 -16.91 -28.42 -32.28
N VAL F 29 -17.19 -28.20 -30.99
CA VAL F 29 -18.27 -28.97 -30.37
C VAL F 29 -19.58 -28.38 -30.90
N THR F 30 -19.50 -27.16 -31.40
CA THR F 30 -20.68 -26.48 -31.91
C THR F 30 -20.73 -26.52 -33.44
N LEU F 31 -20.65 -27.72 -34.02
CA LEU F 31 -20.66 -27.81 -35.48
C LEU F 31 -21.73 -28.73 -36.04
N GLY F 32 -22.49 -28.22 -36.99
CA GLY F 32 -23.53 -29.03 -37.62
C GLY F 32 -24.92 -28.89 -37.04
N PRO F 33 -25.87 -29.69 -37.53
CA PRO F 33 -27.25 -29.64 -37.05
C PRO F 33 -27.41 -30.20 -35.62
N LYS F 34 -26.45 -31.01 -35.19
CA LYS F 34 -26.49 -31.60 -33.85
C LYS F 34 -25.39 -31.04 -32.95
N GLY F 35 -25.13 -29.74 -33.09
CA GLY F 35 -24.12 -29.10 -32.29
C GLY F 35 -24.49 -29.11 -30.83
N ARG F 36 -23.47 -29.08 -29.97
CA ARG F 36 -23.67 -29.09 -28.54
C ARG F 36 -23.42 -27.66 -28.09
N ASN F 37 -23.93 -27.28 -26.93
CA ASN F 37 -23.75 -25.92 -26.46
C ASN F 37 -22.43 -25.71 -25.77
N VAL F 38 -22.08 -24.44 -25.62
CA VAL F 38 -20.86 -24.04 -24.94
C VAL F 38 -21.30 -22.94 -23.97
N VAL F 39 -21.22 -23.21 -22.66
CA VAL F 39 -21.62 -22.22 -21.68
C VAL F 39 -20.48 -21.24 -21.45
N ILE F 40 -20.78 -19.94 -21.51
CA ILE F 40 -19.76 -18.91 -21.35
C ILE F 40 -20.04 -18.01 -20.14
N ASP F 41 -19.12 -18.01 -19.19
CA ASP F 41 -19.28 -17.20 -17.99
C ASP F 41 -19.41 -15.71 -18.29
N LYS F 42 -20.52 -15.13 -17.85
CA LYS F 42 -20.80 -13.71 -18.03
C LYS F 42 -20.50 -13.05 -16.69
N SER F 43 -19.67 -12.00 -16.73
CA SER F 43 -19.26 -11.29 -15.53
C SER F 43 -20.41 -10.76 -14.68
N PHE F 44 -21.64 -10.88 -15.17
CA PHE F 44 -22.79 -10.38 -14.44
C PHE F 44 -24.08 -11.12 -14.80
N GLY F 45 -24.65 -11.80 -13.82
CA GLY F 45 -25.89 -12.54 -14.06
C GLY F 45 -25.67 -14.00 -14.36
N ALA F 46 -26.49 -14.55 -15.25
CA ALA F 46 -26.38 -15.96 -15.62
C ALA F 46 -25.44 -16.10 -16.80
N PRO F 47 -24.85 -17.29 -16.98
CA PRO F 47 -23.93 -17.53 -18.10
C PRO F 47 -24.63 -17.53 -19.45
N ARG F 48 -23.86 -17.23 -20.49
CA ARG F 48 -24.35 -17.18 -21.86
C ARG F 48 -24.23 -18.57 -22.47
N ILE F 49 -25.36 -19.14 -22.91
CA ILE F 49 -25.34 -20.46 -23.54
C ILE F 49 -25.36 -20.25 -25.05
N THR F 50 -24.32 -20.72 -25.75
CA THR F 50 -24.25 -20.52 -27.19
C THR F 50 -23.83 -21.77 -27.98
N LYS F 51 -24.13 -21.73 -29.27
CA LYS F 51 -23.80 -22.81 -30.19
C LYS F 51 -23.03 -22.20 -31.36
N ASP F 52 -23.02 -20.87 -31.39
CA ASP F 52 -22.35 -20.10 -32.44
C ASP F 52 -20.84 -20.15 -32.26
N GLY F 53 -20.19 -21.01 -33.05
CA GLY F 53 -18.75 -21.15 -32.97
C GLY F 53 -17.94 -19.86 -33.13
N VAL F 54 -18.58 -18.77 -33.50
CA VAL F 54 -17.82 -17.54 -33.66
C VAL F 54 -17.71 -16.77 -32.37
N SER F 55 -18.73 -16.90 -31.52
CA SER F 55 -18.76 -16.22 -30.23
C SER F 55 -17.83 -16.91 -29.25
N VAL F 56 -17.61 -18.21 -29.48
CA VAL F 56 -16.73 -19.00 -28.64
C VAL F 56 -15.28 -18.59 -28.93
N ALA F 57 -14.92 -18.59 -30.20
CA ALA F 57 -13.58 -18.23 -30.63
C ALA F 57 -13.09 -16.90 -30.03
N LYS F 58 -14.00 -15.93 -29.89
CA LYS F 58 -13.64 -14.62 -29.35
C LYS F 58 -13.33 -14.69 -27.84
N GLU F 59 -14.06 -15.55 -27.14
CA GLU F 59 -13.87 -15.72 -25.70
C GLU F 59 -12.56 -16.42 -25.32
N ILE F 60 -11.93 -17.09 -26.29
CA ILE F 60 -10.69 -17.80 -25.99
C ILE F 60 -9.44 -16.92 -25.91
N GLU F 61 -8.86 -16.91 -24.71
CA GLU F 61 -7.64 -16.16 -24.39
C GLU F 61 -6.95 -16.93 -23.28
N LEU F 62 -6.00 -17.78 -23.67
CA LEU F 62 -5.24 -18.58 -22.74
C LEU F 62 -4.25 -17.71 -21.97
N SER F 63 -3.91 -18.13 -20.75
CA SER F 63 -3.00 -17.36 -19.92
C SER F 63 -1.54 -17.47 -20.32
N ASP F 64 -1.09 -18.67 -20.67
CA ASP F 64 0.31 -18.89 -21.05
C ASP F 64 0.67 -18.18 -22.36
N LYS F 65 1.49 -17.14 -22.28
CA LYS F 65 1.89 -16.35 -23.43
C LYS F 65 2.05 -17.12 -24.73
N PHE F 66 2.78 -18.23 -24.68
CA PHE F 66 3.01 -19.05 -25.87
C PHE F 66 1.75 -19.77 -26.36
N GLU F 67 1.10 -20.52 -25.48
CA GLU F 67 -0.12 -21.22 -25.86
C GLU F 67 -1.10 -20.25 -26.48
N ASN F 68 -1.15 -19.04 -25.94
CA ASN F 68 -2.05 -18.03 -26.43
C ASN F 68 -1.72 -17.57 -27.85
N MET F 69 -0.43 -17.52 -28.17
CA MET F 69 -0.01 -17.08 -29.50
C MET F 69 -0.52 -18.05 -30.54
N GLY F 70 -0.46 -19.33 -30.23
CA GLY F 70 -0.95 -20.34 -31.16
C GLY F 70 -2.42 -20.11 -31.41
N ALA F 71 -3.19 -19.89 -30.35
CA ALA F 71 -4.63 -19.66 -30.48
C ALA F 71 -4.91 -18.33 -31.16
N GLN F 72 -4.28 -17.27 -30.68
CA GLN F 72 -4.50 -15.94 -31.25
C GLN F 72 -4.33 -15.88 -32.77
N MET F 73 -3.31 -16.58 -33.28
CA MET F 73 -3.05 -16.61 -34.72
C MET F 73 -4.20 -17.29 -35.46
N VAL F 74 -4.32 -18.60 -35.30
CA VAL F 74 -5.39 -19.35 -35.96
C VAL F 74 -6.69 -18.58 -35.84
N ARG F 75 -7.00 -18.18 -34.63
CA ARG F 75 -8.24 -17.48 -34.38
C ARG F 75 -8.38 -16.19 -35.19
N GLU F 76 -7.26 -15.56 -35.50
CA GLU F 76 -7.27 -14.31 -36.27
C GLU F 76 -7.58 -14.56 -37.75
N VAL F 77 -6.81 -15.46 -38.37
CA VAL F 77 -7.01 -15.79 -39.77
C VAL F 77 -8.40 -16.31 -40.00
N ALA F 78 -8.74 -17.41 -39.32
CA ALA F 78 -10.07 -18.00 -39.49
C ALA F 78 -11.18 -16.96 -39.31
N SER F 79 -10.85 -15.83 -38.71
CA SER F 79 -11.83 -14.78 -38.47
C SER F 79 -12.03 -13.95 -39.74
N ARG F 80 -11.02 -13.95 -40.61
CA ARG F 80 -11.09 -13.22 -41.87
C ARG F 80 -12.00 -14.00 -42.82
N THR F 81 -12.15 -15.30 -42.55
CA THR F 81 -13.01 -16.15 -43.35
C THR F 81 -14.45 -15.71 -43.13
N ASN F 82 -14.63 -14.83 -42.15
CA ASN F 82 -15.94 -14.30 -41.83
C ASN F 82 -16.15 -13.00 -42.59
N ASP F 83 -15.33 -12.80 -43.62
CA ASP F 83 -15.43 -11.61 -44.46
C ASP F 83 -16.72 -11.75 -45.26
N GLU F 84 -17.13 -12.99 -45.47
CA GLU F 84 -18.36 -13.30 -46.20
C GLU F 84 -19.39 -13.81 -45.21
N ALA F 85 -19.08 -13.65 -43.92
CA ALA F 85 -19.94 -14.07 -42.83
C ALA F 85 -20.58 -15.43 -43.06
N GLY F 86 -19.95 -16.47 -42.52
CA GLY F 86 -20.47 -17.82 -42.67
C GLY F 86 -19.76 -18.80 -41.76
N ASP F 87 -20.16 -20.07 -41.85
CA ASP F 87 -19.56 -21.11 -41.01
C ASP F 87 -18.08 -21.32 -41.35
N GLY F 88 -17.51 -20.38 -42.08
CA GLY F 88 -16.11 -20.47 -42.47
C GLY F 88 -15.19 -20.45 -41.27
N THR F 89 -15.45 -19.52 -40.35
CA THR F 89 -14.61 -19.38 -39.17
C THR F 89 -14.44 -20.72 -38.45
N THR F 90 -15.55 -21.35 -38.09
CA THR F 90 -15.48 -22.62 -37.42
C THR F 90 -14.81 -23.69 -38.26
N THR F 91 -15.02 -23.65 -39.58
CA THR F 91 -14.40 -24.65 -40.46
C THR F 91 -12.91 -24.37 -40.65
N ALA F 92 -12.57 -23.11 -40.82
CA ALA F 92 -11.17 -22.71 -40.98
C ALA F 92 -10.43 -23.27 -39.79
N THR F 93 -11.01 -23.08 -38.60
CA THR F 93 -10.44 -23.55 -37.35
C THR F 93 -10.32 -25.06 -37.26
N VAL F 94 -11.43 -25.76 -37.45
CA VAL F 94 -11.40 -27.21 -37.40
C VAL F 94 -10.39 -27.75 -38.39
N LEU F 95 -10.23 -27.04 -39.52
CA LEU F 95 -9.29 -27.49 -40.54
C LEU F 95 -7.86 -27.24 -40.09
N ALA F 96 -7.56 -25.99 -39.72
CA ALA F 96 -6.21 -25.63 -39.26
C ALA F 96 -5.71 -26.62 -38.21
N GLN F 97 -6.56 -26.92 -37.22
CA GLN F 97 -6.17 -27.83 -36.16
C GLN F 97 -5.74 -29.18 -36.71
N ALA F 98 -6.42 -29.66 -37.75
CA ALA F 98 -6.08 -30.95 -38.34
C ALA F 98 -4.73 -30.93 -39.08
N ILE F 99 -4.55 -29.93 -39.94
CA ILE F 99 -3.31 -29.82 -40.70
C ILE F 99 -2.10 -29.64 -39.77
N VAL F 100 -2.20 -28.69 -38.86
CA VAL F 100 -1.10 -28.41 -37.93
C VAL F 100 -0.74 -29.64 -37.13
N ARG F 101 -1.76 -30.30 -36.58
CA ARG F 101 -1.56 -31.51 -35.78
C ARG F 101 -0.68 -32.53 -36.53
N GLU F 102 -1.01 -32.76 -37.81
CA GLU F 102 -0.28 -33.72 -38.65
C GLU F 102 1.07 -33.17 -39.11
N GLY F 103 1.11 -31.89 -39.46
CA GLY F 103 2.34 -31.27 -39.91
C GLY F 103 3.46 -31.42 -38.88
N LEU F 104 3.22 -30.89 -37.69
CA LEU F 104 4.21 -30.98 -36.63
C LEU F 104 4.57 -32.45 -36.38
N LYS F 105 3.57 -33.33 -36.41
CA LYS F 105 3.86 -34.74 -36.20
C LYS F 105 4.96 -35.12 -37.19
N ALA F 106 4.75 -34.78 -38.45
CA ALA F 106 5.73 -35.08 -39.49
C ALA F 106 7.05 -34.40 -39.21
N VAL F 107 7.00 -33.07 -39.05
CA VAL F 107 8.21 -32.31 -38.78
C VAL F 107 9.06 -33.05 -37.74
N ALA F 108 8.40 -33.46 -36.66
CA ALA F 108 9.06 -34.18 -35.58
C ALA F 108 9.81 -35.40 -36.10
N ALA F 109 9.19 -36.10 -37.06
CA ALA F 109 9.80 -37.29 -37.65
C ALA F 109 10.96 -36.96 -38.58
N GLY F 110 11.29 -35.67 -38.68
CA GLY F 110 12.39 -35.28 -39.55
C GLY F 110 12.06 -34.64 -40.88
N MET F 111 10.85 -34.86 -41.38
CA MET F 111 10.46 -34.26 -42.65
C MET F 111 10.75 -32.76 -42.66
N ASN F 112 11.18 -32.25 -43.79
CA ASN F 112 11.50 -30.83 -43.89
C ASN F 112 10.23 -30.02 -43.90
N PRO F 113 10.10 -29.07 -42.97
CA PRO F 113 8.91 -28.21 -42.90
C PRO F 113 8.64 -27.41 -44.18
N MET F 114 9.67 -26.78 -44.74
CA MET F 114 9.49 -26.00 -45.96
C MET F 114 8.86 -26.85 -47.06
N ASP F 115 9.31 -28.09 -47.20
CA ASP F 115 8.73 -28.97 -48.22
C ASP F 115 7.26 -29.28 -47.88
N LEU F 116 7.00 -29.71 -46.66
CA LEU F 116 5.65 -30.02 -46.24
C LEU F 116 4.78 -28.81 -46.56
N LYS F 117 5.29 -27.63 -46.24
CA LYS F 117 4.54 -26.41 -46.50
C LYS F 117 4.24 -26.27 -47.97
N ARG F 118 5.13 -26.80 -48.82
CA ARG F 118 4.95 -26.75 -50.27
C ARG F 118 3.88 -27.74 -50.69
N GLY F 119 4.09 -29.00 -50.34
CA GLY F 119 3.12 -30.02 -50.68
C GLY F 119 1.74 -29.67 -50.15
N ILE F 120 1.70 -28.86 -49.10
CA ILE F 120 0.44 -28.45 -48.51
C ILE F 120 -0.17 -27.37 -49.38
N ASP F 121 0.67 -26.45 -49.86
CA ASP F 121 0.18 -25.36 -50.69
C ASP F 121 -0.34 -25.83 -52.05
N VAL F 122 0.37 -26.78 -52.65
CA VAL F 122 -0.02 -27.33 -53.93
C VAL F 122 -1.38 -27.98 -53.79
N ALA F 123 -1.41 -29.09 -53.07
CA ALA F 123 -2.64 -29.84 -52.85
C ALA F 123 -3.85 -28.93 -52.57
N THR F 124 -3.62 -27.85 -51.83
CA THR F 124 -4.69 -26.96 -51.50
C THR F 124 -5.21 -26.26 -52.75
N ALA F 125 -4.31 -25.74 -53.58
CA ALA F 125 -4.72 -25.05 -54.79
C ALA F 125 -5.54 -25.98 -55.67
N LYS F 126 -5.08 -27.22 -55.79
CA LYS F 126 -5.77 -28.23 -56.61
C LYS F 126 -7.20 -28.46 -56.16
N VAL F 127 -7.44 -28.34 -54.85
CA VAL F 127 -8.78 -28.55 -54.32
C VAL F 127 -9.59 -27.26 -54.36
N VAL F 128 -8.95 -26.14 -54.05
CA VAL F 128 -9.64 -24.86 -54.07
C VAL F 128 -10.19 -24.64 -55.46
N GLU F 129 -9.63 -25.39 -56.43
CA GLU F 129 -10.04 -25.30 -57.83
C GLU F 129 -11.12 -26.33 -58.13
N ALA F 130 -10.83 -27.58 -57.81
CA ALA F 130 -11.78 -28.67 -58.04
C ALA F 130 -13.12 -28.38 -57.38
N ILE F 131 -13.14 -27.39 -56.51
CA ILE F 131 -14.38 -27.04 -55.83
C ILE F 131 -15.16 -26.13 -56.75
N LYS F 132 -14.54 -25.02 -57.14
CA LYS F 132 -15.19 -24.08 -58.03
C LYS F 132 -15.73 -24.82 -59.24
N SER F 133 -14.89 -25.65 -59.84
CA SER F 133 -15.27 -26.42 -61.02
C SER F 133 -16.22 -27.54 -60.63
N ALA F 134 -17.21 -27.20 -59.80
CA ALA F 134 -18.19 -28.17 -59.36
C ALA F 134 -19.34 -27.49 -58.64
N ALA F 135 -19.30 -26.17 -58.61
CA ALA F 135 -20.34 -25.39 -57.96
C ALA F 135 -21.41 -24.94 -58.94
N ARG F 136 -22.65 -25.27 -58.64
CA ARG F 136 -23.77 -24.85 -59.48
C ARG F 136 -23.91 -23.34 -59.30
N PRO F 137 -24.05 -22.60 -60.41
CA PRO F 137 -24.19 -21.14 -60.35
C PRO F 137 -25.56 -20.66 -59.88
N VAL F 138 -25.63 -19.39 -59.49
CA VAL F 138 -26.89 -18.81 -59.02
C VAL F 138 -27.05 -17.42 -59.60
N ASN F 139 -27.81 -17.35 -60.70
CA ASN F 139 -28.06 -16.09 -61.40
C ASN F 139 -29.55 -15.81 -61.52
N ASP F 140 -30.30 -16.83 -61.94
CA ASP F 140 -31.74 -16.71 -62.10
C ASP F 140 -32.40 -16.32 -60.78
N SER F 141 -33.54 -15.65 -60.86
CA SER F 141 -34.26 -15.21 -59.66
C SER F 141 -34.99 -16.37 -59.01
N SER F 142 -35.06 -17.51 -59.70
CA SER F 142 -35.70 -18.68 -59.16
C SER F 142 -34.69 -19.37 -58.25
N GLU F 143 -33.41 -19.20 -58.59
CA GLU F 143 -32.32 -19.78 -57.83
C GLU F 143 -31.98 -18.86 -56.66
N VAL F 144 -31.72 -17.59 -56.99
CA VAL F 144 -31.40 -16.60 -55.98
C VAL F 144 -32.50 -16.54 -54.92
N ALA F 145 -33.66 -17.07 -55.24
CA ALA F 145 -34.76 -17.06 -54.29
C ALA F 145 -34.84 -18.39 -53.55
N GLN F 146 -34.17 -19.40 -54.10
CA GLN F 146 -34.16 -20.72 -53.48
C GLN F 146 -33.01 -20.78 -52.48
N VAL F 147 -31.93 -20.06 -52.79
CA VAL F 147 -30.76 -20.01 -51.94
C VAL F 147 -31.06 -18.98 -50.85
N GLY F 148 -31.99 -18.08 -51.13
CA GLY F 148 -32.36 -17.07 -50.17
C GLY F 148 -33.28 -17.65 -49.11
N THR F 149 -34.06 -18.65 -49.51
CA THR F 149 -35.00 -19.29 -48.60
C THR F 149 -34.27 -20.30 -47.71
N ILE F 150 -33.49 -21.18 -48.31
CA ILE F 150 -32.75 -22.19 -47.57
C ILE F 150 -31.89 -21.52 -46.51
N SER F 151 -31.22 -20.44 -46.89
CA SER F 151 -30.38 -19.71 -45.97
C SER F 151 -31.22 -19.07 -44.86
N ALA F 152 -32.53 -19.24 -44.94
CA ALA F 152 -33.45 -18.69 -43.95
C ALA F 152 -34.27 -19.79 -43.30
N ASN F 153 -33.73 -21.00 -43.30
CA ASN F 153 -34.38 -22.15 -42.70
C ASN F 153 -35.76 -22.50 -43.27
N GLY F 154 -36.06 -21.99 -44.46
CA GLY F 154 -37.34 -22.30 -45.07
C GLY F 154 -38.31 -21.14 -45.22
N GLU F 155 -37.86 -19.94 -44.87
CA GLU F 155 -38.70 -18.75 -44.98
C GLU F 155 -38.84 -18.35 -46.44
N SER F 156 -39.75 -19.02 -47.15
CA SER F 156 -39.98 -18.73 -48.56
C SER F 156 -40.31 -17.25 -48.77
N PHE F 157 -40.71 -16.58 -47.70
CA PHE F 157 -41.06 -15.16 -47.77
C PHE F 157 -39.81 -14.31 -47.95
N ILE F 158 -38.75 -14.67 -47.24
CA ILE F 158 -37.49 -13.92 -47.31
C ILE F 158 -36.71 -14.33 -48.56
N GLY F 159 -36.96 -15.54 -49.05
CA GLY F 159 -36.26 -15.99 -50.24
C GLY F 159 -36.64 -15.12 -51.44
N GLN F 160 -37.90 -14.72 -51.48
CA GLN F 160 -38.41 -13.88 -52.57
C GLN F 160 -38.07 -12.42 -52.30
N GLN F 161 -38.15 -12.02 -51.03
CA GLN F 161 -37.85 -10.65 -50.64
C GLN F 161 -36.46 -10.23 -51.11
N ILE F 162 -35.48 -11.11 -50.92
CA ILE F 162 -34.12 -10.83 -51.34
C ILE F 162 -34.02 -10.89 -52.86
N ALA F 163 -34.62 -11.92 -53.45
CA ALA F 163 -34.59 -12.09 -54.90
C ALA F 163 -35.09 -10.82 -55.57
N GLU F 164 -36.11 -10.20 -54.98
CA GLU F 164 -36.68 -8.98 -55.51
C GLU F 164 -35.61 -7.87 -55.53
N ALA F 165 -35.13 -7.52 -54.34
CA ALA F 165 -34.12 -6.49 -54.19
C ALA F 165 -32.96 -6.72 -55.15
N MET F 166 -32.60 -7.98 -55.34
CA MET F 166 -31.50 -8.31 -56.23
C MET F 166 -31.89 -8.07 -57.68
N GLN F 167 -33.12 -8.43 -58.02
CA GLN F 167 -33.62 -8.24 -59.38
C GLN F 167 -34.01 -6.80 -59.64
N ARG F 168 -33.59 -5.91 -58.76
CA ARG F 168 -33.87 -4.49 -58.89
C ARG F 168 -32.58 -3.68 -58.95
N VAL F 169 -31.50 -4.27 -58.44
CA VAL F 169 -30.20 -3.61 -58.45
C VAL F 169 -29.09 -4.58 -58.85
N GLY F 170 -29.46 -5.60 -59.62
CA GLY F 170 -28.48 -6.57 -60.09
C GLY F 170 -28.00 -7.53 -59.02
N ASN F 171 -27.63 -8.74 -59.44
CA ASN F 171 -27.16 -9.77 -58.53
C ASN F 171 -26.00 -9.28 -57.66
N GLU F 172 -25.32 -8.23 -58.11
CA GLU F 172 -24.20 -7.67 -57.37
C GLU F 172 -24.42 -6.18 -57.12
N GLY F 173 -25.57 -5.87 -56.53
CA GLY F 173 -25.89 -4.47 -56.25
C GLY F 173 -25.49 -4.02 -54.87
N VAL F 174 -26.34 -3.22 -54.24
CA VAL F 174 -26.09 -2.72 -52.90
C VAL F 174 -27.38 -2.69 -52.08
N ILE F 175 -27.68 -3.81 -51.44
CA ILE F 175 -28.88 -3.95 -50.62
C ILE F 175 -28.61 -3.54 -49.17
N THR F 176 -29.68 -3.16 -48.47
CA THR F 176 -29.57 -2.72 -47.07
C THR F 176 -30.85 -3.00 -46.32
N VAL F 177 -30.99 -4.21 -45.78
CA VAL F 177 -32.19 -4.58 -45.02
C VAL F 177 -32.36 -3.66 -43.82
N GLU F 178 -33.59 -3.18 -43.61
CA GLU F 178 -33.88 -2.29 -42.49
C GLU F 178 -35.25 -2.55 -41.87
N GLU F 179 -35.41 -2.16 -40.61
CA GLU F 179 -36.66 -2.34 -39.89
C GLU F 179 -37.68 -1.30 -40.31
N ASN F 180 -38.96 -1.65 -40.22
CA ASN F 180 -40.04 -0.74 -40.59
C ASN F 180 -40.93 -0.43 -39.39
N LYS F 181 -42.21 -0.19 -39.66
CA LYS F 181 -43.17 0.12 -38.61
C LYS F 181 -44.18 -1.02 -38.44
N GLY F 182 -45.24 -1.00 -39.24
CA GLY F 182 -46.26 -2.02 -39.15
C GLY F 182 -45.85 -3.32 -39.81
N MET F 183 -46.80 -4.25 -39.92
CA MET F 183 -46.55 -5.53 -40.55
C MET F 183 -46.54 -5.41 -42.07
N GLU F 184 -45.63 -4.59 -42.59
CA GLU F 184 -45.51 -4.38 -44.03
C GLU F 184 -44.06 -4.45 -44.50
N THR F 185 -43.79 -5.40 -45.40
CA THR F 185 -42.45 -5.58 -45.94
C THR F 185 -42.40 -5.09 -47.38
N GLU F 186 -41.44 -4.21 -47.67
CA GLU F 186 -41.30 -3.65 -49.01
C GLU F 186 -39.84 -3.51 -49.40
N VAL F 187 -39.60 -3.47 -50.72
CA VAL F 187 -38.24 -3.34 -51.25
C VAL F 187 -38.11 -2.06 -52.08
N GLU F 188 -37.89 -0.94 -51.39
CA GLU F 188 -37.73 0.35 -52.06
C GLU F 188 -36.33 0.46 -52.66
N VAL F 189 -36.14 1.45 -53.54
CA VAL F 189 -34.85 1.65 -54.18
C VAL F 189 -34.44 3.12 -54.14
N VAL F 190 -34.08 3.58 -52.95
CA VAL F 190 -33.66 4.97 -52.78
C VAL F 190 -32.42 5.29 -53.60
N GLU F 191 -32.07 6.58 -53.64
CA GLU F 191 -30.90 7.02 -54.36
C GLU F 191 -29.77 7.24 -53.36
N GLY F 192 -28.84 6.28 -53.29
CA GLY F 192 -27.73 6.39 -52.37
C GLY F 192 -26.45 5.82 -52.94
N MET F 193 -25.39 5.83 -52.14
CA MET F 193 -24.09 5.32 -52.57
C MET F 193 -23.47 4.40 -51.53
N GLN F 194 -22.30 3.85 -51.86
CA GLN F 194 -21.59 2.95 -50.96
C GLN F 194 -20.11 2.87 -51.33
N PHE F 195 -19.28 3.64 -50.63
CA PHE F 195 -17.85 3.65 -50.89
C PHE F 195 -17.24 2.29 -50.57
N ASP F 196 -15.92 2.22 -50.65
CA ASP F 196 -15.20 0.99 -50.35
C ASP F 196 -14.23 1.22 -49.19
N ARG F 197 -14.61 2.13 -48.29
CA ARG F 197 -13.81 2.46 -47.13
C ARG F 197 -14.66 2.38 -45.87
N GLY F 198 -14.02 2.16 -44.73
CA GLY F 198 -14.74 2.07 -43.47
C GLY F 198 -14.48 3.26 -42.58
N TYR F 199 -14.34 3.01 -41.27
CA TYR F 199 -14.08 4.08 -40.32
C TYR F 199 -12.60 4.20 -40.00
N LEU F 200 -12.26 5.12 -39.10
CA LEU F 200 -10.88 5.34 -38.71
C LEU F 200 -10.58 4.71 -37.35
N SER F 201 -11.57 4.70 -36.47
CA SER F 201 -11.41 4.13 -35.14
C SER F 201 -12.60 3.28 -34.72
N PRO F 202 -12.35 2.11 -34.11
CA PRO F 202 -13.43 1.22 -33.67
C PRO F 202 -14.30 1.87 -32.60
N TYR F 203 -13.69 2.75 -31.80
CA TYR F 203 -14.40 3.45 -30.74
C TYR F 203 -15.42 4.40 -31.35
N PHE F 204 -15.36 4.57 -32.66
CA PHE F 204 -16.28 5.45 -33.37
C PHE F 204 -17.53 4.68 -33.78
N VAL F 205 -17.53 3.38 -33.48
CA VAL F 205 -18.66 2.51 -33.83
C VAL F 205 -19.72 2.42 -32.75
N THR F 206 -20.98 2.38 -33.18
CA THR F 206 -22.12 2.28 -32.27
C THR F 206 -22.52 0.81 -32.21
N ASN F 207 -21.52 -0.07 -32.25
CA ASN F 207 -21.71 -1.52 -32.21
C ASN F 207 -22.94 -1.96 -31.44
N ALA F 208 -23.93 -2.47 -32.16
CA ALA F 208 -25.16 -2.96 -31.55
C ALA F 208 -25.16 -4.48 -31.66
N ASP F 209 -24.55 -4.98 -32.73
CA ASP F 209 -24.45 -6.41 -32.98
C ASP F 209 -23.14 -6.66 -33.73
N LYS F 210 -22.84 -5.79 -34.68
CA LYS F 210 -21.62 -5.88 -35.48
C LYS F 210 -20.95 -4.52 -35.52
N MET F 211 -19.67 -4.50 -35.84
CA MET F 211 -18.92 -3.25 -35.91
C MET F 211 -19.39 -2.38 -37.07
N ILE F 212 -20.59 -1.82 -36.94
CA ILE F 212 -21.17 -0.98 -37.97
C ILE F 212 -21.76 0.28 -37.36
N ALA F 213 -21.35 1.43 -37.87
CA ALA F 213 -21.83 2.72 -37.38
C ALA F 213 -23.07 3.17 -38.15
N GLU F 214 -24.19 3.28 -37.44
CA GLU F 214 -25.44 3.71 -38.04
C GLU F 214 -25.69 5.17 -37.69
N LEU F 215 -25.73 6.03 -38.71
CA LEU F 215 -25.96 7.46 -38.48
C LEU F 215 -27.16 7.96 -39.28
N GLU F 216 -28.22 8.32 -38.58
CA GLU F 216 -29.44 8.83 -39.20
C GLU F 216 -29.38 10.34 -39.36
N ASP F 217 -29.56 10.79 -40.60
CA ASP F 217 -29.53 12.22 -40.92
C ASP F 217 -28.29 12.91 -40.35
N ALA F 218 -27.12 12.50 -40.85
CA ALA F 218 -25.86 13.07 -40.40
C ALA F 218 -25.43 14.22 -41.31
N TYR F 219 -24.29 14.83 -40.99
CA TYR F 219 -23.76 15.94 -41.75
C TYR F 219 -22.60 15.51 -42.65
N ILE F 220 -22.88 15.34 -43.93
CA ILE F 220 -21.87 14.93 -44.89
C ILE F 220 -21.05 16.10 -45.42
N LEU F 221 -19.82 16.21 -44.94
CA LEU F 221 -18.91 17.27 -45.38
C LEU F 221 -17.68 16.61 -46.01
N LEU F 222 -16.90 17.38 -46.77
CA LEU F 222 -15.72 16.83 -47.42
C LEU F 222 -14.82 17.86 -48.07
N HIS F 223 -13.51 17.72 -47.87
CA HIS F 223 -12.52 18.62 -48.45
C HIS F 223 -11.31 17.80 -48.90
N GLU F 224 -10.45 18.43 -49.70
CA GLU F 224 -9.26 17.76 -50.21
C GLU F 224 -8.07 17.84 -49.25
N LYS F 225 -8.32 18.35 -48.05
CA LYS F 225 -7.28 18.47 -47.03
C LYS F 225 -7.41 17.31 -46.06
N LYS F 226 -7.14 17.57 -44.79
CA LYS F 226 -7.23 16.53 -43.76
C LYS F 226 -7.90 17.06 -42.49
N LEU F 227 -7.76 16.32 -41.41
CA LEU F 227 -8.35 16.70 -40.13
C LEU F 227 -7.26 16.98 -39.10
N SER F 228 -6.30 17.82 -39.48
CA SER F 228 -5.19 18.17 -38.60
C SER F 228 -5.69 18.89 -37.35
N SER F 229 -5.84 20.21 -37.44
CA SER F 229 -6.33 21.01 -36.32
C SER F 229 -7.85 20.97 -36.26
N LEU F 230 -8.39 20.55 -35.12
CA LEU F 230 -9.83 20.48 -34.93
C LEU F 230 -10.38 21.81 -34.43
N GLN F 231 -9.49 22.72 -34.08
CA GLN F 231 -9.86 24.03 -33.57
C GLN F 231 -10.94 24.70 -34.43
N PRO F 232 -10.76 24.73 -35.76
CA PRO F 232 -11.77 25.35 -36.63
C PRO F 232 -13.09 24.59 -36.66
N GLN F 244 -29.14 19.31 -33.75
CA GLN F 244 -29.73 18.00 -33.52
C GLN F 244 -29.62 17.08 -34.73
N LYS F 245 -28.51 17.20 -35.45
CA LYS F 245 -28.27 16.38 -36.63
C LYS F 245 -26.84 15.86 -36.64
N PRO F 246 -26.65 14.53 -36.57
CA PRO F 246 -25.31 13.92 -36.58
C PRO F 246 -24.40 14.50 -37.66
N LEU F 247 -23.11 14.19 -37.56
CA LEU F 247 -22.14 14.68 -38.51
C LEU F 247 -21.30 13.55 -39.10
N LEU F 248 -20.75 13.80 -40.29
CA LEU F 248 -19.91 12.82 -40.97
C LEU F 248 -18.84 13.55 -41.78
N ILE F 249 -17.59 13.36 -41.39
CA ILE F 249 -16.47 14.00 -42.07
C ILE F 249 -15.73 13.03 -42.98
N VAL F 250 -15.50 13.45 -44.22
CA VAL F 250 -14.80 12.63 -45.21
C VAL F 250 -13.61 13.40 -45.77
N ALA F 251 -12.41 13.03 -45.32
CA ALA F 251 -11.18 13.68 -45.78
C ALA F 251 -10.03 12.69 -45.87
N GLU F 252 -8.81 13.21 -45.97
CA GLU F 252 -7.63 12.36 -46.08
C GLU F 252 -7.40 11.57 -44.80
N ASP F 253 -7.44 12.26 -43.67
CA ASP F 253 -7.24 11.62 -42.36
C ASP F 253 -7.32 12.63 -41.22
N VAL F 254 -7.33 12.12 -40.00
CA VAL F 254 -7.41 12.97 -38.81
C VAL F 254 -6.11 12.94 -38.02
N GLU F 255 -5.52 14.12 -37.83
CA GLU F 255 -4.26 14.24 -37.08
C GLU F 255 -4.54 14.57 -35.62
N ILE F 273 -21.21 11.17 -34.43
CA ILE F 273 -20.19 11.74 -35.31
C ILE F 273 -19.61 10.64 -36.21
N ALA F 274 -19.36 10.97 -37.46
CA ALA F 274 -18.81 10.00 -38.42
C ALA F 274 -17.50 10.50 -39.02
N ALA F 275 -16.52 9.61 -39.11
CA ALA F 275 -15.23 9.94 -39.67
C ALA F 275 -14.79 8.86 -40.64
N VAL F 276 -14.78 9.18 -41.92
CA VAL F 276 -14.38 8.24 -42.96
C VAL F 276 -13.49 8.94 -43.99
N LYS F 277 -12.59 8.16 -44.59
CA LYS F 277 -11.68 8.70 -45.61
C LYS F 277 -12.39 8.87 -46.95
N ALA F 278 -12.09 9.97 -47.64
CA ALA F 278 -12.71 10.24 -48.93
C ALA F 278 -12.49 9.08 -49.89
N PRO F 279 -13.45 8.87 -50.82
CA PRO F 279 -13.36 7.79 -51.81
C PRO F 279 -12.58 8.19 -53.06
N GLY F 280 -12.02 7.19 -53.74
CA GLY F 280 -11.25 7.44 -54.95
C GLY F 280 -9.78 7.69 -54.70
N PHE F 281 -9.05 8.03 -55.75
CA PHE F 281 -7.62 8.29 -55.66
C PHE F 281 -7.11 9.01 -56.90
N GLY F 282 -6.07 9.81 -56.72
CA GLY F 282 -5.50 10.55 -57.83
C GLY F 282 -6.45 11.60 -58.37
N ASP F 283 -6.70 11.54 -59.68
CA ASP F 283 -7.60 12.48 -60.33
C ASP F 283 -9.05 12.10 -60.04
N ARG F 284 -9.24 10.91 -59.49
CA ARG F 284 -10.57 10.42 -59.15
C ARG F 284 -10.95 10.84 -57.73
N ARG F 285 -10.04 11.54 -57.06
CA ARG F 285 -10.25 12.00 -55.70
C ARG F 285 -11.39 13.01 -55.64
N LYS F 286 -11.17 14.18 -56.23
CA LYS F 286 -12.18 15.23 -56.25
C LYS F 286 -13.43 14.75 -56.97
N ALA F 287 -13.24 13.95 -58.01
CA ALA F 287 -14.35 13.42 -58.79
C ALA F 287 -15.27 12.62 -57.90
N MET F 288 -14.70 11.66 -57.17
CA MET F 288 -15.46 10.81 -56.25
C MET F 288 -16.20 11.66 -55.23
N LEU F 289 -15.47 12.60 -54.63
CA LEU F 289 -16.06 13.49 -53.63
C LEU F 289 -17.20 14.28 -54.25
N GLN F 290 -17.12 14.53 -55.55
CA GLN F 290 -18.15 15.28 -56.25
C GLN F 290 -19.35 14.40 -56.54
N ASP F 291 -19.10 13.20 -57.10
CA ASP F 291 -20.18 12.27 -57.41
C ASP F 291 -21.09 12.08 -56.20
N ILE F 292 -20.47 11.99 -55.03
CA ILE F 292 -21.20 11.82 -53.78
C ILE F 292 -21.70 13.18 -53.29
N ALA F 293 -20.96 14.23 -53.64
CA ALA F 293 -21.31 15.58 -53.24
C ALA F 293 -22.75 15.90 -53.67
N ILE F 294 -23.08 15.51 -54.90
CA ILE F 294 -24.41 15.74 -55.44
C ILE F 294 -25.42 14.83 -54.76
N LEU F 295 -25.02 13.58 -54.57
CA LEU F 295 -25.88 12.59 -53.92
C LEU F 295 -26.40 13.09 -52.57
N THR F 296 -25.57 13.86 -51.87
CA THR F 296 -25.94 14.41 -50.58
C THR F 296 -26.37 15.86 -50.70
N GLY F 297 -25.82 16.56 -51.68
CA GLY F 297 -26.15 17.96 -51.89
C GLY F 297 -25.26 18.92 -51.13
N GLY F 298 -23.96 18.65 -51.12
CA GLY F 298 -23.03 19.52 -50.43
C GLY F 298 -22.21 20.35 -51.39
N ILE F 314 -24.32 24.86 -43.30
CA ILE F 314 -25.20 23.73 -43.57
C ILE F 314 -25.91 23.87 -44.92
N ASP F 315 -26.19 25.10 -45.32
CA ASP F 315 -26.87 25.37 -46.59
C ASP F 315 -26.03 24.87 -47.75
N MET F 316 -24.73 24.77 -47.55
CA MET F 316 -23.82 24.30 -48.60
C MET F 316 -23.20 22.96 -48.21
N LEU F 317 -24.00 22.11 -47.57
CA LEU F 317 -23.54 20.79 -47.13
C LEU F 317 -24.46 19.69 -47.65
N GLY F 318 -23.94 18.48 -47.71
CA GLY F 318 -24.72 17.36 -48.18
C GLY F 318 -25.52 16.71 -47.06
N ARG F 319 -26.65 16.12 -47.41
CA ARG F 319 -27.50 15.46 -46.42
C ARG F 319 -27.89 14.05 -46.87
N ALA F 320 -28.30 13.23 -45.91
CA ALA F 320 -28.69 11.85 -46.19
C ALA F 320 -29.51 11.28 -45.04
N LYS F 321 -30.62 10.63 -45.38
CA LYS F 321 -31.51 10.04 -44.39
C LYS F 321 -30.78 9.04 -43.51
N LYS F 322 -29.94 8.21 -44.13
CA LYS F 322 -29.20 7.21 -43.38
C LYS F 322 -27.80 6.97 -43.97
N VAL F 323 -26.84 6.70 -43.09
CA VAL F 323 -25.47 6.44 -43.51
C VAL F 323 -24.83 5.39 -42.59
N SER F 324 -24.52 4.23 -43.15
CA SER F 324 -23.91 3.16 -42.39
C SER F 324 -22.42 3.05 -42.69
N ILE F 325 -21.63 2.76 -41.66
CA ILE F 325 -20.19 2.63 -41.82
C ILE F 325 -19.68 1.31 -41.25
N ASN F 326 -18.76 0.67 -41.97
CA ASN F 326 -18.20 -0.60 -41.54
C ASN F 326 -16.68 -0.54 -41.50
N LYS F 327 -16.05 -1.71 -41.52
CA LYS F 327 -14.58 -1.81 -41.47
C LYS F 327 -13.93 -1.26 -42.73
N ASP F 328 -14.37 -1.75 -43.88
CA ASP F 328 -13.81 -1.32 -45.17
C ASP F 328 -14.91 -1.02 -46.18
N ASN F 329 -16.07 -0.59 -45.69
CA ASN F 329 -17.19 -0.28 -46.57
C ASN F 329 -18.21 0.63 -45.87
N THR F 330 -18.59 1.70 -46.55
CA THR F 330 -19.55 2.66 -46.00
C THR F 330 -20.69 2.90 -46.99
N THR F 331 -21.92 2.82 -46.49
CA THR F 331 -23.10 3.01 -47.34
C THR F 331 -23.91 4.25 -46.93
N ILE F 332 -24.33 5.02 -47.93
CA ILE F 332 -25.12 6.22 -47.71
C ILE F 332 -26.48 6.06 -48.40
N VAL F 333 -27.49 5.70 -47.64
CA VAL F 333 -28.83 5.50 -48.18
C VAL F 333 -29.68 6.76 -48.09
N ASP F 334 -30.49 7.00 -49.12
CA ASP F 334 -31.36 8.16 -49.16
C ASP F 334 -30.56 9.43 -48.89
N GLY F 335 -29.88 9.93 -49.92
CA GLY F 335 -29.09 11.14 -49.78
C GLY F 335 -29.92 12.38 -49.54
N ALA F 336 -29.84 13.32 -50.48
CA ALA F 336 -30.59 14.56 -50.39
C ALA F 336 -30.60 15.29 -51.73
N GLY F 337 -29.60 15.02 -52.55
CA GLY F 337 -29.52 15.66 -53.85
C GLY F 337 -30.79 15.50 -54.66
N GLU F 338 -30.89 16.24 -55.76
CA GLU F 338 -32.07 16.17 -56.63
C GLU F 338 -31.77 15.44 -57.93
N LYS F 339 -32.69 14.57 -58.33
CA LYS F 339 -32.55 13.77 -59.54
C LYS F 339 -31.88 14.53 -60.67
N ALA F 340 -32.19 15.82 -60.78
CA ALA F 340 -31.60 16.66 -61.82
C ALA F 340 -30.09 16.71 -61.66
N GLU F 341 -29.62 17.20 -60.52
CA GLU F 341 -28.20 17.30 -60.25
C GLU F 341 -27.52 15.94 -60.36
N ILE F 342 -28.30 14.88 -60.10
CA ILE F 342 -27.80 13.52 -60.17
C ILE F 342 -27.77 13.02 -61.61
N GLU F 343 -28.75 13.45 -62.41
CA GLU F 343 -28.84 13.06 -63.81
C GLU F 343 -27.77 13.77 -64.63
N ALA F 344 -27.28 14.89 -64.11
CA ALA F 344 -26.25 15.67 -64.80
C ALA F 344 -24.91 14.94 -64.73
N ARG F 345 -24.51 14.57 -63.53
CA ARG F 345 -23.25 13.87 -63.32
C ARG F 345 -23.22 12.60 -64.16
N VAL F 346 -24.28 11.80 -64.06
CA VAL F 346 -24.39 10.56 -64.81
C VAL F 346 -24.27 10.86 -66.31
N SER F 347 -24.75 12.04 -66.70
CA SER F 347 -24.69 12.47 -68.10
C SER F 347 -23.27 12.86 -68.48
N GLN F 348 -22.59 13.55 -67.56
CA GLN F 348 -21.21 13.97 -67.79
C GLN F 348 -20.30 12.76 -67.92
N ILE F 349 -20.40 11.85 -66.96
CA ILE F 349 -19.59 10.64 -66.96
C ILE F 349 -19.81 9.84 -68.24
N ARG F 350 -21.07 9.75 -68.67
CA ARG F 350 -21.42 9.03 -69.88
C ARG F 350 -20.67 9.62 -71.08
N GLN F 351 -20.87 10.91 -71.31
CA GLN F 351 -20.22 11.61 -72.40
C GLN F 351 -18.70 11.59 -72.19
N GLN F 352 -18.30 11.57 -70.92
CA GLN F 352 -16.89 11.54 -70.57
C GLN F 352 -16.26 10.25 -71.09
N ILE F 353 -16.84 9.12 -70.68
CA ILE F 353 -16.35 7.81 -71.10
C ILE F 353 -16.58 7.65 -72.60
N GLU F 354 -17.53 8.41 -73.12
CA GLU F 354 -17.87 8.36 -74.53
C GLU F 354 -16.72 8.90 -75.40
N GLU F 355 -15.81 9.63 -74.78
CA GLU F 355 -14.68 10.20 -75.49
C GLU F 355 -13.37 9.52 -75.12
N THR F 356 -13.30 9.03 -73.88
CA THR F 356 -12.09 8.36 -73.39
C THR F 356 -11.65 7.19 -74.27
N THR F 357 -10.43 7.30 -74.80
CA THR F 357 -9.87 6.25 -75.65
C THR F 357 -9.08 5.31 -74.75
N SER F 358 -8.89 5.74 -73.51
CA SER F 358 -8.16 4.94 -72.52
C SER F 358 -8.87 3.63 -72.24
N ASP F 359 -8.15 2.53 -72.45
CA ASP F 359 -8.70 1.19 -72.21
C ASP F 359 -8.57 0.85 -70.74
N TYR F 360 -8.00 1.78 -69.98
CA TYR F 360 -7.80 1.57 -68.55
C TYR F 360 -8.84 2.30 -67.71
N ASP F 361 -8.81 3.63 -67.76
CA ASP F 361 -9.76 4.44 -67.00
C ASP F 361 -11.18 4.29 -67.53
N ARG F 362 -11.35 3.43 -68.53
CA ARG F 362 -12.66 3.20 -69.12
C ARG F 362 -13.59 2.58 -68.06
N GLU F 363 -12.99 1.79 -67.17
CA GLU F 363 -13.74 1.15 -66.09
C GLU F 363 -13.75 2.03 -64.85
N LYS F 364 -12.65 2.76 -64.64
CA LYS F 364 -12.53 3.65 -63.50
C LYS F 364 -13.57 4.76 -63.54
N LEU F 365 -14.20 4.95 -64.70
CA LEU F 365 -15.22 5.97 -64.87
C LEU F 365 -16.59 5.32 -65.03
N GLN F 366 -16.62 4.18 -65.69
CA GLN F 366 -17.86 3.44 -65.92
C GLN F 366 -18.35 2.82 -64.62
N GLU F 367 -17.42 2.61 -63.69
CA GLU F 367 -17.75 2.03 -62.39
C GLU F 367 -18.27 3.09 -61.43
N ARG F 368 -17.66 4.27 -61.46
CA ARG F 368 -18.07 5.36 -60.58
C ARG F 368 -19.42 5.90 -61.01
N VAL F 369 -19.80 5.64 -62.26
CA VAL F 369 -21.07 6.11 -62.79
C VAL F 369 -22.21 5.22 -62.30
N ALA F 370 -21.92 3.95 -62.11
CA ALA F 370 -22.92 2.99 -61.64
C ALA F 370 -23.29 3.29 -60.19
N LYS F 371 -22.37 3.93 -59.46
CA LYS F 371 -22.62 4.29 -58.08
C LYS F 371 -23.69 5.36 -58.03
N LEU F 372 -24.04 5.88 -59.21
CA LEU F 372 -25.06 6.92 -59.34
C LEU F 372 -26.24 6.40 -60.13
N ALA F 373 -25.95 5.75 -61.26
CA ALA F 373 -26.99 5.20 -62.13
C ALA F 373 -27.33 3.78 -61.71
N GLY F 374 -27.34 3.53 -60.40
CA GLY F 374 -27.65 2.20 -59.91
C GLY F 374 -28.67 2.20 -58.78
N GLY F 375 -28.44 3.03 -57.77
CA GLY F 375 -29.35 3.11 -56.65
C GLY F 375 -28.99 2.16 -55.54
N VAL F 376 -29.78 2.16 -54.47
CA VAL F 376 -29.54 1.30 -53.31
C VAL F 376 -30.81 0.63 -52.82
N ALA F 377 -31.07 -0.61 -53.24
CA ALA F 377 -32.26 -1.32 -52.79
C ALA F 377 -32.23 -1.36 -51.27
N VAL F 378 -33.36 -1.69 -50.65
CA VAL F 378 -33.41 -1.75 -49.19
C VAL F 378 -34.66 -2.47 -48.69
N ILE F 379 -34.50 -3.74 -48.34
CA ILE F 379 -35.62 -4.52 -47.84
C ILE F 379 -36.10 -3.90 -46.53
N ARG F 380 -37.41 -3.67 -46.43
CA ARG F 380 -38.00 -3.09 -45.24
C ARG F 380 -38.78 -4.14 -44.47
N VAL F 381 -38.13 -4.71 -43.45
CA VAL F 381 -38.76 -5.75 -42.63
C VAL F 381 -39.79 -5.17 -41.65
N GLY F 382 -40.93 -5.83 -41.57
CA GLY F 382 -41.98 -5.38 -40.67
C GLY F 382 -42.75 -6.54 -40.08
N GLY F 383 -43.23 -6.36 -38.85
CA GLY F 383 -43.99 -7.41 -38.18
C GLY F 383 -45.06 -6.85 -37.27
N MET F 384 -45.34 -7.55 -36.18
CA MET F 384 -46.34 -7.12 -35.22
C MET F 384 -45.76 -6.18 -34.16
N THR F 385 -44.74 -6.66 -33.45
CA THR F 385 -44.10 -5.87 -32.41
C THR F 385 -42.59 -5.82 -32.63
N GLU F 386 -41.91 -5.01 -31.84
CA GLU F 386 -40.45 -4.87 -31.94
C GLU F 386 -39.80 -6.23 -31.73
N ILE F 387 -40.50 -7.12 -31.06
CA ILE F 387 -40.01 -8.46 -30.78
C ILE F 387 -40.12 -9.31 -32.04
N GLU F 388 -40.65 -8.71 -33.11
CA GLU F 388 -40.82 -9.39 -34.37
C GLU F 388 -39.93 -8.77 -35.44
N VAL F 389 -40.14 -7.48 -35.71
CA VAL F 389 -39.36 -6.78 -36.71
C VAL F 389 -37.87 -6.90 -36.43
N LYS F 390 -37.48 -6.70 -35.17
CA LYS F 390 -36.07 -6.80 -34.79
C LYS F 390 -35.58 -8.24 -34.90
N GLU F 391 -36.53 -9.17 -34.91
CA GLU F 391 -36.21 -10.59 -35.01
C GLU F 391 -36.04 -11.04 -36.47
N ARG F 392 -36.98 -10.66 -37.31
CA ARG F 392 -36.94 -11.02 -38.72
C ARG F 392 -35.82 -10.28 -39.46
N LYS F 393 -35.46 -9.12 -38.93
CA LYS F 393 -34.40 -8.32 -39.54
C LYS F 393 -33.07 -9.07 -39.43
N ASP F 394 -32.95 -9.91 -38.40
CA ASP F 394 -31.74 -10.70 -38.18
C ASP F 394 -31.71 -11.92 -39.10
N ARG F 395 -32.87 -12.48 -39.38
CA ARG F 395 -32.99 -13.64 -40.24
C ARG F 395 -32.74 -13.23 -41.68
N VAL F 396 -33.33 -12.11 -42.08
CA VAL F 396 -33.17 -11.59 -43.44
C VAL F 396 -31.73 -11.15 -43.66
N ASP F 397 -31.21 -10.38 -42.71
CA ASP F 397 -29.83 -9.89 -42.81
C ASP F 397 -28.86 -11.08 -42.83
N ASP F 398 -29.24 -12.15 -42.16
CA ASP F 398 -28.41 -13.35 -42.11
C ASP F 398 -28.50 -14.19 -43.37
N ALA F 399 -29.68 -14.23 -43.97
CA ALA F 399 -29.91 -15.01 -45.19
C ALA F 399 -29.50 -14.25 -46.45
N LEU F 400 -29.55 -12.93 -46.38
CA LEU F 400 -29.20 -12.08 -47.50
C LEU F 400 -27.68 -12.01 -47.64
N ASN F 401 -26.97 -12.49 -46.63
CA ASN F 401 -25.51 -12.50 -46.63
C ASN F 401 -24.99 -13.81 -47.20
N ALA F 402 -25.78 -14.86 -47.06
CA ALA F 402 -25.41 -16.18 -47.57
C ALA F 402 -25.66 -16.22 -49.07
N THR F 403 -26.70 -15.52 -49.50
CA THR F 403 -27.05 -15.48 -50.92
C THR F 403 -26.06 -14.60 -51.68
N ARG F 404 -25.86 -13.38 -51.18
CA ARG F 404 -24.94 -12.44 -51.80
C ARG F 404 -23.57 -13.05 -52.03
N ALA F 405 -23.27 -14.11 -51.29
CA ALA F 405 -22.01 -14.82 -51.40
C ALA F 405 -22.19 -16.06 -52.25
N ALA F 406 -23.43 -16.52 -52.35
CA ALA F 406 -23.74 -17.69 -53.14
C ALA F 406 -23.70 -17.36 -54.63
N VAL F 407 -24.07 -16.14 -54.97
CA VAL F 407 -24.10 -15.68 -56.36
C VAL F 407 -22.72 -15.31 -56.90
N GLN F 408 -21.78 -15.03 -56.00
CA GLN F 408 -20.42 -14.65 -56.40
C GLN F 408 -19.63 -15.80 -57.01
N GLU F 409 -19.68 -16.96 -56.38
CA GLU F 409 -18.93 -18.10 -56.87
C GLU F 409 -19.75 -19.39 -56.96
N GLY F 410 -21.07 -19.27 -56.79
CA GLY F 410 -21.94 -20.42 -56.88
C GLY F 410 -22.16 -21.11 -55.57
N ILE F 411 -22.92 -22.20 -55.60
CA ILE F 411 -23.21 -22.96 -54.39
C ILE F 411 -22.73 -24.39 -54.59
N VAL F 412 -22.41 -25.06 -53.48
CA VAL F 412 -21.92 -26.43 -53.53
C VAL F 412 -22.43 -27.18 -52.30
N VAL F 413 -22.52 -28.50 -52.40
CA VAL F 413 -23.02 -29.32 -51.30
C VAL F 413 -22.48 -28.91 -49.94
N GLY F 414 -23.37 -28.82 -48.96
CA GLY F 414 -22.96 -28.46 -47.61
C GLY F 414 -22.67 -29.70 -46.79
N GLY F 415 -22.63 -29.53 -45.47
CA GLY F 415 -22.36 -30.64 -44.57
C GLY F 415 -20.90 -31.04 -44.51
N GLY F 416 -20.05 -30.17 -45.05
CA GLY F 416 -18.63 -30.45 -45.10
C GLY F 416 -18.25 -31.54 -46.12
N VAL F 417 -19.11 -31.74 -47.11
CA VAL F 417 -18.86 -32.77 -48.14
C VAL F 417 -18.07 -32.19 -49.31
N ALA F 418 -18.30 -30.93 -49.61
CA ALA F 418 -17.58 -30.31 -50.70
C ALA F 418 -16.08 -30.59 -50.55
N LEU F 419 -15.56 -30.36 -49.35
CA LEU F 419 -14.15 -30.58 -49.04
C LEU F 419 -13.72 -32.03 -49.27
N VAL F 420 -14.49 -32.98 -48.76
CA VAL F 420 -14.14 -34.39 -48.93
C VAL F 420 -14.19 -34.80 -50.40
N GLN F 421 -15.13 -34.23 -51.14
CA GLN F 421 -15.28 -34.55 -52.56
C GLN F 421 -14.09 -34.03 -53.36
N GLY F 422 -13.80 -32.74 -53.20
CA GLY F 422 -12.69 -32.11 -53.91
C GLY F 422 -11.36 -32.79 -53.63
N ALA F 423 -11.28 -33.38 -52.45
CA ALA F 423 -10.09 -34.08 -52.03
C ALA F 423 -9.82 -35.26 -52.95
N LYS F 424 -10.82 -35.66 -53.72
CA LYS F 424 -10.67 -36.78 -54.63
C LYS F 424 -9.62 -36.48 -55.69
N VAL F 425 -9.53 -35.20 -56.03
CA VAL F 425 -8.58 -34.71 -57.02
C VAL F 425 -7.12 -35.03 -56.69
N LEU F 426 -6.80 -35.06 -55.40
CA LEU F 426 -5.43 -35.34 -54.98
C LEU F 426 -5.06 -36.80 -55.12
N GLU F 427 -5.89 -37.57 -55.80
CA GLU F 427 -5.62 -39.00 -55.98
C GLU F 427 -4.24 -39.34 -56.50
N GLY F 428 -3.90 -38.82 -57.68
CA GLY F 428 -2.60 -39.12 -58.25
C GLY F 428 -1.54 -38.04 -58.09
N LEU F 429 -1.94 -36.87 -57.58
CA LEU F 429 -1.01 -35.76 -57.41
C LEU F 429 0.28 -36.17 -56.70
N SER F 430 1.39 -35.52 -57.09
CA SER F 430 2.69 -35.81 -56.49
C SER F 430 3.60 -34.58 -56.47
N GLY F 431 4.45 -34.50 -55.45
CA GLY F 431 5.35 -33.37 -55.32
C GLY F 431 6.77 -33.77 -55.65
N ALA F 432 7.69 -32.80 -55.58
CA ALA F 432 9.09 -33.04 -55.89
C ALA F 432 9.83 -34.05 -55.00
N ASN F 433 9.23 -34.42 -53.86
CA ASN F 433 9.88 -35.37 -52.95
C ASN F 433 8.94 -35.89 -51.88
N SER F 434 9.36 -37.00 -51.23
CA SER F 434 8.57 -37.65 -50.17
C SER F 434 8.00 -36.65 -49.17
N ASP F 435 8.83 -35.68 -48.81
CA ASP F 435 8.41 -34.64 -47.88
C ASP F 435 7.25 -33.87 -48.51
N GLN F 436 7.44 -33.41 -49.74
CA GLN F 436 6.40 -32.67 -50.44
C GLN F 436 5.15 -33.53 -50.59
N ASP F 437 5.36 -34.83 -50.71
CA ASP F 437 4.25 -35.75 -50.85
C ASP F 437 3.45 -35.80 -49.56
N ALA F 438 4.17 -35.81 -48.44
CA ALA F 438 3.55 -35.84 -47.10
C ALA F 438 2.60 -34.67 -46.93
N GLY F 439 3.07 -33.48 -47.29
CA GLY F 439 2.24 -32.30 -47.18
C GLY F 439 0.95 -32.48 -47.94
N ILE F 440 1.03 -33.18 -49.08
CA ILE F 440 -0.16 -33.40 -49.88
C ILE F 440 -1.14 -34.34 -49.19
N ALA F 441 -0.63 -35.41 -48.57
CA ALA F 441 -1.50 -36.37 -47.88
C ALA F 441 -2.13 -35.77 -46.63
N ILE F 442 -1.42 -34.86 -45.99
CA ILE F 442 -1.92 -34.21 -44.80
C ILE F 442 -3.24 -33.55 -45.20
N ILE F 443 -3.20 -32.76 -46.26
CA ILE F 443 -4.40 -32.09 -46.75
C ILE F 443 -5.45 -33.09 -47.21
N ARG F 444 -5.01 -34.19 -47.79
CA ARG F 444 -5.95 -35.21 -48.25
C ARG F 444 -6.78 -35.74 -47.09
N ARG F 445 -6.22 -35.68 -45.89
CA ARG F 445 -6.93 -36.17 -44.70
C ARG F 445 -7.60 -35.07 -43.88
N ALA F 446 -6.96 -33.91 -43.83
CA ALA F 446 -7.52 -32.81 -43.07
C ALA F 446 -8.90 -32.42 -43.60
N LEU F 447 -9.12 -32.59 -44.89
CA LEU F 447 -10.39 -32.22 -45.47
C LEU F 447 -11.57 -33.04 -44.96
N GLU F 448 -11.29 -34.18 -44.33
CA GLU F 448 -12.37 -35.01 -43.79
C GLU F 448 -12.75 -34.59 -42.34
N ALA F 449 -12.05 -33.58 -41.81
CA ALA F 449 -12.26 -33.11 -40.44
C ALA F 449 -13.65 -32.55 -40.14
N PRO F 450 -14.04 -31.45 -40.82
CA PRO F 450 -15.35 -30.86 -40.56
C PRO F 450 -16.53 -31.82 -40.80
N MET F 451 -16.33 -32.86 -41.59
CA MET F 451 -17.41 -33.78 -41.84
C MET F 451 -17.51 -34.81 -40.73
N ARG F 452 -16.41 -35.50 -40.44
CA ARG F 452 -16.44 -36.50 -39.39
C ARG F 452 -16.94 -35.88 -38.07
N GLN F 453 -16.54 -34.63 -37.84
CA GLN F 453 -16.95 -33.91 -36.64
C GLN F 453 -18.46 -33.79 -36.67
N ILE F 454 -18.96 -33.13 -37.70
CA ILE F 454 -20.39 -32.95 -37.86
C ILE F 454 -21.12 -34.25 -37.67
N ALA F 455 -20.49 -35.35 -38.05
CA ALA F 455 -21.11 -36.66 -37.92
C ALA F 455 -21.05 -37.15 -36.47
N GLU F 456 -19.88 -37.00 -35.84
CA GLU F 456 -19.70 -37.44 -34.47
C GLU F 456 -20.65 -36.72 -33.53
N ASN F 457 -20.75 -35.40 -33.69
CA ASN F 457 -21.66 -34.58 -32.87
C ASN F 457 -23.10 -35.11 -32.93
N ALA F 458 -23.46 -35.70 -34.08
CA ALA F 458 -24.79 -36.24 -34.30
C ALA F 458 -24.92 -37.65 -33.76
N GLY F 459 -23.79 -38.27 -33.43
CA GLY F 459 -23.83 -39.62 -32.91
C GLY F 459 -23.37 -40.69 -33.89
N VAL F 460 -23.11 -40.29 -35.12
CA VAL F 460 -22.66 -41.22 -36.15
C VAL F 460 -21.15 -41.31 -36.20
N ASP F 461 -20.63 -42.50 -36.51
CA ASP F 461 -19.19 -42.74 -36.60
C ASP F 461 -18.54 -42.07 -37.83
N GLY F 462 -18.02 -40.86 -37.64
CA GLY F 462 -17.41 -40.13 -38.73
C GLY F 462 -16.46 -40.91 -39.63
N ALA F 463 -15.89 -42.00 -39.13
CA ALA F 463 -14.96 -42.78 -39.94
C ALA F 463 -15.74 -43.48 -41.04
N VAL F 464 -16.98 -43.83 -40.72
CA VAL F 464 -17.84 -44.52 -41.65
C VAL F 464 -18.44 -43.50 -42.62
N VAL F 465 -19.04 -42.44 -42.09
CA VAL F 465 -19.62 -41.42 -42.93
C VAL F 465 -18.60 -40.93 -43.96
N ALA F 466 -17.32 -40.93 -43.59
CA ALA F 466 -16.27 -40.47 -44.48
C ALA F 466 -15.96 -41.51 -45.55
N GLY F 467 -15.86 -42.77 -45.14
CA GLY F 467 -15.58 -43.84 -46.08
C GLY F 467 -16.61 -43.99 -47.16
N LYS F 468 -17.87 -43.79 -46.82
CA LYS F 468 -18.95 -43.90 -47.78
C LYS F 468 -18.84 -42.78 -48.80
N VAL F 469 -18.70 -41.55 -48.31
CA VAL F 469 -18.58 -40.40 -49.19
C VAL F 469 -17.32 -40.48 -50.04
N ARG F 470 -16.32 -41.20 -49.54
CA ARG F 470 -15.07 -41.35 -50.29
C ARG F 470 -15.26 -42.30 -51.46
N GLU F 471 -15.83 -43.48 -51.19
CA GLU F 471 -16.09 -44.49 -52.21
C GLU F 471 -17.24 -44.07 -53.09
N SER F 472 -17.79 -42.88 -52.83
CA SER F 472 -18.91 -42.34 -53.60
C SER F 472 -18.53 -42.18 -55.06
N SER F 473 -19.56 -41.98 -55.89
CA SER F 473 -19.37 -41.80 -57.32
C SER F 473 -20.01 -40.49 -57.74
N ASP F 474 -21.19 -40.22 -57.18
CA ASP F 474 -21.91 -39.00 -57.49
C ASP F 474 -21.30 -37.83 -56.71
N LYS F 475 -20.67 -36.91 -57.42
CA LYS F 475 -20.04 -35.74 -56.81
C LYS F 475 -20.94 -34.97 -55.85
N ALA F 476 -22.22 -35.34 -55.79
CA ALA F 476 -23.16 -34.66 -54.90
C ALA F 476 -23.71 -35.60 -53.85
N PHE F 477 -23.01 -36.71 -53.62
CA PHE F 477 -23.44 -37.68 -52.62
C PHE F 477 -22.73 -37.47 -51.29
N GLY F 478 -23.50 -37.38 -50.21
CA GLY F 478 -22.90 -37.18 -48.90
C GLY F 478 -23.71 -37.81 -47.79
N PHE F 479 -23.72 -37.16 -46.63
CA PHE F 479 -24.45 -37.62 -45.46
C PHE F 479 -25.14 -36.40 -44.83
N ASN F 480 -26.44 -36.53 -44.56
CA ASN F 480 -27.20 -35.43 -43.96
C ASN F 480 -27.45 -35.73 -42.48
N ALA F 481 -26.65 -35.11 -41.61
CA ALA F 481 -26.72 -35.31 -40.17
C ALA F 481 -28.04 -34.87 -39.56
N GLN F 482 -28.77 -34.02 -40.27
CA GLN F 482 -30.07 -33.54 -39.78
C GLN F 482 -31.07 -34.68 -39.70
N THR F 483 -31.10 -35.51 -40.74
CA THR F 483 -32.01 -36.66 -40.82
C THR F 483 -31.25 -37.97 -40.69
N GLU F 484 -29.94 -37.91 -40.89
CA GLU F 484 -29.07 -39.07 -40.78
C GLU F 484 -29.15 -40.04 -41.95
N GLU F 485 -29.32 -39.50 -43.15
CA GLU F 485 -29.41 -40.35 -44.35
C GLU F 485 -28.45 -39.87 -45.43
N TYR F 486 -27.99 -40.80 -46.26
CA TYR F 486 -27.07 -40.46 -47.35
C TYR F 486 -27.85 -40.16 -48.61
N GLY F 487 -27.25 -39.41 -49.53
CA GLY F 487 -27.93 -39.10 -50.77
C GLY F 487 -27.39 -37.92 -51.54
N ASP F 488 -28.30 -37.20 -52.19
CA ASP F 488 -27.94 -36.02 -52.98
C ASP F 488 -28.06 -34.79 -52.09
N MET F 489 -26.93 -34.36 -51.55
CA MET F 489 -26.90 -33.20 -50.67
C MET F 489 -27.68 -32.02 -51.23
N PHE F 490 -27.73 -31.92 -52.55
CA PHE F 490 -28.45 -30.82 -53.19
C PHE F 490 -29.96 -30.98 -53.03
N LYS F 491 -30.47 -32.16 -53.37
CA LYS F 491 -31.91 -32.42 -53.25
C LYS F 491 -32.32 -32.29 -51.79
N PHE F 492 -31.38 -32.60 -50.90
CA PHE F 492 -31.58 -32.54 -49.45
C PHE F 492 -31.76 -31.11 -48.95
N GLY F 493 -31.15 -30.16 -49.63
CA GLY F 493 -31.26 -28.78 -49.21
C GLY F 493 -30.07 -28.38 -48.37
N VAL F 494 -29.05 -29.23 -48.38
CA VAL F 494 -27.82 -29.04 -47.63
C VAL F 494 -26.75 -28.44 -48.56
N ILE F 495 -26.71 -27.11 -48.65
CA ILE F 495 -25.77 -26.42 -49.53
C ILE F 495 -24.94 -25.36 -48.78
N ASP F 496 -23.83 -24.96 -49.39
CA ASP F 496 -22.95 -23.95 -48.80
C ASP F 496 -22.34 -23.06 -49.87
N PRO F 497 -22.36 -21.74 -49.66
CA PRO F 497 -21.76 -20.87 -50.67
C PRO F 497 -20.33 -21.37 -50.92
N ALA F 498 -20.01 -21.67 -52.18
CA ALA F 498 -18.68 -22.17 -52.50
C ALA F 498 -17.60 -21.16 -52.13
N LYS F 499 -18.00 -19.92 -51.91
CA LYS F 499 -17.04 -18.90 -51.55
C LYS F 499 -16.53 -19.06 -50.12
N VAL F 500 -17.31 -19.71 -49.24
CA VAL F 500 -16.91 -19.90 -47.86
C VAL F 500 -16.20 -21.24 -47.67
N VAL F 501 -16.63 -22.25 -48.42
CA VAL F 501 -15.99 -23.56 -48.33
C VAL F 501 -14.61 -23.46 -48.95
N ARG F 502 -14.37 -22.36 -49.66
CA ARG F 502 -13.10 -22.13 -50.32
C ARG F 502 -12.21 -21.22 -49.50
N THR F 503 -12.78 -20.17 -48.95
CA THR F 503 -12.01 -19.24 -48.14
C THR F 503 -11.52 -19.94 -46.88
N ALA F 504 -12.38 -20.74 -46.26
CA ALA F 504 -12.02 -21.46 -45.05
C ALA F 504 -10.76 -22.31 -45.28
N LEU F 505 -10.78 -23.10 -46.35
CA LEU F 505 -9.67 -23.98 -46.70
C LEU F 505 -8.38 -23.26 -47.04
N GLU F 506 -8.48 -22.10 -47.65
CA GLU F 506 -7.28 -21.36 -48.00
C GLU F 506 -6.67 -20.78 -46.73
N ASP F 507 -7.51 -20.10 -45.95
CA ASP F 507 -7.09 -19.47 -44.70
C ASP F 507 -6.46 -20.46 -43.73
N ALA F 508 -7.04 -21.66 -43.65
CA ALA F 508 -6.52 -22.68 -42.75
C ALA F 508 -5.11 -23.05 -43.18
N ALA F 509 -4.98 -23.51 -44.41
CA ALA F 509 -3.68 -23.90 -44.94
C ALA F 509 -2.71 -22.72 -44.93
N SER F 510 -3.26 -21.51 -44.88
CA SER F 510 -2.43 -20.31 -44.84
C SER F 510 -1.62 -20.27 -43.54
N VAL F 511 -2.29 -20.47 -42.41
CA VAL F 511 -1.63 -20.46 -41.10
C VAL F 511 -0.95 -21.79 -40.82
N ALA F 512 -1.63 -22.89 -41.14
CA ALA F 512 -1.06 -24.19 -40.90
C ALA F 512 0.38 -24.21 -41.46
N GLY F 513 0.63 -23.40 -42.49
CA GLY F 513 1.95 -23.33 -43.08
C GLY F 513 2.90 -22.48 -42.25
N LEU F 514 2.38 -21.36 -41.75
CA LEU F 514 3.17 -20.45 -40.92
C LEU F 514 3.59 -21.15 -39.64
N LEU F 515 2.61 -21.74 -38.94
CA LEU F 515 2.90 -22.44 -37.71
C LEU F 515 3.95 -23.52 -37.96
N ILE F 516 3.67 -24.40 -38.93
CA ILE F 516 4.59 -25.49 -39.26
C ILE F 516 6.01 -25.01 -39.58
N THR F 517 6.15 -23.79 -40.08
CA THR F 517 7.49 -23.26 -40.40
C THR F 517 7.99 -22.17 -39.44
N THR F 518 7.56 -22.30 -38.19
CA THR F 518 7.97 -21.38 -37.13
C THR F 518 9.06 -22.11 -36.32
N GLU F 519 10.18 -21.44 -36.10
CA GLU F 519 11.31 -22.03 -35.38
C GLU F 519 11.55 -21.43 -34.01
N ALA F 520 11.03 -20.22 -33.77
CA ALA F 520 11.27 -19.57 -32.50
C ALA F 520 10.18 -18.59 -32.15
N MET F 521 9.90 -18.47 -30.85
CA MET F 521 8.87 -17.55 -30.38
C MET F 521 9.45 -16.62 -29.32
N ILE F 522 8.98 -15.39 -29.34
CA ILE F 522 9.46 -14.41 -28.36
C ILE F 522 8.26 -13.80 -27.63
N ALA F 523 8.12 -14.11 -26.34
CA ALA F 523 7.04 -13.59 -25.55
C ALA F 523 7.62 -12.80 -24.39
N GLU F 524 6.85 -11.85 -23.85
CA GLU F 524 7.31 -11.04 -22.72
C GLU F 524 7.35 -11.84 -21.42
N LYS F 525 8.24 -11.45 -20.51
CA LYS F 525 8.38 -12.16 -19.25
C LYS F 525 7.38 -11.65 -18.22
N PRO F 526 6.83 -12.55 -17.40
CA PRO F 526 5.86 -12.17 -16.38
C PRO F 526 6.44 -11.24 -15.32
N ALA G 2 24.46 1.88 -7.45
CA ALA G 2 24.26 1.16 -6.17
C ALA G 2 24.97 -0.18 -6.20
N ALA G 3 24.63 -1.05 -5.23
CA ALA G 3 25.23 -2.38 -5.14
C ALA G 3 25.51 -2.94 -6.52
N LYS G 4 26.63 -3.65 -6.65
CA LYS G 4 27.01 -4.21 -7.92
C LYS G 4 27.44 -5.66 -7.77
N GLU G 5 27.20 -6.44 -8.81
CA GLU G 5 27.58 -7.84 -8.85
C GLU G 5 28.73 -7.90 -9.84
N VAL G 6 29.91 -8.28 -9.37
CA VAL G 6 31.08 -8.35 -10.24
C VAL G 6 31.41 -9.80 -10.58
N LYS G 7 31.31 -10.18 -11.85
CA LYS G 7 31.64 -11.54 -12.26
C LYS G 7 33.03 -11.50 -12.89
N PHE G 8 33.83 -12.51 -12.59
CA PHE G 8 35.19 -12.56 -13.12
C PHE G 8 35.40 -13.75 -14.03
N ASN G 9 36.56 -13.78 -14.67
CA ASN G 9 36.94 -14.88 -15.55
C ASN G 9 35.84 -15.60 -16.32
N SER G 10 35.96 -16.92 -16.39
CA SER G 10 35.02 -17.77 -17.09
C SER G 10 33.57 -17.56 -16.71
N ASP G 11 33.33 -17.38 -15.42
CA ASP G 11 31.99 -17.17 -14.91
C ASP G 11 31.31 -16.02 -15.65
N ALA G 12 32.11 -15.05 -16.08
CA ALA G 12 31.55 -13.90 -16.79
C ALA G 12 31.46 -14.19 -18.26
N ARG G 13 32.31 -15.08 -18.74
CA ARG G 13 32.33 -15.42 -20.16
C ARG G 13 31.21 -16.38 -20.51
N ASP G 14 31.06 -17.46 -19.74
CA ASP G 14 29.99 -18.42 -20.00
C ASP G 14 28.62 -17.74 -20.09
N ARG G 15 28.43 -16.65 -19.34
CA ARG G 15 27.18 -15.93 -19.34
C ARG G 15 26.99 -15.08 -20.59
N MET G 16 28.07 -14.47 -21.05
CA MET G 16 28.01 -13.64 -22.24
C MET G 16 27.67 -14.56 -23.38
N LEU G 17 28.37 -15.68 -23.44
CA LEU G 17 28.15 -16.67 -24.49
C LEU G 17 26.70 -17.12 -24.53
N LYS G 18 26.06 -17.14 -23.36
CA LYS G 18 24.64 -17.54 -23.25
C LYS G 18 23.75 -16.49 -23.92
N GLY G 19 24.03 -15.23 -23.63
CA GLY G 19 23.22 -14.17 -24.21
C GLY G 19 23.43 -14.01 -25.69
N VAL G 20 24.62 -14.35 -26.16
CA VAL G 20 24.93 -14.24 -27.58
C VAL G 20 24.25 -15.39 -28.33
N ASN G 21 24.39 -16.62 -27.82
CA ASN G 21 23.78 -17.78 -28.44
C ASN G 21 22.27 -17.67 -28.60
N ILE G 22 21.61 -17.02 -27.64
CA ILE G 22 20.15 -16.85 -27.71
C ILE G 22 19.87 -15.90 -28.86
N LEU G 23 20.58 -14.78 -28.86
CA LEU G 23 20.42 -13.77 -29.90
C LEU G 23 20.74 -14.32 -31.27
N ALA G 24 21.81 -15.09 -31.40
CA ALA G 24 22.19 -15.64 -32.69
C ALA G 24 21.29 -16.79 -33.12
N ASP G 25 20.79 -17.57 -32.18
CA ASP G 25 19.95 -18.69 -32.54
C ASP G 25 18.54 -18.28 -32.94
N ALA G 26 18.09 -17.12 -32.48
CA ALA G 26 16.74 -16.64 -32.80
C ALA G 26 16.74 -15.95 -34.16
N VAL G 27 17.82 -15.24 -34.46
CA VAL G 27 17.96 -14.51 -35.72
C VAL G 27 18.35 -15.38 -36.90
N LYS G 28 19.28 -16.30 -36.67
CA LYS G 28 19.76 -17.19 -37.73
C LYS G 28 18.75 -18.19 -38.31
N VAL G 29 17.59 -18.35 -37.68
CA VAL G 29 16.62 -19.28 -38.23
C VAL G 29 16.00 -18.59 -39.43
N THR G 30 16.14 -17.27 -39.47
CA THR G 30 15.57 -16.50 -40.57
C THR G 30 16.65 -16.09 -41.59
N LEU G 31 17.39 -17.07 -42.11
CA LEU G 31 18.45 -16.74 -43.06
C LEU G 31 18.37 -17.50 -44.38
N GLY G 32 18.45 -16.75 -45.47
CA GLY G 32 18.41 -17.37 -46.79
C GLY G 32 17.04 -17.42 -47.44
N PRO G 33 16.93 -18.07 -48.61
CA PRO G 33 15.67 -18.18 -49.34
C PRO G 33 14.69 -19.14 -48.67
N LYS G 34 15.19 -20.00 -47.80
CA LYS G 34 14.34 -20.97 -47.08
C LYS G 34 14.28 -20.67 -45.58
N GLY G 35 14.23 -19.38 -45.25
CA GLY G 35 14.18 -18.96 -43.87
C GLY G 35 12.90 -19.42 -43.22
N ARG G 36 12.96 -19.61 -41.92
CA ARG G 36 11.80 -20.05 -41.15
C ARG G 36 11.31 -18.81 -40.43
N ASN G 37 10.05 -18.80 -40.03
CA ASN G 37 9.51 -17.63 -39.35
C ASN G 37 9.83 -17.59 -37.86
N VAL G 38 9.65 -16.41 -37.28
CA VAL G 38 9.87 -16.20 -35.87
C VAL G 38 8.63 -15.43 -35.40
N VAL G 39 7.80 -16.05 -34.56
CA VAL G 39 6.60 -15.40 -34.07
C VAL G 39 6.97 -14.51 -32.89
N ILE G 40 6.53 -13.26 -32.93
CA ILE G 40 6.83 -12.28 -31.87
C ILE G 40 5.57 -11.79 -31.17
N ASP G 41 5.48 -12.04 -29.88
CA ASP G 41 4.32 -11.63 -29.10
C ASP G 41 4.12 -10.13 -29.13
N LYS G 42 2.94 -9.73 -29.58
CA LYS G 42 2.54 -8.33 -29.66
C LYS G 42 1.63 -8.07 -28.47
N SER G 43 1.95 -7.03 -27.70
CA SER G 43 1.19 -6.68 -26.50
C SER G 43 -0.29 -6.44 -26.73
N PHE G 44 -0.72 -6.45 -27.99
CA PHE G 44 -2.12 -6.21 -28.31
C PHE G 44 -2.53 -6.85 -29.63
N GLY G 45 -3.44 -7.81 -29.56
CA GLY G 45 -3.91 -8.47 -30.77
C GLY G 45 -3.20 -9.79 -31.06
N ALA G 46 -2.98 -10.07 -32.33
CA ALA G 46 -2.32 -11.30 -32.72
C ALA G 46 -0.82 -11.08 -32.80
N PRO G 47 -0.03 -12.14 -32.67
CA PRO G 47 1.43 -12.03 -32.72
C PRO G 47 1.94 -11.65 -34.12
N ARG G 48 3.13 -11.04 -34.14
CA ARG G 48 3.78 -10.61 -35.37
C ARG G 48 4.63 -11.77 -35.90
N ILE G 49 4.34 -12.20 -37.14
CA ILE G 49 5.10 -13.28 -37.76
C ILE G 49 6.11 -12.63 -38.68
N THR G 50 7.40 -12.87 -38.43
CA THR G 50 8.45 -12.27 -39.26
C THR G 50 9.57 -13.21 -39.65
N LYS G 51 10.30 -12.81 -40.70
CA LYS G 51 11.43 -13.57 -41.23
C LYS G 51 12.61 -12.61 -41.28
N ASP G 52 12.33 -11.33 -41.05
CA ASP G 52 13.34 -10.28 -41.06
C ASP G 52 14.23 -10.35 -39.81
N GLY G 53 15.43 -10.92 -39.98
CA GLY G 53 16.34 -11.05 -38.86
C GLY G 53 16.69 -9.76 -38.14
N VAL G 54 16.28 -8.61 -38.65
CA VAL G 54 16.61 -7.38 -37.98
C VAL G 54 15.56 -7.01 -36.94
N SER G 55 14.33 -7.41 -37.20
CA SER G 55 13.22 -7.14 -36.28
C SER G 55 13.29 -8.07 -35.08
N VAL G 56 13.90 -9.23 -35.29
CA VAL G 56 14.07 -10.20 -34.23
C VAL G 56 15.13 -9.70 -33.25
N ALA G 57 16.28 -9.32 -33.79
CA ALA G 57 17.37 -8.83 -32.98
C ALA G 57 16.96 -7.71 -32.00
N LYS G 58 16.05 -6.85 -32.44
CA LYS G 58 15.58 -5.74 -31.60
C LYS G 58 14.72 -6.23 -30.41
N GLU G 59 13.93 -7.27 -30.66
CA GLU G 59 13.06 -7.86 -29.64
C GLU G 59 13.83 -8.60 -28.54
N ILE G 60 15.09 -8.92 -28.79
CA ILE G 60 15.87 -9.67 -27.79
C ILE G 60 16.41 -8.84 -26.64
N GLU G 61 15.91 -9.16 -25.45
CA GLU G 61 16.30 -8.52 -24.20
C GLU G 61 16.14 -9.57 -23.11
N LEU G 62 17.24 -10.22 -22.78
CA LEU G 62 17.28 -11.25 -21.75
C LEU G 62 17.17 -10.62 -20.35
N SER G 63 16.60 -11.36 -19.41
CA SER G 63 16.43 -10.84 -18.05
C SER G 63 17.71 -10.79 -17.23
N ASP G 64 18.52 -11.85 -17.32
CA ASP G 64 19.78 -11.91 -16.56
C ASP G 64 20.79 -10.84 -17.00
N LYS G 65 21.02 -9.84 -16.14
CA LYS G 65 21.93 -8.74 -16.44
C LYS G 65 23.15 -9.10 -17.27
N PHE G 66 23.83 -10.18 -16.89
CA PHE G 66 25.03 -10.61 -17.61
C PHE G 66 24.74 -11.18 -18.99
N GLU G 67 23.85 -12.17 -19.05
CA GLU G 67 23.49 -12.77 -20.32
C GLU G 67 23.06 -11.67 -21.30
N ASN G 68 22.36 -10.69 -20.78
CA ASN G 68 21.89 -9.59 -21.60
C ASN G 68 23.01 -8.71 -22.14
N MET G 69 24.09 -8.56 -21.38
CA MET G 69 25.21 -7.74 -21.82
C MET G 69 25.84 -8.38 -23.05
N GLY G 70 25.96 -9.70 -23.01
CA GLY G 70 26.53 -10.41 -24.15
C GLY G 70 25.69 -10.13 -25.39
N ALA G 71 24.38 -10.28 -25.27
CA ALA G 71 23.49 -10.04 -26.39
C ALA G 71 23.48 -8.57 -26.80
N GLN G 72 23.32 -7.68 -25.83
CA GLN G 72 23.27 -6.25 -26.12
C GLN G 72 24.46 -5.74 -26.94
N MET G 73 25.66 -6.25 -26.62
CA MET G 73 26.87 -5.86 -27.34
C MET G 73 26.79 -6.30 -28.80
N VAL G 74 26.90 -7.61 -29.01
CA VAL G 74 26.83 -8.16 -30.37
C VAL G 74 25.71 -7.48 -31.15
N ARG G 75 24.54 -7.47 -30.55
CA ARG G 75 23.39 -6.89 -31.20
C ARG G 75 23.59 -5.43 -31.59
N GLU G 76 24.41 -4.71 -30.83
CA GLU G 76 24.66 -3.30 -31.11
C GLU G 76 25.57 -3.11 -32.32
N VAL G 77 26.73 -3.77 -32.29
CA VAL G 77 27.70 -3.67 -33.38
C VAL G 77 27.06 -4.15 -34.66
N ALA G 78 26.60 -5.40 -34.70
CA ALA G 78 25.98 -5.95 -35.89
C ALA G 78 24.88 -5.05 -36.44
N SER G 79 24.39 -4.12 -35.61
CA SER G 79 23.35 -3.19 -36.03
C SER G 79 23.93 -2.03 -36.83
N ARG G 80 25.21 -1.77 -36.62
CA ARG G 80 25.90 -0.70 -37.35
C ARG G 80 26.18 -1.19 -38.78
N THR G 81 26.19 -2.52 -38.94
CA THR G 81 26.41 -3.13 -40.25
C THR G 81 25.20 -2.81 -41.11
N ASN G 82 24.17 -2.25 -40.47
CA ASN G 82 22.95 -1.87 -41.16
C ASN G 82 23.05 -0.40 -41.58
N ASP G 83 24.29 0.11 -41.58
CA ASP G 83 24.55 1.48 -41.97
C ASP G 83 24.30 1.56 -43.48
N GLU G 84 24.48 0.42 -44.15
CA GLU G 84 24.27 0.31 -45.58
C GLU G 84 23.00 -0.49 -45.82
N ALA G 85 22.24 -0.69 -44.74
CA ALA G 85 20.99 -1.44 -44.77
C ALA G 85 21.05 -2.69 -45.63
N GLY G 86 21.33 -3.83 -45.00
CA GLY G 86 21.40 -5.09 -45.73
C GLY G 86 21.44 -6.28 -44.78
N ASP G 87 21.55 -7.48 -45.35
CA ASP G 87 21.58 -8.71 -44.56
C ASP G 87 22.85 -8.78 -43.70
N GLY G 88 23.52 -7.65 -43.56
CA GLY G 88 24.73 -7.59 -42.78
C GLY G 88 24.49 -7.88 -41.31
N THR G 89 23.45 -7.26 -40.76
CA THR G 89 23.09 -7.46 -39.36
C THR G 89 23.01 -8.95 -39.01
N THR G 90 22.17 -9.68 -39.73
CA THR G 90 22.03 -11.10 -39.47
C THR G 90 23.34 -11.85 -39.70
N THR G 91 24.12 -11.44 -40.67
CA THR G 91 25.39 -12.13 -40.94
C THR G 91 26.43 -11.77 -39.90
N ALA G 92 26.46 -10.49 -39.50
CA ALA G 92 27.41 -10.04 -38.50
C ALA G 92 27.19 -10.90 -37.26
N THR G 93 25.91 -11.08 -36.93
CA THR G 93 25.49 -11.88 -35.78
C THR G 93 25.88 -13.34 -35.92
N VAL G 94 25.43 -14.00 -36.99
CA VAL G 94 25.75 -15.39 -37.19
C VAL G 94 27.26 -15.59 -37.16
N LEU G 95 28.02 -14.60 -37.63
CA LEU G 95 29.48 -14.70 -37.64
C LEU G 95 30.04 -14.56 -36.23
N ALA G 96 29.66 -13.49 -35.53
CA ALA G 96 30.14 -13.23 -34.16
C ALA G 96 29.94 -14.47 -33.29
N GLN G 97 28.75 -15.05 -33.34
CA GLN G 97 28.46 -16.22 -32.55
C GLN G 97 29.47 -17.35 -32.80
N ALA G 98 29.87 -17.54 -34.07
CA ALA G 98 30.82 -18.59 -34.41
C ALA G 98 32.22 -18.32 -33.85
N ILE G 99 32.72 -17.11 -34.10
CA ILE G 99 34.05 -16.75 -33.62
C ILE G 99 34.15 -16.82 -32.10
N VAL G 100 33.21 -16.17 -31.41
CA VAL G 100 33.18 -16.15 -29.95
C VAL G 100 33.13 -17.56 -29.39
N ARG G 101 32.21 -18.37 -29.90
CA ARG G 101 32.05 -19.75 -29.47
C ARG G 101 33.42 -20.49 -29.46
N GLU G 102 34.17 -20.35 -30.55
CA GLU G 102 35.47 -20.99 -30.71
C GLU G 102 36.56 -20.30 -29.89
N GLY G 103 36.53 -18.98 -29.86
CA GLY G 103 37.53 -18.24 -29.11
C GLY G 103 37.56 -18.67 -27.65
N LEU G 104 36.43 -18.50 -26.98
CA LEU G 104 36.34 -18.87 -25.56
C LEU G 104 36.74 -20.33 -25.40
N LYS G 105 36.30 -21.19 -26.31
CA LYS G 105 36.69 -22.60 -26.21
C LYS G 105 38.21 -22.65 -26.08
N ALA G 106 38.88 -21.96 -26.98
CA ALA G 106 40.33 -21.93 -26.96
C ALA G 106 40.85 -21.33 -25.67
N VAL G 107 40.40 -20.11 -25.37
CA VAL G 107 40.82 -19.44 -24.15
C VAL G 107 40.80 -20.42 -22.97
N ALA G 108 39.68 -21.12 -22.86
CA ALA G 108 39.50 -22.11 -21.82
C ALA G 108 40.65 -23.11 -21.80
N ALA G 109 41.10 -23.53 -22.99
CA ALA G 109 42.19 -24.49 -23.10
C ALA G 109 43.55 -23.86 -22.75
N GLY G 110 43.55 -22.60 -22.35
CA GLY G 110 44.80 -21.95 -21.99
C GLY G 110 45.38 -20.96 -22.98
N MET G 111 45.01 -21.05 -24.25
CA MET G 111 45.53 -20.13 -25.24
C MET G 111 45.37 -18.68 -24.75
N ASN G 112 46.35 -17.84 -25.06
CA ASN G 112 46.30 -16.45 -24.63
C ASN G 112 45.28 -15.69 -25.47
N PRO G 113 44.32 -15.05 -24.81
CA PRO G 113 43.28 -14.29 -25.52
C PRO G 113 43.83 -13.16 -26.39
N MET G 114 44.76 -12.38 -25.87
CA MET G 114 45.32 -11.28 -26.64
C MET G 114 45.89 -11.80 -27.96
N ASP G 115 46.58 -12.92 -27.92
CA ASP G 115 47.13 -13.48 -29.15
C ASP G 115 46.01 -13.90 -30.10
N LEU G 116 45.06 -14.68 -29.59
CA LEU G 116 43.95 -15.13 -30.42
C LEU G 116 43.34 -13.90 -31.07
N LYS G 117 43.16 -12.84 -30.27
CA LYS G 117 42.56 -11.63 -30.79
C LYS G 117 43.41 -11.08 -31.93
N ARG G 118 44.71 -11.32 -31.88
CA ARG G 118 45.62 -10.86 -32.92
C ARG G 118 45.46 -11.70 -34.16
N GLY G 119 45.64 -13.01 -34.01
CA GLY G 119 45.48 -13.91 -35.14
C GLY G 119 44.11 -13.76 -35.77
N ILE G 120 43.14 -13.27 -34.99
CA ILE G 120 41.79 -13.08 -35.50
C ILE G 120 41.76 -11.81 -36.32
N ASP G 121 42.44 -10.77 -35.84
CA ASP G 121 42.47 -9.50 -36.54
C ASP G 121 43.22 -9.57 -37.88
N VAL G 122 44.34 -10.28 -37.88
CA VAL G 122 45.13 -10.45 -39.08
C VAL G 122 44.27 -11.15 -40.12
N ALA G 123 44.00 -12.43 -39.90
CA ALA G 123 43.20 -13.23 -40.81
C ALA G 123 42.00 -12.47 -41.38
N THR G 124 41.39 -11.64 -40.56
CA THR G 124 40.23 -10.89 -41.01
C THR G 124 40.61 -9.88 -42.06
N ALA G 125 41.67 -9.13 -41.83
CA ALA G 125 42.12 -8.13 -42.79
C ALA G 125 42.43 -8.79 -44.13
N LYS G 126 43.12 -9.92 -44.08
CA LYS G 126 43.48 -10.66 -45.28
C LYS G 126 42.27 -11.05 -46.13
N VAL G 127 41.15 -11.31 -45.46
CA VAL G 127 39.94 -11.70 -46.16
C VAL G 127 39.15 -10.48 -46.58
N VAL G 128 39.09 -9.48 -45.70
CA VAL G 128 38.35 -8.27 -46.02
C VAL G 128 38.93 -7.66 -47.27
N GLU G 129 40.14 -8.08 -47.60
CA GLU G 129 40.88 -7.60 -48.77
C GLU G 129 40.62 -8.52 -49.96
N ALA G 130 40.87 -9.81 -49.76
CA ALA G 130 40.67 -10.80 -50.79
C ALA G 130 39.25 -10.76 -51.33
N ILE G 131 38.37 -10.08 -50.63
CA ILE G 131 36.98 -9.97 -51.06
C ILE G 131 36.92 -8.84 -52.08
N LYS G 132 37.36 -7.66 -51.67
CA LYS G 132 37.37 -6.50 -52.55
C LYS G 132 38.06 -6.87 -53.87
N SER G 133 39.24 -7.47 -53.75
CA SER G 133 39.99 -7.87 -54.92
C SER G 133 39.34 -9.07 -55.60
N ALA G 134 38.04 -9.00 -55.77
CA ALA G 134 37.30 -10.09 -56.40
C ALA G 134 35.87 -9.68 -56.68
N ALA G 135 35.56 -8.42 -56.42
CA ALA G 135 34.22 -7.90 -56.64
C ALA G 135 34.08 -7.23 -58.00
N ARG G 136 33.12 -7.71 -58.80
CA ARG G 136 32.84 -7.15 -60.12
C ARG G 136 32.27 -5.77 -59.87
N PRO G 137 32.78 -4.76 -60.61
CA PRO G 137 32.32 -3.38 -60.45
C PRO G 137 30.95 -3.11 -61.07
N VAL G 138 30.34 -2.00 -60.68
CA VAL G 138 29.03 -1.63 -61.21
C VAL G 138 29.02 -0.13 -61.51
N ASN G 139 29.26 0.21 -62.77
CA ASN G 139 29.29 1.60 -63.22
C ASN G 139 28.32 1.84 -64.37
N ASP G 140 28.34 0.94 -65.35
CA ASP G 140 27.45 1.04 -66.49
C ASP G 140 26.00 1.03 -66.05
N SER G 141 25.13 1.64 -66.85
CA SER G 141 23.71 1.69 -66.54
C SER G 141 23.02 0.37 -66.82
N SER G 142 23.72 -0.53 -67.49
CA SER G 142 23.17 -1.84 -67.80
C SER G 142 23.38 -2.70 -66.56
N GLU G 143 24.42 -2.40 -65.81
CA GLU G 143 24.76 -3.11 -64.59
C GLU G 143 23.96 -2.52 -63.44
N VAL G 144 24.07 -1.20 -63.27
CA VAL G 144 23.35 -0.50 -62.21
C VAL G 144 21.85 -0.78 -62.32
N ALA G 145 21.41 -1.26 -63.47
CA ALA G 145 20.00 -1.55 -63.66
C ALA G 145 19.74 -3.03 -63.43
N GLN G 146 20.79 -3.84 -63.45
CA GLN G 146 20.67 -5.28 -63.24
C GLN G 146 20.76 -5.56 -61.75
N VAL G 147 21.53 -4.74 -61.04
CA VAL G 147 21.71 -4.86 -59.61
C VAL G 147 20.53 -4.17 -58.96
N GLY G 148 19.87 -3.29 -59.71
CA GLY G 148 18.73 -2.59 -59.19
C GLY G 148 17.50 -3.46 -59.27
N THR G 149 17.47 -4.35 -60.26
CA THR G 149 16.35 -5.26 -60.45
C THR G 149 16.43 -6.44 -59.48
N ILE G 150 17.59 -7.09 -59.44
CA ILE G 150 17.80 -8.23 -58.55
C ILE G 150 17.48 -7.84 -57.12
N SER G 151 17.94 -6.67 -56.70
CA SER G 151 17.68 -6.17 -55.36
C SER G 151 16.19 -5.90 -55.16
N ALA G 152 15.41 -6.10 -56.22
CA ALA G 152 13.97 -5.87 -56.15
C ALA G 152 13.21 -7.15 -56.52
N ASN G 153 13.85 -8.28 -56.29
CA ASN G 153 13.25 -9.58 -56.56
C ASN G 153 12.82 -9.82 -58.01
N GLY G 154 13.33 -9.02 -58.93
CA GLY G 154 12.97 -9.21 -60.33
C GLY G 154 12.17 -8.10 -60.95
N GLU G 155 11.94 -7.02 -60.22
CA GLU G 155 11.18 -5.88 -60.73
C GLU G 155 12.03 -5.10 -61.73
N SER G 156 12.07 -5.59 -62.97
CA SER G 156 12.84 -4.93 -64.02
C SER G 156 12.44 -3.47 -64.18
N PHE G 157 11.26 -3.14 -63.67
CA PHE G 157 10.75 -1.77 -63.76
C PHE G 157 11.51 -0.85 -62.81
N ILE G 158 11.81 -1.34 -61.63
CA ILE G 158 12.53 -0.56 -60.63
C ILE G 158 14.04 -0.56 -60.92
N GLY G 159 14.49 -1.60 -61.62
CA GLY G 159 15.90 -1.68 -61.96
C GLY G 159 16.29 -0.55 -62.88
N GLN G 160 15.38 -0.19 -63.78
CA GLN G 160 15.62 0.87 -64.75
C GLN G 160 15.32 2.23 -64.10
N GLN G 161 14.28 2.26 -63.26
CA GLN G 161 13.89 3.47 -62.57
C GLN G 161 15.06 4.07 -61.80
N ILE G 162 15.79 3.22 -61.08
CA ILE G 162 16.94 3.66 -60.30
C ILE G 162 18.09 4.02 -61.23
N ALA G 163 18.33 3.17 -62.23
CA ALA G 163 19.40 3.40 -63.19
C ALA G 163 19.25 4.79 -63.79
N GLU G 164 18.01 5.16 -64.08
CA GLU G 164 17.73 6.47 -64.65
C GLU G 164 18.20 7.57 -63.70
N ALA G 165 17.61 7.61 -62.51
CA ALA G 165 17.95 8.62 -61.51
C ALA G 165 19.45 8.69 -61.30
N MET G 166 20.12 7.55 -61.37
CA MET G 166 21.57 7.51 -61.19
C MET G 166 22.27 8.13 -62.39
N GLN G 167 21.76 7.83 -63.59
CA GLN G 167 22.34 8.35 -64.82
C GLN G 167 21.93 9.80 -65.05
N ARG G 168 21.39 10.44 -64.02
CA ARG G 168 20.97 11.82 -64.11
C ARG G 168 21.70 12.67 -63.06
N VAL G 169 22.20 12.01 -62.02
CA VAL G 169 22.92 12.70 -60.96
C VAL G 169 24.18 11.93 -60.56
N GLY G 170 24.71 11.14 -61.50
CA GLY G 170 25.91 10.38 -61.22
C GLY G 170 25.70 9.17 -60.31
N ASN G 171 26.51 8.14 -60.50
CA ASN G 171 26.43 6.93 -59.71
C ASN G 171 26.48 7.21 -58.21
N GLU G 172 27.02 8.37 -57.84
CA GLU G 172 27.13 8.76 -56.44
C GLU G 172 26.46 10.11 -56.22
N GLY G 173 25.20 10.21 -56.63
CA GLY G 173 24.46 11.45 -56.47
C GLY G 173 23.66 11.53 -55.20
N VAL G 174 22.45 12.09 -55.30
CA VAL G 174 21.57 12.22 -54.15
C VAL G 174 20.12 11.97 -54.56
N ILE G 175 19.72 10.71 -54.54
CA ILE G 175 18.37 10.31 -54.92
C ILE G 175 17.44 10.32 -53.71
N THR G 176 16.14 10.46 -53.97
CA THR G 176 15.14 10.50 -52.90
C THR G 176 13.79 9.96 -53.40
N VAL G 177 13.60 8.64 -53.33
CA VAL G 177 12.36 8.04 -53.77
C VAL G 177 11.18 8.59 -52.99
N GLU G 178 10.09 8.93 -53.68
CA GLU G 178 8.91 9.48 -53.01
C GLU G 178 7.62 9.00 -53.66
N GLU G 179 6.53 9.03 -52.90
CA GLU G 179 5.22 8.60 -53.38
C GLU G 179 4.59 9.68 -54.26
N ASN G 180 3.75 9.26 -55.20
CA ASN G 180 3.08 10.19 -56.10
C ASN G 180 1.56 10.11 -55.92
N LYS G 181 0.84 10.37 -57.01
CA LYS G 181 -0.62 10.33 -56.99
C LYS G 181 -1.16 9.17 -57.78
N GLY G 182 -1.31 9.35 -59.09
CA GLY G 182 -1.82 8.30 -59.95
C GLY G 182 -0.78 7.25 -60.27
N MET G 183 -1.13 6.36 -61.19
CA MET G 183 -0.23 5.29 -61.61
C MET G 183 0.82 5.84 -62.58
N GLU G 184 1.61 6.80 -62.13
CA GLU G 184 2.66 7.38 -62.96
C GLU G 184 3.98 7.50 -62.20
N THR G 185 5.01 6.85 -62.73
CA THR G 185 6.33 6.88 -62.12
C THR G 185 7.27 7.75 -62.96
N GLU G 186 7.91 8.71 -62.30
CA GLU G 186 8.83 9.63 -62.99
C GLU G 186 10.07 9.93 -62.15
N VAL G 187 11.13 10.33 -62.82
CA VAL G 187 12.39 10.66 -62.15
C VAL G 187 12.76 12.12 -62.40
N GLU G 188 12.18 13.02 -61.62
CA GLU G 188 12.46 14.45 -61.75
C GLU G 188 13.79 14.78 -61.10
N VAL G 189 14.31 15.98 -61.37
CA VAL G 189 15.58 16.40 -60.79
C VAL G 189 15.50 17.82 -60.24
N VAL G 190 14.80 17.97 -59.12
CA VAL G 190 14.66 19.27 -58.48
C VAL G 190 16.00 19.81 -58.02
N GLU G 191 16.00 20.98 -57.42
CA GLU G 191 17.22 21.62 -56.93
C GLU G 191 17.22 21.60 -55.40
N GLY G 192 18.02 20.71 -54.82
CA GLY G 192 18.09 20.61 -53.38
C GLY G 192 19.49 20.28 -52.89
N MET G 193 19.62 20.12 -51.57
CA MET G 193 20.92 19.82 -50.98
C MET G 193 20.82 18.67 -49.97
N GLN G 194 21.96 18.30 -49.40
CA GLN G 194 22.03 17.21 -48.43
C GLN G 194 23.29 17.32 -47.58
N PHE G 195 23.16 17.90 -46.40
CA PHE G 195 24.30 18.05 -45.50
C PHE G 195 24.80 16.69 -45.04
N ASP G 196 25.75 16.71 -44.10
CA ASP G 196 26.33 15.47 -43.56
C ASP G 196 26.08 15.41 -42.05
N ARG G 197 24.99 16.03 -41.63
CA ARG G 197 24.62 16.05 -40.21
C ARG G 197 23.18 15.57 -40.05
N GLY G 198 22.86 15.07 -38.86
CA GLY G 198 21.51 14.59 -38.60
C GLY G 198 20.76 15.49 -37.64
N TYR G 199 19.99 14.88 -36.73
CA TYR G 199 19.24 15.65 -35.75
C TYR G 199 19.97 15.74 -34.42
N LEU G 200 19.33 16.38 -33.45
CA LEU G 200 19.92 16.55 -32.12
C LEU G 200 19.31 15.58 -31.11
N SER G 201 18.03 15.27 -31.29
CA SER G 201 17.34 14.35 -30.38
C SER G 201 16.46 13.36 -31.13
N PRO G 202 16.49 12.08 -30.73
CA PRO G 202 15.67 11.05 -31.38
C PRO G 202 14.18 11.33 -31.24
N TYR G 203 13.81 11.98 -30.13
CA TYR G 203 12.41 12.30 -29.87
C TYR G 203 11.93 13.34 -30.88
N PHE G 204 12.86 13.88 -31.66
CA PHE G 204 12.55 14.88 -32.67
C PHE G 204 12.20 14.20 -33.99
N VAL G 205 12.28 12.87 -33.99
CA VAL G 205 12.00 12.08 -35.18
C VAL G 205 10.54 11.64 -35.30
N THR G 206 10.02 11.66 -36.52
CA THR G 206 8.65 11.25 -36.79
C THR G 206 8.69 9.79 -37.27
N ASN G 207 9.60 9.02 -36.69
CA ASN G 207 9.81 7.62 -37.04
C ASN G 207 8.55 6.91 -37.51
N ALA G 208 8.52 6.58 -38.80
CA ALA G 208 7.39 5.88 -39.40
C ALA G 208 7.83 4.45 -39.71
N ASP G 209 9.11 4.31 -40.02
CA ASP G 209 9.71 3.02 -40.34
C ASP G 209 11.16 3.05 -39.89
N LYS G 210 11.83 4.17 -40.15
CA LYS G 210 13.23 4.36 -39.76
C LYS G 210 13.37 5.71 -39.08
N MET G 211 14.45 5.88 -38.33
CA MET G 211 14.69 7.14 -37.62
C MET G 211 14.99 8.27 -38.60
N ILE G 212 13.95 8.71 -39.31
CA ILE G 212 14.09 9.79 -40.29
C ILE G 212 12.96 10.80 -40.14
N ALA G 213 13.32 12.06 -39.98
CA ALA G 213 12.33 13.13 -39.82
C ALA G 213 11.94 13.72 -41.17
N GLU G 214 10.68 13.56 -41.53
CA GLU G 214 10.16 14.09 -42.79
C GLU G 214 9.39 15.38 -42.52
N LEU G 215 9.86 16.48 -43.08
CA LEU G 215 9.21 17.78 -42.89
C LEU G 215 8.86 18.43 -44.22
N GLU G 216 7.56 18.52 -44.49
CA GLU G 216 7.08 19.13 -45.73
C GLU G 216 6.86 20.63 -45.56
N ASP G 217 7.50 21.40 -46.43
CA ASP G 217 7.40 22.86 -46.39
C ASP G 217 7.66 23.40 -44.99
N ALA G 218 8.88 23.23 -44.51
CA ALA G 218 9.27 23.70 -43.19
C ALA G 218 9.92 25.08 -43.27
N TYR G 219 10.31 25.62 -42.12
CA TYR G 219 10.93 26.93 -42.06
C TYR G 219 12.43 26.83 -41.83
N ILE G 220 13.20 27.02 -42.91
CA ILE G 220 14.65 26.95 -42.85
C ILE G 220 15.28 28.26 -42.39
N LEU G 221 15.75 28.29 -41.15
CA LEU G 221 16.39 29.47 -40.59
C LEU G 221 17.81 29.09 -40.19
N LEU G 222 18.67 30.08 -39.98
CA LEU G 222 20.05 29.79 -39.61
C LEU G 222 20.87 31.01 -39.21
N HIS G 223 21.62 30.87 -38.12
CA HIS G 223 22.47 31.95 -37.63
C HIS G 223 23.80 31.37 -37.14
N GLU G 224 24.79 32.23 -36.93
CA GLU G 224 26.10 31.79 -36.48
C GLU G 224 26.19 31.66 -34.96
N LYS G 225 25.05 31.79 -34.28
CA LYS G 225 24.99 31.66 -32.83
C LYS G 225 24.50 30.26 -32.46
N LYS G 226 23.73 30.16 -31.40
CA LYS G 226 23.19 28.88 -30.97
C LYS G 226 21.73 29.00 -30.56
N LEU G 227 21.23 27.99 -29.86
CA LEU G 227 19.85 27.96 -29.41
C LEU G 227 19.77 28.00 -27.89
N SER G 228 20.49 28.95 -27.29
CA SER G 228 20.51 29.10 -25.84
C SER G 228 19.12 29.39 -25.29
N SER G 229 18.75 30.68 -25.26
CA SER G 229 17.46 31.10 -24.77
C SER G 229 16.40 30.98 -25.87
N LEU G 230 15.34 30.23 -25.59
CA LEU G 230 14.27 30.03 -26.56
C LEU G 230 13.23 31.14 -26.44
N GLN G 231 13.35 31.95 -25.40
CA GLN G 231 12.43 33.04 -25.15
C GLN G 231 12.15 33.88 -26.41
N PRO G 232 13.21 34.29 -27.13
CA PRO G 232 13.00 35.09 -28.34
C PRO G 232 12.32 34.30 -29.47
N GLN G 244 0.88 27.64 -40.36
CA GLN G 244 0.64 26.28 -40.84
C GLN G 244 1.80 25.76 -41.69
N LYS G 245 3.01 26.12 -41.31
CA LYS G 245 4.20 25.68 -42.03
C LYS G 245 5.29 25.27 -41.05
N PRO G 246 5.69 23.98 -41.06
CA PRO G 246 6.73 23.46 -40.17
C PRO G 246 7.96 24.36 -40.10
N LEU G 247 8.82 24.10 -39.12
CA LEU G 247 10.02 24.90 -38.95
C LEU G 247 11.27 24.02 -38.87
N LEU G 248 12.41 24.62 -39.20
CA LEU G 248 13.69 23.93 -39.18
C LEU G 248 14.80 24.90 -38.79
N ILE G 249 15.40 24.67 -37.62
CA ILE G 249 16.47 25.53 -37.14
C ILE G 249 17.85 24.89 -37.32
N VAL G 250 18.77 25.66 -37.90
CA VAL G 250 20.13 25.19 -38.13
C VAL G 250 21.14 26.15 -37.50
N ALA G 251 21.71 25.72 -36.37
CA ALA G 251 22.68 26.53 -35.66
C ALA G 251 23.77 25.66 -35.02
N GLU G 252 24.51 26.25 -34.10
CA GLU G 252 25.59 25.53 -33.40
C GLU G 252 25.02 24.41 -32.52
N ASP G 253 24.03 24.76 -31.71
CA ASP G 253 23.40 23.79 -30.82
C ASP G 253 22.29 24.42 -29.98
N VAL G 254 21.55 23.58 -29.27
CA VAL G 254 20.45 24.06 -28.43
C VAL G 254 20.76 23.87 -26.94
N GLU G 255 20.73 24.98 -26.20
CA GLU G 255 21.01 24.93 -24.77
C GLU G 255 19.72 24.83 -23.98
N ILE G 273 8.62 20.43 -36.14
CA ILE G 273 9.78 21.27 -35.88
C ILE G 273 11.06 20.49 -36.18
N ALA G 274 12.03 21.19 -36.76
CA ALA G 274 13.30 20.55 -37.11
C ALA G 274 14.48 21.27 -36.46
N ALA G 275 15.41 20.48 -35.92
CA ALA G 275 16.59 21.02 -35.27
C ALA G 275 17.84 20.28 -35.74
N VAL G 276 18.66 20.96 -36.52
CA VAL G 276 19.89 20.37 -37.04
C VAL G 276 21.04 21.36 -36.94
N LYS G 277 22.25 20.85 -36.78
CA LYS G 277 23.44 21.69 -36.67
C LYS G 277 23.86 22.20 -38.05
N ALA G 278 24.29 23.45 -38.11
CA ALA G 278 24.72 24.06 -39.37
C ALA G 278 25.83 23.24 -40.01
N PRO G 279 25.90 23.25 -41.36
CA PRO G 279 26.92 22.50 -42.09
C PRO G 279 28.23 23.27 -42.26
N GLY G 280 29.32 22.53 -42.45
CA GLY G 280 30.63 23.16 -42.63
C GLY G 280 31.37 23.39 -41.32
N PHE G 281 32.52 24.04 -41.42
CA PHE G 281 33.33 24.34 -40.24
C PHE G 281 34.39 25.41 -40.56
N GLY G 282 34.75 26.19 -39.54
CA GLY G 282 35.73 27.23 -39.72
C GLY G 282 35.23 28.34 -40.63
N ASP G 283 36.00 28.65 -41.66
CA ASP G 283 35.63 29.68 -42.61
C ASP G 283 34.54 29.17 -43.55
N ARG G 284 34.33 27.86 -43.53
CA ARG G 284 33.32 27.24 -44.37
C ARG G 284 31.97 27.21 -43.67
N ARG G 285 31.94 27.74 -42.45
CA ARG G 285 30.71 27.78 -41.65
C ARG G 285 29.66 28.68 -42.30
N LYS G 286 29.94 29.98 -42.35
CA LYS G 286 29.03 30.94 -42.95
C LYS G 286 28.83 30.62 -44.43
N ALA G 287 29.89 30.17 -45.09
CA ALA G 287 29.83 29.83 -46.50
C ALA G 287 28.77 28.75 -46.74
N MET G 288 28.88 27.66 -45.98
CA MET G 288 27.94 26.55 -46.09
C MET G 288 26.52 27.05 -45.84
N LEU G 289 26.35 27.81 -44.76
CA LEU G 289 25.04 28.35 -44.41
C LEU G 289 24.51 29.22 -45.54
N GLN G 290 25.42 29.83 -46.28
CA GLN G 290 25.06 30.69 -47.40
C GLN G 290 24.67 29.87 -48.62
N ASP G 291 25.52 28.90 -48.97
CA ASP G 291 25.26 28.04 -50.12
C ASP G 291 23.84 27.47 -50.04
N ILE G 292 23.44 27.09 -48.83
CA ILE G 292 22.11 26.54 -48.61
C ILE G 292 21.11 27.67 -48.43
N ALA G 293 21.59 28.81 -47.95
CA ALA G 293 20.75 29.98 -47.76
C ALA G 293 20.02 30.34 -49.05
N ILE G 294 20.77 30.30 -50.15
CA ILE G 294 20.21 30.61 -51.47
C ILE G 294 19.27 29.49 -51.90
N LEU G 295 19.70 28.25 -51.69
CA LEU G 295 18.92 27.08 -52.06
C LEU G 295 17.50 27.15 -51.49
N THR G 296 17.38 27.73 -50.30
CA THR G 296 16.07 27.87 -49.66
C THR G 296 15.52 29.28 -49.82
N GLY G 297 16.42 30.25 -49.94
CA GLY G 297 16.01 31.63 -50.11
C GLY G 297 15.82 32.38 -48.80
N GLY G 298 16.74 32.18 -47.87
CA GLY G 298 16.66 32.86 -46.59
C GLY G 298 17.69 33.97 -46.49
N ILE G 314 9.47 35.89 -42.12
CA ILE G 314 9.36 34.84 -43.12
C ILE G 314 9.80 35.32 -44.49
N ASP G 315 9.60 36.60 -44.77
CA ASP G 315 9.98 37.18 -46.04
C ASP G 315 11.48 37.08 -46.27
N MET G 316 12.23 36.99 -45.18
CA MET G 316 13.68 36.88 -45.26
C MET G 316 14.14 35.52 -44.75
N LEU G 317 13.37 34.49 -45.07
CA LEU G 317 13.69 33.13 -44.64
C LEU G 317 13.70 32.17 -45.83
N GLY G 318 14.40 31.04 -45.66
CA GLY G 318 14.48 30.07 -46.74
C GLY G 318 13.31 29.09 -46.69
N ARG G 319 12.95 28.57 -47.85
CA ARG G 319 11.85 27.62 -47.96
C ARG G 319 12.25 26.38 -48.74
N ALA G 320 11.50 25.30 -48.56
CA ALA G 320 11.77 24.04 -49.25
C ALA G 320 10.56 23.13 -49.21
N LYS G 321 10.21 22.56 -50.36
CA LYS G 321 9.07 21.66 -50.46
C LYS G 321 9.18 20.49 -49.49
N LYS G 322 10.37 19.90 -49.40
CA LYS G 322 10.58 18.77 -48.51
C LYS G 322 11.98 18.77 -47.89
N VAL G 323 12.07 18.32 -46.65
CA VAL G 323 13.34 18.26 -45.93
C VAL G 323 13.37 17.04 -45.02
N SER G 324 14.25 16.09 -45.34
CA SER G 324 14.38 14.86 -44.56
C SER G 324 15.61 14.93 -43.66
N ILE G 325 15.48 14.39 -42.45
CA ILE G 325 16.58 14.38 -41.49
C ILE G 325 16.84 12.98 -40.95
N ASN G 326 18.11 12.62 -40.83
CA ASN G 326 18.50 11.31 -40.32
C ASN G 326 19.47 11.43 -39.16
N LYS G 327 20.19 10.35 -38.88
CA LYS G 327 21.14 10.31 -37.78
C LYS G 327 22.34 11.22 -38.02
N ASP G 328 22.98 11.06 -39.18
CA ASP G 328 24.15 11.87 -39.52
C ASP G 328 24.07 12.39 -40.96
N ASN G 329 22.85 12.60 -41.44
CA ASN G 329 22.63 13.10 -42.80
C ASN G 329 21.26 13.72 -42.95
N THR G 330 21.22 14.91 -43.52
CA THR G 330 19.96 15.62 -43.73
C THR G 330 19.84 16.09 -45.18
N THR G 331 18.69 15.81 -45.80
CA THR G 331 18.45 16.17 -47.19
C THR G 331 17.32 17.19 -47.34
N ILE G 332 17.56 18.20 -48.18
CA ILE G 332 16.59 19.25 -48.45
C ILE G 332 16.21 19.24 -49.92
N VAL G 333 15.08 18.61 -50.24
CA VAL G 333 14.62 18.51 -51.62
C VAL G 333 13.68 19.66 -52.00
N ASP G 334 13.81 20.13 -53.23
CA ASP G 334 12.99 21.21 -53.73
C ASP G 334 13.02 22.40 -52.78
N GLY G 335 14.07 23.20 -52.86
CA GLY G 335 14.21 24.35 -51.99
C GLY G 335 13.19 25.44 -52.26
N ALA G 336 13.67 26.61 -52.66
CA ALA G 336 12.81 27.73 -52.97
C ALA G 336 13.57 28.82 -53.73
N GLY G 337 14.88 28.84 -53.57
CA GLY G 337 15.71 29.82 -54.25
C GLY G 337 15.47 29.83 -55.74
N GLU G 338 15.99 30.85 -56.43
CA GLU G 338 15.83 30.96 -57.87
C GLU G 338 17.13 30.65 -58.60
N LYS G 339 17.01 29.87 -59.68
CA LYS G 339 18.15 29.46 -60.49
C LYS G 339 19.22 30.56 -60.61
N ALA G 340 18.77 31.81 -60.70
CA ALA G 340 19.70 32.93 -60.81
C ALA G 340 20.59 33.01 -59.58
N GLU G 341 19.96 33.18 -58.41
CA GLU G 341 20.70 33.27 -57.15
C GLU G 341 21.56 32.02 -56.94
N ILE G 342 21.11 30.91 -57.51
CA ILE G 342 21.83 29.64 -57.39
C ILE G 342 22.99 29.59 -58.39
N GLU G 343 22.78 30.17 -59.56
CA GLU G 343 23.81 30.19 -60.60
C GLU G 343 24.93 31.16 -60.24
N ALA G 344 24.63 32.11 -59.36
CA ALA G 344 25.60 33.09 -58.92
C ALA G 344 26.63 32.43 -57.99
N ARG G 345 26.13 31.77 -56.96
CA ARG G 345 26.99 31.09 -55.99
C ARG G 345 27.91 30.12 -56.72
N VAL G 346 27.33 29.27 -57.56
CA VAL G 346 28.10 28.30 -58.33
C VAL G 346 29.15 29.02 -59.16
N SER G 347 28.82 30.23 -59.59
CA SER G 347 29.74 31.04 -60.39
C SER G 347 30.86 31.59 -59.52
N GLN G 348 30.50 32.03 -58.31
CA GLN G 348 31.48 32.56 -57.37
C GLN G 348 32.47 31.48 -56.97
N ILE G 349 31.95 30.34 -56.55
CA ILE G 349 32.78 29.22 -56.13
C ILE G 349 33.73 28.81 -57.26
N ARG G 350 33.21 28.78 -58.48
CA ARG G 350 34.01 28.42 -59.64
C ARG G 350 35.21 29.35 -59.76
N GLN G 351 34.93 30.64 -59.86
CA GLN G 351 35.97 31.66 -59.98
C GLN G 351 36.83 31.65 -58.73
N GLN G 352 36.22 31.29 -57.61
CA GLN G 352 36.92 31.23 -56.32
C GLN G 352 38.01 30.17 -56.39
N ILE G 353 37.61 28.95 -56.74
CA ILE G 353 38.55 27.85 -56.84
C ILE G 353 39.49 28.11 -58.01
N GLU G 354 39.04 28.93 -58.95
CA GLU G 354 39.83 29.27 -60.12
C GLU G 354 41.07 30.08 -59.75
N GLU G 355 41.05 30.66 -58.55
CA GLU G 355 42.18 31.46 -58.07
C GLU G 355 42.95 30.76 -56.96
N THR G 356 42.24 29.95 -56.18
CA THR G 356 42.86 29.23 -55.07
C THR G 356 44.06 28.38 -55.50
N THR G 357 45.22 28.69 -54.93
CA THR G 357 46.45 27.97 -55.21
C THR G 357 46.56 26.83 -54.19
N SER G 358 45.72 26.90 -53.16
CA SER G 358 45.69 25.90 -52.10
C SER G 358 45.34 24.53 -52.65
N ASP G 359 46.23 23.57 -52.43
CA ASP G 359 46.03 22.21 -52.88
C ASP G 359 45.15 21.46 -51.88
N TYR G 360 44.77 22.15 -50.82
CA TYR G 360 43.94 21.56 -49.79
C TYR G 360 42.49 21.97 -49.91
N ASP G 361 42.21 23.26 -49.71
CA ASP G 361 40.85 23.78 -49.79
C ASP G 361 40.31 23.71 -51.21
N ARG G 362 41.12 23.17 -52.13
CA ARG G 362 40.72 23.03 -53.52
C ARG G 362 39.51 22.11 -53.61
N GLU G 363 39.46 21.13 -52.72
CA GLU G 363 38.37 20.17 -52.68
C GLU G 363 37.27 20.66 -51.74
N LYS G 364 37.68 21.37 -50.68
CA LYS G 364 36.74 21.89 -49.70
C LYS G 364 35.80 22.92 -50.33
N LEU G 365 36.16 23.39 -51.53
CA LEU G 365 35.35 24.37 -52.24
C LEU G 365 34.70 23.73 -53.47
N GLN G 366 35.44 22.82 -54.10
CA GLN G 366 34.95 22.12 -55.28
C GLN G 366 33.86 21.13 -54.90
N GLU G 367 33.86 20.71 -53.63
CA GLU G 367 32.87 19.77 -53.14
C GLU G 367 31.59 20.48 -52.72
N ARG G 368 31.73 21.65 -52.11
CA ARG G 368 30.57 22.42 -51.68
C ARG G 368 29.83 23.00 -52.88
N VAL G 369 30.54 23.10 -54.01
CA VAL G 369 29.94 23.63 -55.23
C VAL G 369 29.06 22.59 -55.89
N ALA G 370 29.43 21.32 -55.75
CA ALA G 370 28.66 20.22 -56.33
C ALA G 370 27.32 20.08 -55.63
N LYS G 371 27.27 20.52 -54.38
CA LYS G 371 26.03 20.46 -53.60
C LYS G 371 25.03 21.43 -54.21
N LEU G 372 25.50 22.24 -55.15
CA LEU G 372 24.66 23.21 -55.83
C LEU G 372 24.57 22.90 -57.31
N ALA G 373 25.70 22.60 -57.92
CA ALA G 373 25.76 22.27 -59.34
C ALA G 373 25.59 20.77 -59.55
N GLY G 374 24.71 20.17 -58.75
CA GLY G 374 24.46 18.74 -58.85
C GLY G 374 22.98 18.39 -58.95
N GLY G 375 22.13 19.00 -58.13
CA GLY G 375 20.71 18.70 -58.14
C GLY G 375 20.37 17.50 -57.29
N VAL G 376 19.08 17.19 -57.16
CA VAL G 376 18.64 16.04 -56.36
C VAL G 376 17.58 15.22 -57.07
N ALA G 377 17.99 14.14 -57.73
CA ALA G 377 17.04 13.28 -58.43
C ALA G 377 15.99 12.83 -57.42
N VAL G 378 14.88 12.29 -57.90
CA VAL G 378 13.83 11.85 -56.99
C VAL G 378 12.80 10.96 -57.68
N ILE G 379 12.95 9.65 -57.53
CA ILE G 379 12.01 8.72 -58.15
C ILE G 379 10.63 8.93 -57.56
N ARG G 380 9.63 9.07 -58.43
CA ARG G 380 8.26 9.29 -58.00
C ARG G 380 7.43 8.03 -58.23
N VAL G 381 7.28 7.23 -57.17
CA VAL G 381 6.51 5.98 -57.25
C VAL G 381 5.01 6.23 -57.29
N GLY G 382 4.33 5.52 -58.18
CA GLY G 382 2.89 5.67 -58.30
C GLY G 382 2.22 4.36 -58.65
N GLY G 383 0.98 4.18 -58.17
CA GLY G 383 0.25 2.95 -58.45
C GLY G 383 -1.23 3.20 -58.56
N MET G 384 -2.03 2.21 -58.15
CA MET G 384 -3.48 2.33 -58.20
C MET G 384 -4.05 2.97 -56.94
N THR G 385 -3.76 2.36 -55.79
CA THR G 385 -4.24 2.86 -54.51
C THR G 385 -3.09 3.03 -53.53
N GLU G 386 -3.37 3.63 -52.39
CA GLU G 386 -2.35 3.86 -51.35
C GLU G 386 -1.75 2.51 -50.94
N ILE G 387 -2.50 1.45 -51.17
CA ILE G 387 -2.05 0.10 -50.83
C ILE G 387 -1.05 -0.38 -51.86
N GLU G 388 -0.79 0.46 -52.86
CA GLU G 388 0.15 0.15 -53.92
C GLU G 388 1.36 1.08 -53.88
N VAL G 389 1.11 2.37 -54.00
CA VAL G 389 2.18 3.37 -53.97
C VAL G 389 3.01 3.23 -52.70
N LYS G 390 2.35 3.10 -51.56
CA LYS G 390 3.04 2.95 -50.29
C LYS G 390 3.77 1.62 -50.21
N GLU G 391 3.36 0.68 -51.07
CA GLU G 391 3.97 -0.64 -51.11
C GLU G 391 5.21 -0.67 -52.00
N ARG G 392 5.10 -0.11 -53.19
CA ARG G 392 6.20 -0.08 -54.14
C ARG G 392 7.29 0.89 -53.69
N LYS G 393 6.90 1.88 -52.90
CA LYS G 393 7.86 2.86 -52.40
C LYS G 393 8.84 2.17 -51.46
N ASP G 394 8.39 1.08 -50.83
CA ASP G 394 9.22 0.31 -49.91
C ASP G 394 10.18 -0.61 -50.66
N ARG G 395 9.71 -1.13 -51.79
CA ARG G 395 10.52 -2.01 -52.62
C ARG G 395 11.61 -1.21 -53.32
N VAL G 396 11.24 -0.05 -53.85
CA VAL G 396 12.18 0.83 -54.54
C VAL G 396 13.20 1.35 -53.55
N ASP G 397 12.71 1.87 -52.42
CA ASP G 397 13.59 2.42 -51.39
C ASP G 397 14.53 1.34 -50.88
N ASP G 398 14.05 0.10 -50.88
CA ASP G 398 14.84 -1.03 -50.41
C ASP G 398 15.86 -1.50 -51.44
N ALA G 399 15.50 -1.42 -52.71
CA ALA G 399 16.39 -1.85 -53.80
C ALA G 399 17.38 -0.77 -54.20
N LEU G 400 16.99 0.49 -54.00
CA LEU G 400 17.83 1.62 -54.33
C LEU G 400 18.94 1.80 -53.30
N ASN G 401 18.80 1.09 -52.19
CA ASN G 401 19.78 1.14 -51.10
C ASN G 401 20.84 0.06 -51.30
N ALA G 402 20.44 -1.04 -51.94
CA ALA G 402 21.35 -2.14 -52.21
C ALA G 402 22.24 -1.79 -53.38
N THR G 403 21.71 -1.04 -54.34
CA THR G 403 22.46 -0.62 -55.52
C THR G 403 23.45 0.47 -55.14
N ARG G 404 22.96 1.51 -54.48
CA ARG G 404 23.80 2.63 -54.05
C ARG G 404 25.03 2.16 -53.29
N ALA G 405 24.94 0.95 -52.75
CA ALA G 405 26.03 0.36 -51.98
C ALA G 405 26.79 -0.62 -52.87
N ALA G 406 26.13 -1.08 -53.94
CA ALA G 406 26.75 -2.01 -54.86
C ALA G 406 27.74 -1.28 -55.76
N VAL G 407 27.45 -0.02 -56.07
CA VAL G 407 28.31 0.79 -56.93
C VAL G 407 29.53 1.36 -56.20
N GLN G 408 29.47 1.41 -54.88
CA GLN G 408 30.57 1.94 -54.07
C GLN G 408 31.79 1.05 -54.06
N GLU G 409 31.58 -0.25 -53.84
CA GLU G 409 32.69 -1.18 -53.78
C GLU G 409 32.50 -2.42 -54.64
N GLY G 410 31.45 -2.40 -55.43
CA GLY G 410 31.22 -3.50 -56.31
C GLY G 410 30.30 -4.54 -55.75
N ILE G 411 30.08 -5.59 -56.53
CA ILE G 411 29.22 -6.68 -56.11
C ILE G 411 30.01 -7.97 -56.12
N VAL G 412 29.58 -8.93 -55.31
CA VAL G 412 30.25 -10.21 -55.20
C VAL G 412 29.21 -11.29 -54.94
N VAL G 413 29.54 -12.54 -55.27
CA VAL G 413 28.62 -13.66 -55.10
C VAL G 413 27.90 -13.66 -53.76
N GLY G 414 26.58 -13.86 -53.81
CA GLY G 414 25.80 -13.89 -52.58
C GLY G 414 25.69 -15.30 -52.05
N GLY G 415 24.72 -15.53 -51.17
CA GLY G 415 24.52 -16.85 -50.59
C GLY G 415 25.55 -17.22 -49.54
N GLY G 416 26.29 -16.22 -49.07
CA GLY G 416 27.30 -16.44 -48.07
C GLY G 416 28.52 -17.18 -48.62
N VAL G 417 28.72 -17.11 -49.94
CA VAL G 417 29.86 -17.78 -50.56
C VAL G 417 31.08 -16.88 -50.61
N ALA G 418 30.86 -15.58 -50.75
CA ALA G 418 31.97 -14.65 -50.79
C ALA G 418 32.91 -14.92 -49.62
N LEU G 419 32.34 -15.07 -48.43
CA LEU G 419 33.10 -15.32 -47.22
C LEU G 419 33.87 -16.63 -47.28
N VAL G 420 33.22 -17.70 -47.71
CA VAL G 420 33.91 -18.99 -47.80
C VAL G 420 35.04 -18.97 -48.84
N GLN G 421 34.83 -18.22 -49.92
CA GLN G 421 35.82 -18.11 -50.99
C GLN G 421 37.05 -17.34 -50.51
N GLY G 422 36.82 -16.15 -49.96
CA GLY G 422 37.93 -15.33 -49.48
C GLY G 422 38.75 -16.03 -48.41
N ALA G 423 38.09 -16.93 -47.70
CA ALA G 423 38.73 -17.70 -46.64
C ALA G 423 39.84 -18.56 -47.22
N LYS G 424 39.83 -18.74 -48.54
CA LYS G 424 40.85 -19.55 -49.21
C LYS G 424 42.22 -18.93 -49.05
N VAL G 425 42.23 -17.60 -48.96
CA VAL G 425 43.45 -16.82 -48.79
C VAL G 425 44.23 -17.18 -47.54
N LEU G 426 43.53 -17.59 -46.47
CA LEU G 426 44.20 -17.93 -45.23
C LEU G 426 44.89 -19.28 -45.29
N GLU G 427 45.01 -19.85 -46.48
CA GLU G 427 45.63 -21.15 -46.63
C GLU G 427 47.01 -21.28 -45.98
N GLY G 428 47.95 -20.44 -46.39
CA GLY G 428 49.28 -20.53 -45.82
C GLY G 428 49.61 -19.53 -44.73
N LEU G 429 48.72 -18.57 -44.51
CA LEU G 429 48.94 -17.53 -43.50
C LEU G 429 49.38 -18.08 -42.15
N SER G 430 50.22 -17.34 -41.45
CA SER G 430 50.72 -17.75 -40.14
C SER G 430 51.02 -16.57 -39.23
N GLY G 431 50.82 -16.76 -37.93
CA GLY G 431 51.06 -15.69 -36.98
C GLY G 431 52.31 -15.96 -36.18
N ALA G 432 52.65 -15.03 -35.29
CA ALA G 432 53.85 -15.14 -34.45
C ALA G 432 53.93 -16.35 -33.51
N ASN G 433 52.81 -17.05 -33.29
CA ASN G 433 52.79 -18.20 -32.38
C ASN G 433 51.52 -19.03 -32.51
N SER G 434 51.58 -20.26 -31.99
CA SER G 434 50.47 -21.22 -32.03
C SER G 434 49.15 -20.57 -31.66
N ASP G 435 49.21 -19.70 -30.66
CA ASP G 435 48.03 -19.00 -30.19
C ASP G 435 47.53 -18.11 -31.31
N GLN G 436 48.44 -17.31 -31.87
CA GLN G 436 48.08 -16.43 -32.97
C GLN G 436 47.56 -17.24 -34.15
N ASP G 437 48.11 -18.44 -34.30
CA ASP G 437 47.69 -19.31 -35.39
C ASP G 437 46.26 -19.76 -35.17
N ALA G 438 45.92 -20.05 -33.91
CA ALA G 438 44.57 -20.49 -33.55
C ALA G 438 43.56 -19.43 -33.96
N GLY G 439 43.85 -18.18 -33.63
CA GLY G 439 42.95 -17.10 -33.98
C GLY G 439 42.67 -17.10 -35.47
N ILE G 440 43.69 -17.41 -36.25
CA ILE G 440 43.54 -17.43 -37.69
C ILE G 440 42.62 -18.57 -38.16
N ALA G 441 42.76 -19.76 -37.58
CA ALA G 441 41.92 -20.89 -37.96
C ALA G 441 40.47 -20.70 -37.54
N ILE G 442 40.27 -20.00 -36.43
CA ILE G 442 38.93 -19.73 -35.93
C ILE G 442 38.19 -19.02 -37.07
N ILE G 443 38.80 -17.95 -37.58
CA ILE G 443 38.20 -17.19 -38.67
C ILE G 443 38.07 -18.04 -39.93
N ARG G 444 39.04 -18.90 -40.17
CA ARG G 444 39.00 -19.78 -41.34
C ARG G 444 37.73 -20.64 -41.33
N ARG G 445 37.23 -20.93 -40.14
CA ARG G 445 36.04 -21.75 -40.00
C ARG G 445 34.76 -20.95 -39.80
N ALA G 446 34.86 -19.83 -39.10
CA ALA G 446 33.69 -19.02 -38.83
C ALA G 446 33.07 -18.52 -40.13
N LEU G 447 33.90 -18.32 -41.14
CA LEU G 447 33.40 -17.82 -42.41
C LEU G 447 32.43 -18.79 -43.11
N GLU G 448 32.43 -20.04 -42.71
CA GLU G 448 31.53 -21.03 -43.31
C GLU G 448 30.16 -21.05 -42.62
N ALA G 449 30.00 -20.24 -41.57
CA ALA G 449 28.76 -20.18 -40.78
C ALA G 449 27.51 -19.76 -41.54
N PRO G 450 27.48 -18.53 -42.08
CA PRO G 450 26.31 -18.07 -42.82
C PRO G 450 25.92 -18.93 -44.01
N MET G 451 26.85 -19.70 -44.55
CA MET G 451 26.54 -20.54 -45.69
C MET G 451 25.92 -21.86 -45.24
N ARG G 452 26.60 -22.58 -44.35
CA ARG G 452 26.05 -23.83 -43.87
C ARG G 452 24.65 -23.61 -43.31
N GLN G 453 24.45 -22.48 -42.64
CA GLN G 453 23.15 -22.15 -42.06
C GLN G 453 22.14 -22.07 -43.19
N ILE G 454 22.40 -21.15 -44.11
CA ILE G 454 21.54 -20.95 -45.25
C ILE G 454 21.22 -22.28 -45.93
N ALA G 455 22.18 -23.20 -45.89
CA ALA G 455 21.99 -24.51 -46.48
C ALA G 455 21.09 -25.38 -45.60
N GLU G 456 21.38 -25.41 -44.30
CA GLU G 456 20.61 -26.22 -43.36
C GLU G 456 19.15 -25.82 -43.36
N ASN G 457 18.88 -24.51 -43.33
CA ASN G 457 17.50 -24.00 -43.33
C ASN G 457 16.72 -24.53 -44.54
N ALA G 458 17.44 -24.76 -45.65
CA ALA G 458 16.86 -25.24 -46.90
C ALA G 458 16.71 -26.75 -46.90
N GLY G 459 17.38 -27.41 -45.95
CA GLY G 459 17.29 -28.85 -45.87
C GLY G 459 18.55 -29.59 -46.33
N VAL G 460 19.51 -28.84 -46.84
CA VAL G 460 20.75 -29.42 -47.32
C VAL G 460 21.80 -29.45 -46.22
N ASP G 461 22.63 -30.49 -46.24
CA ASP G 461 23.70 -30.66 -45.24
C ASP G 461 24.85 -29.67 -45.43
N GLY G 462 24.77 -28.54 -44.71
CA GLY G 462 25.79 -27.51 -44.79
C GLY G 462 27.24 -27.96 -44.77
N ALA G 463 27.51 -29.15 -44.23
CA ALA G 463 28.88 -29.64 -44.17
C ALA G 463 29.33 -30.02 -45.58
N VAL G 464 28.37 -30.48 -46.38
CA VAL G 464 28.64 -30.87 -47.75
C VAL G 464 28.71 -29.64 -48.62
N VAL G 465 27.68 -28.79 -48.56
CA VAL G 465 27.66 -27.57 -49.36
C VAL G 465 28.96 -26.78 -49.16
N ALA G 466 29.53 -26.86 -47.96
CA ALA G 466 30.76 -26.15 -47.65
C ALA G 466 31.96 -26.81 -48.28
N GLY G 467 32.02 -28.14 -48.15
CA GLY G 467 33.14 -28.88 -48.72
C GLY G 467 33.27 -28.73 -50.22
N LYS G 468 32.14 -28.68 -50.92
CA LYS G 468 32.16 -28.52 -52.36
C LYS G 468 32.71 -27.16 -52.73
N VAL G 469 32.16 -26.12 -52.11
CA VAL G 469 32.59 -24.75 -52.38
C VAL G 469 34.04 -24.56 -51.98
N ARG G 470 34.52 -25.37 -51.04
CA ARG G 470 35.90 -25.27 -50.58
C ARG G 470 36.84 -25.84 -51.63
N GLU G 471 36.54 -27.05 -52.09
CA GLU G 471 37.34 -27.73 -53.09
C GLU G 471 37.12 -27.10 -54.47
N SER G 472 36.29 -26.06 -54.50
CA SER G 472 35.99 -25.35 -55.74
C SER G 472 37.25 -24.77 -56.36
N SER G 473 37.13 -24.35 -57.61
CA SER G 473 38.24 -23.75 -58.34
C SER G 473 37.81 -22.39 -58.87
N ASP G 474 36.57 -22.32 -59.35
CA ASP G 474 36.04 -21.08 -59.88
C ASP G 474 35.60 -20.17 -58.73
N LYS G 475 36.31 -19.07 -58.54
CA LYS G 475 36.02 -18.12 -57.49
C LYS G 475 34.55 -17.68 -57.42
N ALA G 476 33.75 -18.08 -58.40
CA ALA G 476 32.35 -17.71 -58.42
C ALA G 476 31.44 -18.92 -58.33
N PHE G 477 31.99 -20.04 -57.87
CA PHE G 477 31.23 -21.28 -57.73
C PHE G 477 30.69 -21.44 -56.31
N GLY G 478 29.39 -21.69 -56.19
CA GLY G 478 28.80 -21.86 -54.87
C GLY G 478 27.63 -22.80 -54.89
N PHE G 479 26.62 -22.50 -54.07
CA PHE G 479 25.41 -23.31 -53.95
C PHE G 479 24.22 -22.35 -53.87
N ASN G 480 23.21 -22.58 -54.70
CA ASN G 480 22.03 -21.72 -54.69
C ASN G 480 20.87 -22.43 -53.99
N ALA G 481 20.64 -22.08 -52.72
CA ALA G 481 19.60 -22.69 -51.90
C ALA G 481 18.18 -22.49 -52.44
N GLN G 482 18.01 -21.48 -53.29
CA GLN G 482 16.70 -21.19 -53.86
C GLN G 482 16.25 -22.34 -54.77
N THR G 483 17.17 -22.83 -55.60
CA THR G 483 16.90 -23.92 -56.53
C THR G 483 17.61 -25.19 -56.11
N GLU G 484 18.60 -25.05 -55.24
CA GLU G 484 19.37 -26.17 -54.73
C GLU G 484 20.38 -26.76 -55.69
N GLU G 485 21.02 -25.90 -56.49
CA GLU G 485 22.00 -26.37 -57.45
C GLU G 485 23.29 -25.58 -57.34
N TYR G 486 24.40 -26.21 -57.67
CA TYR G 486 25.70 -25.55 -57.62
C TYR G 486 26.04 -24.92 -58.96
N GLY G 487 26.92 -23.93 -58.96
CA GLY G 487 27.29 -23.28 -60.20
C GLY G 487 27.92 -21.90 -60.06
N ASP G 488 27.62 -21.05 -61.02
CA ASP G 488 28.14 -19.69 -61.05
C ASP G 488 27.14 -18.78 -60.37
N MET G 489 27.39 -18.48 -59.10
CA MET G 489 26.52 -17.63 -58.31
C MET G 489 26.13 -16.36 -59.06
N PHE G 490 27.02 -15.87 -59.90
CA PHE G 490 26.74 -14.66 -60.66
C PHE G 490 25.68 -14.89 -61.72
N LYS G 491 25.86 -15.93 -62.54
CA LYS G 491 24.90 -16.24 -63.60
C LYS G 491 23.55 -16.55 -62.96
N PHE G 492 23.60 -17.09 -61.74
CA PHE G 492 22.42 -17.46 -60.97
C PHE G 492 21.61 -16.26 -60.55
N GLY G 493 22.28 -15.13 -60.33
CA GLY G 493 21.60 -13.92 -59.91
C GLY G 493 21.67 -13.77 -58.40
N VAL G 494 22.55 -14.55 -57.79
CA VAL G 494 22.76 -14.54 -56.35
C VAL G 494 23.98 -13.68 -56.04
N ILE G 495 23.76 -12.39 -55.85
CA ILE G 495 24.84 -11.45 -55.56
C ILE G 495 24.60 -10.62 -54.29
N ASP G 496 25.67 -10.03 -53.76
CA ASP G 496 25.60 -9.22 -52.55
C ASP G 496 26.57 -8.05 -52.61
N PRO G 497 26.10 -6.85 -52.27
CA PRO G 497 27.03 -5.70 -52.31
C PRO G 497 28.25 -6.07 -51.49
N ALA G 498 29.44 -5.99 -52.08
CA ALA G 498 30.66 -6.35 -51.37
C ALA G 498 30.86 -5.47 -50.15
N LYS G 499 30.13 -4.36 -50.08
CA LYS G 499 30.26 -3.47 -48.95
C LYS G 499 29.62 -4.02 -47.68
N VAL G 500 28.63 -4.92 -47.83
CA VAL G 500 27.94 -5.51 -46.69
C VAL G 500 28.59 -6.82 -46.28
N VAL G 501 29.07 -7.59 -47.25
CA VAL G 501 29.74 -8.84 -46.93
C VAL G 501 31.07 -8.53 -46.26
N ARG G 502 31.48 -7.27 -46.35
CA ARG G 502 32.74 -6.83 -45.77
C ARG G 502 32.54 -6.17 -44.43
N THR G 503 31.51 -5.34 -44.32
CA THR G 503 31.23 -4.68 -43.06
C THR G 503 30.80 -5.70 -42.01
N ALA G 504 29.98 -6.66 -42.41
CA ALA G 504 29.50 -7.70 -41.49
C ALA G 504 30.69 -8.40 -40.84
N LEU G 505 31.63 -8.86 -41.67
CA LEU G 505 32.82 -9.57 -41.21
C LEU G 505 33.75 -8.75 -40.33
N GLU G 506 33.87 -7.46 -40.59
CA GLU G 506 34.73 -6.63 -39.77
C GLU G 506 34.09 -6.41 -38.41
N ASP G 507 32.81 -6.02 -38.42
CA ASP G 507 32.03 -5.78 -37.21
C ASP G 507 31.98 -7.00 -36.29
N ALA G 508 31.80 -8.18 -36.87
CA ALA G 508 31.74 -9.40 -36.10
C ALA G 508 33.07 -9.59 -35.37
N ALA G 509 34.15 -9.68 -36.14
CA ALA G 509 35.46 -9.86 -35.57
C ALA G 509 35.81 -8.71 -34.63
N SER G 510 35.13 -7.58 -34.78
CA SER G 510 35.38 -6.42 -33.93
C SER G 510 34.97 -6.73 -32.48
N VAL G 511 33.76 -7.29 -32.31
CA VAL G 511 33.26 -7.63 -30.99
C VAL G 511 33.81 -8.96 -30.53
N ALA G 512 33.87 -9.94 -31.43
CA ALA G 512 34.38 -11.25 -31.07
C ALA G 512 35.71 -11.07 -30.34
N GLY G 513 36.42 -10.00 -30.67
CA GLY G 513 37.70 -9.72 -30.03
C GLY G 513 37.54 -9.12 -28.65
N LEU G 514 36.57 -8.21 -28.51
CA LEU G 514 36.28 -7.57 -27.24
C LEU G 514 35.80 -8.60 -26.23
N LEU G 515 34.79 -9.38 -26.62
CA LEU G 515 34.25 -10.42 -25.76
C LEU G 515 35.37 -11.36 -25.32
N ILE G 516 36.08 -11.93 -26.30
CA ILE G 516 37.18 -12.85 -26.01
C ILE G 516 38.24 -12.27 -25.06
N THR G 517 38.41 -10.94 -25.05
CA THR G 517 39.38 -10.32 -24.16
C THR G 517 38.78 -9.56 -22.98
N THR G 518 37.61 -10.02 -22.54
CA THR G 518 36.92 -9.45 -21.39
C THR G 518 37.21 -10.35 -20.19
N GLU G 519 37.64 -9.75 -19.08
CA GLU G 519 38.01 -10.50 -17.89
C GLU G 519 37.04 -10.34 -16.74
N ALA G 520 36.25 -9.28 -16.76
CA ALA G 520 35.33 -9.02 -15.65
C ALA G 520 34.12 -8.20 -16.09
N MET G 521 33.00 -8.47 -15.45
CA MET G 521 31.78 -7.74 -15.77
C MET G 521 31.16 -7.14 -14.51
N ILE G 522 30.58 -5.97 -14.63
CA ILE G 522 29.98 -5.30 -13.49
C ILE G 522 28.54 -4.96 -13.82
N ALA G 523 27.60 -5.64 -13.17
CA ALA G 523 26.19 -5.38 -13.40
C ALA G 523 25.55 -4.95 -12.09
N GLU G 524 24.44 -4.20 -12.16
CA GLU G 524 23.74 -3.76 -10.97
C GLU G 524 23.03 -4.91 -10.25
N LYS G 525 22.86 -4.78 -8.94
CA LYS G 525 22.21 -5.81 -8.14
C LYS G 525 20.70 -5.64 -8.17
N PRO G 526 19.96 -6.76 -8.21
CA PRO G 526 18.49 -6.72 -8.24
C PRO G 526 17.90 -6.12 -6.97
#